data_2GK1
#
_entry.id   2GK1
#
_cell.length_a   322.246
_cell.length_b   109.796
_cell.length_c   132.764
_cell.angle_alpha   90.00
_cell.angle_beta   91.48
_cell.angle_gamma   90.00
#
_symmetry.space_group_name_H-M   'C 1 2 1'
#
loop_
_entity.id
_entity.type
_entity.pdbx_description
1 polymer 'Beta-hexosaminidase subunit alpha'
2 polymer 'Beta-hexosaminidase subunit alpha'
3 polymer 'Beta-hexosaminidase subunit beta'
4 polymer 'Beta-hexosaminidase subunit beta chain B'
5 polymer 'Beta-hexosaminidase subunit beta chain A'
6 branched beta-D-mannopyranose-(1-4)-2-acetamido-2-deoxy-beta-D-glucopyranose-(1-4)-2-acetamido-2-deoxy-beta-D-glucopyranose
7 branched 2-acetamido-2-deoxy-beta-D-glucopyranose-(1-4)-2-acetamido-2-deoxy-beta-D-glucopyranose
8 non-polymer 3AR,5R,6S,7R,7AR-5-HYDROXYMETHYL-2-METHYL-5,6,7,7A-TETRAHYDRO-3AH-PYRANO[3,2-D]THIAZOLE-6,7-DIOL
9 water water
#
loop_
_entity_poly.entity_id
_entity_poly.type
_entity_poly.pdbx_seq_one_letter_code
_entity_poly.pdbx_strand_id
1 'polypeptide(L)' LWPWPQNFQTSDQRYVLYPNNFQFQYDVSSAAQPGCSVLDEAFQRYRDLLFG A,C,E,G
2 'polypeptide(L)'
;TLEKNVLVVSVVTPGCNQLPTLESVENYTLTINDDQCLLLSETVWGALRGLETFSQLVWKSAEGTFFINKTEIEDFPRFP
HRGLLLDTSRHYLPLSSILDTLDVMAYNKLNVFHWHLVDDPSFPYESFTFPELMRKGSYNPVTHIYTAQDVKEVIEYARL
RGIRVLAEFDTPGHTLSWGPGIPGLLTPCYSGSEPSGTFGPVNPSLNNTYEFMSTFFLEVSSVFPDFYLHLGGDEVDFTC
WKSNPEIQDFMRKKGFGEDFKQLESFYIQTLLDIVSSYGKGYVVWQEVFDNKVKIQPDTIIQVWREDIPVNYMKELELVT
KAGFRALLSAPWYLNRISYGPDWKDFYVVEPLAFEGTPEQKALVIGGEACMWGEYVDNTNLVPRLWPRAGAVAERLWSNK
LTSDLTFAYERLSHFRCELLRRGVQAQPLNVGFCEQEFEQ
;
I,J,K,L
3 'polypeptide(L)' AKPGPALWPLPLSVKMTPNLLHLAPENFYISHSPNSTAGPSCTLLEEAFRRYHGYIFG B,D,F,H
4 'polypeptide(L)'
;TQVQQLLVSITLQSECDAFPNISSDESYTLLVKEPVAVLKANRVWGALRGLETFSQLVYQDSYGTFTINESTIIDSPRFS
HRGILIDTSRHYLPVKIILKTLDAMAFNKFNVLHWHIVDDQSFPYQSITFPELSNKGSYSLSHVYTPNDVRMVIEYARLR
GIRVLPEFDTPGHTLSWGKGQKDLLTPCYS
;
M,O,Q,S
5 'polypeptide(L)'
;LDSFGPINPTLNTTYSFLTTFFKEISEVFPDQFIHLGGDEVEFKCWESNPKIQDFMRQKGFGTDFKKLESFYIQKVLDII
ATINKGSIVWQEVFDDKAKLAPGTIVEVWKDSAYPEELSRVTASGFPVILSAPWYLDLISYGQDWRKYYKVEPLDFGGTQ
KQKQLFIGGEACLWGEYVDATNLTPRLWPRASAVGERLWSSKDVRDMDDAYDRLTRHRCRMVERGIAAQPLYAGYCN
;
N,P,R,T
#
loop_
_chem_comp.id
_chem_comp.type
_chem_comp.name
_chem_comp.formula
BMA D-saccharide, beta linking beta-D-mannopyranose 'C6 H12 O6'
NAG D-saccharide, beta linking 2-acetamido-2-deoxy-beta-D-glucopyranose 'C8 H15 N O6'
NGT non-polymer 3AR,5R,6S,7R,7AR-5-HYDROXYMETHYL-2-METHYL-5,6,7,7A-TETRAHYDRO-3AH-PYRANO[3,2-D]THIAZOLE-6,7-DIOL 'C8 H13 N O4 S'
#
# COMPACT_ATOMS: atom_id res chain seq x y z
N LEU A 1 18.14 -6.24 -38.86
CA LEU A 1 19.22 -7.21 -38.55
C LEU A 1 19.55 -7.16 -37.06
N TRP A 2 19.28 -8.27 -36.36
CA TRP A 2 19.52 -8.33 -34.93
C TRP A 2 20.49 -9.46 -34.57
N PRO A 3 21.43 -9.20 -33.64
CA PRO A 3 21.84 -7.86 -33.22
C PRO A 3 22.60 -7.12 -34.32
N TRP A 4 22.84 -5.83 -34.12
CA TRP A 4 23.50 -5.00 -35.14
C TRP A 4 24.98 -5.35 -35.26
N PRO A 5 25.45 -5.59 -36.48
CA PRO A 5 26.86 -5.90 -36.74
C PRO A 5 27.77 -4.74 -36.39
N GLN A 6 29.05 -5.05 -36.19
CA GLN A 6 30.05 -4.04 -35.88
C GLN A 6 30.29 -3.17 -37.13
N ASN A 7 30.72 -3.82 -38.21
CA ASN A 7 30.83 -3.12 -39.49
C ASN A 7 29.92 -3.73 -40.53
N PHE A 8 28.83 -3.02 -40.81
CA PHE A 8 27.88 -3.46 -41.81
C PHE A 8 27.75 -2.36 -42.86
N GLN A 9 28.22 -2.66 -44.06
CA GLN A 9 28.08 -1.79 -45.21
C GLN A 9 26.95 -2.30 -46.08
N THR A 10 25.94 -1.46 -46.26
CA THR A 10 24.73 -1.88 -46.91
C THR A 10 24.55 -1.21 -48.27
N SER A 11 23.75 -1.84 -49.14
CA SER A 11 23.44 -1.29 -50.46
C SER A 11 22.01 -1.63 -50.88
N ASP A 12 21.49 -0.89 -51.85
CA ASP A 12 20.17 -1.17 -52.41
C ASP A 12 20.25 -2.09 -53.60
N GLN A 13 21.47 -2.37 -54.04
CA GLN A 13 21.76 -3.26 -55.15
C GLN A 13 21.39 -4.65 -54.66
N ARG A 14 20.50 -5.33 -55.39
CA ARG A 14 19.95 -6.61 -54.89
C ARG A 14 20.07 -7.79 -55.86
N TYR A 15 19.99 -9.00 -55.33
CA TYR A 15 20.11 -10.21 -56.13
C TYR A 15 18.96 -11.16 -55.88
N VAL A 16 18.70 -12.03 -56.86
CA VAL A 16 17.63 -13.00 -56.78
C VAL A 16 18.09 -14.30 -56.10
N LEU A 17 17.22 -14.88 -55.29
CA LEU A 17 17.49 -16.16 -54.65
C LEU A 17 16.44 -17.19 -55.08
N TYR A 18 16.86 -18.45 -55.15
CA TYR A 18 16.00 -19.53 -55.62
C TYR A 18 15.83 -20.57 -54.54
N PRO A 19 14.83 -20.37 -53.66
CA PRO A 19 14.58 -21.20 -52.50
C PRO A 19 15.16 -22.62 -52.59
N ASN A 20 14.69 -23.39 -53.57
CA ASN A 20 14.99 -24.81 -53.67
C ASN A 20 16.37 -25.09 -54.28
N ASN A 21 16.61 -24.47 -55.42
CA ASN A 21 17.89 -24.55 -56.12
C ASN A 21 18.92 -23.59 -55.47
N PHE A 22 19.01 -23.65 -54.14
CA PHE A 22 20.00 -22.85 -53.41
C PHE A 22 20.81 -23.72 -52.48
N GLN A 23 22.11 -23.47 -52.43
CA GLN A 23 22.98 -24.29 -51.59
C GLN A 23 24.04 -23.52 -50.80
N PHE A 24 24.53 -24.18 -49.75
CA PHE A 24 25.63 -23.70 -48.94
C PHE A 24 26.73 -24.71 -49.19
N GLN A 25 27.88 -24.24 -49.68
CA GLN A 25 29.00 -25.15 -49.92
C GLN A 25 30.34 -24.64 -49.42
N TYR A 26 31.06 -25.51 -48.71
CA TYR A 26 32.37 -25.16 -48.16
C TYR A 26 33.40 -24.96 -49.28
N ASP A 27 34.12 -23.84 -49.24
CA ASP A 27 35.25 -23.62 -50.16
C ASP A 27 36.33 -24.70 -49.97
N VAL A 28 37.07 -24.95 -51.05
CA VAL A 28 38.17 -25.94 -51.04
C VAL A 28 39.20 -25.64 -49.96
N SER A 29 39.56 -24.36 -49.84
CA SER A 29 40.63 -23.91 -48.96
C SER A 29 40.22 -23.83 -47.48
N SER A 30 38.92 -23.92 -47.22
CA SER A 30 38.39 -23.93 -45.85
C SER A 30 39.00 -25.01 -44.98
N ALA A 31 39.27 -24.68 -43.72
CA ALA A 31 39.69 -25.67 -42.73
C ALA A 31 38.53 -26.57 -42.35
N ALA A 32 37.30 -26.06 -42.46
CA ALA A 32 36.12 -26.85 -42.18
C ALA A 32 35.48 -27.30 -43.49
N GLN A 33 35.35 -28.62 -43.65
CA GLN A 33 34.86 -29.25 -44.89
C GLN A 33 33.79 -30.28 -44.49
N PRO A 34 33.02 -30.84 -45.44
CA PRO A 34 31.99 -31.81 -45.03
C PRO A 34 32.55 -32.84 -44.06
N GLY A 35 31.73 -33.22 -43.09
CA GLY A 35 32.20 -33.98 -41.93
C GLY A 35 32.21 -33.07 -40.72
N CYS A 36 32.21 -31.76 -40.98
CA CYS A 36 32.07 -30.71 -39.96
C CYS A 36 30.64 -30.71 -39.40
N SER A 37 30.44 -31.39 -38.27
CA SER A 37 29.11 -31.60 -37.69
C SER A 37 28.36 -30.30 -37.49
N VAL A 38 28.93 -29.41 -36.68
CA VAL A 38 28.32 -28.11 -36.43
C VAL A 38 27.72 -27.51 -37.71
N LEU A 39 28.51 -27.39 -38.78
CA LEU A 39 27.99 -26.78 -40.02
C LEU A 39 27.17 -27.72 -40.97
N ASP A 40 27.42 -29.03 -40.87
CA ASP A 40 26.60 -30.01 -41.61
C ASP A 40 25.14 -29.91 -41.25
N GLU A 41 24.87 -29.76 -39.95
CA GLU A 41 23.53 -29.53 -39.46
C GLU A 41 23.10 -28.09 -39.73
N ALA A 42 23.91 -27.13 -39.30
CA ALA A 42 23.58 -25.73 -39.48
C ALA A 42 22.99 -25.49 -40.87
N PHE A 43 23.70 -25.94 -41.91
CA PHE A 43 23.32 -25.74 -43.31
C PHE A 43 21.92 -26.24 -43.63
N GLN A 44 21.55 -27.31 -42.92
CA GLN A 44 20.26 -27.97 -43.10
C GLN A 44 19.15 -27.16 -42.40
N ARG A 45 19.43 -26.79 -41.16
CA ARG A 45 18.51 -26.04 -40.31
C ARG A 45 18.17 -24.65 -40.88
N TYR A 46 19.18 -23.97 -41.41
CA TYR A 46 18.97 -22.64 -41.98
C TYR A 46 18.28 -22.63 -43.34
N ARG A 47 18.36 -23.73 -44.09
CA ARG A 47 17.66 -23.80 -45.36
C ARG A 47 16.21 -24.17 -45.12
N ASP A 48 15.92 -24.70 -43.94
CA ASP A 48 14.54 -24.93 -43.52
C ASP A 48 13.93 -23.63 -42.99
N LEU A 49 14.69 -22.87 -42.20
CA LEU A 49 14.26 -21.55 -41.74
C LEU A 49 13.95 -20.61 -42.90
N LEU A 50 14.90 -20.50 -43.83
CA LEU A 50 14.76 -19.61 -45.00
C LEU A 50 13.68 -20.03 -46.00
N PHE A 51 13.55 -21.33 -46.27
CA PHE A 51 12.67 -21.80 -47.36
C PHE A 51 11.79 -23.04 -47.05
N GLY A 52 11.54 -23.34 -45.78
CA GLY A 52 10.72 -24.49 -45.38
C GLY A 52 9.25 -24.42 -45.78
N THR B 1 21.24 -9.46 -61.53
CA THR B 1 21.73 -10.84 -61.54
C THR B 1 21.00 -11.65 -60.45
N LEU B 2 21.55 -12.82 -60.14
CA LEU B 2 20.97 -13.78 -59.21
C LEU B 2 22.09 -14.45 -58.44
N GLU B 3 21.75 -15.12 -57.34
CA GLU B 3 22.74 -15.82 -56.52
C GLU B 3 22.21 -17.20 -56.15
N LYS B 4 23.07 -18.21 -56.34
CA LYS B 4 22.71 -19.61 -56.13
C LYS B 4 23.42 -20.27 -54.93
N ASN B 5 24.49 -19.62 -54.44
CA ASN B 5 25.36 -20.22 -53.41
C ASN B 5 25.82 -19.26 -52.33
N VAL B 6 26.04 -19.78 -51.12
CA VAL B 6 26.92 -19.11 -50.16
C VAL B 6 28.13 -20.01 -49.91
N LEU B 7 29.32 -19.48 -50.22
CA LEU B 7 30.58 -20.17 -49.94
C LEU B 7 30.92 -19.90 -48.48
N VAL B 8 31.08 -20.97 -47.70
CA VAL B 8 31.48 -20.82 -46.30
C VAL B 8 32.92 -21.31 -46.14
N VAL B 9 33.81 -20.43 -45.66
CA VAL B 9 35.22 -20.81 -45.49
C VAL B 9 35.76 -20.45 -44.11
N SER B 10 36.21 -21.47 -43.41
CA SER B 10 36.73 -21.33 -42.05
C SER B 10 38.26 -21.49 -42.06
N VAL B 11 38.99 -20.57 -41.42
CA VAL B 11 40.47 -20.61 -41.45
C VAL B 11 41.01 -21.44 -40.31
N VAL B 12 40.62 -21.10 -39.08
CA VAL B 12 40.95 -21.89 -37.92
C VAL B 12 40.28 -23.22 -38.15
N THR B 13 40.77 -24.26 -37.49
CA THR B 13 40.44 -25.61 -37.87
C THR B 13 39.66 -26.41 -36.83
N PRO B 14 39.89 -26.17 -35.52
CA PRO B 14 39.51 -27.16 -34.51
C PRO B 14 38.13 -27.69 -34.82
N GLY B 15 38.13 -28.84 -35.49
CA GLY B 15 36.95 -29.49 -36.04
C GLY B 15 35.63 -28.79 -35.85
N CYS B 16 34.65 -29.60 -35.49
CA CYS B 16 33.30 -29.13 -35.30
C CYS B 16 32.79 -30.14 -34.28
N ASN B 17 33.72 -30.69 -33.50
CA ASN B 17 33.47 -31.79 -32.59
C ASN B 17 33.77 -31.40 -31.15
N GLN B 18 34.64 -30.40 -30.99
CA GLN B 18 34.90 -29.84 -29.69
C GLN B 18 33.83 -28.79 -29.39
N LEU B 19 33.58 -28.59 -28.10
CA LEU B 19 32.60 -27.62 -27.63
C LEU B 19 33.23 -26.23 -27.53
N PRO B 20 32.41 -25.17 -27.69
CA PRO B 20 32.95 -23.83 -27.68
C PRO B 20 33.43 -23.46 -26.29
N THR B 21 34.42 -22.59 -26.20
CA THR B 21 34.90 -22.14 -24.89
C THR B 21 34.97 -20.63 -24.82
N LEU B 22 35.18 -20.11 -23.62
CA LEU B 22 35.22 -18.66 -23.39
C LEU B 22 36.15 -17.95 -24.35
N GLU B 23 37.22 -18.63 -24.76
CA GLU B 23 38.24 -18.01 -25.58
C GLU B 23 38.03 -18.21 -27.10
N SER B 24 37.00 -18.96 -27.47
CA SER B 24 36.68 -19.19 -28.88
C SER B 24 36.50 -17.89 -29.63
N VAL B 25 36.67 -17.90 -30.94
CA VAL B 25 36.63 -16.65 -31.74
C VAL B 25 35.42 -16.64 -32.68
N GLU B 26 34.59 -15.60 -32.56
CA GLU B 26 33.33 -15.55 -33.29
C GLU B 26 33.33 -14.62 -34.48
N ASN B 27 34.51 -14.20 -34.91
CA ASN B 27 34.63 -13.29 -36.04
C ASN B 27 34.19 -13.90 -37.33
N TYR B 28 33.59 -13.08 -38.17
CA TYR B 28 33.26 -13.48 -39.52
C TYR B 28 33.20 -12.25 -40.39
N THR B 29 33.30 -12.47 -41.70
CA THR B 29 33.04 -11.44 -42.70
C THR B 29 31.97 -11.98 -43.63
N LEU B 30 31.02 -11.12 -43.99
CA LEU B 30 30.01 -11.49 -44.97
C LEU B 30 30.10 -10.55 -46.17
N THR B 31 30.61 -11.08 -47.29
CA THR B 31 30.78 -10.29 -48.49
C THR B 31 29.94 -10.84 -49.64
N ILE B 32 28.99 -10.01 -50.10
CA ILE B 32 28.06 -10.40 -51.15
C ILE B 32 28.02 -9.29 -52.19
N ASN B 33 28.78 -9.47 -53.27
CA ASN B 33 28.72 -8.54 -54.41
C ASN B 33 28.38 -9.28 -55.69
N ASP B 34 28.60 -8.63 -56.83
CA ASP B 34 28.41 -9.29 -58.12
C ASP B 34 29.41 -10.45 -58.24
N ASP B 35 30.70 -10.14 -58.07
CA ASP B 35 31.79 -11.10 -58.27
C ASP B 35 31.80 -12.22 -57.26
N GLN B 36 31.03 -12.09 -56.17
CA GLN B 36 31.07 -13.12 -55.12
C GLN B 36 29.94 -13.12 -54.08
N CYS B 37 29.90 -14.20 -53.32
CA CYS B 37 28.97 -14.39 -52.21
C CYS B 37 29.68 -15.27 -51.18
N LEU B 38 30.42 -14.61 -50.30
CA LEU B 38 31.34 -15.28 -49.38
C LEU B 38 31.05 -14.99 -47.91
N LEU B 39 30.83 -16.06 -47.15
CA LEU B 39 30.80 -16.00 -45.69
C LEU B 39 32.12 -16.59 -45.23
N LEU B 40 32.97 -15.74 -44.68
CA LEU B 40 34.31 -16.15 -44.28
C LEU B 40 34.50 -15.93 -42.78
N SER B 41 34.79 -17.00 -42.05
CA SER B 41 34.98 -16.90 -40.61
C SER B 41 36.31 -17.51 -40.16
N GLU B 42 36.74 -17.13 -38.96
CA GLU B 42 37.94 -17.69 -38.35
C GLU B 42 37.65 -19.08 -37.82
N THR B 43 36.83 -19.14 -36.78
CA THR B 43 36.41 -20.39 -36.17
C THR B 43 35.07 -20.84 -36.71
N VAL B 44 34.79 -22.14 -36.59
CA VAL B 44 33.49 -22.70 -36.91
C VAL B 44 32.33 -21.94 -36.23
N TRP B 45 32.59 -21.42 -35.04
CA TRP B 45 31.57 -20.71 -34.25
C TRP B 45 31.22 -19.37 -34.87
N GLY B 46 32.19 -18.73 -35.51
CA GLY B 46 31.93 -17.51 -36.25
C GLY B 46 30.98 -17.76 -37.39
N ALA B 47 31.05 -18.96 -37.96
CA ALA B 47 30.27 -19.30 -39.14
C ALA B 47 28.79 -19.34 -38.81
N LEU B 48 28.46 -19.90 -37.64
CA LEU B 48 27.08 -19.93 -37.17
C LEU B 48 26.56 -18.51 -37.03
N ARG B 49 27.35 -17.66 -36.38
CA ARG B 49 27.01 -16.25 -36.30
C ARG B 49 26.70 -15.72 -37.70
N GLY B 50 27.64 -15.88 -38.62
CA GLY B 50 27.48 -15.42 -39.99
C GLY B 50 26.22 -15.91 -40.65
N LEU B 51 25.92 -17.19 -40.47
CA LEU B 51 24.73 -17.80 -41.05
C LEU B 51 23.44 -17.15 -40.55
N GLU B 52 23.41 -16.78 -39.27
CA GLU B 52 22.26 -16.09 -38.70
C GLU B 52 22.10 -14.76 -39.40
N THR B 53 23.03 -13.86 -39.16
CA THR B 53 23.10 -12.60 -39.86
C THR B 53 22.58 -12.78 -41.29
N PHE B 54 23.05 -13.82 -41.96
CA PHE B 54 22.69 -14.09 -43.35
C PHE B 54 21.18 -14.37 -43.53
N SER B 55 20.63 -15.29 -42.75
CA SER B 55 19.20 -15.61 -42.78
C SER B 55 18.35 -14.35 -42.66
N GLN B 56 18.77 -13.45 -41.78
CA GLN B 56 18.03 -12.23 -41.50
C GLN B 56 18.08 -11.21 -42.60
N LEU B 57 19.14 -11.23 -43.40
CA LEU B 57 19.31 -10.26 -44.49
C LEU B 57 18.48 -10.62 -45.72
N VAL B 58 18.02 -11.87 -45.78
CA VAL B 58 17.13 -12.31 -46.85
C VAL B 58 15.75 -11.64 -46.69
N TRP B 59 15.08 -11.40 -47.80
CA TRP B 59 13.82 -10.67 -47.78
C TRP B 59 13.02 -10.90 -49.06
N LYS B 60 11.77 -10.49 -49.05
CA LYS B 60 10.91 -10.66 -50.21
C LYS B 60 10.00 -9.46 -50.46
N SER B 61 9.93 -9.07 -51.74
CA SER B 61 9.09 -7.98 -52.20
C SER B 61 7.60 -8.31 -52.07
N ALA B 62 6.75 -7.30 -52.18
CA ALA B 62 5.32 -7.50 -52.19
C ALA B 62 4.89 -8.55 -53.22
N GLU B 63 5.72 -8.77 -54.25
CA GLU B 63 5.49 -9.84 -55.23
C GLU B 63 5.81 -11.22 -54.66
N GLY B 64 6.66 -11.25 -53.63
CA GLY B 64 7.05 -12.50 -52.99
C GLY B 64 8.41 -13.01 -53.42
N THR B 65 9.14 -12.16 -54.14
CA THR B 65 10.39 -12.56 -54.76
C THR B 65 11.53 -12.51 -53.75
N PHE B 66 12.15 -13.67 -53.51
CA PHE B 66 13.24 -13.80 -52.55
C PHE B 66 14.50 -13.05 -53.01
N PHE B 67 14.91 -12.05 -52.22
CA PHE B 67 16.06 -11.21 -52.55
C PHE B 67 17.09 -11.16 -51.44
N ILE B 68 18.36 -11.04 -51.83
CA ILE B 68 19.43 -10.65 -50.90
C ILE B 68 20.13 -9.43 -51.48
N ASN B 69 20.67 -8.58 -50.62
CA ASN B 69 21.34 -7.35 -51.07
C ASN B 69 22.84 -7.43 -51.21
N LYS B 70 23.40 -6.52 -52.00
CA LYS B 70 24.83 -6.28 -51.98
C LYS B 70 25.12 -5.87 -50.54
N THR B 71 26.04 -6.58 -49.91
CA THR B 71 26.31 -6.40 -48.49
C THR B 71 27.77 -6.75 -48.14
N GLU B 72 28.41 -5.84 -47.41
CA GLU B 72 29.77 -6.06 -46.91
C GLU B 72 29.76 -5.91 -45.39
N ILE B 73 30.04 -7.01 -44.67
CA ILE B 73 30.00 -7.02 -43.21
C ILE B 73 31.22 -7.66 -42.59
N GLU B 74 31.77 -6.99 -41.58
CA GLU B 74 32.80 -7.58 -40.76
C GLU B 74 32.34 -7.42 -39.33
N ASP B 75 32.10 -8.54 -38.66
CA ASP B 75 31.44 -8.52 -37.37
C ASP B 75 32.22 -9.32 -36.34
N PHE B 76 31.88 -9.12 -35.07
CA PHE B 76 32.51 -9.82 -33.93
C PHE B 76 31.80 -9.38 -32.63
N PRO B 77 31.75 -10.25 -31.61
CA PRO B 77 31.06 -9.87 -30.38
C PRO B 77 31.85 -8.86 -29.59
N ARG B 78 31.16 -7.91 -28.98
CA ARG B 78 31.78 -6.98 -28.04
C ARG B 78 32.31 -7.72 -26.82
N PHE B 79 31.49 -8.60 -26.27
CA PHE B 79 31.85 -9.38 -25.10
C PHE B 79 31.86 -10.87 -25.44
N PRO B 80 32.84 -11.61 -24.90
CA PRO B 80 32.85 -13.05 -25.12
C PRO B 80 31.71 -13.81 -24.42
N HIS B 81 31.31 -13.38 -23.22
CA HIS B 81 30.33 -14.12 -22.41
C HIS B 81 28.91 -13.53 -22.42
N ARG B 82 28.14 -13.87 -23.44
CA ARG B 82 26.79 -13.37 -23.61
C ARG B 82 25.81 -14.48 -23.32
N GLY B 83 25.34 -14.56 -22.08
CA GLY B 83 24.55 -15.71 -21.65
C GLY B 83 23.08 -15.49 -21.44
N LEU B 84 22.39 -16.53 -20.97
CA LEU B 84 21.00 -16.47 -20.58
C LEU B 84 20.76 -17.44 -19.42
N LEU B 85 20.26 -16.94 -18.30
CA LEU B 85 19.96 -17.80 -17.16
C LEU B 85 18.55 -18.32 -17.21
N LEU B 86 18.40 -19.63 -16.99
CA LEU B 86 17.11 -20.26 -16.83
C LEU B 86 17.03 -20.93 -15.47
N ASP B 87 15.89 -20.79 -14.82
CA ASP B 87 15.67 -21.39 -13.52
C ASP B 87 14.70 -22.56 -13.63
N THR B 88 15.23 -23.77 -13.51
CA THR B 88 14.40 -24.96 -13.62
C THR B 88 14.23 -25.61 -12.26
N SER B 89 14.18 -24.79 -11.22
CA SER B 89 13.94 -25.30 -9.88
C SER B 89 12.62 -24.80 -9.32
N ARG B 90 12.39 -23.50 -9.39
CA ARG B 90 11.15 -22.90 -8.91
C ARG B 90 9.96 -23.43 -9.67
N HIS B 91 10.17 -23.76 -10.94
CA HIS B 91 9.24 -24.56 -11.73
C HIS B 91 10.05 -25.45 -12.64
N TYR B 92 9.55 -26.64 -12.92
CA TYR B 92 10.20 -27.54 -13.84
C TYR B 92 10.00 -27.06 -15.26
N LEU B 93 11.01 -27.25 -16.09
CA LEU B 93 10.88 -26.93 -17.51
C LEU B 93 11.11 -28.19 -18.36
N PRO B 94 10.07 -28.59 -19.12
CA PRO B 94 10.15 -29.69 -20.06
C PRO B 94 11.35 -29.51 -20.97
N LEU B 95 11.97 -30.61 -21.39
CA LEU B 95 13.17 -30.56 -22.23
C LEU B 95 12.95 -29.79 -23.52
N SER B 96 11.77 -29.97 -24.13
CA SER B 96 11.44 -29.25 -25.36
C SER B 96 11.54 -27.75 -25.15
N SER B 97 11.02 -27.26 -24.03
CA SER B 97 11.12 -25.85 -23.69
C SER B 97 12.55 -25.36 -23.61
N ILE B 98 13.43 -26.17 -23.03
CA ILE B 98 14.83 -25.77 -22.90
C ILE B 98 15.51 -25.72 -24.27
N LEU B 99 15.26 -26.74 -25.09
CA LEU B 99 15.85 -26.80 -26.43
C LEU B 99 15.36 -25.66 -27.30
N ASP B 100 14.08 -25.35 -27.19
CA ASP B 100 13.49 -24.22 -27.93
C ASP B 100 14.09 -22.91 -27.47
N THR B 101 14.38 -22.83 -26.18
CA THR B 101 15.03 -21.64 -25.64
C THR B 101 16.44 -21.49 -26.23
N LEU B 102 17.11 -22.61 -26.51
CA LEU B 102 18.42 -22.58 -27.17
C LEU B 102 18.34 -22.21 -28.66
N ASP B 103 17.25 -22.55 -29.32
CA ASP B 103 17.04 -22.14 -30.71
C ASP B 103 16.99 -20.63 -30.83
N VAL B 104 16.32 -19.97 -29.89
CA VAL B 104 16.16 -18.52 -29.94
C VAL B 104 17.46 -17.82 -29.51
N MET B 105 18.15 -18.38 -28.52
CA MET B 105 19.45 -17.88 -28.09
C MET B 105 20.40 -17.83 -29.28
N ALA B 106 20.36 -18.88 -30.10
CA ALA B 106 21.07 -18.90 -31.38
C ALA B 106 20.79 -17.66 -32.22
N TYR B 107 19.53 -17.45 -32.58
CA TYR B 107 19.13 -16.33 -33.44
C TYR B 107 19.62 -14.99 -32.90
N ASN B 108 19.76 -14.92 -31.56
CA ASN B 108 20.14 -13.70 -30.86
C ASN B 108 21.63 -13.66 -30.54
N LYS B 109 22.36 -14.62 -31.08
CA LYS B 109 23.82 -14.74 -30.90
C LYS B 109 24.28 -14.86 -29.44
N LEU B 110 23.37 -15.21 -28.54
CA LEU B 110 23.73 -15.56 -27.18
C LEU B 110 24.56 -16.83 -27.24
N ASN B 111 25.56 -16.95 -26.37
CA ASN B 111 26.48 -18.09 -26.44
C ASN B 111 26.74 -18.81 -25.11
N VAL B 112 26.07 -18.41 -24.03
CA VAL B 112 26.18 -19.17 -22.78
C VAL B 112 24.82 -19.44 -22.15
N PHE B 113 24.43 -20.70 -22.09
CA PHE B 113 23.25 -21.10 -21.34
C PHE B 113 23.60 -21.35 -19.87
N HIS B 114 23.25 -20.39 -19.02
CA HIS B 114 23.38 -20.53 -17.58
C HIS B 114 22.18 -21.34 -17.08
N TRP B 115 22.43 -22.56 -16.62
CA TRP B 115 21.36 -23.45 -16.17
C TRP B 115 21.32 -23.52 -14.66
N HIS B 116 20.35 -22.83 -14.08
CA HIS B 116 20.15 -22.90 -12.64
C HIS B 116 19.28 -24.12 -12.32
N LEU B 117 19.91 -25.30 -12.35
CA LEU B 117 19.19 -26.58 -12.25
C LEU B 117 18.41 -26.73 -10.97
N VAL B 118 19.07 -26.54 -9.83
CA VAL B 118 18.50 -26.86 -8.53
C VAL B 118 18.42 -25.62 -7.64
N ASP B 119 17.55 -25.67 -6.63
CA ASP B 119 17.34 -24.59 -5.66
C ASP B 119 16.41 -25.09 -4.57
N ASP B 120 16.00 -24.21 -3.66
CA ASP B 120 15.20 -24.56 -2.47
C ASP B 120 14.01 -25.47 -2.71
N PRO B 121 13.04 -25.07 -3.55
CA PRO B 121 11.82 -25.87 -3.65
C PRO B 121 11.93 -27.18 -4.41
N SER B 122 12.94 -27.31 -5.28
CA SER B 122 13.00 -28.42 -6.22
C SER B 122 14.41 -28.92 -6.46
N PHE B 123 14.58 -30.24 -6.57
CA PHE B 123 15.83 -30.81 -7.05
C PHE B 123 15.57 -31.73 -8.23
N PRO B 124 15.46 -31.16 -9.43
CA PRO B 124 15.08 -31.88 -10.63
C PRO B 124 16.21 -32.68 -11.27
N TYR B 125 17.45 -32.46 -10.84
CA TYR B 125 18.59 -33.16 -11.42
C TYR B 125 18.75 -34.52 -10.79
N GLU B 126 18.86 -35.53 -11.65
CA GLU B 126 19.12 -36.90 -11.18
C GLU B 126 20.62 -37.15 -11.00
N SER B 127 21.01 -37.43 -9.76
CA SER B 127 22.39 -37.81 -9.47
C SER B 127 22.47 -39.32 -9.39
N PHE B 128 23.45 -39.91 -10.07
CA PHE B 128 23.65 -41.36 -9.96
C PHE B 128 24.55 -41.70 -8.77
N THR B 129 25.47 -40.79 -8.44
CA THR B 129 26.29 -40.92 -7.25
C THR B 129 25.40 -40.84 -6.01
N PHE B 130 24.46 -39.90 -6.03
CA PHE B 130 23.49 -39.76 -4.95
C PHE B 130 22.07 -39.74 -5.52
N PRO B 131 21.52 -40.94 -5.81
CA PRO B 131 20.21 -41.10 -6.44
C PRO B 131 19.10 -40.50 -5.61
N GLU B 132 19.28 -40.52 -4.28
CA GLU B 132 18.29 -40.06 -3.33
C GLU B 132 18.08 -38.54 -3.31
N LEU B 133 18.97 -37.81 -3.98
CA LEU B 133 18.84 -36.35 -4.12
C LEU B 133 17.62 -36.00 -4.96
N MET B 134 17.59 -36.53 -6.19
CA MET B 134 16.46 -36.36 -7.09
C MET B 134 15.22 -37.09 -6.56
N ARG B 135 15.43 -38.28 -6.02
CA ARG B 135 14.34 -39.15 -5.55
C ARG B 135 13.45 -38.55 -4.49
N LYS B 136 14.02 -37.73 -3.61
CA LYS B 136 13.24 -37.16 -2.52
C LYS B 136 13.23 -35.64 -2.58
N GLY B 137 13.89 -35.10 -3.60
CA GLY B 137 13.98 -33.64 -3.81
C GLY B 137 13.03 -33.09 -4.85
N SER B 138 12.97 -33.75 -6.01
CA SER B 138 12.15 -33.27 -7.14
C SER B 138 10.67 -33.23 -6.80
N TYR B 139 9.93 -32.46 -7.59
CA TYR B 139 8.48 -32.33 -7.41
C TYR B 139 7.77 -33.66 -7.61
N ASN B 140 8.25 -34.44 -8.57
CA ASN B 140 7.70 -35.74 -8.87
C ASN B 140 8.78 -36.55 -9.57
N PRO B 141 9.30 -37.57 -8.89
CA PRO B 141 10.47 -38.37 -9.29
C PRO B 141 10.38 -39.08 -10.65
N VAL B 142 9.33 -38.83 -11.43
CA VAL B 142 9.22 -39.40 -12.77
C VAL B 142 8.89 -38.33 -13.81
N THR B 143 7.94 -37.47 -13.50
CA THR B 143 7.49 -36.47 -14.45
C THR B 143 8.42 -35.26 -14.51
N HIS B 144 8.87 -34.77 -13.35
CA HIS B 144 9.69 -33.56 -13.28
C HIS B 144 11.17 -33.80 -12.97
N ILE B 145 11.89 -34.43 -13.90
CA ILE B 145 13.29 -34.90 -13.72
C ILE B 145 14.21 -34.53 -14.90
N TYR B 146 15.52 -34.45 -14.67
CA TYR B 146 16.48 -34.41 -15.77
C TYR B 146 17.39 -35.63 -15.74
N THR B 147 17.21 -36.52 -16.71
CA THR B 147 17.99 -37.76 -16.78
C THR B 147 19.38 -37.49 -17.33
N ALA B 148 20.34 -38.32 -16.94
CA ALA B 148 21.65 -38.32 -17.58
C ALA B 148 21.49 -38.18 -19.10
N GLN B 149 20.40 -38.72 -19.64
CA GLN B 149 20.08 -38.61 -21.05
C GLN B 149 19.59 -37.21 -21.42
N ASP B 150 18.69 -36.66 -20.60
CA ASP B 150 18.18 -35.29 -20.79
C ASP B 150 19.33 -34.29 -20.84
N VAL B 151 20.25 -34.40 -19.88
CA VAL B 151 21.34 -33.46 -19.72
C VAL B 151 22.34 -33.55 -20.88
N LYS B 152 22.54 -34.75 -21.40
CA LYS B 152 23.47 -34.93 -22.52
C LYS B 152 22.89 -34.36 -23.83
N GLU B 153 21.57 -34.37 -23.94
CA GLU B 153 20.89 -33.77 -25.07
C GLU B 153 21.03 -32.25 -25.08
N VAL B 154 20.83 -31.62 -23.92
CA VAL B 154 20.93 -30.18 -23.79
C VAL B 154 22.31 -29.72 -24.21
N ILE B 155 23.33 -30.43 -23.69
CA ILE B 155 24.72 -30.09 -23.93
C ILE B 155 25.06 -30.15 -25.42
N GLU B 156 24.75 -31.28 -26.05
CA GLU B 156 25.02 -31.46 -27.47
C GLU B 156 24.22 -30.47 -28.32
N TYR B 157 22.95 -30.30 -27.98
CA TYR B 157 22.09 -29.32 -28.64
C TYR B 157 22.74 -27.94 -28.61
N ALA B 158 22.99 -27.44 -27.40
CA ALA B 158 23.67 -26.17 -27.22
C ALA B 158 24.95 -26.10 -28.05
N ARG B 159 25.79 -27.13 -27.94
CA ARG B 159 27.07 -27.17 -28.67
C ARG B 159 26.90 -27.04 -30.18
N LEU B 160 25.88 -27.70 -30.72
CA LEU B 160 25.56 -27.61 -32.15
C LEU B 160 25.19 -26.21 -32.59
N ARG B 161 24.93 -25.32 -31.63
CA ARG B 161 24.59 -23.92 -31.90
C ARG B 161 25.71 -22.96 -31.49
N GLY B 162 26.70 -23.48 -30.77
CA GLY B 162 27.81 -22.65 -30.29
C GLY B 162 27.52 -22.07 -28.93
N ILE B 163 26.66 -22.76 -28.20
CA ILE B 163 26.25 -22.35 -26.85
C ILE B 163 26.97 -23.22 -25.83
N ARG B 164 27.69 -22.56 -24.93
CA ARG B 164 28.31 -23.24 -23.80
C ARG B 164 27.25 -23.41 -22.72
N VAL B 165 27.23 -24.56 -22.05
CA VAL B 165 26.31 -24.82 -20.95
C VAL B 165 27.03 -24.64 -19.62
N LEU B 166 26.57 -23.66 -18.84
CA LEU B 166 27.14 -23.39 -17.53
C LEU B 166 26.22 -23.91 -16.42
N ALA B 167 26.61 -25.00 -15.77
CA ALA B 167 25.79 -25.63 -14.74
C ALA B 167 25.89 -24.91 -13.42
N GLU B 168 24.75 -24.67 -12.77
CA GLU B 168 24.76 -24.12 -11.42
C GLU B 168 24.07 -25.01 -10.41
N PHE B 169 24.85 -25.52 -9.47
CA PHE B 169 24.33 -26.23 -8.30
C PHE B 169 24.66 -25.38 -7.09
N ASP B 170 23.84 -24.36 -6.88
CA ASP B 170 24.05 -23.35 -5.85
C ASP B 170 24.32 -23.97 -4.48
N THR B 171 25.41 -23.54 -3.84
CA THR B 171 25.75 -23.89 -2.45
C THR B 171 26.45 -22.69 -1.80
N PRO B 172 26.40 -22.58 -0.45
CA PRO B 172 25.69 -23.41 0.52
C PRO B 172 24.23 -23.03 0.66
N GLY B 173 23.88 -21.80 0.31
CA GLY B 173 22.50 -21.34 0.39
C GLY B 173 21.65 -21.97 -0.69
N HIS B 174 20.34 -21.73 -0.63
CA HIS B 174 19.39 -22.25 -1.61
C HIS B 174 19.54 -23.76 -1.80
N THR B 175 19.48 -24.52 -0.70
CA THR B 175 19.71 -25.96 -0.77
C THR B 175 18.70 -26.82 -0.01
N LEU B 176 17.54 -26.24 0.30
CA LEU B 176 16.49 -26.94 1.07
C LEU B 176 16.06 -28.26 0.44
N SER B 177 16.22 -28.39 -0.87
CA SER B 177 15.80 -29.59 -1.59
C SER B 177 16.79 -30.75 -1.44
N TRP B 178 18.02 -30.42 -1.10
CA TRP B 178 19.08 -31.43 -0.90
C TRP B 178 18.88 -32.12 0.44
N GLY B 179 18.18 -31.44 1.35
CA GLY B 179 17.91 -31.90 2.73
C GLY B 179 17.47 -33.34 2.85
N PRO B 180 16.27 -33.66 2.33
CA PRO B 180 15.92 -35.06 2.14
C PRO B 180 16.79 -35.70 1.05
N GLY B 181 17.29 -36.90 1.30
CA GLY B 181 18.11 -37.60 0.32
C GLY B 181 19.54 -37.73 0.78
N ILE B 182 20.05 -36.66 1.37
CA ILE B 182 21.36 -36.70 2.04
C ILE B 182 21.25 -36.06 3.43
N PRO B 183 21.16 -36.91 4.47
CA PRO B 183 20.87 -36.51 5.85
C PRO B 183 22.05 -35.83 6.54
N GLY B 184 21.78 -34.79 7.33
CA GLY B 184 22.82 -34.09 8.07
C GLY B 184 23.53 -32.98 7.30
N LEU B 185 23.36 -32.97 5.99
CA LEU B 185 23.96 -31.96 5.11
C LEU B 185 23.57 -30.55 5.49
N LEU B 186 22.27 -30.32 5.71
CA LEU B 186 21.76 -29.01 6.09
C LEU B 186 21.97 -28.77 7.58
N THR B 187 22.06 -27.49 7.95
CA THR B 187 22.18 -27.09 9.34
C THR B 187 20.80 -27.09 9.98
N PRO B 188 20.63 -27.84 11.09
CA PRO B 188 19.37 -27.73 11.83
C PRO B 188 19.38 -26.49 12.73
N CYS B 189 18.42 -25.59 12.53
CA CYS B 189 18.39 -24.32 13.26
C CYS B 189 17.84 -24.51 14.66
N TYR B 190 18.17 -23.57 15.55
CA TYR B 190 17.85 -23.69 16.96
C TYR B 190 17.08 -22.50 17.50
N SER B 191 16.11 -22.80 18.37
CA SER B 191 15.32 -21.79 19.05
C SER B 191 16.15 -21.06 20.11
N GLY B 192 16.61 -21.81 21.10
CA GLY B 192 17.45 -21.25 22.16
C GLY B 192 18.28 -22.34 22.80
N SER B 193 17.76 -23.56 22.79
CA SER B 193 18.43 -24.70 23.41
C SER B 193 18.04 -26.00 22.75
N GLU B 194 16.99 -25.97 21.93
CA GLU B 194 16.47 -27.17 21.27
C GLU B 194 16.14 -26.88 19.81
N PRO B 195 16.47 -27.81 18.90
CA PRO B 195 16.22 -27.64 17.46
C PRO B 195 14.76 -27.32 17.16
N SER B 196 14.55 -26.58 16.08
CA SER B 196 13.25 -25.98 15.79
C SER B 196 12.70 -26.41 14.44
N GLY B 197 12.87 -27.69 14.11
CA GLY B 197 12.34 -28.28 12.86
C GLY B 197 12.83 -27.67 11.55
N THR B 198 13.28 -26.42 11.60
CA THR B 198 13.69 -25.67 10.42
C THR B 198 15.16 -25.90 10.09
N PHE B 199 15.46 -26.08 8.81
CA PHE B 199 16.82 -26.32 8.34
C PHE B 199 17.39 -25.14 7.55
N GLY B 200 18.64 -24.81 7.84
CA GLY B 200 19.32 -23.68 7.20
C GLY B 200 20.14 -24.05 5.99
N PRO B 201 21.29 -23.36 5.78
CA PRO B 201 22.16 -23.63 4.65
C PRO B 201 23.06 -24.83 4.94
N VAL B 202 23.73 -25.32 3.90
CA VAL B 202 24.64 -26.45 4.01
C VAL B 202 25.54 -26.31 5.25
N ASN B 203 25.64 -27.38 6.04
CA ASN B 203 26.41 -27.36 7.27
C ASN B 203 27.90 -27.55 7.04
N PRO B 204 28.70 -26.49 7.21
CA PRO B 204 30.13 -26.54 6.89
C PRO B 204 31.00 -27.15 7.98
N SER B 205 30.42 -27.42 9.14
CA SER B 205 31.15 -27.93 10.30
C SER B 205 31.44 -29.45 10.26
N LEU B 206 30.68 -30.18 9.45
CA LEU B 206 30.81 -31.64 9.38
C LEU B 206 31.71 -32.11 8.25
N ASN B 207 32.38 -33.25 8.47
CA ASN B 207 33.25 -33.86 7.47
C ASN B 207 32.42 -34.54 6.39
N ASN B 208 31.35 -35.22 6.82
CA ASN B 208 30.38 -35.84 5.91
C ASN B 208 30.09 -34.92 4.74
N THR B 209 29.77 -33.67 5.05
CA THR B 209 29.46 -32.63 4.08
C THR B 209 30.53 -32.47 3.00
N TYR B 210 31.78 -32.33 3.40
CA TYR B 210 32.84 -32.11 2.40
C TYR B 210 33.09 -33.37 1.59
N GLU B 211 32.92 -34.53 2.22
CA GLU B 211 32.97 -35.79 1.50
C GLU B 211 31.83 -35.91 0.47
N PHE B 212 30.64 -35.44 0.84
CA PHE B 212 29.52 -35.42 -0.09
C PHE B 212 29.88 -34.62 -1.32
N MET B 213 30.20 -33.34 -1.13
CA MET B 213 30.46 -32.40 -2.22
C MET B 213 31.56 -32.88 -3.15
N SER B 214 32.63 -33.41 -2.55
CA SER B 214 33.75 -34.01 -3.29
C SER B 214 33.34 -35.11 -4.27
N THR B 215 32.47 -36.02 -3.82
CA THR B 215 31.92 -37.07 -4.67
C THR B 215 30.98 -36.51 -5.73
N PHE B 216 30.10 -35.60 -5.29
CA PHE B 216 29.05 -35.04 -6.13
C PHE B 216 29.61 -34.15 -7.24
N PHE B 217 30.55 -33.29 -6.89
CA PHE B 217 31.12 -32.37 -7.89
C PHE B 217 32.12 -33.03 -8.85
N LEU B 218 32.52 -34.26 -8.55
CA LEU B 218 33.21 -35.11 -9.52
C LEU B 218 32.20 -35.48 -10.59
N GLU B 219 31.02 -35.92 -10.16
CA GLU B 219 29.93 -36.22 -11.08
C GLU B 219 29.62 -34.99 -11.94
N VAL B 220 29.35 -33.86 -11.28
CA VAL B 220 28.97 -32.65 -11.98
C VAL B 220 30.02 -32.29 -13.06
N SER B 221 31.30 -32.43 -12.72
CA SER B 221 32.36 -32.05 -13.64
C SER B 221 32.60 -33.07 -14.75
N SER B 222 32.19 -34.32 -14.49
CA SER B 222 32.19 -35.34 -15.54
C SER B 222 31.12 -35.01 -16.59
N VAL B 223 29.92 -34.69 -16.10
CA VAL B 223 28.73 -34.51 -16.93
C VAL B 223 28.75 -33.23 -17.77
N PHE B 224 29.30 -32.14 -17.24
CA PHE B 224 29.26 -30.84 -17.93
C PHE B 224 30.63 -30.44 -18.49
N PRO B 225 30.84 -30.64 -19.81
CA PRO B 225 32.13 -30.47 -20.47
C PRO B 225 32.77 -29.10 -20.42
N ASP B 226 31.98 -28.04 -20.28
CA ASP B 226 32.52 -26.68 -20.27
C ASP B 226 33.59 -26.55 -19.19
N PHE B 227 34.60 -25.73 -19.44
CA PHE B 227 35.69 -25.57 -18.49
C PHE B 227 35.22 -25.00 -17.17
N TYR B 228 34.20 -24.13 -17.22
CA TYR B 228 33.73 -23.40 -16.05
C TYR B 228 32.48 -23.99 -15.43
N LEU B 229 32.37 -23.84 -14.12
CA LEU B 229 31.20 -24.23 -13.36
C LEU B 229 30.75 -23.06 -12.50
N HIS B 230 29.44 -22.84 -12.41
CA HIS B 230 28.93 -21.81 -11.51
C HIS B 230 28.58 -22.43 -10.17
N LEU B 231 29.24 -21.95 -9.11
CA LEU B 231 29.11 -22.59 -7.80
C LEU B 231 28.24 -21.82 -6.82
N GLY B 232 27.68 -20.69 -7.28
CA GLY B 232 26.67 -19.98 -6.51
C GLY B 232 27.19 -19.12 -5.38
N GLY B 233 26.62 -19.28 -4.19
CA GLY B 233 27.04 -18.50 -3.03
C GLY B 233 26.28 -17.22 -2.77
N ASP B 234 25.13 -17.07 -3.42
CA ASP B 234 24.25 -15.91 -3.23
C ASP B 234 23.37 -16.09 -2.01
N GLU B 235 23.01 -14.98 -1.39
CA GLU B 235 22.05 -14.95 -0.28
C GLU B 235 22.25 -16.08 0.73
N VAL B 236 23.44 -16.16 1.28
CA VAL B 236 23.71 -17.13 2.33
C VAL B 236 23.30 -16.49 3.65
N ASP B 237 22.56 -17.24 4.47
CA ASP B 237 22.04 -16.70 5.72
C ASP B 237 22.83 -17.21 6.93
N PHE B 238 23.34 -16.27 7.73
CA PHE B 238 24.10 -16.63 8.92
C PHE B 238 23.22 -16.90 10.14
N THR B 239 21.95 -16.48 10.05
CA THR B 239 20.97 -16.65 11.12
C THR B 239 20.93 -18.10 11.63
N CYS B 240 20.82 -19.05 10.71
CA CYS B 240 20.72 -20.45 11.10
C CYS B 240 22.04 -21.03 11.64
N TRP B 241 23.15 -20.55 11.12
CA TRP B 241 24.45 -21.02 11.59
C TRP B 241 24.70 -20.58 13.03
N LYS B 242 24.60 -19.28 13.28
CA LYS B 242 24.84 -18.71 14.61
C LYS B 242 23.94 -19.31 15.68
N SER B 243 22.70 -19.61 15.31
CA SER B 243 21.71 -20.16 16.23
C SER B 243 22.10 -21.54 16.74
N ASN B 244 22.84 -22.30 15.93
CA ASN B 244 23.25 -23.66 16.26
C ASN B 244 24.49 -23.70 17.16
N PRO B 245 24.41 -24.46 18.27
CA PRO B 245 25.51 -24.52 19.23
C PRO B 245 26.69 -25.38 18.75
N GLU B 246 26.39 -26.49 18.08
CA GLU B 246 27.43 -27.38 17.57
C GLU B 246 28.35 -26.66 16.59
N ILE B 247 27.78 -25.82 15.74
CA ILE B 247 28.56 -24.98 14.83
C ILE B 247 29.33 -23.93 15.62
N GLN B 248 28.65 -23.28 16.57
CA GLN B 248 29.31 -22.32 17.46
C GLN B 248 30.59 -22.91 18.04
N ASP B 249 30.56 -24.20 18.34
CA ASP B 249 31.71 -24.91 18.87
C ASP B 249 32.83 -25.05 17.85
N PHE B 250 32.46 -25.31 16.59
CA PHE B 250 33.41 -25.42 15.48
C PHE B 250 34.11 -24.09 15.20
N MET B 251 33.40 -22.99 15.43
CA MET B 251 33.93 -21.63 15.23
C MET B 251 35.06 -21.30 16.20
N ARG B 252 34.97 -21.81 17.43
CA ARG B 252 35.95 -21.53 18.46
C ARG B 252 37.25 -22.26 18.21
N LYS B 253 37.17 -23.45 17.64
CA LYS B 253 38.32 -24.35 17.49
C LYS B 253 39.26 -23.93 16.37
N LYS B 254 38.70 -23.40 15.29
CA LYS B 254 39.50 -22.92 14.18
C LYS B 254 39.90 -21.48 14.46
N GLY B 255 39.20 -20.87 15.39
CA GLY B 255 39.50 -19.51 15.81
C GLY B 255 38.89 -18.51 14.86
N PHE B 256 37.63 -18.73 14.50
CA PHE B 256 36.88 -17.85 13.60
C PHE B 256 36.16 -16.72 14.32
N GLY B 257 35.93 -16.90 15.63
CA GLY B 257 35.31 -15.86 16.43
C GLY B 257 33.81 -15.74 16.21
N GLU B 258 33.36 -14.59 15.74
CA GLU B 258 31.93 -14.31 15.62
C GLU B 258 31.43 -14.00 14.21
N ASP B 259 32.32 -13.64 13.31
CA ASP B 259 31.87 -13.37 11.94
C ASP B 259 31.78 -14.67 11.16
N PHE B 260 30.65 -14.87 10.51
CA PHE B 260 30.40 -16.10 9.78
C PHE B 260 30.75 -15.90 8.32
N LYS B 261 31.29 -14.73 8.02
CA LYS B 261 31.78 -14.43 6.69
C LYS B 261 32.94 -15.36 6.40
N GLN B 262 33.87 -15.47 7.34
CA GLN B 262 35.00 -16.36 7.14
C GLN B 262 34.69 -17.82 7.44
N LEU B 263 33.63 -18.10 8.20
CA LEU B 263 33.14 -19.47 8.26
C LEU B 263 32.69 -19.85 6.87
N GLU B 264 31.99 -18.93 6.20
CA GLU B 264 31.56 -19.12 4.82
C GLU B 264 32.78 -19.33 3.93
N SER B 265 33.78 -18.48 4.12
CA SER B 265 35.04 -18.56 3.39
C SER B 265 35.71 -19.92 3.56
N PHE B 266 35.56 -20.51 4.74
CA PHE B 266 36.08 -21.84 4.99
C PHE B 266 35.44 -22.84 4.05
N TYR B 267 34.11 -22.76 3.89
CA TYR B 267 33.37 -23.68 3.04
C TYR B 267 33.75 -23.53 1.57
N ILE B 268 33.59 -22.32 1.06
CA ILE B 268 33.84 -22.01 -0.35
C ILE B 268 35.26 -22.35 -0.78
N GLN B 269 36.26 -21.92 -0.01
CA GLN B 269 37.64 -22.31 -0.24
C GLN B 269 37.74 -23.81 -0.48
N THR B 270 37.27 -24.58 0.49
CA THR B 270 37.28 -26.03 0.40
C THR B 270 36.56 -26.51 -0.86
N LEU B 271 35.41 -25.91 -1.15
CA LEU B 271 34.61 -26.27 -2.33
C LEU B 271 35.27 -25.87 -3.64
N LEU B 272 36.04 -24.79 -3.63
CA LEU B 272 36.75 -24.34 -4.81
C LEU B 272 38.00 -25.17 -5.04
N ASP B 273 38.57 -25.66 -3.94
CA ASP B 273 39.69 -26.60 -4.03
C ASP B 273 39.24 -27.91 -4.64
N ILE B 274 38.07 -28.38 -4.24
CA ILE B 274 37.50 -29.61 -4.77
C ILE B 274 37.31 -29.52 -6.29
N VAL B 275 36.62 -28.47 -6.73
CA VAL B 275 36.29 -28.23 -8.13
C VAL B 275 37.54 -27.97 -8.96
N SER B 276 38.52 -27.32 -8.35
CA SER B 276 39.76 -26.96 -9.03
C SER B 276 40.60 -28.19 -9.35
N SER B 277 40.49 -29.22 -8.50
CA SER B 277 41.26 -30.44 -8.68
C SER B 277 40.62 -31.43 -9.66
N TYR B 278 39.51 -31.05 -10.29
CA TYR B 278 38.93 -31.82 -11.38
C TYR B 278 39.14 -31.10 -12.69
N GLY B 279 39.97 -30.06 -12.65
CA GLY B 279 40.37 -29.31 -13.82
C GLY B 279 39.34 -28.32 -14.32
N LYS B 280 38.48 -27.87 -13.41
CA LYS B 280 37.41 -26.92 -13.74
C LYS B 280 37.69 -25.53 -13.17
N GLY B 281 37.28 -24.51 -13.89
CA GLY B 281 37.29 -23.15 -13.37
C GLY B 281 35.91 -22.89 -12.85
N TYR B 282 35.64 -21.67 -12.38
CA TYR B 282 34.35 -21.41 -11.74
C TYR B 282 33.92 -19.97 -11.70
N VAL B 283 32.63 -19.77 -11.93
CA VAL B 283 31.95 -18.51 -11.74
C VAL B 283 31.34 -18.55 -10.34
N VAL B 284 31.05 -17.38 -9.78
CA VAL B 284 30.50 -17.28 -8.44
C VAL B 284 29.73 -15.97 -8.32
N TRP B 285 28.57 -15.97 -7.65
CA TRP B 285 27.81 -14.72 -7.46
C TRP B 285 28.63 -13.71 -6.65
N GLN B 286 28.18 -12.47 -6.60
CA GLN B 286 28.99 -11.42 -6.01
C GLN B 286 29.21 -11.54 -4.50
N GLU B 287 28.25 -12.11 -3.78
CA GLU B 287 28.33 -12.17 -2.30
C GLU B 287 29.66 -12.69 -1.78
N VAL B 288 30.18 -13.74 -2.41
CA VAL B 288 31.49 -14.29 -2.08
C VAL B 288 32.53 -13.18 -2.05
N PHE B 289 32.51 -12.32 -3.07
CA PHE B 289 33.43 -11.18 -3.14
C PHE B 289 33.16 -10.11 -2.09
N ASP B 290 31.89 -9.72 -1.95
CA ASP B 290 31.48 -8.75 -0.94
C ASP B 290 31.81 -9.24 0.47
N ASN B 291 31.69 -10.55 0.68
CA ASN B 291 31.97 -11.17 1.98
C ASN B 291 33.45 -11.47 2.22
N LYS B 292 34.31 -10.89 1.38
CA LYS B 292 35.76 -10.93 1.60
C LYS B 292 36.23 -12.37 1.84
N VAL B 293 35.76 -13.27 0.99
CA VAL B 293 36.16 -14.68 1.04
C VAL B 293 37.51 -14.81 0.35
N LYS B 294 38.38 -15.65 0.90
CA LYS B 294 39.64 -16.00 0.24
C LYS B 294 39.31 -16.76 -1.03
N ILE B 295 39.69 -16.20 -2.16
CA ILE B 295 39.16 -16.59 -3.45
C ILE B 295 40.28 -16.61 -4.48
N GLN B 296 40.34 -17.69 -5.25
CA GLN B 296 41.35 -17.86 -6.31
C GLN B 296 41.36 -16.68 -7.30
N PRO B 297 42.55 -16.21 -7.73
CA PRO B 297 42.59 -15.07 -8.65
C PRO B 297 42.17 -15.36 -10.11
N ASP B 298 41.60 -16.54 -10.36
CA ASP B 298 41.05 -16.88 -11.69
C ASP B 298 39.52 -16.97 -11.70
N THR B 299 38.93 -16.74 -10.52
CA THR B 299 37.50 -16.78 -10.33
C THR B 299 36.82 -15.66 -11.11
N ILE B 300 35.52 -15.84 -11.35
CA ILE B 300 34.71 -14.84 -12.04
C ILE B 300 33.57 -14.43 -11.13
N ILE B 301 33.47 -13.13 -10.85
CA ILE B 301 32.39 -12.60 -10.04
C ILE B 301 31.21 -12.16 -10.90
N GLN B 302 30.03 -12.71 -10.64
CA GLN B 302 28.82 -12.28 -11.31
C GLN B 302 28.08 -11.27 -10.44
N VAL B 303 28.04 -10.03 -10.90
CA VAL B 303 27.40 -8.94 -10.18
C VAL B 303 25.90 -8.95 -10.46
N TRP B 304 25.10 -9.07 -9.41
CA TRP B 304 23.65 -9.15 -9.58
C TRP B 304 22.87 -8.10 -8.79
N ARG B 305 23.52 -7.45 -7.84
CA ARG B 305 22.82 -6.55 -6.94
C ARG B 305 22.84 -5.13 -7.45
N GLU B 306 21.70 -4.46 -7.39
CA GLU B 306 21.56 -3.09 -7.89
C GLU B 306 22.10 -2.05 -6.91
N ASP B 307 21.68 -2.13 -5.65
CA ASP B 307 21.94 -1.06 -4.70
C ASP B 307 22.87 -1.50 -3.58
N ILE B 308 22.33 -2.28 -2.65
CA ILE B 308 23.09 -2.81 -1.52
C ILE B 308 24.03 -3.93 -2.00
N PRO B 309 25.30 -3.95 -1.54
CA PRO B 309 25.94 -3.03 -0.60
C PRO B 309 26.51 -1.81 -1.29
N VAL B 310 26.78 -1.93 -2.58
CA VAL B 310 27.26 -0.81 -3.37
C VAL B 310 26.61 -0.89 -4.73
N ASN B 311 26.39 0.27 -5.34
CA ASN B 311 25.76 0.40 -6.66
C ASN B 311 26.33 -0.60 -7.66
N TYR B 312 25.50 -1.16 -8.53
CA TYR B 312 25.99 -2.24 -9.36
C TYR B 312 27.12 -1.82 -10.31
N MET B 313 27.14 -0.54 -10.69
CA MET B 313 28.26 0.02 -11.46
C MET B 313 29.52 0.20 -10.61
N LYS B 314 29.35 0.38 -9.30
CA LYS B 314 30.50 0.45 -8.40
C LYS B 314 31.03 -0.95 -8.10
N GLU B 315 30.12 -1.90 -7.87
CA GLU B 315 30.49 -3.31 -7.78
C GLU B 315 31.44 -3.68 -8.89
N LEU B 316 31.05 -3.37 -10.13
CA LEU B 316 31.87 -3.64 -11.30
C LEU B 316 33.25 -3.01 -11.19
N GLU B 317 33.31 -1.77 -10.71
CA GLU B 317 34.60 -1.11 -10.50
C GLU B 317 35.44 -1.85 -9.45
N LEU B 318 34.84 -2.11 -8.29
CA LEU B 318 35.50 -2.76 -7.18
C LEU B 318 36.07 -4.14 -7.54
N VAL B 319 35.23 -4.96 -8.17
CA VAL B 319 35.60 -6.31 -8.59
C VAL B 319 36.78 -6.26 -9.53
N THR B 320 36.75 -5.33 -10.48
CA THR B 320 37.81 -5.24 -11.48
C THR B 320 39.10 -4.59 -10.94
N LYS B 321 38.97 -3.49 -10.19
CA LYS B 321 40.14 -2.87 -9.54
C LYS B 321 40.83 -3.82 -8.57
N ALA B 322 40.16 -4.91 -8.22
CA ALA B 322 40.75 -5.97 -7.38
C ALA B 322 41.30 -7.13 -8.20
N GLY B 323 41.09 -7.08 -9.51
CA GLY B 323 41.70 -8.02 -10.44
C GLY B 323 40.87 -9.20 -10.92
N PHE B 324 39.62 -9.28 -10.47
CA PHE B 324 38.76 -10.39 -10.86
C PHE B 324 37.96 -10.06 -12.13
N ARG B 325 37.60 -11.10 -12.87
CA ARG B 325 36.77 -10.94 -14.06
C ARG B 325 35.29 -10.84 -13.67
N ALA B 326 34.53 -10.01 -14.41
CA ALA B 326 33.18 -9.66 -14.01
C ALA B 326 32.10 -9.99 -15.03
N LEU B 327 31.02 -10.64 -14.56
CA LEU B 327 29.79 -10.74 -15.32
C LEU B 327 28.79 -9.72 -14.80
N LEU B 328 27.97 -9.16 -15.68
CA LEU B 328 26.96 -8.21 -15.28
C LEU B 328 25.59 -8.81 -15.49
N SER B 329 24.83 -8.92 -14.41
CA SER B 329 23.45 -9.34 -14.52
C SER B 329 22.46 -8.36 -13.88
N ALA B 330 22.97 -7.48 -13.01
CA ALA B 330 22.14 -6.63 -12.16
C ALA B 330 20.95 -5.94 -12.82
N PRO B 331 21.17 -5.17 -13.90
CA PRO B 331 20.03 -4.46 -14.46
C PRO B 331 19.27 -5.24 -15.53
N TRP B 332 19.53 -6.53 -15.65
CA TRP B 332 18.92 -7.34 -16.72
C TRP B 332 18.07 -8.48 -16.19
N TYR B 333 17.31 -8.19 -15.14
CA TYR B 333 16.44 -9.18 -14.47
C TYR B 333 15.07 -9.33 -15.11
N LEU B 334 14.99 -10.33 -15.98
CA LEU B 334 13.82 -10.60 -16.81
C LEU B 334 12.63 -11.15 -16.03
N ASN B 335 12.87 -11.59 -14.81
CA ASN B 335 11.78 -12.02 -13.96
C ASN B 335 10.98 -10.82 -13.43
N ARG B 336 11.69 -9.75 -13.09
CA ARG B 336 11.07 -8.49 -12.65
C ARG B 336 10.39 -7.78 -13.81
N ILE B 337 9.12 -8.06 -14.01
CA ILE B 337 8.39 -7.45 -15.11
C ILE B 337 7.70 -6.15 -14.68
N SER B 338 7.42 -5.30 -15.65
CA SER B 338 6.78 -4.02 -15.41
C SER B 338 5.98 -3.59 -16.64
N TYR B 339 4.94 -2.81 -16.41
CA TYR B 339 4.06 -2.36 -17.49
C TYR B 339 4.84 -1.63 -18.56
N GLY B 340 4.44 -1.83 -19.81
CA GLY B 340 5.04 -1.10 -20.92
C GLY B 340 6.34 -1.71 -21.36
N PRO B 341 7.11 -0.98 -22.20
CA PRO B 341 8.28 -1.56 -22.85
C PRO B 341 9.53 -1.39 -21.99
N ASP B 342 9.83 -2.37 -21.15
CA ASP B 342 11.00 -2.25 -20.32
C ASP B 342 12.27 -2.76 -21.01
N TRP B 343 12.14 -3.13 -22.27
CA TRP B 343 13.30 -3.52 -23.08
C TRP B 343 14.27 -2.37 -23.29
N LYS B 344 13.73 -1.15 -23.37
CA LYS B 344 14.52 0.07 -23.48
C LYS B 344 15.44 0.24 -22.28
N ASP B 345 14.97 -0.20 -21.11
CA ASP B 345 15.75 -0.13 -19.88
C ASP B 345 16.91 -1.11 -19.87
N PHE B 346 16.73 -2.23 -20.56
CA PHE B 346 17.78 -3.22 -20.69
C PHE B 346 18.79 -2.78 -21.74
N TYR B 347 18.29 -2.33 -22.89
CA TYR B 347 19.13 -1.87 -23.98
C TYR B 347 20.01 -0.69 -23.58
N VAL B 348 19.47 0.21 -22.76
CA VAL B 348 20.14 1.48 -22.45
C VAL B 348 21.39 1.35 -21.55
N VAL B 349 21.48 0.27 -20.78
CA VAL B 349 22.61 0.05 -19.87
C VAL B 349 23.93 0.13 -20.64
N GLU B 350 25.01 0.54 -19.96
CA GLU B 350 26.34 0.47 -20.54
C GLU B 350 27.29 -0.14 -19.52
N PRO B 351 27.73 -1.39 -19.78
CA PRO B 351 28.50 -2.13 -18.78
C PRO B 351 29.85 -1.51 -18.40
N LEU B 352 30.43 -0.72 -19.29
CA LEU B 352 31.73 -0.11 -19.02
C LEU B 352 31.61 1.35 -18.57
N ALA B 353 30.49 1.67 -17.95
CA ALA B 353 30.23 2.99 -17.41
C ALA B 353 30.66 3.03 -15.95
N PHE B 354 31.97 2.99 -15.71
CA PHE B 354 32.54 3.11 -14.37
C PHE B 354 33.98 3.64 -14.38
N GLU B 355 34.48 3.98 -13.19
CA GLU B 355 35.82 4.53 -13.04
C GLU B 355 36.90 3.45 -13.16
N GLY B 356 37.57 3.37 -14.30
CA GLY B 356 38.57 2.33 -14.50
C GLY B 356 39.49 2.50 -15.68
N THR B 357 40.61 1.80 -15.64
CA THR B 357 41.63 1.83 -16.69
C THR B 357 41.28 0.85 -17.80
N PRO B 358 41.74 1.13 -19.05
CA PRO B 358 41.43 0.26 -20.21
C PRO B 358 41.54 -1.25 -19.95
N GLU B 359 42.64 -1.67 -19.34
CA GLU B 359 42.85 -3.08 -18.98
C GLU B 359 42.01 -3.50 -17.77
N GLN B 360 41.71 -2.56 -16.88
CA GLN B 360 40.80 -2.83 -15.77
C GLN B 360 39.37 -3.02 -16.27
N LYS B 361 38.99 -2.23 -17.26
CA LYS B 361 37.69 -2.40 -17.90
C LYS B 361 37.70 -3.65 -18.75
N ALA B 362 38.89 -4.13 -19.08
CA ALA B 362 39.04 -5.33 -19.93
C ALA B 362 38.70 -6.64 -19.24
N LEU B 363 38.49 -6.58 -17.92
CA LEU B 363 38.10 -7.76 -17.14
C LEU B 363 36.59 -8.00 -17.14
N VAL B 364 35.82 -7.07 -17.70
CA VAL B 364 34.40 -7.31 -17.89
C VAL B 364 34.24 -8.19 -19.13
N ILE B 365 33.92 -9.46 -18.92
CA ILE B 365 33.87 -10.43 -20.02
C ILE B 365 32.47 -10.66 -20.59
N GLY B 366 31.48 -9.94 -20.09
CA GLY B 366 30.11 -10.07 -20.59
C GLY B 366 29.09 -10.09 -19.49
N GLY B 367 27.97 -10.75 -19.74
CA GLY B 367 26.86 -10.79 -18.79
C GLY B 367 25.69 -11.67 -19.16
N GLU B 368 24.68 -11.69 -18.30
CA GLU B 368 23.57 -12.62 -18.46
C GLU B 368 22.23 -12.00 -18.08
N ALA B 369 21.24 -12.19 -18.94
CA ALA B 369 19.85 -11.89 -18.61
C ALA B 369 19.34 -13.03 -17.75
N CYS B 370 18.71 -12.71 -16.65
CA CYS B 370 18.24 -13.74 -15.72
C CYS B 370 16.73 -13.90 -15.74
N MET B 371 16.29 -15.10 -16.09
CA MET B 371 14.88 -15.45 -16.02
C MET B 371 14.60 -16.39 -14.86
N TRP B 372 14.61 -15.82 -13.66
CA TRP B 372 14.28 -16.59 -12.47
C TRP B 372 12.83 -17.06 -12.51
N GLY B 373 12.55 -18.17 -11.83
CA GLY B 373 11.34 -18.93 -12.11
C GLY B 373 10.21 -18.97 -11.12
N GLU B 374 10.26 -18.12 -10.08
CA GLU B 374 9.17 -18.10 -9.10
C GLU B 374 7.81 -18.01 -9.79
N TYR B 375 7.68 -17.09 -10.74
CA TYR B 375 6.40 -16.83 -11.36
C TYR B 375 6.38 -17.31 -12.81
N VAL B 376 7.39 -18.08 -13.19
CA VAL B 376 7.54 -18.50 -14.58
C VAL B 376 7.73 -19.99 -14.78
N ASP B 377 6.96 -20.55 -15.70
CA ASP B 377 7.09 -21.94 -16.11
C ASP B 377 6.75 -22.10 -17.59
N ASN B 378 6.49 -23.34 -17.98
CA ASN B 378 6.16 -23.69 -19.34
C ASN B 378 5.09 -22.81 -19.95
N THR B 379 4.23 -22.29 -19.10
CA THR B 379 3.04 -21.59 -19.56
C THR B 379 3.29 -20.16 -20.05
N ASN B 380 4.17 -19.43 -19.37
CA ASN B 380 4.45 -18.05 -19.73
C ASN B 380 5.91 -17.72 -20.06
N LEU B 381 6.74 -18.75 -20.15
CA LEU B 381 8.18 -18.58 -20.38
C LEU B 381 8.51 -17.81 -21.64
N VAL B 382 8.16 -18.37 -22.80
CA VAL B 382 8.60 -17.87 -24.10
C VAL B 382 8.27 -16.39 -24.27
N PRO B 383 6.97 -16.02 -24.18
CA PRO B 383 6.63 -14.61 -24.36
C PRO B 383 7.31 -13.66 -23.38
N ARG B 384 7.68 -14.14 -22.20
CA ARG B 384 8.33 -13.29 -21.21
C ARG B 384 9.78 -13.06 -21.59
N LEU B 385 10.42 -14.14 -22.03
CA LEU B 385 11.81 -14.12 -22.51
C LEU B 385 12.03 -13.21 -23.73
N TRP B 386 11.25 -13.42 -24.79
CA TRP B 386 11.47 -12.75 -26.05
C TRP B 386 10.37 -11.74 -26.35
N PRO B 387 10.73 -10.58 -26.92
CA PRO B 387 12.08 -10.19 -27.32
C PRO B 387 12.77 -9.28 -26.31
N ARG B 388 12.48 -9.45 -25.03
CA ARG B 388 13.04 -8.59 -24.01
C ARG B 388 14.51 -8.88 -23.74
N ALA B 389 14.89 -10.16 -23.81
CA ALA B 389 16.28 -10.57 -23.64
C ALA B 389 17.15 -10.24 -24.87
N GLY B 390 16.49 -10.01 -26.01
CA GLY B 390 17.15 -9.59 -27.24
C GLY B 390 17.80 -8.22 -27.09
N ALA B 391 17.22 -7.37 -26.25
CA ALA B 391 17.80 -6.08 -25.91
C ALA B 391 19.17 -6.27 -25.29
N VAL B 392 19.30 -7.26 -24.42
CA VAL B 392 20.57 -7.58 -23.80
C VAL B 392 21.50 -8.18 -24.86
N ALA B 393 20.95 -9.07 -25.68
CA ALA B 393 21.72 -9.76 -26.71
C ALA B 393 22.51 -8.79 -27.58
N GLU B 394 21.89 -7.68 -27.94
CA GLU B 394 22.54 -6.66 -28.75
C GLU B 394 23.48 -5.82 -27.92
N ARG B 395 23.11 -5.55 -26.69
CA ARG B 395 23.94 -4.73 -25.81
C ARG B 395 25.30 -5.40 -25.60
N LEU B 396 25.29 -6.73 -25.52
CA LEU B 396 26.47 -7.55 -25.25
C LEU B 396 27.27 -7.91 -26.51
N TRP B 397 26.63 -7.91 -27.67
CA TRP B 397 27.32 -8.19 -28.92
C TRP B 397 27.78 -6.91 -29.63
N SER B 398 26.82 -6.01 -29.90
CA SER B 398 27.07 -4.83 -30.72
C SER B 398 27.99 -3.80 -30.09
N ASN B 399 28.32 -2.78 -30.87
CA ASN B 399 29.25 -1.75 -30.46
C ASN B 399 28.64 -0.79 -29.43
N LYS B 400 29.46 -0.42 -28.45
CA LYS B 400 29.17 0.66 -27.50
C LYS B 400 28.30 1.79 -28.09
N LEU B 401 28.54 2.10 -29.37
CA LEU B 401 27.89 3.19 -30.09
C LEU B 401 26.42 2.93 -30.44
N THR B 402 26.13 1.72 -30.92
CA THR B 402 24.76 1.32 -31.27
C THR B 402 23.85 1.40 -30.04
N SER B 403 23.14 2.51 -29.93
CA SER B 403 22.38 2.86 -28.72
C SER B 403 21.11 3.68 -28.97
N ASP B 404 20.97 4.23 -30.17
CA ASP B 404 19.79 4.98 -30.57
C ASP B 404 18.52 4.11 -30.46
N LEU B 405 17.64 4.44 -29.51
CA LEU B 405 16.42 3.65 -29.25
C LEU B 405 15.46 3.52 -30.44
N THR B 406 15.33 4.57 -31.24
CA THR B 406 14.47 4.49 -32.40
C THR B 406 14.97 3.40 -33.34
N PHE B 407 16.26 3.47 -33.68
CA PHE B 407 16.92 2.48 -34.55
C PHE B 407 16.87 1.05 -33.96
N ALA B 408 16.93 0.99 -32.63
CA ALA B 408 16.75 -0.28 -31.92
C ALA B 408 15.33 -0.80 -32.11
N TYR B 409 14.34 0.05 -31.85
CA TYR B 409 12.94 -0.35 -31.95
C TYR B 409 12.56 -0.82 -33.35
N GLU B 410 13.03 -0.08 -34.35
CA GLU B 410 12.76 -0.38 -35.76
C GLU B 410 13.16 -1.80 -36.12
N ARG B 411 14.31 -2.22 -35.60
CA ARG B 411 14.87 -3.51 -35.93
C ARG B 411 14.33 -4.62 -35.06
N LEU B 412 14.27 -4.38 -33.75
CA LEU B 412 13.80 -5.38 -32.79
C LEU B 412 12.35 -5.79 -33.05
N SER B 413 11.56 -4.87 -33.57
CA SER B 413 10.18 -5.18 -33.92
C SER B 413 10.16 -5.99 -35.21
N HIS B 414 11.02 -5.65 -36.15
CA HIS B 414 11.16 -6.41 -37.40
C HIS B 414 11.72 -7.80 -37.14
N PHE B 415 12.61 -7.88 -36.16
CA PHE B 415 13.14 -9.15 -35.69
C PHE B 415 12.04 -9.95 -35.00
N ARG B 416 11.13 -9.26 -34.32
CA ARG B 416 10.10 -9.92 -33.53
C ARG B 416 9.02 -10.58 -34.40
N CYS B 417 8.76 -9.98 -35.55
CA CYS B 417 7.86 -10.57 -36.55
C CYS B 417 8.52 -11.77 -37.21
N GLU B 418 9.84 -11.73 -37.27
CA GLU B 418 10.64 -12.83 -37.80
C GLU B 418 10.66 -14.02 -36.83
N LEU B 419 10.81 -13.72 -35.54
CA LEU B 419 10.66 -14.74 -34.51
C LEU B 419 9.32 -15.43 -34.68
N LEU B 420 8.27 -14.64 -34.90
CA LEU B 420 6.93 -15.17 -35.10
C LEU B 420 6.85 -16.11 -36.30
N ARG B 421 7.47 -15.72 -37.41
CA ARG B 421 7.50 -16.54 -38.61
C ARG B 421 8.25 -17.84 -38.36
N ARG B 422 9.12 -17.85 -37.36
CA ARG B 422 9.91 -19.02 -36.99
C ARG B 422 9.27 -19.80 -35.85
N GLY B 423 8.02 -19.48 -35.52
CA GLY B 423 7.28 -20.25 -34.52
C GLY B 423 7.54 -19.85 -33.08
N VAL B 424 8.25 -18.75 -32.88
CA VAL B 424 8.50 -18.23 -31.53
C VAL B 424 7.30 -17.41 -31.05
N GLN B 425 6.92 -17.63 -29.81
CA GLN B 425 5.77 -16.95 -29.22
C GLN B 425 6.21 -15.65 -28.55
N ALA B 426 6.91 -14.81 -29.30
CA ALA B 426 7.42 -13.55 -28.78
C ALA B 426 6.29 -12.55 -28.63
N GLN B 427 6.33 -11.77 -27.55
CA GLN B 427 5.28 -10.81 -27.26
C GLN B 427 5.52 -9.50 -28.01
N PRO B 428 4.45 -8.70 -28.23
CA PRO B 428 4.56 -7.42 -28.92
C PRO B 428 5.53 -6.46 -28.24
N LEU B 429 6.01 -5.47 -28.99
CA LEU B 429 6.81 -4.41 -28.40
C LEU B 429 5.97 -3.15 -28.18
N ASN B 430 4.88 -3.05 -28.92
CA ASN B 430 3.93 -1.94 -28.83
C ASN B 430 2.70 -2.26 -29.68
N VAL B 431 1.90 -1.24 -29.97
CA VAL B 431 0.74 -1.40 -30.85
C VAL B 431 1.16 -1.82 -32.26
N GLY B 432 0.25 -2.46 -32.99
CA GLY B 432 0.55 -2.86 -34.36
C GLY B 432 0.25 -4.32 -34.64
N PHE B 433 1.03 -4.90 -35.56
CA PHE B 433 0.83 -6.28 -36.01
C PHE B 433 2.02 -6.88 -36.74
N CYS B 434 1.97 -8.19 -36.91
CA CYS B 434 2.75 -8.87 -37.92
C CYS B 434 1.73 -9.44 -38.88
N GLU B 435 2.06 -9.45 -40.16
CA GLU B 435 1.14 -9.89 -41.19
C GLU B 435 0.85 -11.37 -41.05
N GLN B 436 1.83 -12.14 -40.61
CA GLN B 436 1.65 -13.54 -40.26
C GLN B 436 1.60 -13.68 -38.73
N GLU B 437 0.39 -13.58 -38.17
CA GLU B 437 0.22 -13.52 -36.70
C GLU B 437 0.46 -14.87 -36.05
N PHE B 438 0.92 -14.84 -34.80
CA PHE B 438 1.17 -16.08 -34.06
C PHE B 438 -0.13 -16.79 -33.79
N GLU B 439 -0.25 -17.99 -34.32
CA GLU B 439 -1.42 -18.80 -34.11
C GLU B 439 -1.01 -20.26 -34.00
N GLN B 440 -1.18 -20.82 -32.82
CA GLN B 440 -0.86 -22.22 -32.60
C GLN B 440 -1.67 -22.81 -31.44
N PRO C 5 -10.96 -28.94 -0.31
CA PRO C 5 -12.36 -29.30 -1.94
C PRO C 5 -11.93 -29.10 -3.42
N ALA C 6 -12.16 -27.86 -3.95
CA ALA C 6 -11.33 -27.27 -5.03
C ALA C 6 -11.99 -26.08 -5.74
N LEU C 7 -13.11 -25.65 -5.16
CA LEU C 7 -14.05 -24.77 -5.80
C LEU C 7 -13.52 -23.36 -6.03
N TRP C 8 -13.66 -22.91 -7.27
CA TRP C 8 -13.41 -21.52 -7.59
C TRP C 8 -14.37 -21.08 -8.70
N PRO C 9 -15.10 -19.99 -8.46
CA PRO C 9 -15.14 -19.27 -7.18
C PRO C 9 -15.82 -20.07 -6.07
N LEU C 10 -15.56 -19.68 -4.82
CA LEU C 10 -16.21 -20.26 -3.63
C LEU C 10 -17.70 -19.91 -3.60
N PRO C 11 -18.57 -20.94 -3.69
CA PRO C 11 -20.02 -20.69 -3.60
C PRO C 11 -20.48 -19.96 -2.31
N LEU C 12 -21.78 -19.69 -2.23
CA LEU C 12 -22.38 -18.94 -1.13
C LEU C 12 -22.66 -19.82 0.09
N SER C 13 -22.77 -21.13 -0.14
CA SER C 13 -22.94 -22.12 0.91
C SER C 13 -22.39 -23.46 0.44
N VAL C 14 -21.40 -23.97 1.15
CA VAL C 14 -20.80 -25.27 0.84
C VAL C 14 -20.77 -26.12 2.10
N LYS C 15 -21.61 -27.16 2.11
CA LYS C 15 -21.69 -28.08 3.23
C LYS C 15 -21.25 -29.47 2.79
N MET C 16 -20.04 -29.85 3.22
CA MET C 16 -19.39 -31.10 2.79
C MET C 16 -19.43 -32.17 3.87
N THR C 17 -19.45 -33.43 3.46
CA THR C 17 -19.30 -34.54 4.39
C THR C 17 -18.01 -35.31 4.08
N PRO C 18 -17.50 -36.08 5.06
CA PRO C 18 -16.37 -36.98 4.81
C PRO C 18 -16.73 -38.22 3.98
N ASN C 19 -18.02 -38.52 3.86
CA ASN C 19 -18.47 -39.72 3.13
C ASN C 19 -18.25 -39.61 1.61
N LEU C 20 -17.58 -40.62 1.05
CA LEU C 20 -17.22 -40.62 -0.38
C LEU C 20 -18.24 -41.33 -1.24
N LEU C 21 -18.27 -40.97 -2.52
CA LEU C 21 -19.07 -41.67 -3.54
C LEU C 21 -18.26 -41.79 -4.82
N HIS C 22 -18.37 -42.93 -5.51
CA HIS C 22 -17.56 -43.22 -6.71
C HIS C 22 -18.36 -43.19 -8.01
N LEU C 23 -17.70 -42.68 -9.06
CA LEU C 23 -18.33 -42.51 -10.38
C LEU C 23 -17.73 -43.43 -11.43
N ALA C 24 -18.52 -43.75 -12.45
CA ALA C 24 -18.08 -44.63 -13.54
C ALA C 24 -18.22 -43.94 -14.91
N PRO C 25 -17.07 -43.70 -15.58
CA PRO C 25 -17.05 -43.07 -16.90
C PRO C 25 -18.08 -43.67 -17.87
N GLU C 26 -17.89 -44.93 -18.23
CA GLU C 26 -18.77 -45.57 -19.21
C GLU C 26 -20.11 -46.01 -18.60
N ASN C 27 -20.60 -45.24 -17.62
CA ASN C 27 -21.78 -45.59 -16.84
C ASN C 27 -22.36 -44.39 -16.06
N PHE C 28 -21.84 -43.20 -16.33
CA PHE C 28 -22.34 -41.98 -15.69
C PHE C 28 -23.17 -41.15 -16.67
N TYR C 29 -24.31 -40.65 -16.20
CA TYR C 29 -25.31 -40.01 -17.06
C TYR C 29 -25.81 -38.66 -16.54
N ILE C 30 -25.65 -37.63 -17.36
CA ILE C 30 -26.26 -36.33 -17.09
C ILE C 30 -27.49 -36.18 -17.99
N SER C 31 -28.67 -36.20 -17.38
CA SER C 31 -29.93 -36.10 -18.11
C SER C 31 -30.93 -35.26 -17.34
N HIS C 32 -31.98 -34.81 -18.03
CA HIS C 32 -32.99 -33.95 -17.40
C HIS C 32 -33.90 -34.73 -16.46
N SER C 33 -34.29 -34.08 -15.36
CA SER C 33 -35.32 -34.61 -14.48
C SER C 33 -36.65 -34.63 -15.24
N PRO C 34 -37.45 -35.70 -15.04
CA PRO C 34 -38.78 -35.77 -15.65
C PRO C 34 -39.70 -34.58 -15.33
N ASN C 35 -39.45 -33.87 -14.23
CA ASN C 35 -40.22 -32.67 -13.92
C ASN C 35 -39.43 -31.36 -14.06
N SER C 36 -39.01 -31.09 -15.29
CA SER C 36 -38.19 -29.91 -15.62
C SER C 36 -38.62 -29.30 -16.95
N THR C 37 -38.81 -27.97 -16.94
CA THR C 37 -39.31 -27.26 -18.13
C THR C 37 -38.29 -27.17 -19.29
N ALA C 38 -37.26 -28.00 -19.25
CA ALA C 38 -36.31 -28.17 -20.36
C ALA C 38 -35.94 -29.62 -20.52
N GLY C 39 -36.05 -30.14 -21.74
CA GLY C 39 -35.85 -31.55 -22.02
C GLY C 39 -34.87 -31.80 -23.14
N PRO C 40 -34.83 -33.04 -23.66
CA PRO C 40 -33.88 -33.47 -24.69
C PRO C 40 -33.88 -32.66 -26.00
N SER C 41 -34.81 -31.72 -26.14
CA SER C 41 -34.83 -30.80 -27.27
C SER C 41 -33.90 -29.59 -27.03
N CYS C 42 -33.56 -29.34 -25.77
CA CYS C 42 -32.70 -28.20 -25.39
C CYS C 42 -31.26 -28.31 -25.88
N THR C 43 -30.98 -27.66 -27.02
CA THR C 43 -29.64 -27.62 -27.60
C THR C 43 -28.59 -27.21 -26.56
N LEU C 44 -28.78 -26.04 -25.98
CA LEU C 44 -27.87 -25.48 -24.96
C LEU C 44 -27.44 -26.53 -23.95
N LEU C 45 -28.41 -27.13 -23.27
CA LEU C 45 -28.12 -28.09 -22.20
C LEU C 45 -27.49 -29.37 -22.74
N GLU C 46 -28.08 -29.96 -23.76
CA GLU C 46 -27.53 -31.15 -24.42
C GLU C 46 -26.05 -31.01 -24.75
N GLU C 47 -25.67 -29.81 -25.21
CA GLU C 47 -24.28 -29.46 -25.47
C GLU C 47 -23.40 -29.49 -24.23
N ALA C 48 -23.81 -28.73 -23.20
CA ALA C 48 -23.10 -28.73 -21.92
C ALA C 48 -23.00 -30.13 -21.34
N PHE C 49 -24.09 -30.88 -21.44
CA PHE C 49 -24.18 -32.23 -20.92
C PHE C 49 -23.05 -33.08 -21.46
N ARG C 50 -22.81 -32.99 -22.77
CA ARG C 50 -21.76 -33.75 -23.42
C ARG C 50 -20.38 -33.19 -23.09
N ARG C 51 -20.27 -31.87 -23.17
CA ARG C 51 -19.02 -31.17 -22.90
C ARG C 51 -18.46 -31.47 -21.52
N TYR C 52 -19.30 -31.38 -20.49
CA TYR C 52 -18.83 -31.52 -19.11
C TYR C 52 -18.43 -32.92 -18.72
N HIS C 53 -19.21 -33.91 -19.17
CA HIS C 53 -18.84 -35.31 -18.99
C HIS C 53 -17.42 -35.55 -19.53
N GLY C 54 -16.99 -34.70 -20.45
CA GLY C 54 -15.63 -34.71 -20.97
C GLY C 54 -14.65 -34.13 -19.95
N TYR C 55 -14.99 -32.95 -19.42
CA TYR C 55 -14.14 -32.26 -18.44
C TYR C 55 -13.92 -33.09 -17.18
N ILE C 56 -15.03 -33.57 -16.61
CA ILE C 56 -15.05 -34.35 -15.37
C ILE C 56 -14.15 -35.58 -15.45
N PHE C 57 -14.29 -36.35 -16.52
CA PHE C 57 -13.45 -37.51 -16.73
C PHE C 57 -12.26 -37.13 -17.64
N GLY C 58 -12.35 -37.46 -18.93
CA GLY C 58 -11.34 -37.09 -19.91
C GLY C 58 -10.15 -38.04 -19.92
N THR D 1 -22.38 -46.54 -2.51
CA THR D 1 -21.02 -46.07 -2.75
C THR D 1 -20.88 -45.38 -4.12
N GLN D 2 -21.93 -45.44 -4.93
CA GLN D 2 -21.88 -44.96 -6.31
C GLN D 2 -22.75 -43.73 -6.58
N VAL D 3 -22.29 -42.89 -7.50
CA VAL D 3 -23.12 -41.88 -8.14
C VAL D 3 -23.39 -42.38 -9.55
N GLN D 4 -24.66 -42.68 -9.82
CA GLN D 4 -25.04 -43.31 -11.08
C GLN D 4 -25.53 -42.33 -12.13
N GLN D 5 -25.97 -41.16 -11.67
CA GLN D 5 -26.65 -40.19 -12.52
C GLN D 5 -26.69 -38.82 -11.87
N LEU D 6 -26.40 -37.77 -12.65
CA LEU D 6 -26.73 -36.42 -12.22
C LEU D 6 -27.89 -35.93 -13.05
N LEU D 7 -29.00 -35.65 -12.38
CA LEU D 7 -30.20 -35.13 -13.03
C LEU D 7 -30.29 -33.61 -12.94
N VAL D 8 -30.46 -32.97 -14.08
CA VAL D 8 -30.56 -31.52 -14.15
C VAL D 8 -32.04 -31.14 -14.23
N SER D 9 -32.45 -30.27 -13.31
CA SER D 9 -33.85 -29.89 -13.22
C SER D 9 -33.96 -28.38 -13.34
N ILE D 10 -34.70 -27.95 -14.36
CA ILE D 10 -35.01 -26.54 -14.54
C ILE D 10 -36.36 -26.27 -13.89
N THR D 11 -36.39 -25.32 -12.96
CA THR D 11 -37.60 -25.00 -12.22
C THR D 11 -38.55 -24.16 -13.08
N LEU D 12 -38.17 -22.90 -13.30
CA LEU D 12 -38.99 -21.97 -14.08
C LEU D 12 -38.83 -22.20 -15.58
N GLN D 13 -39.43 -21.30 -16.37
CA GLN D 13 -39.38 -21.37 -17.82
C GLN D 13 -37.93 -21.27 -18.29
N SER D 14 -37.46 -22.36 -18.89
CA SER D 14 -36.03 -22.59 -19.14
C SER D 14 -35.18 -21.43 -19.66
N GLU D 15 -35.76 -20.61 -20.55
CA GLU D 15 -34.98 -19.66 -21.37
C GLU D 15 -33.92 -20.41 -22.19
N CYS D 16 -34.22 -21.66 -22.51
CA CYS D 16 -33.27 -22.56 -23.14
C CYS D 16 -32.68 -22.04 -24.47
N ASP D 17 -33.52 -21.41 -25.29
CA ASP D 17 -33.11 -20.96 -26.62
C ASP D 17 -33.02 -19.44 -26.73
N ALA D 18 -32.45 -18.80 -25.71
CA ALA D 18 -32.35 -17.34 -25.68
C ALA D 18 -30.93 -16.85 -25.46
N PHE D 19 -30.77 -15.53 -25.48
CA PHE D 19 -29.49 -14.92 -25.13
C PHE D 19 -29.57 -14.30 -23.73
N PRO D 20 -28.58 -14.62 -22.86
CA PRO D 20 -28.68 -14.12 -21.48
C PRO D 20 -28.56 -12.61 -21.42
N ASN D 21 -29.35 -11.97 -20.59
CA ASN D 21 -29.21 -10.53 -20.35
C ASN D 21 -28.80 -10.20 -18.92
N ILE D 22 -28.60 -8.92 -18.65
CA ILE D 22 -28.15 -8.42 -17.35
C ILE D 22 -28.94 -8.97 -16.14
N SER D 23 -30.20 -9.34 -16.37
CA SER D 23 -31.07 -9.85 -15.31
C SER D 23 -31.39 -11.35 -15.46
N SER D 24 -30.39 -12.14 -15.89
CA SER D 24 -30.55 -13.58 -16.03
C SER D 24 -30.18 -14.33 -14.76
N ASP D 25 -31.16 -14.99 -14.16
CA ASP D 25 -31.02 -15.73 -12.91
C ASP D 25 -30.09 -16.92 -13.06
N GLU D 26 -28.89 -16.79 -12.48
CA GLU D 26 -27.84 -17.82 -12.55
C GLU D 26 -27.69 -18.65 -11.28
N SER D 27 -28.73 -18.64 -10.43
CA SER D 27 -28.72 -19.35 -9.15
C SER D 27 -29.06 -20.82 -9.32
N TYR D 28 -28.42 -21.67 -8.51
CA TYR D 28 -28.61 -23.13 -8.58
C TYR D 28 -28.49 -23.75 -7.20
N THR D 29 -28.98 -24.98 -7.06
CA THR D 29 -28.77 -25.78 -5.85
C THR D 29 -28.36 -27.20 -6.24
N LEU D 30 -27.30 -27.68 -5.63
CA LEU D 30 -26.68 -28.94 -6.00
C LEU D 30 -26.77 -29.96 -4.86
N LEU D 31 -27.03 -31.20 -5.22
CA LEU D 31 -27.07 -32.30 -4.25
C LEU D 31 -26.28 -33.50 -4.73
N VAL D 32 -25.17 -33.77 -4.06
CA VAL D 32 -24.34 -34.92 -4.36
C VAL D 32 -24.67 -36.06 -3.39
N LYS D 33 -25.44 -37.03 -3.86
CA LYS D 33 -25.92 -38.13 -3.02
C LYS D 33 -26.07 -39.40 -3.84
N GLU D 34 -26.20 -40.53 -3.16
CA GLU D 34 -26.39 -41.80 -3.85
C GLU D 34 -27.87 -42.22 -3.90
N PRO D 35 -28.25 -43.01 -4.91
CA PRO D 35 -27.43 -43.35 -6.07
C PRO D 35 -27.46 -42.24 -7.11
N VAL D 36 -28.40 -41.31 -6.96
CA VAL D 36 -28.62 -40.27 -7.95
C VAL D 36 -28.46 -38.86 -7.39
N ALA D 37 -27.42 -38.17 -7.85
CA ALA D 37 -27.16 -36.78 -7.51
C ALA D 37 -28.04 -35.86 -8.34
N VAL D 38 -28.41 -34.71 -7.80
CA VAL D 38 -29.37 -33.82 -8.47
C VAL D 38 -28.93 -32.36 -8.46
N LEU D 39 -29.02 -31.72 -9.63
CA LEU D 39 -28.77 -30.29 -9.77
C LEU D 39 -30.07 -29.61 -10.18
N LYS D 40 -30.44 -28.56 -9.45
CA LYS D 40 -31.65 -27.81 -9.75
C LYS D 40 -31.34 -26.33 -9.89
N ALA D 41 -32.02 -25.67 -10.81
CA ALA D 41 -31.95 -24.21 -10.96
C ALA D 41 -33.19 -23.71 -11.67
N ASN D 42 -33.64 -22.52 -11.29
CA ASN D 42 -34.79 -21.88 -11.95
C ASN D 42 -34.63 -21.83 -13.46
N ARG D 43 -33.54 -21.20 -13.92
CA ARG D 43 -33.29 -21.01 -15.33
C ARG D 43 -32.14 -21.88 -15.78
N VAL D 44 -31.94 -21.93 -17.10
CA VAL D 44 -30.87 -22.69 -17.71
C VAL D 44 -29.49 -22.24 -17.25
N TRP D 45 -29.33 -20.93 -17.05
CA TRP D 45 -28.04 -20.36 -16.69
C TRP D 45 -27.49 -20.94 -15.40
N GLY D 46 -28.35 -20.99 -14.37
CA GLY D 46 -27.98 -21.60 -13.09
C GLY D 46 -27.38 -22.98 -13.27
N ALA D 47 -28.03 -23.79 -14.10
CA ALA D 47 -27.57 -25.13 -14.41
C ALA D 47 -26.19 -25.14 -15.07
N LEU D 48 -25.88 -24.09 -15.82
CA LEU D 48 -24.54 -23.94 -16.40
C LEU D 48 -23.50 -23.75 -15.31
N ARG D 49 -23.75 -22.80 -14.41
CA ARG D 49 -22.85 -22.56 -13.28
C ARG D 49 -22.78 -23.77 -12.37
N GLY D 50 -23.86 -24.52 -12.29
CA GLY D 50 -23.92 -25.67 -11.42
C GLY D 50 -23.14 -26.86 -11.94
N LEU D 51 -23.25 -27.09 -13.25
CA LEU D 51 -22.46 -28.13 -13.93
C LEU D 51 -20.97 -27.81 -13.90
N GLU D 52 -20.65 -26.52 -13.87
CA GLU D 52 -19.27 -26.08 -13.68
C GLU D 52 -18.80 -26.42 -12.26
N THR D 53 -19.57 -26.00 -11.26
CA THR D 53 -19.31 -26.35 -9.87
C THR D 53 -19.12 -27.85 -9.71
N PHE D 54 -19.98 -28.63 -10.35
CA PHE D 54 -19.96 -30.09 -10.22
C PHE D 54 -18.72 -30.73 -10.83
N SER D 55 -18.19 -30.14 -11.89
CA SER D 55 -16.93 -30.60 -12.48
C SER D 55 -15.74 -30.38 -11.54
N GLN D 56 -15.86 -29.41 -10.65
CA GLN D 56 -14.80 -29.07 -9.70
C GLN D 56 -14.88 -29.85 -8.40
N LEU D 57 -15.83 -30.78 -8.31
CA LEU D 57 -15.98 -31.62 -7.12
C LEU D 57 -15.53 -33.07 -7.34
N VAL D 58 -15.58 -33.54 -8.58
CA VAL D 58 -15.11 -34.88 -8.88
C VAL D 58 -13.60 -34.87 -9.04
N TYR D 59 -12.95 -35.90 -8.49
CA TYR D 59 -11.50 -36.04 -8.56
C TYR D 59 -11.10 -37.52 -8.59
N GLN D 60 -9.83 -37.78 -8.86
CA GLN D 60 -9.33 -39.13 -8.80
C GLN D 60 -8.61 -39.28 -7.47
N ASP D 61 -8.72 -40.45 -6.85
CA ASP D 61 -8.04 -40.67 -5.58
C ASP D 61 -6.64 -41.25 -5.82
N SER D 62 -5.96 -41.63 -4.75
CA SER D 62 -4.64 -42.25 -4.81
C SER D 62 -4.50 -43.29 -5.92
N TYR D 63 -5.59 -43.96 -6.27
CA TYR D 63 -5.56 -45.07 -7.20
C TYR D 63 -6.21 -44.78 -8.57
N GLY D 64 -6.58 -43.52 -8.80
CA GLY D 64 -7.22 -43.14 -10.05
C GLY D 64 -8.70 -43.41 -10.11
N THR D 65 -9.27 -43.81 -8.97
CA THR D 65 -10.71 -44.00 -8.83
C THR D 65 -11.40 -42.64 -8.85
N PHE D 66 -12.48 -42.54 -9.62
CA PHE D 66 -13.24 -41.30 -9.68
C PHE D 66 -14.14 -41.17 -8.47
N THR D 67 -14.02 -40.02 -7.80
CA THR D 67 -14.53 -39.84 -6.47
C THR D 67 -15.14 -38.46 -6.30
N ILE D 68 -16.26 -38.41 -5.58
CA ILE D 68 -16.86 -37.15 -5.15
C ILE D 68 -17.35 -37.30 -3.72
N ASN D 69 -17.08 -36.28 -2.91
CA ASN D 69 -17.64 -36.22 -1.56
C ASN D 69 -19.10 -35.88 -1.70
N GLU D 70 -19.94 -36.52 -0.90
CA GLU D 70 -21.36 -36.19 -0.89
C GLU D 70 -21.53 -34.85 -0.17
N SER D 71 -22.27 -33.95 -0.79
CA SER D 71 -22.37 -32.58 -0.32
C SER D 71 -23.60 -31.84 -0.83
N THR D 72 -23.91 -30.71 -0.20
CA THR D 72 -25.08 -29.92 -0.52
C THR D 72 -24.68 -28.46 -0.73
N ILE D 73 -24.78 -28.00 -1.97
CA ILE D 73 -24.37 -26.63 -2.32
C ILE D 73 -25.58 -25.78 -2.71
N ILE D 74 -25.55 -24.52 -2.28
CA ILE D 74 -26.57 -23.54 -2.66
C ILE D 74 -25.86 -22.25 -3.03
N ASP D 75 -26.03 -21.84 -4.27
CA ASP D 75 -25.16 -20.82 -4.85
C ASP D 75 -25.88 -19.86 -5.78
N SER D 76 -25.64 -18.57 -5.56
CA SER D 76 -26.05 -17.52 -6.47
C SER D 76 -24.94 -16.48 -6.53
N PRO D 77 -24.75 -15.83 -7.69
CA PRO D 77 -23.78 -14.73 -7.80
C PRO D 77 -24.13 -13.50 -6.96
N ARG D 78 -23.11 -12.93 -6.32
CA ARG D 78 -23.25 -11.67 -5.60
C ARG D 78 -23.52 -10.53 -6.60
N PHE D 79 -22.81 -10.56 -7.73
CA PHE D 79 -22.99 -9.56 -8.79
C PHE D 79 -23.44 -10.21 -10.10
N SER D 80 -24.12 -9.42 -10.92
CA SER D 80 -24.78 -9.94 -12.11
C SER D 80 -24.03 -9.56 -13.37
N HIS D 81 -23.27 -8.48 -13.31
CA HIS D 81 -22.33 -8.13 -14.38
C HIS D 81 -20.92 -8.47 -13.93
N ARG D 82 -20.38 -9.54 -14.51
CA ARG D 82 -19.01 -9.97 -14.24
C ARG D 82 -18.33 -10.22 -15.56
N GLY D 83 -17.62 -9.21 -16.06
CA GLY D 83 -17.03 -9.25 -17.39
C GLY D 83 -15.51 -9.14 -17.55
N ILE D 84 -15.05 -9.48 -18.75
CA ILE D 84 -13.66 -9.26 -19.15
C ILE D 84 -13.65 -8.31 -20.34
N LEU D 85 -12.76 -7.32 -20.31
CA LEU D 85 -12.55 -6.42 -21.44
C LEU D 85 -11.37 -6.89 -22.27
N ILE D 86 -11.65 -7.28 -23.51
CA ILE D 86 -10.61 -7.61 -24.49
C ILE D 86 -10.54 -6.54 -25.59
N ASP D 87 -9.34 -6.20 -26.00
CA ASP D 87 -9.11 -5.18 -27.02
C ASP D 87 -8.55 -5.88 -28.24
N THR D 88 -9.32 -5.89 -29.33
CA THR D 88 -8.89 -6.56 -30.56
C THR D 88 -8.47 -5.56 -31.64
N SER D 89 -8.25 -4.32 -31.21
CA SER D 89 -7.86 -3.26 -32.13
C SER D 89 -6.38 -3.04 -32.08
N ARG D 90 -5.86 -2.82 -30.88
CA ARG D 90 -4.45 -2.53 -30.71
C ARG D 90 -3.56 -3.68 -31.16
N HIS D 91 -4.11 -4.89 -31.12
CA HIS D 91 -3.55 -6.07 -31.79
C HIS D 91 -4.72 -6.97 -32.19
N TYR D 92 -4.63 -7.59 -33.37
CA TYR D 92 -5.69 -8.49 -33.81
C TYR D 92 -5.62 -9.84 -33.08
N LEU D 93 -6.73 -10.26 -32.48
CA LEU D 93 -6.79 -11.54 -31.77
C LEU D 93 -7.45 -12.62 -32.61
N PRO D 94 -6.67 -13.61 -33.08
CA PRO D 94 -7.20 -14.69 -33.89
C PRO D 94 -8.43 -15.28 -33.22
N VAL D 95 -9.52 -15.40 -33.96
CA VAL D 95 -10.82 -15.86 -33.44
C VAL D 95 -10.75 -17.07 -32.46
N LYS D 96 -9.84 -18.01 -32.74
CA LYS D 96 -9.61 -19.19 -31.89
C LYS D 96 -9.27 -18.80 -30.46
N ILE D 97 -8.46 -17.76 -30.29
CA ILE D 97 -8.02 -17.33 -28.97
C ILE D 97 -9.15 -16.62 -28.20
N ILE D 98 -10.11 -16.04 -28.91
CA ILE D 98 -11.25 -15.41 -28.24
C ILE D 98 -12.17 -16.49 -27.68
N LEU D 99 -12.29 -17.59 -28.43
CA LEU D 99 -13.05 -18.75 -27.99
C LEU D 99 -12.45 -19.36 -26.72
N LYS D 100 -11.13 -19.56 -26.70
CA LYS D 100 -10.45 -20.09 -25.52
C LYS D 100 -10.63 -19.20 -24.30
N THR D 101 -10.72 -17.89 -24.54
CA THR D 101 -10.97 -16.92 -23.47
C THR D 101 -12.35 -17.14 -22.87
N LEU D 102 -13.32 -17.46 -23.72
CA LEU D 102 -14.68 -17.74 -23.27
C LEU D 102 -14.73 -19.00 -22.42
N ASP D 103 -14.16 -20.08 -22.92
CA ASP D 103 -14.04 -21.31 -22.15
C ASP D 103 -13.46 -21.00 -20.78
N ALA D 104 -12.43 -20.17 -20.76
CA ALA D 104 -11.76 -19.80 -19.53
C ALA D 104 -12.62 -18.89 -18.66
N MET D 105 -13.53 -18.16 -19.28
CA MET D 105 -14.55 -17.39 -18.54
C MET D 105 -15.61 -18.33 -17.98
N ALA D 106 -15.99 -19.32 -18.78
CA ALA D 106 -16.94 -20.37 -18.39
C ALA D 106 -16.47 -21.16 -17.16
N PHE D 107 -15.18 -21.49 -17.12
CA PHE D 107 -14.56 -22.09 -15.95
C PHE D 107 -14.51 -21.12 -14.77
N ASN D 108 -14.49 -19.81 -15.06
CA ASN D 108 -14.34 -18.77 -14.04
C ASN D 108 -15.62 -18.00 -13.70
N LYS D 109 -16.75 -18.50 -14.21
CA LYS D 109 -18.09 -17.92 -13.95
C LYS D 109 -18.23 -16.43 -14.30
N PHE D 110 -17.51 -15.99 -15.32
CA PHE D 110 -17.72 -14.67 -15.91
C PHE D 110 -18.83 -14.80 -16.94
N ASN D 111 -19.64 -13.76 -17.07
CA ASN D 111 -20.82 -13.82 -17.95
C ASN D 111 -20.93 -12.69 -18.98
N VAL D 112 -19.95 -11.79 -18.98
CA VAL D 112 -19.91 -10.72 -19.98
C VAL D 112 -18.54 -10.62 -20.64
N LEU D 113 -18.54 -10.59 -21.97
CA LEU D 113 -17.35 -10.28 -22.71
C LEU D 113 -17.50 -8.90 -23.33
N HIS D 114 -16.94 -7.92 -22.64
CA HIS D 114 -16.78 -6.57 -23.16
C HIS D 114 -15.76 -6.66 -24.29
N TRP D 115 -16.24 -6.55 -25.52
CA TRP D 115 -15.40 -6.66 -26.68
C TRP D 115 -15.10 -5.30 -27.27
N HIS D 116 -14.15 -4.58 -26.68
CA HIS D 116 -13.66 -3.34 -27.25
C HIS D 116 -13.04 -3.62 -28.62
N ILE D 117 -13.89 -3.69 -29.63
CA ILE D 117 -13.55 -4.23 -30.93
C ILE D 117 -12.72 -3.32 -31.86
N VAL D 118 -12.90 -1.99 -31.75
CA VAL D 118 -12.22 -1.05 -32.63
C VAL D 118 -11.55 0.10 -31.88
N ASP D 119 -10.63 0.80 -32.54
CA ASP D 119 -9.93 1.96 -31.96
C ASP D 119 -8.99 2.63 -32.96
N ASP D 120 -8.29 3.66 -32.50
CA ASP D 120 -7.34 4.45 -33.31
C ASP D 120 -6.47 3.66 -34.26
N GLN D 121 -5.97 2.52 -33.78
CA GLN D 121 -4.94 1.76 -34.49
C GLN D 121 -5.48 0.95 -35.65
N SER D 122 -6.55 0.19 -35.43
CA SER D 122 -7.19 -0.56 -36.51
C SER D 122 -8.71 -0.71 -36.37
N PHE D 123 -9.39 -0.88 -37.51
CA PHE D 123 -10.81 -1.20 -37.57
C PHE D 123 -11.00 -2.58 -38.17
N PRO D 124 -10.94 -3.63 -37.32
CA PRO D 124 -11.07 -5.01 -37.80
C PRO D 124 -12.49 -5.43 -38.17
N TYR D 125 -13.49 -4.68 -37.71
CA TYR D 125 -14.88 -5.09 -37.90
C TYR D 125 -15.31 -4.95 -39.36
N GLN D 126 -15.73 -6.06 -39.95
CA GLN D 126 -16.28 -6.06 -41.29
C GLN D 126 -17.73 -5.65 -41.21
N SER D 127 -18.03 -4.41 -41.59
CA SER D 127 -19.40 -3.94 -41.66
C SER D 127 -20.06 -4.39 -42.95
N ILE D 128 -21.32 -4.78 -42.84
CA ILE D 128 -22.12 -5.18 -44.00
C ILE D 128 -22.57 -3.94 -44.78
N THR D 129 -22.96 -2.89 -44.05
CA THR D 129 -23.43 -1.64 -44.66
C THR D 129 -22.29 -0.72 -45.11
N PHE D 130 -21.20 -0.71 -44.36
CA PHE D 130 -20.04 0.14 -44.69
C PHE D 130 -18.76 -0.68 -44.88
N PRO D 131 -18.61 -1.29 -46.06
CA PRO D 131 -17.55 -2.28 -46.23
C PRO D 131 -16.15 -1.69 -46.32
N GLU D 132 -16.05 -0.38 -46.56
CA GLU D 132 -14.75 0.29 -46.65
C GLU D 132 -14.08 0.51 -45.29
N LEU D 133 -14.86 0.44 -44.22
CA LEU D 133 -14.37 0.62 -42.85
C LEU D 133 -13.23 -0.37 -42.53
N SER D 134 -13.49 -1.67 -42.72
CA SER D 134 -12.46 -2.69 -42.60
C SER D 134 -11.46 -2.60 -43.75
N ASN D 135 -11.97 -2.51 -44.98
CA ASN D 135 -11.13 -2.46 -46.18
C ASN D 135 -10.00 -1.44 -46.18
N LYS D 136 -10.17 -0.37 -45.41
CA LYS D 136 -9.17 0.70 -45.37
C LYS D 136 -8.64 0.99 -43.97
N GLY D 137 -9.40 0.58 -42.95
CA GLY D 137 -9.04 0.87 -41.55
C GLY D 137 -8.34 -0.26 -40.82
N SER D 138 -8.62 -1.49 -41.23
CA SER D 138 -8.00 -2.68 -40.64
C SER D 138 -6.49 -2.72 -40.93
N TYR D 139 -5.74 -3.33 -40.02
CA TYR D 139 -4.30 -3.51 -40.16
C TYR D 139 -3.93 -4.10 -41.52
N SER D 140 -4.67 -5.14 -41.91
CA SER D 140 -4.56 -5.76 -43.22
C SER D 140 -5.85 -6.53 -43.50
N LEU D 141 -6.00 -7.08 -44.70
CA LEU D 141 -7.26 -7.66 -45.11
C LEU D 141 -7.52 -9.04 -44.49
N SER D 142 -6.46 -9.66 -44.00
CA SER D 142 -6.59 -10.90 -43.22
C SER D 142 -6.93 -10.61 -41.77
N HIS D 143 -6.50 -9.45 -41.28
CA HIS D 143 -6.79 -9.01 -39.91
C HIS D 143 -8.19 -8.39 -39.81
N VAL D 144 -9.20 -9.22 -40.04
CA VAL D 144 -10.59 -8.78 -40.16
C VAL D 144 -11.52 -9.78 -39.46
N TYR D 145 -12.62 -9.29 -38.89
CA TYR D 145 -13.63 -10.16 -38.30
C TYR D 145 -14.89 -10.15 -39.15
N THR D 146 -14.98 -11.10 -40.07
CA THR D 146 -16.15 -11.21 -40.93
C THR D 146 -17.38 -11.49 -40.07
N PRO D 147 -18.58 -11.07 -40.54
CA PRO D 147 -19.85 -11.40 -39.91
C PRO D 147 -19.91 -12.78 -39.28
N ASN D 148 -19.55 -13.82 -40.04
CA ASN D 148 -19.59 -15.20 -39.55
C ASN D 148 -18.60 -15.53 -38.44
N ASP D 149 -17.47 -14.83 -38.40
CA ASP D 149 -16.56 -14.91 -37.26
C ASP D 149 -17.28 -14.37 -36.03
N VAL D 150 -17.87 -13.19 -36.19
CA VAL D 150 -18.55 -12.48 -35.10
C VAL D 150 -19.82 -13.22 -34.66
N ARG D 151 -20.51 -13.83 -35.62
CA ARG D 151 -21.64 -14.72 -35.35
C ARG D 151 -21.20 -15.87 -34.44
N MET D 152 -20.11 -16.52 -34.83
CA MET D 152 -19.58 -17.68 -34.16
C MET D 152 -19.22 -17.41 -32.70
N VAL D 153 -18.63 -16.24 -32.45
CA VAL D 153 -18.30 -15.82 -31.09
C VAL D 153 -19.57 -15.73 -30.23
N ILE D 154 -20.55 -14.97 -30.71
CA ILE D 154 -21.81 -14.77 -30.00
C ILE D 154 -22.55 -16.09 -29.69
N GLU D 155 -22.54 -17.03 -30.63
CA GLU D 155 -23.17 -18.34 -30.41
C GLU D 155 -22.29 -19.25 -29.57
N TYR D 156 -20.99 -18.98 -29.56
CA TYR D 156 -20.05 -19.72 -28.72
C TYR D 156 -20.14 -19.24 -27.28
N ALA D 157 -20.37 -17.95 -27.09
CA ALA D 157 -20.52 -17.37 -25.75
C ALA D 157 -21.90 -17.65 -25.15
N ARG D 158 -22.90 -17.83 -26.01
CA ARG D 158 -24.24 -18.18 -25.54
C ARG D 158 -24.22 -19.57 -24.89
N LEU D 159 -23.53 -20.53 -25.52
CA LEU D 159 -23.50 -21.92 -25.04
C LEU D 159 -22.71 -22.08 -23.75
N ARG D 160 -22.26 -20.96 -23.20
CA ARG D 160 -21.58 -20.92 -21.91
C ARG D 160 -22.11 -19.80 -21.03
N GLY D 161 -23.33 -19.32 -21.34
CA GLY D 161 -24.00 -18.30 -20.55
C GLY D 161 -23.26 -16.97 -20.44
N ILE D 162 -22.49 -16.63 -21.47
CA ILE D 162 -21.83 -15.33 -21.56
C ILE D 162 -22.56 -14.39 -22.53
N ARG D 163 -22.72 -13.13 -22.13
CA ARG D 163 -23.24 -12.09 -23.00
C ARG D 163 -22.08 -11.38 -23.71
N VAL D 164 -22.20 -11.15 -25.02
CA VAL D 164 -21.20 -10.35 -25.72
C VAL D 164 -21.70 -8.91 -25.82
N LEU D 165 -21.09 -8.04 -25.03
CA LEU D 165 -21.36 -6.61 -25.13
C LEU D 165 -20.26 -5.94 -25.97
N PRO D 166 -20.58 -5.57 -27.22
CA PRO D 166 -19.59 -4.93 -28.08
C PRO D 166 -19.37 -3.49 -27.69
N GLU D 167 -18.16 -2.98 -27.93
CA GLU D 167 -17.92 -1.55 -27.77
C GLU D 167 -17.38 -0.93 -29.04
N PHE D 168 -18.03 0.15 -29.47
CA PHE D 168 -17.58 0.95 -30.57
C PHE D 168 -17.34 2.36 -30.07
N ASP D 169 -16.12 2.59 -29.57
CA ASP D 169 -15.76 3.82 -28.86
C ASP D 169 -15.84 5.06 -29.76
N THR D 170 -16.53 6.07 -29.24
CA THR D 170 -16.74 7.36 -29.91
C THR D 170 -16.84 8.47 -28.86
N PRO D 171 -16.59 9.74 -29.24
CA PRO D 171 -16.08 10.23 -30.53
C PRO D 171 -14.55 10.18 -30.62
N GLY D 172 -13.89 9.97 -29.49
CA GLY D 172 -12.45 9.74 -29.47
C GLY D 172 -12.15 8.31 -29.86
N HIS D 173 -10.86 7.97 -29.92
CA HIS D 173 -10.40 6.63 -30.29
C HIS D 173 -11.00 6.15 -31.60
N THR D 174 -10.98 7.01 -32.62
CA THR D 174 -11.67 6.71 -33.88
C THR D 174 -10.86 6.98 -35.13
N LEU D 175 -9.58 7.26 -34.96
CA LEU D 175 -8.71 7.60 -36.08
C LEU D 175 -8.77 6.60 -37.24
N SER D 176 -9.17 5.36 -36.95
CA SER D 176 -9.26 4.32 -37.96
C SER D 176 -10.54 4.37 -38.79
N TRP D 177 -11.58 4.98 -38.24
CA TRP D 177 -12.88 5.05 -38.91
C TRP D 177 -12.79 5.91 -40.16
N GLY D 178 -12.01 6.99 -40.06
CA GLY D 178 -11.84 7.94 -41.16
C GLY D 178 -10.83 7.53 -42.21
N LYS D 179 -10.42 6.27 -42.16
CA LYS D 179 -9.66 5.68 -43.24
C LYS D 179 -10.64 5.30 -44.35
N GLY D 180 -11.86 4.97 -43.96
CA GLY D 180 -12.90 4.55 -44.90
C GLY D 180 -14.19 5.33 -44.83
N GLN D 181 -14.18 6.43 -44.07
CA GLN D 181 -15.32 7.34 -44.00
C GLN D 181 -14.87 8.79 -44.13
N LYS D 182 -14.87 9.29 -45.36
CA LYS D 182 -14.45 10.67 -45.67
C LYS D 182 -15.21 11.71 -44.85
N ASP D 183 -14.49 12.73 -44.37
CA ASP D 183 -15.08 13.87 -43.66
C ASP D 183 -15.76 13.57 -42.30
N LEU D 184 -15.75 12.31 -41.88
CA LEU D 184 -16.29 11.92 -40.57
C LEU D 184 -15.46 12.47 -39.40
N LEU D 185 -14.15 12.57 -39.64
CA LEU D 185 -13.20 13.04 -38.63
C LEU D 185 -12.88 14.54 -38.77
N THR D 186 -13.03 15.27 -37.66
CA THR D 186 -12.60 16.67 -37.58
C THR D 186 -11.15 16.79 -38.04
N PRO D 187 -10.89 17.64 -39.05
CA PRO D 187 -9.50 17.84 -39.52
C PRO D 187 -8.74 18.83 -38.64
N CYS D 188 -7.49 18.52 -38.34
CA CYS D 188 -6.68 19.41 -37.52
C CYS D 188 -6.05 20.48 -38.39
N TYR D 189 -6.46 21.72 -38.12
CA TYR D 189 -5.78 22.90 -38.65
C TYR D 189 -4.83 23.42 -37.57
N SER D 190 -3.85 24.22 -37.99
CA SER D 190 -2.88 24.84 -37.08
C SER D 190 -2.07 23.81 -36.29
N ASP E 2 -0.56 17.19 -41.13
CA ASP E 2 -2.00 17.44 -41.23
C ASP E 2 -2.80 16.27 -40.64
N SER E 3 -2.78 16.16 -39.31
CA SER E 3 -3.47 15.08 -38.63
C SER E 3 -4.98 15.34 -38.53
N PHE E 4 -5.71 14.35 -38.03
CA PHE E 4 -7.14 14.51 -37.78
C PHE E 4 -7.43 14.55 -36.30
N GLY E 5 -8.70 14.67 -35.95
CA GLY E 5 -9.11 14.74 -34.56
C GLY E 5 -10.14 13.68 -34.25
N PRO E 6 -11.06 13.97 -33.31
CA PRO E 6 -12.14 13.05 -33.04
C PRO E 6 -13.18 13.13 -34.17
N ILE E 7 -14.30 12.45 -33.99
CA ILE E 7 -15.40 12.54 -34.95
C ILE E 7 -16.00 13.95 -34.91
N ASN E 8 -16.51 14.42 -36.07
CA ASN E 8 -17.07 15.76 -36.22
C ASN E 8 -18.56 15.86 -35.86
N PRO E 9 -18.87 16.48 -34.71
CA PRO E 9 -20.24 16.50 -34.20
C PRO E 9 -21.11 17.63 -34.78
N THR E 10 -20.56 18.43 -35.69
CA THR E 10 -21.29 19.57 -36.26
C THR E 10 -22.11 19.20 -37.51
N LEU E 11 -21.65 18.17 -38.23
CA LEU E 11 -22.31 17.76 -39.45
C LEU E 11 -23.39 16.73 -39.19
N ASN E 12 -24.48 16.76 -39.95
CA ASN E 12 -25.40 15.64 -39.89
C ASN E 12 -25.17 14.62 -41.01
N THR E 13 -24.01 14.68 -41.67
CA THR E 13 -23.52 13.49 -42.35
C THR E 13 -23.25 12.49 -41.22
N THR E 14 -22.32 12.86 -40.35
CA THR E 14 -21.97 12.09 -39.16
C THR E 14 -23.14 11.28 -38.55
N TYR E 15 -24.22 11.95 -38.18
CA TYR E 15 -25.29 11.31 -37.41
C TYR E 15 -26.21 10.41 -38.24
N SER E 16 -26.30 10.68 -39.54
CA SER E 16 -26.99 9.77 -40.48
C SER E 16 -26.14 8.53 -40.72
N PHE E 17 -24.82 8.70 -40.65
CA PHE E 17 -23.87 7.61 -40.70
C PHE E 17 -23.96 6.76 -39.42
N LEU E 18 -23.85 7.42 -38.27
CA LEU E 18 -23.93 6.73 -36.97
C LEU E 18 -25.25 5.99 -36.72
N THR E 19 -26.31 6.39 -37.42
CA THR E 19 -27.59 5.71 -37.32
C THR E 19 -27.54 4.40 -38.09
N THR E 20 -27.49 4.48 -39.41
CA THR E 20 -27.42 3.29 -40.26
C THR E 20 -26.41 2.27 -39.72
N PHE E 21 -25.30 2.76 -39.18
CA PHE E 21 -24.28 1.92 -38.56
C PHE E 21 -24.77 1.24 -37.28
N PHE E 22 -25.24 2.04 -36.32
CA PHE E 22 -25.72 1.47 -35.05
C PHE E 22 -26.99 0.62 -35.18
N LYS E 23 -27.69 0.76 -36.31
CA LYS E 23 -28.84 -0.09 -36.62
C LYS E 23 -28.35 -1.47 -37.02
N GLU E 24 -27.21 -1.52 -37.71
CA GLU E 24 -26.53 -2.77 -38.06
C GLU E 24 -26.06 -3.47 -36.79
N ILE E 25 -25.35 -2.73 -35.93
CA ILE E 25 -24.89 -3.27 -34.66
C ILE E 25 -26.06 -3.90 -33.89
N SER E 26 -27.21 -3.23 -33.89
CA SER E 26 -28.45 -3.71 -33.24
C SER E 26 -28.83 -5.13 -33.66
N GLU E 27 -28.64 -5.42 -34.94
CA GLU E 27 -29.03 -6.69 -35.53
C GLU E 27 -27.89 -7.71 -35.57
N VAL E 28 -26.66 -7.27 -35.33
CA VAL E 28 -25.51 -8.18 -35.27
C VAL E 28 -25.34 -8.72 -33.85
N PHE E 29 -25.50 -7.84 -32.86
CA PHE E 29 -25.28 -8.19 -31.45
C PHE E 29 -26.59 -8.18 -30.67
N PRO E 30 -27.07 -9.36 -30.28
CA PRO E 30 -28.39 -9.55 -29.67
C PRO E 30 -28.46 -9.12 -28.20
N ASP E 31 -27.37 -8.57 -27.67
CA ASP E 31 -27.34 -8.09 -26.30
C ASP E 31 -28.13 -6.80 -26.16
N GLN E 32 -28.77 -6.60 -25.02
CA GLN E 32 -29.57 -5.40 -24.81
C GLN E 32 -28.77 -4.10 -24.87
N PHE E 33 -27.54 -4.12 -24.36
CA PHE E 33 -26.75 -2.89 -24.23
C PHE E 33 -25.63 -2.80 -25.26
N ILE E 34 -25.29 -1.56 -25.64
CA ILE E 34 -24.15 -1.31 -26.52
C ILE E 34 -23.24 -0.23 -25.94
N HIS E 35 -21.95 -0.58 -25.79
CA HIS E 35 -20.98 0.36 -25.23
C HIS E 35 -20.52 1.36 -26.30
N LEU E 36 -20.69 2.65 -26.00
CA LEU E 36 -20.41 3.73 -26.94
C LEU E 36 -19.07 4.35 -26.65
N GLY E 37 -18.60 4.20 -25.42
CA GLY E 37 -17.29 4.68 -25.01
C GLY E 37 -17.31 6.11 -24.46
N GLY E 38 -16.85 7.04 -25.28
CA GLY E 38 -16.74 8.45 -24.89
C GLY E 38 -15.66 8.76 -23.88
N ASP E 39 -14.46 8.22 -24.09
CA ASP E 39 -13.36 8.41 -23.14
C ASP E 39 -12.15 9.09 -23.77
N GLU E 40 -11.34 9.73 -22.92
CA GLU E 40 -10.16 10.49 -23.35
C GLU E 40 -10.46 11.37 -24.58
N VAL E 41 -11.55 12.12 -24.54
CA VAL E 41 -11.98 12.93 -25.70
C VAL E 41 -11.16 14.21 -25.79
N GLU E 42 -10.30 14.31 -26.81
CA GLU E 42 -9.38 15.44 -26.92
C GLU E 42 -9.96 16.65 -27.63
N PHE E 43 -10.05 17.76 -26.88
CA PHE E 43 -10.64 19.00 -27.37
C PHE E 43 -9.64 19.87 -28.11
N LYS E 44 -8.40 19.39 -28.22
CA LYS E 44 -7.33 20.16 -28.85
C LYS E 44 -7.69 20.55 -30.28
N CYS E 45 -8.18 19.57 -31.05
CA CYS E 45 -8.43 19.75 -32.48
C CYS E 45 -9.74 20.50 -32.75
N TRP E 46 -10.80 20.12 -32.05
CA TRP E 46 -12.08 20.82 -32.16
C TRP E 46 -11.88 22.32 -31.97
N GLU E 47 -11.12 22.69 -30.95
CA GLU E 47 -10.85 24.10 -30.62
C GLU E 47 -10.20 24.86 -31.79
N SER E 48 -9.28 24.24 -32.50
CA SER E 48 -8.57 24.93 -33.59
C SER E 48 -9.27 24.77 -34.96
N ASN E 49 -10.59 24.58 -34.94
CA ASN E 49 -11.37 24.44 -36.17
C ASN E 49 -12.43 25.54 -36.32
N PRO E 50 -12.27 26.40 -37.34
CA PRO E 50 -13.16 27.53 -37.62
C PRO E 50 -14.62 27.11 -37.78
N LYS E 51 -14.86 26.10 -38.62
CA LYS E 51 -16.21 25.59 -38.89
C LYS E 51 -16.91 25.13 -37.62
N ILE E 52 -16.14 24.50 -36.74
CA ILE E 52 -16.65 24.06 -35.44
C ILE E 52 -16.88 25.24 -34.49
N GLN E 53 -16.02 26.26 -34.59
CA GLN E 53 -16.13 27.46 -33.77
C GLN E 53 -17.41 28.26 -34.04
N ASP E 54 -17.97 28.07 -35.23
CA ASP E 54 -19.23 28.70 -35.60
C ASP E 54 -20.38 28.01 -34.87
N PHE E 55 -20.40 26.69 -34.95
CA PHE E 55 -21.40 25.86 -34.27
C PHE E 55 -21.54 26.19 -32.78
N MET E 56 -20.41 26.59 -32.17
CA MET E 56 -20.35 26.93 -30.74
C MET E 56 -21.12 28.19 -30.39
N ARG E 57 -21.25 29.10 -31.37
CA ARG E 57 -22.08 30.29 -31.21
C ARG E 57 -23.51 29.95 -31.62
N GLN E 58 -23.65 29.21 -32.71
CA GLN E 58 -24.94 28.73 -33.22
C GLN E 58 -25.84 28.16 -32.12
N LYS E 59 -25.22 27.56 -31.10
CA LYS E 59 -25.96 27.00 -29.97
C LYS E 59 -25.64 27.75 -28.67
N GLY E 60 -24.65 28.64 -28.73
CA GLY E 60 -24.26 29.46 -27.57
C GLY E 60 -23.52 28.70 -26.50
N PHE E 61 -22.75 27.69 -26.91
CA PHE E 61 -21.95 26.90 -25.98
C PHE E 61 -20.75 27.69 -25.41
N GLY E 62 -20.39 28.77 -26.09
CA GLY E 62 -19.23 29.60 -25.71
C GLY E 62 -17.94 28.96 -26.21
N THR E 63 -17.10 28.56 -25.25
CA THR E 63 -15.94 27.70 -25.52
C THR E 63 -15.86 26.59 -24.48
N ASP E 64 -17.02 26.16 -23.98
CA ASP E 64 -17.07 24.96 -23.13
C ASP E 64 -17.30 23.76 -24.01
N PHE E 65 -16.22 23.02 -24.26
CA PHE E 65 -16.27 21.88 -25.16
C PHE E 65 -16.88 20.65 -24.50
N LYS E 66 -16.94 20.66 -23.17
CA LYS E 66 -17.73 19.69 -22.39
C LYS E 66 -19.15 19.56 -22.93
N LYS E 67 -19.73 20.70 -23.30
CA LYS E 67 -21.11 20.74 -23.79
C LYS E 67 -21.21 20.14 -25.19
N LEU E 68 -20.36 20.57 -26.12
CA LEU E 68 -20.32 20.01 -27.47
C LEU E 68 -20.14 18.49 -27.44
N GLU E 69 -19.38 18.04 -26.44
CA GLU E 69 -19.16 16.63 -26.17
C GLU E 69 -20.48 15.98 -25.70
N SER E 70 -21.14 16.63 -24.74
CA SER E 70 -22.45 16.22 -24.21
C SER E 70 -23.48 16.12 -25.32
N PHE E 71 -23.51 17.14 -26.17
CA PHE E 71 -24.43 17.19 -27.30
C PHE E 71 -24.25 15.95 -28.18
N TYR E 72 -23.02 15.72 -28.64
CA TYR E 72 -22.71 14.57 -29.47
C TYR E 72 -23.17 13.26 -28.83
N ILE E 73 -22.84 13.08 -27.56
CA ILE E 73 -23.08 11.82 -26.90
C ILE E 73 -24.58 11.59 -26.64
N GLN E 74 -25.34 12.67 -26.52
CA GLN E 74 -26.77 12.59 -26.33
C GLN E 74 -27.49 12.34 -27.65
N LYS E 75 -26.94 12.88 -28.73
CA LYS E 75 -27.43 12.59 -30.07
C LYS E 75 -27.34 11.09 -30.36
N VAL E 76 -26.30 10.45 -29.84
CA VAL E 76 -26.08 9.03 -30.06
C VAL E 76 -26.98 8.20 -29.15
N LEU E 77 -27.03 8.57 -27.87
CA LEU E 77 -27.81 7.82 -26.88
C LEU E 77 -29.25 7.64 -27.33
N ASP E 78 -29.80 8.67 -27.96
CA ASP E 78 -31.12 8.61 -28.59
C ASP E 78 -31.18 7.62 -29.75
N ILE E 79 -30.16 7.60 -30.60
CA ILE E 79 -30.07 6.63 -31.71
C ILE E 79 -30.21 5.20 -31.17
N ILE E 80 -29.63 4.97 -30.00
CA ILE E 80 -29.66 3.66 -29.36
C ILE E 80 -31.01 3.39 -28.66
N ALA E 81 -31.46 4.33 -27.84
CA ALA E 81 -32.77 4.24 -27.18
C ALA E 81 -33.88 4.09 -28.23
N THR E 82 -33.69 4.77 -29.36
CA THR E 82 -34.57 4.68 -30.51
C THR E 82 -34.63 3.26 -31.08
N ILE E 83 -33.51 2.54 -31.02
CA ILE E 83 -33.46 1.18 -31.57
C ILE E 83 -33.62 0.08 -30.51
N ASN E 84 -34.34 0.41 -29.43
CA ASN E 84 -34.65 -0.52 -28.33
C ASN E 84 -33.43 -1.21 -27.76
N LYS E 85 -32.39 -0.42 -27.52
CA LYS E 85 -31.17 -0.91 -26.89
C LYS E 85 -30.77 0.02 -25.75
N GLY E 86 -30.21 -0.57 -24.70
CA GLY E 86 -29.66 0.21 -23.60
C GLY E 86 -28.25 0.66 -23.95
N SER E 87 -27.62 1.41 -23.06
CA SER E 87 -26.30 1.94 -23.31
C SER E 87 -25.37 1.88 -22.11
N ILE E 88 -24.09 1.68 -22.40
CA ILE E 88 -23.02 1.77 -21.42
C ILE E 88 -22.02 2.77 -21.98
N VAL E 89 -21.37 3.51 -21.07
CA VAL E 89 -20.51 4.63 -21.45
C VAL E 89 -19.42 4.88 -20.39
N TRP E 90 -18.23 5.29 -20.82
CA TRP E 90 -17.13 5.57 -19.89
C TRP E 90 -17.44 6.81 -19.06
N GLN E 91 -16.85 6.89 -17.87
CA GLN E 91 -17.21 7.89 -16.87
C GLN E 91 -17.07 9.35 -17.27
N GLU E 92 -16.28 9.65 -18.30
CA GLU E 92 -16.10 11.04 -18.76
C GLU E 92 -17.43 11.71 -19.11
N VAL E 93 -18.26 10.98 -19.85
CA VAL E 93 -19.57 11.44 -20.29
C VAL E 93 -20.45 11.87 -19.12
N PHE E 94 -20.49 11.05 -18.06
CA PHE E 94 -21.19 11.41 -16.82
C PHE E 94 -20.50 12.58 -16.12
N ASP E 95 -19.22 12.78 -16.40
CA ASP E 95 -18.41 13.81 -15.72
C ASP E 95 -18.25 15.15 -16.47
N ASP E 96 -18.69 15.21 -17.73
CA ASP E 96 -18.76 16.49 -18.45
C ASP E 96 -20.21 17.04 -18.48
N LYS E 97 -20.99 16.60 -17.50
CA LYS E 97 -22.39 17.00 -17.28
C LYS E 97 -23.26 16.76 -18.53
N ALA E 98 -23.74 15.52 -18.69
CA ALA E 98 -24.61 15.22 -19.85
C ALA E 98 -25.83 14.40 -19.42
N LYS E 99 -26.97 14.67 -20.10
CA LYS E 99 -28.24 14.05 -19.77
C LYS E 99 -28.26 12.60 -20.27
N LEU E 100 -28.46 11.65 -19.36
CA LEU E 100 -28.55 10.24 -19.70
C LEU E 100 -29.90 9.67 -19.30
N ALA E 101 -30.55 8.97 -20.23
CA ALA E 101 -31.85 8.35 -19.96
C ALA E 101 -31.74 7.26 -18.88
N PRO E 102 -32.61 7.31 -17.86
CA PRO E 102 -32.58 6.35 -16.75
C PRO E 102 -32.41 4.90 -17.22
N GLY E 103 -31.37 4.23 -16.70
CA GLY E 103 -31.03 2.89 -17.14
C GLY E 103 -29.68 2.84 -17.84
N THR E 104 -29.18 4.02 -18.22
CA THR E 104 -27.85 4.18 -18.83
C THR E 104 -26.76 3.79 -17.82
N ILE E 105 -25.88 2.90 -18.26
CA ILE E 105 -24.82 2.36 -17.41
C ILE E 105 -23.58 3.25 -17.50
N VAL E 106 -22.92 3.45 -16.37
CA VAL E 106 -21.66 4.17 -16.32
C VAL E 106 -20.56 3.25 -15.79
N GLU E 107 -19.50 3.07 -16.58
CA GLU E 107 -18.36 2.29 -16.15
C GLU E 107 -17.25 3.19 -15.63
N VAL E 108 -16.93 3.04 -14.34
CA VAL E 108 -15.86 3.79 -13.72
C VAL E 108 -14.52 3.09 -14.01
N TRP E 109 -13.54 3.87 -14.45
CA TRP E 109 -12.25 3.32 -14.86
C TRP E 109 -11.03 4.09 -14.33
N LYS E 110 -11.23 5.27 -13.76
CA LYS E 110 -10.12 6.05 -13.21
C LYS E 110 -9.82 5.74 -11.73
N ASP E 111 -8.54 5.81 -11.35
CA ASP E 111 -8.14 5.60 -9.95
C ASP E 111 -8.52 6.73 -9.01
N SER E 112 -8.23 7.98 -9.43
CA SER E 112 -8.41 9.17 -8.58
C SER E 112 -9.81 9.26 -8.00
N ALA E 113 -9.90 9.13 -6.68
CA ALA E 113 -11.15 9.15 -5.95
C ALA E 113 -12.20 8.40 -6.75
N TYR E 114 -11.96 7.11 -6.96
CA TYR E 114 -12.91 6.29 -7.70
C TYR E 114 -14.07 5.80 -6.84
N PRO E 115 -13.84 5.62 -5.52
CA PRO E 115 -15.01 5.39 -4.67
C PRO E 115 -15.91 6.64 -4.54
N GLU E 116 -15.34 7.83 -4.77
CA GLU E 116 -16.12 9.07 -4.82
C GLU E 116 -16.94 9.13 -6.11
N GLU E 117 -16.36 8.64 -7.20
CA GLU E 117 -17.05 8.47 -8.47
C GLU E 117 -18.15 7.44 -8.33
N LEU E 118 -17.91 6.42 -7.51
CA LEU E 118 -18.92 5.41 -7.22
C LEU E 118 -20.10 6.05 -6.51
N SER E 119 -19.81 7.05 -5.67
CA SER E 119 -20.84 7.76 -4.91
C SER E 119 -21.72 8.64 -5.81
N ARG E 120 -21.09 9.52 -6.58
CA ARG E 120 -21.81 10.41 -7.52
C ARG E 120 -22.74 9.67 -8.48
N VAL E 121 -22.19 8.65 -9.13
CA VAL E 121 -22.91 7.87 -10.15
C VAL E 121 -24.15 7.16 -9.58
N THR E 122 -24.05 6.67 -8.34
CA THR E 122 -25.17 5.99 -7.71
C THR E 122 -26.10 6.94 -6.94
N ALA E 123 -25.59 8.11 -6.59
CA ALA E 123 -26.44 9.15 -5.98
C ALA E 123 -27.35 9.81 -7.03
N SER E 124 -26.85 9.90 -8.26
CA SER E 124 -27.61 10.45 -9.37
C SER E 124 -28.37 9.36 -10.11
N GLY E 125 -28.67 8.28 -9.37
CA GLY E 125 -29.59 7.24 -9.83
C GLY E 125 -29.23 6.52 -11.12
N PHE E 126 -27.93 6.41 -11.38
CA PHE E 126 -27.44 5.62 -12.50
C PHE E 126 -26.77 4.34 -12.00
N PRO E 127 -27.01 3.22 -12.70
CA PRO E 127 -26.28 1.98 -12.46
C PRO E 127 -24.81 2.10 -12.87
N VAL E 128 -23.95 1.36 -12.16
CA VAL E 128 -22.52 1.51 -12.31
C VAL E 128 -21.83 0.15 -12.42
N ILE E 129 -20.80 0.12 -13.26
CA ILE E 129 -19.85 -0.99 -13.35
C ILE E 129 -18.50 -0.41 -12.94
N LEU E 130 -17.77 -1.17 -12.12
CA LEU E 130 -16.40 -0.79 -11.74
C LEU E 130 -15.34 -1.60 -12.50
N SER E 131 -14.34 -0.88 -13.04
CA SER E 131 -13.22 -1.52 -13.72
C SER E 131 -11.88 -0.98 -13.23
N ALA E 132 -11.92 0.18 -12.58
CA ALA E 132 -10.75 0.95 -12.15
C ALA E 132 -9.60 0.20 -11.44
N PRO E 133 -9.91 -0.63 -10.40
CA PRO E 133 -8.85 -1.32 -9.66
C PRO E 133 -8.24 -2.54 -10.38
N TRP E 134 -8.94 -3.07 -11.37
CA TRP E 134 -8.54 -4.30 -11.99
C TRP E 134 -8.10 -4.04 -13.41
N TYR E 135 -7.09 -3.19 -13.55
CA TYR E 135 -6.45 -2.99 -14.84
C TYR E 135 -5.41 -4.07 -15.05
N LEU E 136 -5.82 -5.10 -15.80
CA LEU E 136 -5.01 -6.31 -15.99
C LEU E 136 -3.88 -6.15 -16.99
N ASP E 137 -3.98 -5.15 -17.86
CA ASP E 137 -2.88 -4.84 -18.73
C ASP E 137 -1.70 -4.26 -17.93
N LEU E 138 -2.00 -3.56 -16.83
CA LEU E 138 -0.97 -2.95 -15.99
C LEU E 138 -0.24 -3.99 -15.13
N ILE E 139 0.75 -4.64 -15.72
CA ILE E 139 1.45 -5.76 -15.08
C ILE E 139 2.53 -5.29 -14.12
N SER E 140 2.85 -6.14 -13.14
CA SER E 140 3.95 -5.89 -12.21
C SER E 140 4.50 -7.21 -11.65
N TYR E 141 5.76 -7.19 -11.21
CA TYR E 141 6.42 -8.35 -10.59
C TYR E 141 5.76 -8.72 -9.27
N GLY E 142 5.66 -10.02 -9.00
CA GLY E 142 5.06 -10.50 -7.75
C GLY E 142 3.62 -10.96 -7.91
N GLN E 143 3.08 -11.57 -6.86
CA GLN E 143 1.69 -12.07 -6.85
C GLN E 143 0.65 -10.95 -6.76
N ASP E 144 0.49 -10.21 -7.85
CA ASP E 144 -0.40 -9.04 -7.82
C ASP E 144 -1.89 -9.44 -7.86
N TRP E 145 -2.15 -10.74 -7.94
CA TRP E 145 -3.51 -11.24 -7.90
C TRP E 145 -4.17 -10.90 -6.56
N ARG E 146 -3.32 -10.71 -5.56
CA ARG E 146 -3.74 -10.33 -4.23
C ARG E 146 -4.37 -8.94 -4.22
N LYS E 147 -3.72 -7.99 -4.89
CA LYS E 147 -4.26 -6.62 -4.94
C LYS E 147 -5.64 -6.55 -5.62
N TYR E 148 -5.90 -7.45 -6.56
CA TYR E 148 -7.20 -7.50 -7.26
C TYR E 148 -8.22 -8.25 -6.42
N TYR E 149 -7.75 -9.25 -5.69
CA TYR E 149 -8.59 -10.01 -4.77
C TYR E 149 -9.00 -9.17 -3.58
N LYS E 150 -8.17 -8.17 -3.24
CA LYS E 150 -8.38 -7.36 -2.06
C LYS E 150 -9.47 -6.32 -2.19
N VAL E 151 -9.69 -5.83 -3.41
CA VAL E 151 -10.65 -4.75 -3.62
C VAL E 151 -12.02 -5.14 -3.08
N GLU E 152 -12.63 -4.22 -2.33
CA GLU E 152 -14.03 -4.36 -1.95
C GLU E 152 -14.86 -3.28 -2.64
N PRO E 153 -15.54 -3.65 -3.73
CA PRO E 153 -16.25 -2.70 -4.60
C PRO E 153 -17.27 -1.85 -3.86
N LEU E 154 -17.84 -2.41 -2.79
CA LEU E 154 -18.90 -1.74 -2.02
C LEU E 154 -18.40 -0.82 -0.88
N ASP E 155 -17.13 -0.40 -0.95
CA ASP E 155 -16.58 0.55 0.04
C ASP E 155 -16.61 1.99 -0.46
N PHE E 156 -17.78 2.61 -0.33
CA PHE E 156 -17.98 4.02 -0.68
C PHE E 156 -19.26 4.56 -0.06
N GLY E 157 -19.38 5.88 -0.05
CA GLY E 157 -20.54 6.55 0.50
C GLY E 157 -21.82 6.20 -0.24
N GLY E 158 -22.89 6.02 0.52
CA GLY E 158 -24.20 5.75 -0.07
C GLY E 158 -25.13 4.93 0.78
N THR E 159 -26.42 5.28 0.70
CA THR E 159 -27.49 4.54 1.36
C THR E 159 -27.55 3.13 0.76
N GLN E 160 -28.16 2.20 1.49
CA GLN E 160 -28.35 0.83 0.98
C GLN E 160 -29.00 0.83 -0.40
N LYS E 161 -29.86 1.82 -0.65
CA LYS E 161 -30.57 1.99 -1.92
C LYS E 161 -29.64 2.34 -3.10
N GLN E 162 -28.49 2.93 -2.80
CA GLN E 162 -27.45 3.21 -3.79
C GLN E 162 -26.64 1.97 -4.18
N LYS E 163 -26.45 1.07 -3.22
CA LYS E 163 -25.67 -0.15 -3.44
C LYS E 163 -26.36 -1.12 -4.40
N GLN E 164 -27.69 -1.05 -4.47
CA GLN E 164 -28.46 -1.81 -5.46
C GLN E 164 -28.13 -1.42 -6.90
N LEU E 165 -27.63 -0.19 -7.09
CA LEU E 165 -27.26 0.29 -8.41
C LEU E 165 -25.88 -0.19 -8.88
N PHE E 166 -25.01 -0.54 -7.93
CA PHE E 166 -23.79 -1.25 -8.25
C PHE E 166 -24.18 -2.67 -8.67
N ILE E 167 -23.90 -3.00 -9.92
CA ILE E 167 -24.31 -4.28 -10.50
C ILE E 167 -23.14 -5.23 -10.76
N GLY E 168 -21.94 -4.67 -10.87
CA GLY E 168 -20.73 -5.49 -11.05
C GLY E 168 -19.45 -4.81 -11.51
N GLY E 169 -18.55 -5.62 -12.05
CA GLY E 169 -17.22 -5.16 -12.45
C GLY E 169 -16.65 -5.84 -13.67
N GLU E 170 -15.48 -5.35 -14.09
CA GLU E 170 -14.75 -5.89 -15.23
C GLU E 170 -13.24 -5.87 -15.04
N ALA E 171 -12.59 -6.93 -15.50
CA ALA E 171 -11.11 -6.98 -15.61
C ALA E 171 -10.70 -6.64 -17.04
N CYS E 172 -9.81 -5.68 -17.19
CA CYS E 172 -9.54 -5.15 -18.52
C CYS E 172 -8.14 -5.46 -19.04
N LEU E 173 -8.09 -6.10 -20.21
CA LEU E 173 -6.84 -6.42 -20.86
C LEU E 173 -6.66 -5.65 -22.16
N TRP E 174 -6.22 -4.40 -22.03
CA TRP E 174 -6.05 -3.54 -23.18
C TRP E 174 -4.82 -3.99 -23.95
N GLY E 175 -4.97 -4.07 -25.26
CA GLY E 175 -4.01 -4.78 -26.11
C GLY E 175 -2.73 -4.06 -26.49
N GLU E 176 -2.55 -2.83 -26.03
CA GLU E 176 -1.34 -2.09 -26.36
C GLU E 176 -0.12 -2.99 -26.29
N TYR E 177 -0.06 -3.86 -25.29
CA TYR E 177 1.02 -4.81 -25.17
C TYR E 177 0.48 -6.23 -25.03
N VAL E 178 -0.68 -6.48 -25.61
CA VAL E 178 -1.32 -7.78 -25.51
C VAL E 178 -1.83 -8.23 -26.87
N ASP E 179 -1.46 -9.45 -27.25
CA ASP E 179 -2.00 -10.12 -28.43
C ASP E 179 -2.09 -11.60 -28.17
N ALA E 180 -2.12 -12.40 -29.23
CA ALA E 180 -2.28 -13.84 -29.16
C ALA E 180 -1.17 -14.55 -28.39
N THR E 181 0.00 -13.93 -28.32
CA THR E 181 1.21 -14.58 -27.82
C THR E 181 1.37 -14.51 -26.29
N ASN E 182 0.72 -13.53 -25.67
CA ASN E 182 0.83 -13.40 -24.22
C ASN E 182 -0.50 -13.06 -23.55
N LEU E 183 -1.59 -13.39 -24.22
CA LEU E 183 -2.91 -13.11 -23.66
C LEU E 183 -3.26 -14.10 -22.54
N THR E 184 -3.43 -15.35 -22.89
CA THR E 184 -3.89 -16.36 -21.94
C THR E 184 -3.07 -16.41 -20.64
N PRO E 185 -1.73 -16.45 -20.73
CA PRO E 185 -0.90 -16.29 -19.53
C PRO E 185 -1.23 -15.05 -18.70
N ARG E 186 -1.29 -13.88 -19.35
CA ARG E 186 -1.48 -12.62 -18.63
C ARG E 186 -2.86 -12.47 -18.00
N LEU E 187 -3.88 -12.94 -18.71
CA LEU E 187 -5.26 -12.90 -18.22
C LEU E 187 -5.39 -13.82 -17.02
N TRP E 188 -5.13 -15.12 -17.21
CA TRP E 188 -5.37 -16.11 -16.17
C TRP E 188 -4.08 -16.54 -15.47
N PRO E 189 -4.13 -16.72 -14.14
CA PRO E 189 -5.33 -16.73 -13.29
C PRO E 189 -5.60 -15.37 -12.65
N ARG E 190 -4.90 -14.33 -13.07
CA ARG E 190 -5.03 -13.01 -12.45
C ARG E 190 -6.46 -12.48 -12.46
N ALA E 191 -7.22 -12.84 -13.49
CA ALA E 191 -8.63 -12.47 -13.60
C ALA E 191 -9.53 -13.36 -12.75
N SER E 192 -9.07 -14.57 -12.43
CA SER E 192 -9.82 -15.49 -11.58
C SER E 192 -10.04 -14.88 -10.22
N ALA E 193 -9.07 -14.07 -9.78
CA ALA E 193 -9.17 -13.32 -8.54
C ALA E 193 -10.44 -12.49 -8.58
N VAL E 194 -10.53 -11.64 -9.59
CA VAL E 194 -11.71 -10.83 -9.89
C VAL E 194 -12.97 -11.69 -9.92
N GLY E 195 -12.86 -12.87 -10.51
CA GLY E 195 -13.97 -13.80 -10.67
C GLY E 195 -14.64 -14.23 -9.38
N GLU E 196 -13.83 -14.44 -8.34
CA GLU E 196 -14.37 -14.83 -7.04
C GLU E 196 -14.93 -13.61 -6.35
N ARG E 197 -14.18 -12.52 -6.38
CA ARG E 197 -14.63 -11.27 -5.77
C ARG E 197 -16.06 -10.91 -6.18
N LEU E 198 -16.34 -10.93 -7.48
CA LEU E 198 -17.66 -10.60 -7.99
C LEU E 198 -18.73 -11.66 -7.73
N TRP E 199 -18.35 -12.93 -7.66
CA TRP E 199 -19.32 -14.01 -7.44
C TRP E 199 -19.54 -14.33 -5.97
N SER E 200 -18.44 -14.60 -5.26
CA SER E 200 -18.50 -15.08 -3.88
C SER E 200 -18.87 -13.97 -2.89
N SER E 201 -19.30 -14.37 -1.70
CA SER E 201 -19.72 -13.46 -0.64
C SER E 201 -18.68 -12.38 -0.28
N LYS E 202 -19.18 -11.29 0.29
CA LYS E 202 -18.34 -10.15 0.72
C LYS E 202 -17.27 -10.56 1.73
N ASP E 203 -17.62 -11.47 2.63
CA ASP E 203 -16.71 -11.93 3.67
C ASP E 203 -15.91 -13.19 3.27
N VAL E 204 -15.58 -13.29 1.99
CA VAL E 204 -14.73 -14.36 1.48
C VAL E 204 -13.37 -13.76 1.10
N ARG E 205 -12.52 -13.55 2.11
CA ARG E 205 -11.29 -12.77 1.94
C ARG E 205 -10.03 -13.47 2.44
N ASP E 206 -10.18 -14.67 3.00
CA ASP E 206 -9.03 -15.34 3.62
C ASP E 206 -7.94 -15.71 2.61
N MET E 207 -6.81 -15.02 2.72
CA MET E 207 -5.68 -15.16 1.81
C MET E 207 -5.07 -16.55 1.67
N ASP E 208 -4.90 -17.24 2.80
CA ASP E 208 -4.32 -18.59 2.81
C ASP E 208 -5.19 -19.60 2.08
N ASP E 209 -6.50 -19.46 2.23
CA ASP E 209 -7.46 -20.35 1.57
C ASP E 209 -7.60 -20.00 0.09
N ALA E 210 -7.70 -18.71 -0.21
CA ALA E 210 -7.76 -18.23 -1.59
C ALA E 210 -6.55 -18.73 -2.37
N TYR E 211 -5.36 -18.56 -1.80
CA TYR E 211 -4.14 -19.11 -2.38
C TYR E 211 -4.29 -20.61 -2.58
N ASP E 212 -4.65 -21.33 -1.52
CA ASP E 212 -4.79 -22.78 -1.54
C ASP E 212 -5.74 -23.29 -2.65
N ARG E 213 -6.88 -22.63 -2.80
CA ARG E 213 -7.86 -23.02 -3.82
C ARG E 213 -7.46 -22.56 -5.22
N LEU E 214 -6.85 -21.36 -5.32
CA LEU E 214 -6.46 -20.81 -6.60
C LEU E 214 -5.38 -21.62 -7.30
N THR E 215 -4.31 -21.97 -6.57
CA THR E 215 -3.24 -22.78 -7.13
C THR E 215 -3.77 -24.08 -7.74
N ARG E 216 -4.76 -24.68 -7.07
CA ARG E 216 -5.39 -25.93 -7.51
C ARG E 216 -6.39 -25.71 -8.61
N HIS E 217 -6.87 -24.47 -8.72
CA HIS E 217 -7.80 -24.10 -9.77
C HIS E 217 -7.03 -23.74 -11.03
N ARG E 218 -5.86 -23.16 -10.82
CA ARG E 218 -4.96 -22.79 -11.90
C ARG E 218 -4.49 -24.03 -12.68
N CYS E 219 -4.22 -25.13 -11.97
CA CYS E 219 -3.86 -26.42 -12.59
C CYS E 219 -5.01 -27.04 -13.36
N ARG E 220 -6.22 -26.96 -12.82
CA ARG E 220 -7.39 -27.48 -13.49
C ARG E 220 -7.68 -26.69 -14.77
N MET E 221 -7.37 -25.40 -14.75
CA MET E 221 -7.41 -24.59 -15.96
C MET E 221 -6.42 -25.12 -17.00
N VAL E 222 -5.16 -25.29 -16.60
CA VAL E 222 -4.10 -25.84 -17.46
C VAL E 222 -4.50 -27.20 -18.03
N GLU E 223 -5.11 -28.04 -17.19
CA GLU E 223 -5.55 -29.37 -17.60
C GLU E 223 -6.64 -29.31 -18.65
N ARG E 224 -7.38 -28.21 -18.67
CA ARG E 224 -8.43 -28.03 -19.64
C ARG E 224 -7.96 -27.18 -20.81
N GLY E 225 -6.64 -27.08 -20.94
CA GLY E 225 -6.00 -26.39 -22.07
C GLY E 225 -6.00 -24.88 -22.01
N ILE E 226 -6.12 -24.31 -20.82
CA ILE E 226 -5.99 -22.87 -20.65
C ILE E 226 -4.63 -22.62 -20.01
N ALA E 227 -3.75 -21.98 -20.77
CA ALA E 227 -2.36 -21.73 -20.37
C ALA E 227 -2.25 -20.60 -19.36
N ALA E 228 -2.81 -20.83 -18.17
CA ALA E 228 -2.77 -19.87 -17.08
C ALA E 228 -1.41 -19.90 -16.40
N GLN E 229 -0.92 -18.71 -16.01
CA GLN E 229 0.40 -18.62 -15.40
C GLN E 229 0.43 -19.01 -13.91
N PRO E 230 1.60 -19.45 -13.40
CA PRO E 230 1.68 -19.89 -12.02
C PRO E 230 1.70 -18.75 -11.02
N LEU E 231 1.02 -18.94 -9.90
CA LEU E 231 0.95 -17.93 -8.84
C LEU E 231 2.27 -17.79 -8.13
N TYR E 232 3.01 -18.90 -8.09
CA TYR E 232 4.26 -18.99 -7.35
C TYR E 232 4.91 -20.34 -7.65
N ALA E 233 6.16 -20.52 -7.23
CA ALA E 233 6.85 -21.81 -7.36
C ALA E 233 5.96 -22.97 -6.93
N GLY E 234 5.99 -24.05 -7.70
CA GLY E 234 5.16 -25.21 -7.43
C GLY E 234 5.10 -26.12 -8.64
N TYR E 235 3.98 -26.83 -8.79
CA TYR E 235 3.77 -27.68 -9.96
C TYR E 235 2.34 -28.22 -10.08
N CYS E 236 2.02 -28.81 -11.23
CA CYS E 236 0.73 -29.45 -11.44
C CYS E 236 0.93 -30.96 -11.59
N ASN E 237 -0.16 -31.69 -11.79
CA ASN E 237 -0.15 -33.15 -11.92
C ASN E 237 0.13 -33.85 -10.59
N LEU F 1 -5.19 -27.73 -63.11
CA LEU F 1 -6.58 -27.60 -62.57
C LEU F 1 -7.29 -28.93 -62.40
N TRP F 2 -8.09 -29.00 -61.35
CA TRP F 2 -8.90 -30.18 -61.07
C TRP F 2 -10.23 -29.79 -60.39
N PRO F 3 -11.37 -30.19 -60.97
CA PRO F 3 -11.55 -30.91 -62.24
C PRO F 3 -11.35 -29.98 -63.44
N TRP F 4 -11.20 -30.57 -64.62
CA TRP F 4 -10.87 -29.81 -65.83
C TRP F 4 -12.05 -29.10 -66.47
N PRO F 5 -11.97 -27.76 -66.61
CA PRO F 5 -13.06 -26.92 -67.11
C PRO F 5 -13.65 -27.41 -68.43
N GLN F 6 -14.87 -26.95 -68.72
CA GLN F 6 -15.50 -27.28 -69.98
C GLN F 6 -14.79 -26.57 -71.14
N ASN F 7 -14.50 -25.28 -70.95
CA ASN F 7 -13.75 -24.49 -71.93
C ASN F 7 -12.68 -23.64 -71.25
N PHE F 8 -11.42 -24.03 -71.41
CA PHE F 8 -10.30 -23.32 -70.80
C PHE F 8 -9.25 -22.90 -71.83
N GLN F 9 -9.30 -21.63 -72.24
CA GLN F 9 -8.36 -21.09 -73.21
C GLN F 9 -7.06 -20.62 -72.54
N THR F 10 -6.00 -21.40 -72.75
CA THR F 10 -4.69 -21.20 -72.10
C THR F 10 -3.76 -20.20 -72.80
N SER F 11 -2.78 -19.71 -72.04
CA SER F 11 -1.79 -18.76 -72.52
C SER F 11 -0.55 -18.84 -71.62
N ASP F 12 0.47 -18.07 -71.99
CA ASP F 12 1.66 -17.95 -71.15
C ASP F 12 1.90 -16.53 -70.68
N GLN F 13 1.19 -15.58 -71.31
CA GLN F 13 1.18 -14.19 -70.89
C GLN F 13 0.77 -14.10 -69.41
N ARG F 14 1.68 -13.63 -68.57
CA ARG F 14 1.52 -13.76 -67.12
C ARG F 14 1.48 -12.40 -66.43
N TYR F 15 0.90 -12.37 -65.22
CA TYR F 15 0.69 -11.12 -64.47
C TYR F 15 1.14 -11.29 -63.03
N VAL F 16 1.58 -10.18 -62.41
CA VAL F 16 2.08 -10.23 -61.03
C VAL F 16 0.99 -9.86 -60.00
N LEU F 17 0.94 -10.61 -58.89
CA LEU F 17 -0.04 -10.37 -57.82
C LEU F 17 0.60 -9.83 -56.55
N TYR F 18 -0.22 -9.44 -55.58
CA TYR F 18 0.31 -8.93 -54.31
C TYR F 18 -0.44 -9.45 -53.09
N PRO F 19 0.04 -10.57 -52.53
CA PRO F 19 -0.59 -11.29 -51.42
C PRO F 19 -1.36 -10.40 -50.43
N ASN F 20 -0.70 -9.37 -49.91
CA ASN F 20 -1.33 -8.46 -48.95
C ASN F 20 -2.23 -7.45 -49.66
N ASN F 21 -1.70 -6.88 -50.74
CA ASN F 21 -2.38 -5.86 -51.51
C ASN F 21 -3.35 -6.48 -52.54
N PHE F 22 -3.85 -7.67 -52.24
CA PHE F 22 -4.85 -8.34 -53.08
C PHE F 22 -6.19 -8.36 -52.39
N GLN F 23 -7.24 -8.13 -53.18
CA GLN F 23 -8.61 -8.20 -52.68
C GLN F 23 -9.65 -8.64 -53.70
N PHE F 24 -10.68 -9.32 -53.21
CA PHE F 24 -11.86 -9.66 -54.00
C PHE F 24 -12.85 -8.52 -53.82
N GLN F 25 -13.52 -8.13 -54.90
CA GLN F 25 -14.51 -7.06 -54.80
C GLN F 25 -15.74 -7.29 -55.66
N TYR F 26 -16.87 -6.83 -55.14
CA TYR F 26 -18.14 -6.98 -55.82
C TYR F 26 -18.28 -5.93 -56.92
N ASP F 27 -18.81 -6.34 -58.07
CA ASP F 27 -19.15 -5.41 -59.13
C ASP F 27 -20.53 -4.81 -58.85
N VAL F 28 -20.64 -3.48 -58.96
CA VAL F 28 -21.88 -2.79 -58.57
C VAL F 28 -23.11 -3.31 -59.33
N SER F 29 -22.86 -4.01 -60.43
CA SER F 29 -23.90 -4.58 -61.29
C SER F 29 -24.32 -5.99 -60.84
N SER F 30 -23.71 -6.46 -59.75
CA SER F 30 -23.93 -7.84 -59.29
C SER F 30 -25.20 -8.00 -58.47
N ALA F 31 -25.74 -9.22 -58.47
CA ALA F 31 -26.91 -9.57 -57.67
C ALA F 31 -26.52 -9.83 -56.21
N ALA F 32 -25.31 -10.32 -56.00
CA ALA F 32 -24.75 -10.49 -54.67
C ALA F 32 -23.84 -9.31 -54.36
N GLN F 33 -23.84 -8.88 -53.11
CA GLN F 33 -23.14 -7.68 -52.68
C GLN F 33 -22.94 -7.83 -51.16
N PRO F 34 -22.00 -7.05 -50.55
CA PRO F 34 -21.71 -7.25 -49.13
C PRO F 34 -22.96 -7.48 -48.29
N GLY F 35 -22.89 -8.44 -47.37
CA GLY F 35 -24.08 -8.95 -46.71
C GLY F 35 -24.43 -10.30 -47.29
N CYS F 36 -23.66 -10.73 -48.29
CA CYS F 36 -23.76 -12.06 -48.84
C CYS F 36 -22.83 -12.97 -48.04
N SER F 37 -23.43 -13.78 -47.16
CA SER F 37 -22.68 -14.62 -46.23
C SER F 37 -21.77 -15.61 -46.97
N VAL F 38 -22.31 -16.26 -48.01
CA VAL F 38 -21.55 -17.25 -48.77
C VAL F 38 -20.22 -16.70 -49.29
N LEU F 39 -20.28 -15.64 -50.09
CA LEU F 39 -19.07 -15.09 -50.72
C LEU F 39 -18.12 -14.38 -49.74
N ASP F 40 -18.65 -13.47 -48.91
CA ASP F 40 -17.84 -12.71 -47.96
C ASP F 40 -16.97 -13.60 -47.09
N GLU F 41 -17.48 -14.80 -46.79
CA GLU F 41 -16.69 -15.81 -46.09
C GLU F 41 -15.69 -16.42 -47.05
N ALA F 42 -16.18 -16.84 -48.22
CA ALA F 42 -15.35 -17.42 -49.27
C ALA F 42 -14.17 -16.52 -49.59
N PHE F 43 -14.40 -15.21 -49.64
CA PHE F 43 -13.34 -14.27 -49.96
C PHE F 43 -12.23 -14.35 -48.93
N GLN F 44 -12.60 -14.24 -47.66
CA GLN F 44 -11.64 -14.32 -46.56
C GLN F 44 -11.03 -15.73 -46.42
N ARG F 45 -11.89 -16.76 -46.52
CA ARG F 45 -11.46 -18.15 -46.52
C ARG F 45 -10.34 -18.37 -47.57
N TYR F 46 -10.62 -17.96 -48.80
CA TYR F 46 -9.72 -18.20 -49.92
C TYR F 46 -8.40 -17.44 -49.85
N ARG F 47 -8.44 -16.18 -49.43
CA ARG F 47 -7.23 -15.38 -49.37
C ARG F 47 -6.20 -16.06 -48.44
N ASP F 48 -6.70 -16.69 -47.37
CA ASP F 48 -5.86 -17.47 -46.47
C ASP F 48 -5.24 -18.63 -47.23
N LEU F 49 -6.04 -19.29 -48.07
CA LEU F 49 -5.55 -20.43 -48.87
C LEU F 49 -4.43 -20.07 -49.83
N LEU F 50 -4.52 -18.92 -50.50
CA LEU F 50 -3.47 -18.49 -51.41
C LEU F 50 -2.28 -17.88 -50.68
N PHE F 51 -2.55 -16.95 -49.77
CA PHE F 51 -1.46 -16.18 -49.15
C PHE F 51 -1.42 -16.24 -47.62
N GLY F 52 -1.94 -17.32 -47.03
CA GLY F 52 -1.99 -17.46 -45.58
C GLY F 52 -0.65 -17.84 -44.96
N THR G 1 1.71 -6.98 -67.01
CA THR G 1 1.26 -5.98 -66.05
C THR G 1 1.23 -6.56 -64.61
N LEU G 2 0.28 -6.08 -63.81
CA LEU G 2 0.04 -6.59 -62.45
C LEU G 2 -1.47 -6.61 -62.17
N GLU G 3 -1.88 -7.49 -61.26
CA GLU G 3 -3.29 -7.58 -60.85
C GLU G 3 -3.47 -7.37 -59.36
N LYS G 4 -4.51 -6.62 -59.00
CA LYS G 4 -4.83 -6.32 -57.61
C LYS G 4 -6.15 -6.93 -57.16
N ASN G 5 -7.15 -6.89 -58.03
CA ASN G 5 -8.51 -7.31 -57.70
C ASN G 5 -9.07 -8.33 -58.67
N VAL G 6 -9.88 -9.24 -58.16
CA VAL G 6 -10.75 -10.03 -59.04
C VAL G 6 -12.19 -9.59 -58.79
N LEU G 7 -12.80 -9.02 -59.83
CA LEU G 7 -14.17 -8.55 -59.78
C LEU G 7 -15.10 -9.75 -59.75
N VAL G 8 -15.87 -9.86 -58.68
CA VAL G 8 -16.85 -10.94 -58.56
C VAL G 8 -18.26 -10.38 -58.78
N VAL G 9 -18.98 -11.02 -59.68
CA VAL G 9 -20.32 -10.58 -60.06
C VAL G 9 -21.24 -11.77 -60.32
N SER G 10 -22.33 -11.83 -59.55
CA SER G 10 -23.35 -12.83 -59.72
C SER G 10 -24.56 -12.14 -60.36
N VAL G 11 -25.20 -12.80 -61.33
CA VAL G 11 -26.34 -12.18 -62.04
C VAL G 11 -27.70 -12.54 -61.43
N VAL G 12 -27.89 -13.82 -61.12
CA VAL G 12 -29.09 -14.29 -60.43
C VAL G 12 -29.01 -13.85 -58.97
N THR G 13 -30.12 -13.30 -58.46
CA THR G 13 -30.15 -12.71 -57.12
C THR G 13 -30.10 -13.67 -55.94
N PRO G 14 -30.92 -14.77 -55.96
CA PRO G 14 -31.03 -15.64 -54.81
C PRO G 14 -29.90 -15.45 -53.80
N GLY G 15 -30.15 -14.56 -52.84
CA GLY G 15 -29.16 -14.10 -51.87
C GLY G 15 -28.01 -15.04 -51.61
N CYS G 16 -27.82 -15.36 -50.34
CA CYS G 16 -26.71 -16.19 -49.90
C CYS G 16 -27.13 -16.81 -48.58
N ASN G 17 -28.44 -17.01 -48.43
CA ASN G 17 -29.03 -17.47 -47.19
C ASN G 17 -29.82 -18.77 -47.36
N GLN G 18 -30.40 -18.96 -48.55
CA GLN G 18 -31.03 -20.22 -48.93
C GLN G 18 -29.96 -21.26 -49.37
N LEU G 19 -30.16 -22.52 -49.00
CA LEU G 19 -29.19 -23.58 -49.34
C LEU G 19 -29.41 -24.13 -50.74
N PRO G 20 -28.33 -24.68 -51.36
CA PRO G 20 -28.44 -25.13 -52.74
C PRO G 20 -29.37 -26.33 -52.89
N THR G 21 -29.95 -26.45 -54.09
CA THR G 21 -30.80 -27.60 -54.42
C THR G 21 -30.25 -28.29 -55.66
N LEU G 22 -30.95 -29.33 -56.09
CA LEU G 22 -30.57 -30.14 -57.25
C LEU G 22 -30.45 -29.29 -58.52
N GLU G 23 -31.40 -28.36 -58.68
CA GLU G 23 -31.55 -27.57 -59.91
C GLU G 23 -30.76 -26.26 -59.88
N SER G 24 -29.87 -26.09 -58.91
CA SER G 24 -29.03 -24.90 -58.80
C SER G 24 -28.02 -24.86 -59.93
N VAL G 25 -27.89 -23.69 -60.57
CA VAL G 25 -26.95 -23.52 -61.69
C VAL G 25 -25.58 -23.06 -61.19
N GLU G 26 -24.53 -23.72 -61.69
CA GLU G 26 -23.16 -23.43 -61.27
C GLU G 26 -22.34 -22.71 -62.35
N ASN G 27 -23.00 -22.33 -63.45
CA ASN G 27 -22.35 -21.61 -64.56
C ASN G 27 -21.48 -20.45 -64.07
N TYR G 28 -20.23 -20.43 -64.52
CA TYR G 28 -19.32 -19.33 -64.23
C TYR G 28 -18.31 -19.13 -65.35
N THR G 29 -17.74 -17.92 -65.43
CA THR G 29 -16.68 -17.61 -66.39
C THR G 29 -15.57 -16.80 -65.75
N LEU G 30 -14.34 -17.22 -66.01
CA LEU G 30 -13.14 -16.50 -65.57
C LEU G 30 -12.40 -15.88 -66.78
N THR G 31 -12.15 -14.58 -66.68
CA THR G 31 -11.60 -13.81 -67.78
C THR G 31 -10.47 -12.92 -67.26
N ILE G 32 -9.25 -13.40 -67.39
CA ILE G 32 -8.08 -12.66 -66.91
C ILE G 32 -7.19 -12.23 -68.07
N ASN G 33 -7.07 -10.92 -68.25
CA ASN G 33 -6.28 -10.32 -69.33
C ASN G 33 -5.67 -8.96 -68.94
N ASP G 34 -5.50 -8.08 -69.93
CA ASP G 34 -4.80 -6.82 -69.75
C ASP G 34 -5.73 -5.70 -69.30
N ASP G 35 -6.99 -5.81 -69.70
CA ASP G 35 -7.99 -4.83 -69.32
C ASP G 35 -8.68 -5.24 -68.04
N GLN G 36 -9.12 -6.50 -67.98
CA GLN G 36 -9.99 -6.98 -66.91
C GLN G 36 -9.50 -8.25 -66.26
N CYS G 37 -9.94 -8.45 -65.02
CA CYS G 37 -9.70 -9.65 -64.24
C CYS G 37 -11.01 -9.95 -63.51
N LEU G 38 -11.84 -10.80 -64.14
CA LEU G 38 -13.26 -10.84 -63.85
C LEU G 38 -13.81 -12.26 -63.66
N LEU G 39 -14.54 -12.47 -62.58
CA LEU G 39 -15.28 -13.72 -62.38
C LEU G 39 -16.74 -13.37 -62.60
N LEU G 40 -17.35 -14.02 -63.60
CA LEU G 40 -18.77 -13.84 -63.86
C LEU G 40 -19.54 -15.16 -63.72
N SER G 41 -20.35 -15.26 -62.68
CA SER G 41 -21.15 -16.45 -62.47
C SER G 41 -22.64 -16.12 -62.54
N GLU G 42 -23.42 -17.13 -62.88
CA GLU G 42 -24.86 -17.00 -62.93
C GLU G 42 -25.37 -16.89 -61.50
N THR G 43 -25.17 -17.95 -60.71
CA THR G 43 -25.60 -17.98 -59.31
C THR G 43 -24.41 -17.98 -58.36
N VAL G 44 -24.69 -17.64 -57.10
CA VAL G 44 -23.67 -17.54 -56.04
C VAL G 44 -22.87 -18.84 -55.87
N TRP G 45 -23.49 -19.97 -56.19
CA TRP G 45 -22.80 -21.26 -56.13
C TRP G 45 -21.75 -21.38 -57.22
N GLY G 46 -22.00 -20.73 -58.35
CA GLY G 46 -21.08 -20.69 -59.47
C GLY G 46 -19.84 -19.86 -59.16
N ALA G 47 -20.01 -18.81 -58.37
CA ALA G 47 -18.87 -17.98 -57.98
C ALA G 47 -17.86 -18.78 -57.15
N LEU G 48 -18.38 -19.51 -56.16
CA LEU G 48 -17.57 -20.39 -55.30
C LEU G 48 -16.70 -21.33 -56.13
N ARG G 49 -17.33 -21.96 -57.13
CA ARG G 49 -16.67 -22.89 -58.03
C ARG G 49 -15.61 -22.16 -58.82
N GLY G 50 -15.89 -20.89 -59.13
CA GLY G 50 -14.95 -20.01 -59.79
C GLY G 50 -13.73 -19.78 -58.92
N LEU G 51 -13.98 -19.25 -57.72
CA LEU G 51 -12.92 -19.00 -56.76
C LEU G 51 -11.94 -20.16 -56.65
N GLU G 52 -12.47 -21.38 -56.56
CA GLU G 52 -11.66 -22.58 -56.47
C GLU G 52 -10.73 -22.69 -57.67
N THR G 53 -11.31 -22.65 -58.87
CA THR G 53 -10.53 -22.70 -60.10
C THR G 53 -9.49 -21.60 -60.13
N PHE G 54 -9.89 -20.40 -59.74
CA PHE G 54 -8.98 -19.25 -59.68
C PHE G 54 -7.81 -19.55 -58.76
N SER G 55 -8.11 -20.06 -57.57
CA SER G 55 -7.07 -20.33 -56.57
C SER G 55 -6.08 -21.36 -57.09
N GLN G 56 -6.58 -22.29 -57.90
CA GLN G 56 -5.76 -23.32 -58.50
C GLN G 56 -4.89 -22.77 -59.62
N LEU G 57 -5.34 -21.68 -60.23
CA LEU G 57 -4.62 -21.07 -61.33
C LEU G 57 -3.41 -20.24 -60.89
N VAL G 58 -3.50 -19.60 -59.73
CA VAL G 58 -2.39 -18.82 -59.19
C VAL G 58 -1.21 -19.75 -58.90
N TRP G 59 0.00 -19.29 -59.22
CA TRP G 59 1.22 -20.05 -59.00
C TRP G 59 2.39 -19.13 -58.64
N LYS G 60 3.52 -19.71 -58.28
CA LYS G 60 4.71 -18.93 -57.93
C LYS G 60 5.99 -19.47 -58.60
N SER G 61 6.80 -18.56 -59.11
CA SER G 61 8.02 -18.90 -59.85
C SER G 61 9.14 -19.39 -58.92
N ALA G 62 10.24 -19.82 -59.51
CA ALA G 62 11.41 -20.27 -58.75
C ALA G 62 11.98 -19.14 -57.86
N GLU G 63 11.62 -17.91 -58.21
CA GLU G 63 12.02 -16.74 -57.44
C GLU G 63 11.13 -16.56 -56.21
N GLY G 64 9.96 -17.19 -56.24
CA GLY G 64 8.93 -17.02 -55.20
C GLY G 64 7.84 -16.03 -55.56
N THR G 65 7.85 -15.55 -56.80
CA THR G 65 6.94 -14.51 -57.25
C THR G 65 5.56 -15.06 -57.63
N PHE G 66 4.51 -14.42 -57.13
CA PHE G 66 3.14 -14.86 -57.40
C PHE G 66 2.65 -14.38 -58.75
N PHE G 67 2.21 -15.34 -59.57
CA PHE G 67 1.71 -15.03 -60.90
C PHE G 67 0.29 -15.56 -61.12
N ILE G 68 -0.36 -14.99 -62.14
CA ILE G 68 -1.57 -15.54 -62.70
C ILE G 68 -1.48 -15.27 -64.21
N ASN G 69 -1.87 -16.24 -65.02
CA ASN G 69 -1.76 -16.10 -66.47
C ASN G 69 -3.03 -15.62 -67.11
N LYS G 70 -2.90 -14.90 -68.23
CA LYS G 70 -4.08 -14.50 -68.99
C LYS G 70 -4.87 -15.76 -69.30
N THR G 71 -5.99 -15.90 -68.60
CA THR G 71 -6.81 -17.09 -68.72
C THR G 71 -8.24 -16.75 -69.11
N GLU G 72 -8.78 -17.52 -70.04
CA GLU G 72 -10.16 -17.39 -70.46
C GLU G 72 -10.87 -18.70 -70.17
N ILE G 73 -11.89 -18.66 -69.30
CA ILE G 73 -12.62 -19.87 -68.92
C ILE G 73 -14.14 -19.73 -69.03
N GLU G 74 -14.76 -20.76 -69.56
CA GLU G 74 -16.20 -20.91 -69.65
C GLU G 74 -16.49 -22.33 -69.17
N ASP G 75 -16.87 -22.44 -67.90
CA ASP G 75 -17.01 -23.74 -67.26
C ASP G 75 -18.40 -24.01 -66.67
N PHE G 76 -18.73 -25.29 -66.54
CA PHE G 76 -19.97 -25.73 -65.88
C PHE G 76 -19.90 -27.23 -65.58
N PRO G 77 -20.73 -27.71 -64.62
CA PRO G 77 -20.82 -29.14 -64.32
C PRO G 77 -21.48 -29.97 -65.42
N ARG G 78 -20.90 -31.12 -65.71
CA ARG G 78 -21.51 -32.07 -66.63
C ARG G 78 -22.75 -32.66 -65.97
N PHE G 79 -22.58 -33.16 -64.75
CA PHE G 79 -23.68 -33.69 -63.95
C PHE G 79 -23.98 -32.76 -62.77
N PRO G 80 -25.28 -32.53 -62.49
CA PRO G 80 -25.66 -31.67 -61.36
C PRO G 80 -25.47 -32.28 -59.97
N HIS G 81 -25.69 -33.59 -59.84
CA HIS G 81 -25.50 -34.29 -58.57
C HIS G 81 -24.08 -34.86 -58.50
N ARG G 82 -23.29 -34.36 -57.54
CA ARG G 82 -21.92 -34.83 -57.36
C ARG G 82 -21.62 -35.07 -55.88
N GLY G 83 -21.83 -36.31 -55.46
CA GLY G 83 -21.80 -36.65 -54.05
C GLY G 83 -20.60 -37.43 -53.55
N LEU G 84 -20.67 -37.77 -52.28
CA LEU G 84 -19.62 -38.50 -51.58
C LEU G 84 -20.22 -39.02 -50.27
N LEU G 85 -20.21 -40.34 -50.12
CA LEU G 85 -20.85 -41.00 -48.98
C LEU G 85 -19.88 -41.35 -47.87
N LEU G 86 -20.14 -40.83 -46.67
CA LEU G 86 -19.43 -41.22 -45.46
C LEU G 86 -20.32 -42.10 -44.58
N ASP G 87 -19.79 -43.25 -44.18
CA ASP G 87 -20.47 -44.11 -43.22
C ASP G 87 -20.06 -43.74 -41.80
N THR G 88 -20.99 -43.18 -41.04
CA THR G 88 -20.70 -42.75 -39.67
C THR G 88 -21.26 -43.72 -38.65
N SER G 89 -21.73 -44.87 -39.13
CA SER G 89 -22.27 -45.90 -38.26
C SER G 89 -21.25 -47.00 -38.00
N ARG G 90 -20.79 -47.63 -39.07
CA ARG G 90 -19.76 -48.66 -38.97
C ARG G 90 -18.61 -48.16 -38.11
N HIS G 91 -18.20 -46.93 -38.36
CA HIS G 91 -17.27 -46.22 -37.48
C HIS G 91 -17.73 -44.80 -37.29
N TYR G 92 -17.71 -44.35 -36.04
CA TYR G 92 -18.01 -42.97 -35.73
C TYR G 92 -16.97 -42.05 -36.35
N LEU G 93 -17.40 -40.87 -36.80
CA LEU G 93 -16.46 -39.88 -37.28
C LEU G 93 -16.67 -38.59 -36.52
N PRO G 94 -15.64 -38.15 -35.79
CA PRO G 94 -15.73 -36.89 -35.09
C PRO G 94 -16.18 -35.78 -36.04
N LEU G 95 -16.75 -34.72 -35.46
CA LEU G 95 -17.24 -33.60 -36.24
C LEU G 95 -16.18 -32.99 -37.16
N SER G 96 -14.97 -32.81 -36.62
CA SER G 96 -13.86 -32.22 -37.39
C SER G 96 -13.55 -33.01 -38.65
N SER G 97 -13.54 -34.33 -38.53
CA SER G 97 -13.35 -35.24 -39.66
C SER G 97 -14.34 -34.94 -40.77
N ILE G 98 -15.63 -34.83 -40.43
CA ILE G 98 -16.68 -34.51 -41.39
C ILE G 98 -16.50 -33.12 -41.96
N LEU G 99 -16.24 -32.16 -41.09
CA LEU G 99 -16.08 -30.77 -41.49
C LEU G 99 -14.91 -30.57 -42.45
N ASP G 100 -13.80 -31.23 -42.15
CA ASP G 100 -12.64 -31.23 -43.04
C ASP G 100 -12.99 -31.92 -44.34
N THR G 101 -13.75 -33.00 -44.25
CA THR G 101 -14.15 -33.76 -45.44
C THR G 101 -14.89 -32.86 -46.41
N LEU G 102 -15.74 -31.98 -45.88
CA LEU G 102 -16.45 -31.03 -46.71
C LEU G 102 -15.49 -30.09 -47.43
N ASP G 103 -14.51 -29.58 -46.68
CA ASP G 103 -13.48 -28.69 -47.23
C ASP G 103 -12.85 -29.25 -48.48
N VAL G 104 -12.50 -30.54 -48.43
CA VAL G 104 -11.85 -31.18 -49.56
C VAL G 104 -12.83 -31.41 -50.70
N MET G 105 -14.08 -31.73 -50.36
CA MET G 105 -15.12 -31.88 -51.37
C MET G 105 -15.20 -30.61 -52.20
N ALA G 106 -15.21 -29.47 -51.51
CA ALA G 106 -15.29 -28.14 -52.14
C ALA G 106 -14.19 -27.92 -53.18
N TYR G 107 -12.96 -28.30 -52.85
CA TYR G 107 -11.84 -28.20 -53.77
C TYR G 107 -12.11 -28.98 -55.05
N ASN G 108 -12.72 -30.16 -54.90
CA ASN G 108 -13.05 -31.03 -56.02
C ASN G 108 -14.35 -30.67 -56.74
N LYS G 109 -15.06 -29.71 -56.17
CA LYS G 109 -16.37 -29.24 -56.66
C LYS G 109 -17.52 -30.21 -56.40
N LEU G 110 -17.23 -31.33 -55.74
CA LEU G 110 -18.28 -32.25 -55.29
C LEU G 110 -19.28 -31.49 -54.43
N ASN G 111 -20.57 -31.63 -54.72
CA ASN G 111 -21.59 -30.77 -54.13
C ASN G 111 -22.70 -31.47 -53.33
N VAL G 112 -22.60 -32.78 -53.17
CA VAL G 112 -23.56 -33.54 -52.36
C VAL G 112 -22.86 -34.37 -51.29
N PHE G 113 -23.18 -34.10 -50.02
CA PHE G 113 -22.71 -34.93 -48.92
C PHE G 113 -23.78 -35.98 -48.59
N HIS G 114 -23.45 -37.24 -48.86
CA HIS G 114 -24.36 -38.34 -48.53
C HIS G 114 -24.01 -38.86 -47.14
N TRP G 115 -24.76 -38.38 -46.15
CA TRP G 115 -24.53 -38.79 -44.77
C TRP G 115 -25.26 -40.08 -44.47
N HIS G 116 -24.49 -41.15 -44.33
CA HIS G 116 -25.04 -42.43 -43.92
C HIS G 116 -24.86 -42.50 -42.42
N LEU G 117 -25.75 -41.84 -41.69
CA LEU G 117 -25.64 -41.70 -40.25
C LEU G 117 -25.69 -43.02 -39.51
N VAL G 118 -26.71 -43.82 -39.80
CA VAL G 118 -27.08 -44.95 -38.96
C VAL G 118 -27.19 -46.27 -39.71
N ASP G 119 -26.70 -47.34 -39.08
CA ASP G 119 -26.67 -48.67 -39.68
C ASP G 119 -26.58 -49.73 -38.58
N ASP G 120 -26.49 -51.00 -38.98
CA ASP G 120 -26.52 -52.12 -38.04
C ASP G 120 -25.73 -51.91 -36.73
N PRO G 121 -24.40 -51.68 -36.83
CA PRO G 121 -23.62 -51.68 -35.59
C PRO G 121 -23.65 -50.41 -34.72
N SER G 122 -24.37 -49.37 -35.15
CA SER G 122 -24.36 -48.07 -34.45
C SER G 122 -25.50 -47.14 -34.79
N PHE G 123 -25.96 -46.37 -33.81
CA PHE G 123 -26.93 -45.31 -34.03
C PHE G 123 -26.45 -44.01 -33.39
N PRO G 124 -25.51 -43.31 -34.06
CA PRO G 124 -24.84 -42.17 -33.43
C PRO G 124 -25.68 -40.89 -33.40
N TYR G 125 -26.78 -40.86 -34.13
CA TYR G 125 -27.60 -39.67 -34.24
C TYR G 125 -28.48 -39.46 -33.01
N GLU G 126 -28.34 -38.31 -32.35
CA GLU G 126 -29.22 -37.99 -31.22
C GLU G 126 -30.61 -37.54 -31.69
N SER G 127 -31.57 -38.45 -31.61
CA SER G 127 -32.97 -38.11 -31.88
C SER G 127 -33.59 -37.56 -30.61
N PHE G 128 -34.42 -36.53 -30.75
CA PHE G 128 -35.08 -35.95 -29.57
C PHE G 128 -36.55 -36.36 -29.41
N THR G 129 -37.13 -36.90 -30.48
CA THR G 129 -38.48 -37.44 -30.42
C THR G 129 -38.46 -38.85 -29.85
N PHE G 130 -37.36 -39.56 -30.09
CA PHE G 130 -37.18 -40.89 -29.55
C PHE G 130 -35.78 -41.00 -28.97
N PRO G 131 -35.49 -40.27 -27.87
CA PRO G 131 -34.16 -40.25 -27.28
C PRO G 131 -33.51 -41.62 -27.10
N GLU G 132 -34.33 -42.64 -26.88
CA GLU G 132 -33.84 -44.01 -26.66
C GLU G 132 -33.00 -44.58 -27.78
N LEU G 133 -33.36 -44.24 -29.03
CA LEU G 133 -32.63 -44.69 -30.21
C LEU G 133 -31.14 -44.47 -30.06
N MET G 134 -30.76 -43.24 -29.74
CA MET G 134 -29.36 -42.88 -29.56
C MET G 134 -28.78 -43.47 -28.28
N ARG G 135 -29.54 -43.39 -27.19
CA ARG G 135 -29.08 -43.79 -25.86
C ARG G 135 -28.69 -45.25 -25.75
N LYS G 136 -29.44 -46.11 -26.41
CA LYS G 136 -29.22 -47.54 -26.32
C LYS G 136 -28.68 -48.09 -27.64
N GLY G 137 -28.42 -47.20 -28.59
CA GLY G 137 -28.01 -47.61 -29.94
C GLY G 137 -26.66 -47.10 -30.40
N SER G 138 -26.13 -46.12 -29.70
CA SER G 138 -24.78 -45.59 -29.98
C SER G 138 -23.72 -46.52 -29.42
N TYR G 139 -22.47 -46.28 -29.79
CA TYR G 139 -21.35 -46.99 -29.17
C TYR G 139 -21.21 -46.48 -27.75
N ASN G 140 -21.18 -45.16 -27.61
CA ASN G 140 -21.15 -44.51 -26.31
C ASN G 140 -21.92 -43.20 -26.37
N PRO G 141 -23.07 -43.15 -25.67
CA PRO G 141 -24.08 -42.09 -25.67
C PRO G 141 -23.56 -40.71 -25.29
N VAL G 142 -22.24 -40.58 -25.17
CA VAL G 142 -21.60 -39.28 -24.93
C VAL G 142 -20.51 -38.98 -25.97
N THR G 143 -19.55 -39.90 -26.10
CA THR G 143 -18.34 -39.67 -26.91
C THR G 143 -18.54 -39.91 -28.42
N HIS G 144 -19.51 -40.76 -28.77
CA HIS G 144 -19.76 -41.13 -30.16
C HIS G 144 -21.17 -40.71 -30.60
N ILE G 145 -21.45 -39.43 -30.48
CA ILE G 145 -22.80 -38.86 -30.64
C ILE G 145 -22.84 -37.68 -31.60
N TYR G 146 -23.90 -37.59 -32.40
CA TYR G 146 -24.19 -36.38 -33.16
C TYR G 146 -25.39 -35.63 -32.57
N THR G 147 -25.08 -34.51 -31.90
CA THR G 147 -26.07 -33.66 -31.24
C THR G 147 -26.88 -32.87 -32.26
N ALA G 148 -27.93 -32.21 -31.78
CA ALA G 148 -28.70 -31.26 -32.58
C ALA G 148 -27.79 -30.12 -33.03
N GLN G 149 -26.96 -29.64 -32.11
CA GLN G 149 -25.94 -28.65 -32.39
C GLN G 149 -24.94 -29.10 -33.48
N ASP G 150 -24.59 -30.39 -33.46
CA ASP G 150 -23.69 -30.95 -34.45
C ASP G 150 -24.28 -30.87 -35.86
N VAL G 151 -25.48 -31.42 -36.02
CA VAL G 151 -26.11 -31.58 -37.32
C VAL G 151 -26.30 -30.27 -38.09
N LYS G 152 -26.55 -29.16 -37.39
CA LYS G 152 -26.75 -27.90 -38.10
C LYS G 152 -25.44 -27.21 -38.47
N GLU G 153 -24.41 -27.42 -37.65
CA GLU G 153 -23.07 -27.00 -38.02
C GLU G 153 -22.66 -27.67 -39.32
N VAL G 154 -22.85 -28.98 -39.37
CA VAL G 154 -22.59 -29.78 -40.56
C VAL G 154 -23.33 -29.24 -41.78
N ILE G 155 -24.60 -28.88 -41.58
CA ILE G 155 -25.45 -28.40 -42.67
C ILE G 155 -25.09 -26.96 -43.11
N GLU G 156 -24.83 -26.09 -42.14
CA GLU G 156 -24.41 -24.72 -42.44
C GLU G 156 -23.02 -24.65 -43.06
N TYR G 157 -22.08 -25.37 -42.47
CA TYR G 157 -20.72 -25.46 -42.98
C TYR G 157 -20.76 -25.89 -44.43
N ALA G 158 -21.44 -27.00 -44.71
CA ALA G 158 -21.58 -27.51 -46.05
C ALA G 158 -22.29 -26.53 -46.97
N ARG G 159 -23.15 -25.68 -46.41
CA ARG G 159 -23.88 -24.69 -47.21
C ARG G 159 -23.00 -23.53 -47.67
N LEU G 160 -22.05 -23.14 -46.84
CA LEU G 160 -21.11 -22.09 -47.23
C LEU G 160 -20.14 -22.56 -48.32
N ARG G 161 -20.13 -23.87 -48.56
CA ARG G 161 -19.28 -24.51 -49.57
C ARG G 161 -20.10 -25.02 -50.75
N GLY G 162 -21.39 -24.72 -50.74
CA GLY G 162 -22.32 -25.17 -51.78
C GLY G 162 -22.45 -26.68 -51.82
N ILE G 163 -22.76 -27.27 -50.67
CA ILE G 163 -22.90 -28.72 -50.60
C ILE G 163 -24.17 -29.11 -49.86
N ARG G 164 -24.99 -29.93 -50.52
CA ARG G 164 -26.24 -30.43 -49.98
C ARG G 164 -25.98 -31.62 -49.05
N VAL G 165 -26.60 -31.59 -47.88
CA VAL G 165 -26.53 -32.72 -46.97
C VAL G 165 -27.69 -33.66 -47.25
N LEU G 166 -27.38 -34.87 -47.70
CA LEU G 166 -28.38 -35.91 -47.96
C LEU G 166 -28.36 -36.98 -46.86
N ALA G 167 -29.30 -36.87 -45.93
CA ALA G 167 -29.38 -37.80 -44.81
C ALA G 167 -29.92 -39.14 -45.26
N GLU G 168 -29.36 -40.22 -44.73
CA GLU G 168 -29.84 -41.57 -45.02
C GLU G 168 -30.04 -42.37 -43.75
N PHE G 169 -31.30 -42.48 -43.34
CA PHE G 169 -31.67 -43.33 -42.23
C PHE G 169 -32.23 -44.63 -42.81
N ASP G 170 -31.32 -45.47 -43.28
CA ASP G 170 -31.61 -46.69 -44.05
C ASP G 170 -32.62 -47.63 -43.41
N THR G 171 -33.69 -47.91 -44.16
CA THR G 171 -34.81 -48.74 -43.70
C THR G 171 -35.36 -49.57 -44.88
N PRO G 172 -35.83 -50.81 -44.63
CA PRO G 172 -35.91 -51.55 -43.38
C PRO G 172 -34.71 -52.49 -43.14
N GLY G 173 -33.79 -52.53 -44.11
CA GLY G 173 -32.52 -53.22 -43.92
C GLY G 173 -31.56 -52.36 -43.13
N HIS G 174 -30.52 -52.97 -42.58
CA HIS G 174 -29.46 -52.28 -41.84
C HIS G 174 -29.99 -51.53 -40.63
N THR G 175 -30.80 -52.22 -39.83
CA THR G 175 -31.56 -51.56 -38.77
C THR G 175 -31.38 -52.13 -37.36
N LEU G 176 -30.40 -53.01 -37.20
CA LEU G 176 -30.13 -53.64 -35.90
C LEU G 176 -29.92 -52.64 -34.75
N SER G 177 -29.26 -51.51 -35.01
CA SER G 177 -28.99 -50.51 -33.99
C SER G 177 -30.26 -49.85 -33.43
N TRP G 178 -31.33 -49.93 -34.20
CA TRP G 178 -32.61 -49.33 -33.84
C TRP G 178 -33.35 -50.14 -32.76
N GLY G 179 -33.24 -51.47 -32.83
CA GLY G 179 -33.94 -52.37 -31.90
C GLY G 179 -33.96 -51.90 -30.46
N PRO G 180 -32.81 -52.05 -29.76
CA PRO G 180 -32.68 -51.51 -28.41
C PRO G 180 -33.09 -50.05 -28.38
N GLY G 181 -33.96 -49.68 -27.45
CA GLY G 181 -34.46 -48.32 -27.37
C GLY G 181 -35.90 -48.21 -27.79
N ILE G 182 -36.22 -48.70 -29.00
CA ILE G 182 -37.62 -48.80 -29.44
C ILE G 182 -38.07 -50.26 -29.62
N PRO G 183 -38.70 -50.83 -28.57
CA PRO G 183 -39.05 -52.24 -28.51
C PRO G 183 -40.11 -52.65 -29.54
N GLY G 184 -39.88 -53.80 -30.20
CA GLY G 184 -40.86 -54.37 -31.13
C GLY G 184 -40.70 -53.99 -32.58
N LEU G 185 -39.92 -52.95 -32.85
CA LEU G 185 -39.67 -52.46 -34.21
C LEU G 185 -38.98 -53.49 -35.11
N LEU G 186 -38.02 -54.22 -34.57
CA LEU G 186 -37.35 -55.26 -35.32
C LEU G 186 -38.15 -56.56 -35.29
N THR G 187 -38.04 -57.32 -36.37
CA THR G 187 -38.76 -58.57 -36.52
C THR G 187 -38.06 -59.68 -35.75
N PRO G 188 -38.75 -60.31 -34.77
CA PRO G 188 -38.18 -61.49 -34.12
C PRO G 188 -38.08 -62.69 -35.08
N CYS G 189 -36.94 -63.37 -35.07
CA CYS G 189 -36.71 -64.49 -35.96
C CYS G 189 -37.17 -65.80 -35.33
N TYR G 190 -37.25 -66.85 -36.16
CA TYR G 190 -37.75 -68.15 -35.74
C TYR G 190 -36.97 -69.34 -36.31
N SER G 191 -36.66 -70.28 -35.42
CA SER G 191 -36.06 -71.57 -35.81
C SER G 191 -37.14 -72.46 -36.46
N GLY G 192 -38.39 -72.24 -36.08
CA GLY G 192 -39.50 -72.97 -36.65
C GLY G 192 -40.79 -72.62 -35.94
N SER G 193 -40.75 -72.66 -34.62
CA SER G 193 -41.97 -72.51 -33.81
C SER G 193 -41.80 -71.55 -32.65
N GLU G 194 -40.64 -71.60 -32.00
CA GLU G 194 -40.30 -70.65 -30.94
C GLU G 194 -39.23 -69.67 -31.45
N PRO G 195 -39.18 -68.44 -30.90
CA PRO G 195 -38.18 -67.41 -31.23
C PRO G 195 -36.73 -67.91 -31.22
N SER G 196 -35.80 -67.04 -31.64
CA SER G 196 -34.40 -67.43 -31.83
C SER G 196 -33.38 -66.42 -31.30
N GLY G 197 -33.86 -65.41 -30.57
CA GLY G 197 -33.00 -64.36 -30.03
C GLY G 197 -32.66 -63.28 -31.04
N THR G 198 -32.14 -63.70 -32.19
CA THR G 198 -31.80 -62.83 -33.32
C THR G 198 -33.01 -62.06 -33.86
N PHE G 199 -32.77 -60.80 -34.25
CA PHE G 199 -33.80 -59.96 -34.88
C PHE G 199 -33.42 -59.68 -36.33
N GLY G 200 -34.38 -59.82 -37.23
CA GLY G 200 -34.18 -59.45 -38.64
C GLY G 200 -34.48 -57.98 -38.88
N PRO G 201 -34.98 -57.64 -40.09
CA PRO G 201 -35.34 -56.27 -40.49
C PRO G 201 -36.45 -55.66 -39.65
N VAL G 202 -36.91 -54.48 -40.06
CA VAL G 202 -38.04 -53.80 -39.42
C VAL G 202 -39.35 -54.58 -39.67
N ASN G 203 -40.14 -54.79 -38.62
CA ASN G 203 -41.41 -55.51 -38.76
C ASN G 203 -42.55 -54.66 -39.35
N PRO G 204 -42.93 -54.97 -40.61
CA PRO G 204 -44.01 -54.27 -41.27
C PRO G 204 -45.33 -55.04 -41.19
N SER G 205 -45.55 -55.70 -40.05
CA SER G 205 -46.84 -56.35 -39.78
C SER G 205 -47.54 -55.73 -38.57
N LEU G 206 -46.98 -54.65 -38.05
CA LEU G 206 -47.46 -54.05 -36.80
C LEU G 206 -47.80 -52.56 -36.96
N ASN G 207 -48.73 -52.10 -36.12
CA ASN G 207 -49.20 -50.72 -36.16
C ASN G 207 -48.15 -49.73 -35.65
N ASN G 208 -47.54 -50.06 -34.51
CA ASN G 208 -46.50 -49.23 -33.87
C ASN G 208 -45.33 -48.84 -34.79
N THR G 209 -45.02 -49.72 -35.74
CA THR G 209 -44.00 -49.49 -36.76
C THR G 209 -44.24 -48.19 -37.54
N TYR G 210 -45.45 -48.04 -38.08
CA TYR G 210 -45.79 -46.94 -38.99
C TYR G 210 -46.11 -45.63 -38.26
N GLU G 211 -46.35 -45.72 -36.95
CA GLU G 211 -46.54 -44.54 -36.12
C GLU G 211 -45.21 -44.04 -35.54
N PHE G 212 -44.22 -44.93 -35.50
CA PHE G 212 -42.84 -44.55 -35.17
C PHE G 212 -42.17 -43.87 -36.36
N MET G 213 -42.19 -44.55 -37.52
CA MET G 213 -41.64 -44.03 -38.77
C MET G 213 -42.20 -42.66 -39.09
N SER G 214 -43.50 -42.51 -38.85
CA SER G 214 -44.20 -41.25 -39.04
C SER G 214 -43.60 -40.11 -38.21
N THR G 215 -43.60 -40.27 -36.89
CA THR G 215 -43.20 -39.20 -35.98
C THR G 215 -41.69 -38.92 -36.05
N PHE G 216 -40.91 -39.99 -36.27
CA PHE G 216 -39.45 -39.89 -36.40
C PHE G 216 -39.04 -39.16 -37.67
N PHE G 217 -39.47 -39.68 -38.82
CA PHE G 217 -39.14 -39.08 -40.11
C PHE G 217 -39.66 -37.64 -40.29
N LEU G 218 -40.54 -37.21 -39.39
CA LEU G 218 -40.89 -35.80 -39.30
C LEU G 218 -39.66 -35.04 -38.80
N GLU G 219 -39.01 -35.55 -37.76
CA GLU G 219 -37.80 -34.94 -37.18
C GLU G 219 -36.67 -34.84 -38.19
N VAL G 220 -36.47 -35.93 -38.94
CA VAL G 220 -35.49 -35.97 -40.00
C VAL G 220 -35.78 -34.88 -41.04
N SER G 221 -37.01 -34.86 -41.55
CA SER G 221 -37.46 -33.84 -42.50
C SER G 221 -37.52 -32.45 -41.88
N SER G 222 -37.57 -32.37 -40.56
CA SER G 222 -37.50 -31.10 -39.84
C SER G 222 -36.07 -30.60 -39.82
N VAL G 223 -35.15 -31.48 -39.47
CA VAL G 223 -33.74 -31.12 -39.25
C VAL G 223 -32.98 -30.88 -40.56
N PHE G 224 -33.15 -31.76 -41.53
CA PHE G 224 -32.43 -31.68 -42.79
C PHE G 224 -33.19 -30.87 -43.83
N PRO G 225 -32.70 -29.65 -44.14
CA PRO G 225 -33.40 -28.68 -44.97
C PRO G 225 -33.41 -29.01 -46.47
N ASP G 226 -32.65 -30.01 -46.89
CA ASP G 226 -32.63 -30.37 -48.31
C ASP G 226 -33.94 -31.02 -48.71
N PHE G 227 -34.34 -30.80 -49.95
CA PHE G 227 -35.58 -31.37 -50.48
C PHE G 227 -35.55 -32.90 -50.51
N TYR G 228 -34.38 -33.48 -50.76
CA TYR G 228 -34.24 -34.93 -50.88
C TYR G 228 -33.73 -35.62 -49.62
N LEU G 229 -34.36 -36.74 -49.29
CA LEU G 229 -33.90 -37.64 -48.24
C LEU G 229 -33.62 -39.01 -48.85
N HIS G 230 -32.49 -39.62 -48.49
CA HIS G 230 -32.23 -40.99 -48.91
C HIS G 230 -32.89 -41.93 -47.92
N LEU G 231 -33.68 -42.86 -48.45
CA LEU G 231 -34.48 -43.73 -47.59
C LEU G 231 -33.97 -45.17 -47.56
N GLY G 232 -32.87 -45.43 -48.27
CA GLY G 232 -32.23 -46.73 -48.26
C GLY G 232 -32.90 -47.81 -49.10
N GLY G 233 -33.43 -48.83 -48.44
CA GLY G 233 -34.11 -49.95 -49.12
C GLY G 233 -33.18 -50.97 -49.77
N ASP G 234 -31.93 -51.03 -49.29
CA ASP G 234 -30.93 -51.91 -49.86
C ASP G 234 -30.72 -53.18 -49.04
N GLU G 235 -30.32 -54.26 -49.72
CA GLU G 235 -29.94 -55.54 -49.10
C GLU G 235 -30.97 -56.02 -48.08
N VAL G 236 -32.23 -56.11 -48.51
CA VAL G 236 -33.34 -56.47 -47.62
C VAL G 236 -33.56 -57.98 -47.57
N ASP G 237 -33.30 -58.57 -46.42
CA ASP G 237 -33.41 -60.02 -46.21
C ASP G 237 -34.83 -60.44 -45.85
N PHE G 238 -35.39 -61.36 -46.62
CA PHE G 238 -36.73 -61.90 -46.37
C PHE G 238 -36.71 -63.19 -45.53
N THR G 239 -35.51 -63.66 -45.18
CA THR G 239 -35.32 -64.88 -44.38
C THR G 239 -36.09 -64.81 -43.07
N CYS G 240 -35.72 -63.83 -42.24
CA CYS G 240 -36.35 -63.68 -40.94
C CYS G 240 -37.83 -63.37 -41.06
N TRP G 241 -38.20 -62.61 -42.08
CA TRP G 241 -39.60 -62.28 -42.36
C TRP G 241 -40.46 -63.53 -42.58
N LYS G 242 -39.92 -64.52 -43.28
CA LYS G 242 -40.68 -65.75 -43.58
C LYS G 242 -40.78 -66.67 -42.37
N SER G 243 -39.67 -66.78 -41.65
CA SER G 243 -39.60 -67.61 -40.45
C SER G 243 -40.59 -67.16 -39.38
N ASN G 244 -40.82 -65.86 -39.30
CA ASN G 244 -41.83 -65.30 -38.40
C ASN G 244 -43.23 -65.73 -38.83
N PRO G 245 -43.89 -66.55 -37.99
CA PRO G 245 -45.24 -67.08 -38.22
C PRO G 245 -46.34 -66.05 -37.99
N GLU G 246 -46.06 -65.04 -37.16
CA GLU G 246 -46.96 -63.91 -36.99
C GLU G 246 -47.06 -63.13 -38.30
N ILE G 247 -45.90 -62.83 -38.91
CA ILE G 247 -45.83 -62.19 -40.23
C ILE G 247 -46.41 -63.05 -41.35
N GLN G 248 -46.17 -64.36 -41.29
CA GLN G 248 -46.74 -65.33 -42.24
C GLN G 248 -48.25 -65.15 -42.38
N ASP G 249 -48.92 -64.91 -41.25
CA ASP G 249 -50.36 -64.70 -41.20
C ASP G 249 -50.80 -63.41 -41.89
N PHE G 250 -50.12 -62.30 -41.58
CA PHE G 250 -50.39 -61.00 -42.18
C PHE G 250 -50.33 -61.02 -43.72
N MET G 251 -49.38 -61.78 -44.28
CA MET G 251 -49.28 -61.93 -45.74
C MET G 251 -50.51 -62.57 -46.38
N ARG G 252 -51.25 -63.35 -45.59
CA ARG G 252 -52.50 -63.98 -46.04
C ARG G 252 -53.66 -62.99 -46.00
N LYS G 253 -53.65 -62.12 -45.00
CA LYS G 253 -54.66 -61.06 -44.86
C LYS G 253 -54.62 -60.10 -46.05
N LYS G 254 -53.41 -59.77 -46.49
CA LYS G 254 -53.20 -58.80 -47.57
C LYS G 254 -53.23 -59.45 -48.95
N GLY G 255 -53.46 -60.76 -48.98
CA GLY G 255 -53.45 -61.54 -50.21
C GLY G 255 -52.13 -61.47 -50.96
N PHE G 256 -51.04 -61.26 -50.24
CA PHE G 256 -49.72 -61.17 -50.87
C PHE G 256 -49.26 -62.54 -51.41
N GLY G 257 -49.07 -63.51 -50.52
CA GLY G 257 -48.80 -64.88 -50.95
C GLY G 257 -47.49 -65.48 -50.45
N GLU G 258 -46.51 -65.57 -51.34
CA GLU G 258 -45.20 -66.16 -51.03
C GLU G 258 -44.03 -65.38 -51.63
N ASP G 259 -44.31 -64.16 -52.11
CA ASP G 259 -43.28 -63.25 -52.59
C ASP G 259 -43.24 -61.99 -51.73
N PHE G 260 -42.18 -61.88 -50.94
CA PHE G 260 -42.06 -60.80 -49.97
C PHE G 260 -41.55 -59.51 -50.65
N LYS G 261 -41.33 -59.61 -51.97
CA LYS G 261 -40.97 -58.45 -52.79
C LYS G 261 -42.11 -57.44 -52.83
N GLN G 262 -43.35 -57.92 -52.71
CA GLN G 262 -44.49 -57.03 -52.55
C GLN G 262 -44.89 -56.78 -51.09
N LEU G 263 -44.27 -57.53 -50.17
CA LEU G 263 -44.38 -57.21 -48.75
C LEU G 263 -43.44 -56.07 -48.41
N GLU G 264 -42.22 -56.13 -48.96
CA GLU G 264 -41.26 -55.03 -48.89
C GLU G 264 -41.83 -53.82 -49.63
N SER G 265 -42.63 -54.11 -50.66
CA SER G 265 -43.32 -53.09 -51.44
C SER G 265 -44.29 -52.31 -50.56
N PHE G 266 -45.17 -53.01 -49.85
CA PHE G 266 -46.19 -52.38 -48.99
C PHE G 266 -45.56 -51.44 -47.95
N TYR G 267 -44.42 -51.84 -47.41
CA TYR G 267 -43.72 -51.02 -46.41
C TYR G 267 -43.18 -49.71 -47.00
N ILE G 268 -42.48 -49.82 -48.12
CA ILE G 268 -41.85 -48.66 -48.76
C ILE G 268 -42.91 -47.65 -49.20
N GLN G 269 -43.91 -48.13 -49.95
CA GLN G 269 -45.04 -47.33 -50.38
C GLN G 269 -45.58 -46.46 -49.25
N THR G 270 -45.86 -47.10 -48.12
CA THR G 270 -46.32 -46.41 -46.93
C THR G 270 -45.31 -45.35 -46.50
N LEU G 271 -44.05 -45.75 -46.37
CA LEU G 271 -43.00 -44.83 -45.96
C LEU G 271 -42.94 -43.65 -46.93
N LEU G 272 -42.92 -43.94 -48.23
CA LEU G 272 -42.82 -42.91 -49.26
C LEU G 272 -43.92 -41.85 -49.16
N ASP G 273 -45.11 -42.26 -48.74
CA ASP G 273 -46.18 -41.31 -48.46
C ASP G 273 -45.90 -40.49 -47.21
N ILE G 274 -45.25 -41.10 -46.23
CA ILE G 274 -44.95 -40.41 -44.97
C ILE G 274 -43.93 -39.29 -45.21
N VAL G 275 -42.94 -39.57 -46.05
CA VAL G 275 -41.89 -38.59 -46.37
C VAL G 275 -42.39 -37.50 -47.33
N SER G 276 -42.99 -37.93 -48.45
CA SER G 276 -43.51 -37.02 -49.46
C SER G 276 -44.50 -36.02 -48.87
N SER G 277 -45.25 -36.47 -47.87
CA SER G 277 -46.25 -35.65 -47.19
C SER G 277 -45.62 -34.52 -46.37
N TYR G 278 -44.31 -34.61 -46.10
CA TYR G 278 -43.61 -33.51 -45.44
C TYR G 278 -42.90 -32.61 -46.47
N GLY G 279 -43.26 -32.79 -47.73
CA GLY G 279 -42.72 -31.97 -48.81
C GLY G 279 -41.29 -32.35 -49.19
N LYS G 280 -40.93 -33.60 -48.94
CA LYS G 280 -39.59 -34.08 -49.22
C LYS G 280 -39.57 -35.03 -50.41
N GLY G 281 -38.50 -34.94 -51.20
CA GLY G 281 -38.23 -35.92 -52.26
C GLY G 281 -37.37 -37.02 -51.69
N TYR G 282 -37.19 -38.10 -52.44
CA TYR G 282 -36.49 -39.27 -51.92
C TYR G 282 -35.63 -40.05 -52.90
N VAL G 283 -34.41 -40.33 -52.46
CA VAL G 283 -33.49 -41.20 -53.19
C VAL G 283 -33.51 -42.57 -52.53
N VAL G 284 -33.45 -43.62 -53.34
CA VAL G 284 -33.53 -44.99 -52.82
C VAL G 284 -32.58 -45.96 -53.56
N TRP G 285 -32.10 -46.98 -52.84
CA TRP G 285 -31.15 -47.95 -53.41
C TRP G 285 -31.77 -48.86 -54.48
N GLN G 286 -30.92 -49.31 -55.40
CA GLN G 286 -31.34 -49.99 -56.62
C GLN G 286 -32.19 -51.26 -56.42
N GLU G 287 -32.18 -51.83 -55.22
CA GLU G 287 -32.98 -53.03 -54.91
C GLU G 287 -34.47 -52.74 -54.97
N VAL G 288 -34.85 -51.52 -54.62
CA VAL G 288 -36.27 -51.13 -54.64
C VAL G 288 -36.84 -51.25 -56.06
N PHE G 289 -36.11 -50.72 -57.04
CA PHE G 289 -36.52 -50.74 -58.44
C PHE G 289 -36.58 -52.17 -58.99
N ASP G 290 -35.54 -52.95 -58.73
CA ASP G 290 -35.43 -54.34 -59.21
C ASP G 290 -36.56 -55.21 -58.70
N ASN G 291 -36.85 -55.10 -57.40
CA ASN G 291 -37.92 -55.87 -56.78
C ASN G 291 -39.32 -55.32 -57.08
N LYS G 292 -39.37 -54.40 -58.04
CA LYS G 292 -40.60 -53.91 -58.67
C LYS G 292 -41.60 -53.28 -57.70
N VAL G 293 -41.08 -52.71 -56.62
CA VAL G 293 -41.90 -52.01 -55.63
C VAL G 293 -42.69 -50.89 -56.33
N LYS G 294 -43.96 -50.73 -55.96
CA LYS G 294 -44.77 -49.63 -56.47
C LYS G 294 -44.17 -48.31 -55.97
N ILE G 295 -43.69 -47.51 -56.91
CA ILE G 295 -42.78 -46.41 -56.60
C ILE G 295 -43.18 -45.12 -57.30
N GLN G 296 -43.24 -44.02 -56.53
CA GLN G 296 -43.53 -42.69 -57.06
C GLN G 296 -42.66 -42.39 -58.28
N PRO G 297 -43.26 -41.86 -59.37
CA PRO G 297 -42.49 -41.60 -60.60
C PRO G 297 -41.30 -40.66 -60.39
N ASP G 298 -41.42 -39.75 -59.42
CA ASP G 298 -40.38 -38.75 -59.16
C ASP G 298 -39.23 -39.22 -58.26
N THR G 299 -39.14 -40.53 -58.04
CA THR G 299 -38.12 -41.11 -57.19
C THR G 299 -36.80 -41.24 -57.95
N ILE G 300 -35.67 -41.17 -57.23
CA ILE G 300 -34.35 -41.34 -57.82
C ILE G 300 -33.66 -42.63 -57.35
N ILE G 301 -33.39 -43.51 -58.31
CA ILE G 301 -32.70 -44.76 -58.05
C ILE G 301 -31.20 -44.53 -58.05
N GLN G 302 -30.50 -45.23 -57.16
CA GLN G 302 -29.03 -45.21 -57.11
C GLN G 302 -28.47 -46.59 -57.42
N VAL G 303 -27.83 -46.70 -58.57
CA VAL G 303 -27.15 -47.92 -58.99
C VAL G 303 -25.87 -48.11 -58.19
N TRP G 304 -25.77 -49.23 -57.48
CA TRP G 304 -24.59 -49.52 -56.67
C TRP G 304 -24.04 -50.92 -56.87
N ARG G 305 -24.91 -51.85 -57.29
CA ARG G 305 -24.48 -53.22 -57.53
C ARG G 305 -23.76 -53.29 -58.86
N GLU G 306 -22.85 -54.25 -58.99
CA GLU G 306 -22.07 -54.37 -60.20
C GLU G 306 -22.69 -55.34 -61.21
N ASP G 307 -22.65 -56.63 -60.90
CA ASP G 307 -23.05 -57.67 -61.85
C ASP G 307 -24.48 -58.17 -61.68
N ILE G 308 -24.94 -58.24 -60.43
CA ILE G 308 -26.22 -58.85 -60.09
C ILE G 308 -27.20 -57.81 -59.50
N PRO G 309 -28.46 -57.78 -60.00
CA PRO G 309 -29.10 -58.70 -60.95
C PRO G 309 -28.57 -58.54 -62.38
N VAL G 310 -28.25 -57.32 -62.78
CA VAL G 310 -27.67 -57.08 -64.09
C VAL G 310 -26.39 -56.25 -63.95
N ASN G 311 -25.57 -56.27 -65.00
CA ASN G 311 -24.39 -55.41 -65.07
C ASN G 311 -24.78 -53.93 -64.93
N TYR G 312 -24.06 -53.21 -64.06
CA TYR G 312 -24.43 -51.85 -63.66
C TYR G 312 -24.71 -50.91 -64.83
N MET G 313 -24.02 -51.12 -65.95
CA MET G 313 -24.25 -50.34 -67.16
C MET G 313 -25.67 -50.54 -67.68
N LYS G 314 -26.11 -51.80 -67.67
CA LYS G 314 -27.46 -52.16 -68.10
C LYS G 314 -28.49 -51.69 -67.06
N GLU G 315 -28.09 -51.66 -65.79
CA GLU G 315 -28.94 -51.15 -64.71
C GLU G 315 -29.36 -49.70 -64.92
N LEU G 316 -28.41 -48.87 -65.37
CA LEU G 316 -28.69 -47.50 -65.75
C LEU G 316 -29.71 -47.45 -66.88
N GLU G 317 -29.49 -48.30 -67.88
CA GLU G 317 -30.37 -48.44 -69.02
C GLU G 317 -31.82 -48.79 -68.62
N LEU G 318 -31.97 -49.78 -67.74
CA LEU G 318 -33.28 -50.21 -67.26
C LEU G 318 -34.03 -49.11 -66.52
N VAL G 319 -33.32 -48.44 -65.60
CA VAL G 319 -33.89 -47.40 -64.74
C VAL G 319 -34.34 -46.19 -65.55
N THR G 320 -33.54 -45.81 -66.53
CA THR G 320 -33.86 -44.67 -67.39
C THR G 320 -34.97 -45.01 -68.40
N LYS G 321 -34.91 -46.20 -69.01
CA LYS G 321 -35.95 -46.61 -69.99
C LYS G 321 -37.34 -46.76 -69.34
N ALA G 322 -37.36 -47.04 -68.04
CA ALA G 322 -38.61 -47.08 -67.28
C ALA G 322 -38.97 -45.70 -66.70
N GLY G 323 -38.20 -44.68 -67.07
CA GLY G 323 -38.56 -43.29 -66.79
C GLY G 323 -37.91 -42.58 -65.60
N PHE G 324 -37.25 -43.34 -64.73
CA PHE G 324 -36.71 -42.80 -63.48
C PHE G 324 -35.36 -42.09 -63.62
N ARG G 325 -35.06 -41.21 -62.67
CA ARG G 325 -33.76 -40.56 -62.57
C ARG G 325 -32.79 -41.49 -61.82
N ALA G 326 -31.50 -41.43 -62.15
CA ALA G 326 -30.54 -42.38 -61.59
C ALA G 326 -29.21 -41.76 -61.12
N LEU G 327 -28.65 -42.36 -60.07
CA LEU G 327 -27.29 -42.06 -59.60
C LEU G 327 -26.38 -43.26 -59.84
N LEU G 328 -25.11 -42.98 -60.13
CA LEU G 328 -24.13 -44.03 -60.38
C LEU G 328 -23.11 -44.13 -59.24
N SER G 329 -23.07 -45.30 -58.58
CA SER G 329 -22.14 -45.52 -57.47
C SER G 329 -21.42 -46.86 -57.52
N ALA G 330 -21.87 -47.74 -58.42
CA ALA G 330 -21.33 -49.10 -58.55
C ALA G 330 -19.81 -49.19 -58.79
N PRO G 331 -19.30 -48.50 -59.83
CA PRO G 331 -17.87 -48.61 -60.14
C PRO G 331 -17.01 -47.66 -59.34
N TRP G 332 -17.63 -46.87 -58.47
CA TRP G 332 -16.91 -45.90 -57.66
C TRP G 332 -16.96 -46.29 -56.18
N TYR G 333 -16.36 -47.44 -55.90
CA TYR G 333 -16.26 -47.93 -54.53
C TYR G 333 -14.91 -47.68 -53.91
N LEU G 334 -14.88 -46.63 -53.08
CA LEU G 334 -13.65 -46.13 -52.47
C LEU G 334 -13.14 -47.04 -51.36
N ASN G 335 -14.05 -47.60 -50.57
CA ASN G 335 -13.66 -48.56 -49.52
C ASN G 335 -13.00 -49.82 -50.06
N ARG G 336 -13.43 -50.28 -51.24
CA ARG G 336 -12.86 -51.48 -51.88
C ARG G 336 -11.44 -51.29 -52.44
N ILE G 337 -10.47 -51.12 -51.54
CA ILE G 337 -9.09 -50.83 -51.89
C ILE G 337 -8.41 -51.97 -52.66
N SER G 338 -7.48 -51.63 -53.56
CA SER G 338 -6.77 -52.59 -54.38
C SER G 338 -5.44 -51.99 -54.80
N TYR G 339 -4.37 -52.78 -54.70
CA TYR G 339 -3.00 -52.30 -54.96
C TYR G 339 -2.87 -51.33 -56.14
N GLY G 340 -1.97 -50.36 -56.00
CA GLY G 340 -1.59 -49.52 -57.12
C GLY G 340 -2.63 -48.49 -57.50
N PRO G 341 -2.46 -47.84 -58.65
CA PRO G 341 -3.28 -46.69 -59.06
C PRO G 341 -4.68 -47.04 -59.58
N ASP G 342 -5.53 -47.58 -58.71
CA ASP G 342 -6.91 -47.89 -59.11
C ASP G 342 -7.75 -46.64 -59.35
N TRP G 343 -7.19 -45.48 -59.04
CA TRP G 343 -7.85 -44.21 -59.35
C TRP G 343 -8.17 -44.14 -60.83
N LYS G 344 -7.31 -44.77 -61.63
CA LYS G 344 -7.48 -44.80 -63.09
C LYS G 344 -8.74 -45.54 -63.48
N ASP G 345 -9.13 -46.51 -62.66
CA ASP G 345 -10.36 -47.30 -62.86
C ASP G 345 -11.59 -46.43 -62.69
N PHE G 346 -11.63 -45.71 -61.56
CA PHE G 346 -12.68 -44.74 -61.31
C PHE G 346 -12.74 -43.67 -62.39
N TYR G 347 -11.57 -43.20 -62.83
CA TYR G 347 -11.49 -42.12 -63.79
C TYR G 347 -12.06 -42.50 -65.15
N VAL G 348 -11.73 -43.71 -65.62
CA VAL G 348 -12.11 -44.17 -66.96
C VAL G 348 -13.62 -44.37 -67.14
N VAL G 349 -14.28 -44.96 -66.13
CA VAL G 349 -15.72 -45.18 -66.13
C VAL G 349 -16.51 -44.07 -66.82
N GLU G 350 -17.17 -44.40 -67.93
CA GLU G 350 -18.06 -43.46 -68.61
C GLU G 350 -19.52 -43.77 -68.28
N PRO G 351 -20.18 -42.86 -67.53
CA PRO G 351 -21.54 -43.05 -67.05
C PRO G 351 -22.58 -43.30 -68.13
N LEU G 352 -22.55 -42.51 -69.21
CA LEU G 352 -23.62 -42.53 -70.21
C LEU G 352 -23.49 -43.61 -71.30
N ALA G 353 -22.40 -44.38 -71.24
CA ALA G 353 -22.11 -45.42 -72.22
C ALA G 353 -23.05 -46.63 -72.14
N PHE G 354 -24.30 -46.42 -72.54
CA PHE G 354 -25.31 -47.48 -72.65
C PHE G 354 -26.32 -47.19 -73.77
N GLU G 355 -27.14 -48.19 -74.08
CA GLU G 355 -28.19 -48.09 -75.10
C GLU G 355 -29.36 -47.21 -74.62
N GLY G 356 -29.58 -46.08 -75.28
CA GLY G 356 -30.70 -45.20 -74.92
C GLY G 356 -30.78 -43.89 -75.68
N THR G 357 -31.99 -43.33 -75.75
CA THR G 357 -32.25 -42.03 -76.40
C THR G 357 -31.54 -40.89 -75.68
N PRO G 358 -31.38 -39.71 -76.32
CA PRO G 358 -30.83 -38.53 -75.65
C PRO G 358 -31.58 -38.11 -74.37
N GLU G 359 -32.91 -38.14 -74.43
CA GLU G 359 -33.77 -37.75 -73.31
C GLU G 359 -33.79 -38.81 -72.21
N GLN G 360 -33.65 -40.06 -72.62
CA GLN G 360 -33.48 -41.18 -71.69
C GLN G 360 -32.16 -41.04 -70.94
N LYS G 361 -31.09 -40.74 -71.68
CA LYS G 361 -29.74 -40.50 -71.14
C LYS G 361 -29.73 -39.29 -70.22
N ALA G 362 -30.64 -38.35 -70.47
CA ALA G 362 -30.77 -37.13 -69.66
C ALA G 362 -31.10 -37.43 -68.20
N LEU G 363 -31.77 -38.56 -67.97
CA LEU G 363 -32.23 -38.94 -66.63
C LEU G 363 -31.13 -39.30 -65.64
N VAL G 364 -29.88 -39.28 -66.10
CA VAL G 364 -28.73 -39.48 -65.20
C VAL G 364 -28.33 -38.12 -64.63
N ILE G 365 -28.68 -37.89 -63.37
CA ILE G 365 -28.38 -36.60 -62.71
C ILE G 365 -27.00 -36.57 -62.04
N GLY G 366 -26.28 -37.70 -62.11
CA GLY G 366 -24.92 -37.79 -61.60
C GLY G 366 -24.62 -39.09 -60.89
N GLY G 367 -23.90 -38.98 -59.77
CA GLY G 367 -23.58 -40.14 -58.93
C GLY G 367 -22.91 -39.79 -57.63
N GLU G 368 -22.43 -40.83 -56.92
CA GLU G 368 -21.72 -40.67 -55.66
C GLU G 368 -20.57 -41.65 -55.52
N ALA G 369 -19.48 -41.17 -54.91
CA ALA G 369 -18.35 -42.01 -54.54
C ALA G 369 -18.57 -42.44 -53.09
N CYS G 370 -18.41 -43.73 -52.82
CA CYS G 370 -18.88 -44.31 -51.56
C CYS G 370 -17.75 -44.82 -50.66
N MET G 371 -17.69 -44.25 -49.45
CA MET G 371 -16.70 -44.64 -48.45
C MET G 371 -17.35 -45.29 -47.23
N TRP G 372 -17.76 -46.55 -47.38
CA TRP G 372 -18.34 -47.32 -46.29
C TRP G 372 -17.34 -47.49 -45.13
N GLY G 373 -17.86 -47.63 -43.92
CA GLY G 373 -17.05 -47.49 -42.71
C GLY G 373 -16.43 -48.75 -42.12
N GLU G 374 -16.76 -49.92 -42.68
CA GLU G 374 -16.26 -51.21 -42.21
C GLU G 374 -14.79 -51.15 -41.75
N TYR G 375 -13.91 -50.76 -42.67
CA TYR G 375 -12.48 -50.70 -42.41
C TYR G 375 -11.97 -49.28 -42.58
N VAL G 376 -12.82 -48.32 -42.23
CA VAL G 376 -12.49 -46.91 -42.30
C VAL G 376 -12.99 -46.19 -41.06
N ASP G 377 -12.09 -45.46 -40.42
CA ASP G 377 -12.48 -44.49 -39.40
C ASP G 377 -11.54 -43.30 -39.41
N ASN G 378 -11.76 -42.39 -38.46
CA ASN G 378 -10.91 -41.23 -38.20
C ASN G 378 -9.43 -41.37 -38.61
N THR G 379 -8.88 -42.57 -38.42
CA THR G 379 -7.45 -42.83 -38.51
C THR G 379 -6.89 -42.91 -39.95
N ASN G 380 -7.67 -43.50 -40.86
CA ASN G 380 -7.22 -43.78 -42.23
C ASN G 380 -8.10 -43.17 -43.31
N LEU G 381 -9.13 -42.44 -42.89
CA LEU G 381 -10.14 -41.89 -43.78
C LEU G 381 -9.59 -40.97 -44.88
N VAL G 382 -8.83 -39.95 -44.46
CA VAL G 382 -8.35 -38.90 -45.37
C VAL G 382 -7.44 -39.41 -46.51
N PRO G 383 -6.36 -40.17 -46.19
CA PRO G 383 -5.55 -40.80 -47.23
C PRO G 383 -6.38 -41.69 -48.16
N ARG G 384 -7.17 -42.60 -47.59
CA ARG G 384 -8.04 -43.47 -48.39
C ARG G 384 -8.89 -42.65 -49.36
N LEU G 385 -9.56 -41.63 -48.83
CA LEU G 385 -10.42 -40.75 -49.60
C LEU G 385 -9.73 -40.05 -50.76
N TRP G 386 -8.68 -39.29 -50.47
CA TRP G 386 -8.05 -38.43 -51.46
C TRP G 386 -6.65 -38.92 -51.83
N PRO G 387 -6.22 -38.68 -53.08
CA PRO G 387 -6.93 -37.95 -54.13
C PRO G 387 -7.81 -38.85 -55.00
N ARG G 388 -7.91 -40.12 -54.61
CA ARG G 388 -8.65 -41.11 -55.38
C ARG G 388 -10.06 -40.63 -55.74
N ALA G 389 -10.83 -40.18 -54.74
CA ALA G 389 -12.17 -39.65 -54.99
C ALA G 389 -12.18 -38.52 -56.02
N GLY G 390 -11.09 -37.75 -56.09
CA GLY G 390 -10.95 -36.70 -57.09
C GLY G 390 -11.10 -37.18 -58.53
N ALA G 391 -10.75 -38.44 -58.76
CA ALA G 391 -10.97 -39.07 -60.06
C ALA G 391 -12.45 -39.09 -60.39
N VAL G 392 -13.27 -39.45 -59.39
CA VAL G 392 -14.73 -39.39 -59.53
C VAL G 392 -15.14 -37.96 -59.88
N ALA G 393 -14.71 -37.03 -59.02
CA ALA G 393 -15.05 -35.61 -59.13
C ALA G 393 -14.89 -35.01 -60.50
N GLU G 394 -13.80 -35.35 -61.19
CA GLU G 394 -13.58 -34.87 -62.55
C GLU G 394 -14.61 -35.47 -63.50
N ARG G 395 -14.83 -36.78 -63.38
CA ARG G 395 -15.74 -37.48 -64.28
C ARG G 395 -17.13 -36.87 -64.21
N LEU G 396 -17.50 -36.44 -63.01
CA LEU G 396 -18.83 -35.91 -62.77
C LEU G 396 -18.95 -34.42 -63.05
N TRP G 397 -17.81 -33.73 -63.18
CA TRP G 397 -17.83 -32.32 -63.54
C TRP G 397 -17.39 -32.06 -64.99
N SER G 398 -16.22 -32.58 -65.35
CA SER G 398 -15.57 -32.32 -66.63
C SER G 398 -16.24 -33.04 -67.81
N ASN G 399 -15.80 -32.68 -69.02
CA ASN G 399 -16.38 -33.19 -70.25
C ASN G 399 -16.14 -34.69 -70.46
N LYS G 400 -16.95 -35.29 -71.32
CA LYS G 400 -16.83 -36.70 -71.71
C LYS G 400 -15.53 -36.92 -72.46
N LEU G 401 -15.17 -35.94 -73.30
CA LEU G 401 -13.97 -36.03 -74.14
C LEU G 401 -12.66 -35.92 -73.34
N THR G 402 -12.72 -35.23 -72.20
CA THR G 402 -11.57 -35.16 -71.28
C THR G 402 -11.46 -36.49 -70.56
N SER G 403 -10.49 -37.30 -70.96
CA SER G 403 -10.34 -38.66 -70.42
C SER G 403 -8.97 -39.23 -70.74
N ASP G 404 -7.99 -38.37 -70.94
CA ASP G 404 -6.62 -38.82 -71.14
C ASP G 404 -5.99 -39.20 -69.80
N LEU G 405 -5.49 -40.43 -69.69
CA LEU G 405 -4.88 -40.89 -68.43
C LEU G 405 -3.51 -40.27 -68.13
N THR G 406 -2.85 -39.72 -69.14
CA THR G 406 -1.56 -39.08 -68.92
C THR G 406 -1.74 -37.60 -68.59
N PHE G 407 -2.73 -36.97 -69.21
CA PHE G 407 -3.11 -35.59 -68.88
C PHE G 407 -3.80 -35.56 -67.53
N ALA G 408 -4.55 -36.62 -67.22
CA ALA G 408 -5.21 -36.76 -65.92
C ALA G 408 -4.21 -36.96 -64.79
N TYR G 409 -3.22 -37.82 -65.02
CA TYR G 409 -2.19 -38.07 -64.04
C TYR G 409 -1.49 -36.77 -63.65
N GLU G 410 -1.01 -36.04 -64.66
CA GLU G 410 -0.20 -34.84 -64.45
C GLU G 410 -0.87 -33.86 -63.48
N ARG G 411 -2.08 -33.44 -63.83
CA ARG G 411 -2.85 -32.50 -63.01
C ARG G 411 -3.15 -33.02 -61.60
N LEU G 412 -3.60 -34.26 -61.49
CA LEU G 412 -3.99 -34.84 -60.20
C LEU G 412 -2.84 -34.88 -59.20
N SER G 413 -1.64 -35.20 -59.65
CA SER G 413 -0.45 -35.18 -58.77
C SER G 413 -0.12 -33.74 -58.34
N HIS G 414 -0.25 -32.81 -59.27
CA HIS G 414 -0.03 -31.39 -59.00
C HIS G 414 -1.09 -30.85 -58.05
N PHE G 415 -2.31 -31.38 -58.17
CA PHE G 415 -3.40 -31.09 -57.25
C PHE G 415 -3.08 -31.72 -55.90
N ARG G 416 -2.65 -32.99 -55.94
CA ARG G 416 -2.24 -33.74 -54.76
C ARG G 416 -1.19 -32.98 -53.96
N CYS G 417 -0.33 -32.24 -54.66
CA CYS G 417 0.68 -31.41 -53.99
C CYS G 417 0.04 -30.20 -53.35
N GLU G 418 -0.91 -29.61 -54.07
CA GLU G 418 -1.65 -28.46 -53.56
C GLU G 418 -2.49 -28.87 -52.34
N LEU G 419 -3.10 -30.05 -52.40
CA LEU G 419 -3.89 -30.57 -51.28
C LEU G 419 -3.05 -30.69 -50.01
N LEU G 420 -1.82 -31.17 -50.15
CA LEU G 420 -0.89 -31.21 -49.04
C LEU G 420 -0.70 -29.82 -48.46
N ARG G 421 -0.34 -28.86 -49.32
CA ARG G 421 -0.11 -27.48 -48.88
C ARG G 421 -1.33 -26.92 -48.15
N ARG G 422 -2.51 -27.37 -48.56
CA ARG G 422 -3.77 -26.93 -47.97
C ARG G 422 -4.07 -27.65 -46.66
N GLY G 423 -3.26 -28.65 -46.32
CA GLY G 423 -3.42 -29.36 -45.06
C GLY G 423 -4.03 -30.73 -45.17
N VAL G 424 -4.45 -31.10 -46.38
CA VAL G 424 -5.09 -32.39 -46.61
C VAL G 424 -4.04 -33.50 -46.58
N GLN G 425 -4.37 -34.60 -45.92
CA GLN G 425 -3.47 -35.76 -45.83
C GLN G 425 -3.69 -36.71 -47.02
N ALA G 426 -3.61 -36.17 -48.23
CA ALA G 426 -3.80 -36.96 -49.46
C ALA G 426 -2.66 -37.97 -49.67
N GLN G 427 -3.02 -39.15 -50.18
CA GLN G 427 -2.05 -40.21 -50.38
C GLN G 427 -1.45 -40.18 -51.81
N PRO G 428 -0.22 -40.71 -51.97
CA PRO G 428 0.51 -40.52 -53.23
C PRO G 428 -0.08 -41.30 -54.40
N LEU G 429 -0.04 -40.70 -55.58
CA LEU G 429 -0.47 -41.34 -56.82
C LEU G 429 0.50 -42.45 -57.25
N ASN G 430 1.79 -42.12 -57.24
CA ASN G 430 2.88 -43.01 -57.60
C ASN G 430 4.18 -42.47 -57.01
N VAL G 431 5.32 -43.08 -57.35
CA VAL G 431 6.64 -42.63 -56.84
C VAL G 431 6.93 -41.19 -57.18
N GLY G 432 7.55 -40.48 -56.25
CA GLY G 432 7.93 -39.08 -56.48
C GLY G 432 8.06 -38.25 -55.21
N PHE G 433 7.52 -37.04 -55.26
CA PHE G 433 7.57 -36.10 -54.13
C PHE G 433 6.80 -34.81 -54.43
N CYS G 434 6.37 -34.13 -53.37
CA CYS G 434 5.97 -32.72 -53.45
C CYS G 434 7.02 -31.92 -52.68
N GLU G 435 7.18 -30.64 -53.02
CA GLU G 435 8.25 -29.85 -52.43
C GLU G 435 8.17 -29.81 -50.90
N GLN G 436 7.09 -29.23 -50.40
CA GLN G 436 6.68 -29.40 -49.01
C GLN G 436 6.19 -30.84 -48.82
N GLU G 437 6.78 -31.57 -47.87
CA GLU G 437 6.29 -32.93 -47.59
C GLU G 437 5.39 -32.90 -46.35
N PHE G 438 4.28 -33.64 -46.40
CA PHE G 438 3.35 -33.74 -45.28
C PHE G 438 4.04 -34.26 -44.01
N GLU G 439 4.31 -33.34 -43.08
CA GLU G 439 4.67 -33.73 -41.72
C GLU G 439 3.72 -33.04 -40.74
N GLN G 440 2.91 -33.84 -40.06
CA GLN G 440 2.01 -33.30 -39.04
C GLN G 440 1.67 -34.32 -37.97
N PRO H 5 -4.99 -57.48 -19.94
CA PRO H 5 -5.80 -58.58 -20.47
C PRO H 5 -5.47 -58.89 -21.95
N ALA H 6 -5.45 -57.85 -22.79
CA ALA H 6 -5.11 -58.00 -24.20
C ALA H 6 -3.58 -57.95 -24.41
N LEU H 7 -2.94 -59.10 -24.26
CA LEU H 7 -1.49 -59.21 -24.46
C LEU H 7 -1.16 -59.45 -25.92
N TRP H 8 -0.24 -58.65 -26.44
CA TRP H 8 0.25 -58.80 -27.80
C TRP H 8 1.73 -58.41 -27.91
N PRO H 9 2.54 -59.23 -28.60
CA PRO H 9 2.17 -60.58 -29.02
C PRO H 9 1.97 -61.44 -27.79
N LEU H 10 1.22 -62.53 -27.95
CA LEU H 10 0.94 -63.43 -26.83
C LEU H 10 2.25 -64.07 -26.35
N PRO H 11 2.55 -63.91 -25.05
CA PRO H 11 3.77 -64.47 -24.44
C PRO H 11 3.89 -65.99 -24.60
N LEU H 12 5.04 -66.54 -24.22
CA LEU H 12 5.24 -67.99 -24.23
C LEU H 12 4.32 -68.66 -23.19
N SER H 13 4.47 -68.26 -21.91
CA SER H 13 3.72 -68.85 -20.81
C SER H 13 3.07 -67.81 -19.90
N VAL H 14 1.74 -67.84 -19.81
CA VAL H 14 0.99 -66.95 -18.92
C VAL H 14 0.13 -67.76 -17.93
N LYS H 15 0.18 -67.38 -16.66
CA LYS H 15 -0.64 -68.01 -15.62
C LYS H 15 -1.45 -66.96 -14.87
N MET H 16 -2.70 -66.78 -15.29
CA MET H 16 -3.55 -65.69 -14.80
C MET H 16 -4.48 -66.07 -13.64
N THR H 17 -4.41 -65.28 -12.57
CA THR H 17 -5.25 -65.52 -11.40
C THR H 17 -6.32 -64.43 -11.22
N PRO H 18 -7.52 -64.84 -10.78
CA PRO H 18 -8.64 -63.94 -10.46
C PRO H 18 -8.33 -62.84 -9.43
N ASN H 19 -7.32 -63.05 -8.58
CA ASN H 19 -6.96 -62.08 -7.55
C ASN H 19 -6.48 -60.74 -8.13
N LEU H 20 -7.17 -59.67 -7.76
CA LEU H 20 -6.87 -58.33 -8.29
C LEU H 20 -5.83 -57.60 -7.46
N LEU H 21 -5.12 -56.67 -8.09
CA LEU H 21 -4.20 -55.75 -7.38
C LEU H 21 -4.29 -54.33 -7.94
N HIS H 22 -3.95 -53.36 -7.10
CA HIS H 22 -4.11 -51.95 -7.47
C HIS H 22 -2.80 -51.16 -7.39
N LEU H 23 -2.72 -50.07 -8.14
CA LEU H 23 -1.51 -49.25 -8.21
C LEU H 23 -1.82 -47.77 -7.99
N ALA H 24 -0.89 -47.06 -7.38
CA ALA H 24 -1.07 -45.64 -7.07
C ALA H 24 -0.07 -44.77 -7.85
N PRO H 25 -0.54 -44.11 -8.93
CA PRO H 25 0.27 -43.32 -9.85
C PRO H 25 1.44 -42.61 -9.18
N GLU H 26 1.14 -41.73 -8.24
CA GLU H 26 2.17 -40.93 -7.58
C GLU H 26 2.71 -41.58 -6.32
N ASN H 27 2.87 -42.91 -6.37
CA ASN H 27 3.42 -43.71 -5.27
C ASN H 27 3.98 -45.04 -5.79
N PHE H 28 3.67 -45.37 -7.04
CA PHE H 28 4.22 -46.55 -7.71
C PHE H 28 5.58 -46.23 -8.35
N TYR H 29 6.55 -47.11 -8.15
CA TYR H 29 7.91 -46.87 -8.65
C TYR H 29 8.52 -48.07 -9.37
N ILE H 30 9.34 -47.78 -10.38
CA ILE H 30 10.05 -48.82 -11.11
C ILE H 30 11.56 -48.63 -10.95
N SER H 31 12.13 -49.31 -9.96
CA SER H 31 13.56 -49.19 -9.69
C SER H 31 14.32 -50.51 -9.88
N HIS H 32 15.63 -50.46 -9.65
CA HIS H 32 16.49 -51.63 -9.80
C HIS H 32 16.53 -52.45 -8.52
N SER H 33 16.64 -53.77 -8.68
CA SER H 33 16.81 -54.69 -7.57
C SER H 33 18.25 -54.61 -7.02
N PRO H 34 18.40 -54.54 -5.68
CA PRO H 34 19.71 -54.45 -5.00
C PRO H 34 20.74 -55.47 -5.48
N ASN H 35 20.29 -56.61 -5.99
CA ASN H 35 21.20 -57.57 -6.60
C ASN H 35 21.01 -57.72 -8.11
N SER H 36 21.14 -56.58 -8.81
CA SER H 36 21.11 -56.55 -10.27
C SER H 36 22.46 -56.06 -10.78
N THR H 37 22.85 -56.52 -11.96
CA THR H 37 24.07 -56.05 -12.60
C THR H 37 23.84 -54.73 -13.34
N ALA H 38 22.92 -53.92 -12.82
CA ALA H 38 22.54 -52.64 -13.40
C ALA H 38 21.85 -51.75 -12.38
N GLY H 39 22.53 -50.68 -11.97
CA GLY H 39 21.96 -49.71 -11.03
C GLY H 39 21.42 -48.49 -11.76
N PRO H 40 21.40 -47.33 -11.07
CA PRO H 40 20.91 -46.06 -11.63
C PRO H 40 21.79 -45.54 -12.76
N SER H 41 23.09 -45.83 -12.70
CA SER H 41 24.05 -45.38 -13.70
C SER H 41 23.78 -45.93 -15.12
N CYS H 42 22.64 -46.60 -15.31
CA CYS H 42 22.27 -47.16 -16.60
C CYS H 42 21.20 -46.33 -17.27
N THR H 43 21.63 -45.49 -18.21
CA THR H 43 20.74 -44.57 -18.92
C THR H 43 19.55 -45.30 -19.54
N LEU H 44 19.84 -46.33 -20.34
CA LEU H 44 18.82 -47.04 -21.08
C LEU H 44 17.61 -47.44 -20.22
N LEU H 45 17.88 -47.96 -19.02
CA LEU H 45 16.80 -48.37 -18.14
C LEU H 45 16.12 -47.18 -17.50
N GLU H 46 16.90 -46.23 -17.00
CA GLU H 46 16.33 -45.03 -16.36
C GLU H 46 15.42 -44.26 -17.33
N GLU H 47 15.81 -44.21 -18.60
CA GLU H 47 14.98 -43.61 -19.64
C GLU H 47 13.70 -44.39 -19.88
N ALA H 48 13.80 -45.71 -19.89
CA ALA H 48 12.64 -46.57 -20.08
C ALA H 48 11.73 -46.54 -18.85
N PHE H 49 12.33 -46.47 -17.66
CA PHE H 49 11.56 -46.42 -16.41
C PHE H 49 10.66 -45.19 -16.36
N ARG H 50 11.16 -44.07 -16.88
CA ARG H 50 10.34 -42.89 -17.04
C ARG H 50 9.30 -43.16 -18.11
N ARG H 51 9.77 -43.46 -19.33
CA ARG H 51 8.89 -43.68 -20.48
C ARG H 51 7.63 -44.46 -20.12
N TYR H 52 7.81 -45.68 -19.61
CA TYR H 52 6.68 -46.56 -19.32
C TYR H 52 5.77 -46.06 -18.22
N HIS H 53 6.35 -45.51 -17.15
CA HIS H 53 5.55 -44.91 -16.09
C HIS H 53 4.57 -43.91 -16.69
N GLY H 54 4.88 -43.46 -17.90
CA GLY H 54 3.95 -42.69 -18.70
C GLY H 54 2.84 -43.57 -19.21
N TYR H 55 3.19 -44.56 -20.03
CA TYR H 55 2.22 -45.43 -20.69
C TYR H 55 1.26 -46.08 -19.71
N ILE H 56 1.83 -46.75 -18.71
CA ILE H 56 1.07 -47.46 -17.68
C ILE H 56 -0.10 -46.62 -17.17
N PHE H 57 0.13 -45.34 -16.88
CA PHE H 57 -0.93 -44.47 -16.40
C PHE H 57 -1.44 -43.53 -17.52
N GLY H 58 -0.95 -42.30 -17.51
CA GLY H 58 -1.34 -41.30 -18.50
C GLY H 58 -0.52 -40.02 -18.32
N THR I 1 -3.49 -55.74 -1.29
CA THR I 1 -4.23 -55.30 -2.46
C THR I 1 -3.43 -54.31 -3.33
N GLN I 2 -2.35 -53.75 -2.77
CA GLN I 2 -1.57 -52.71 -3.46
C GLN I 2 -0.15 -53.11 -3.86
N VAL I 3 0.11 -53.06 -5.16
CA VAL I 3 1.48 -53.16 -5.68
C VAL I 3 2.09 -51.77 -5.60
N GLN I 4 3.28 -51.70 -5.01
CA GLN I 4 3.96 -50.42 -4.79
C GLN I 4 5.15 -50.24 -5.72
N GLN I 5 5.71 -51.36 -6.18
CA GLN I 5 7.00 -51.32 -6.83
C GLN I 5 7.21 -52.47 -7.82
N LEU I 6 7.73 -52.13 -8.99
CA LEU I 6 8.28 -53.13 -9.89
C LEU I 6 9.80 -53.05 -9.83
N LEU I 7 10.42 -54.09 -9.27
CA LEU I 7 11.86 -54.22 -9.26
C LEU I 7 12.33 -54.86 -10.56
N VAL I 8 13.22 -54.17 -11.25
CA VAL I 8 13.87 -54.74 -12.42
C VAL I 8 15.23 -55.34 -12.03
N SER I 9 15.33 -56.65 -12.16
CA SER I 9 16.58 -57.36 -11.90
C SER I 9 17.15 -57.90 -13.20
N ILE I 10 18.38 -57.49 -13.49
CA ILE I 10 19.13 -58.05 -14.61
C ILE I 10 20.09 -59.07 -14.04
N THR I 11 20.05 -60.28 -14.59
CA THR I 11 20.79 -61.41 -14.05
C THR I 11 22.24 -61.44 -14.57
N LEU I 12 22.39 -61.52 -15.89
CA LEU I 12 23.73 -61.57 -16.50
C LEU I 12 24.36 -60.18 -16.62
N GLN I 13 25.41 -60.06 -17.44
CA GLN I 13 26.00 -58.76 -17.76
C GLN I 13 24.99 -57.97 -18.58
N SER I 14 24.64 -56.78 -18.10
CA SER I 14 23.46 -56.07 -18.58
C SER I 14 23.49 -55.68 -20.06
N GLU I 15 24.67 -55.39 -20.60
CA GLU I 15 24.82 -54.84 -21.96
C GLU I 15 24.10 -53.48 -22.07
N CYS I 16 24.01 -52.76 -20.96
CA CYS I 16 23.30 -51.48 -20.86
C CYS I 16 23.77 -50.50 -21.94
N ASP I 17 25.07 -50.38 -22.11
CA ASP I 17 25.68 -49.39 -23.01
C ASP I 17 26.01 -49.94 -24.40
N ALA I 18 25.39 -51.05 -24.79
CA ALA I 18 25.68 -51.69 -26.06
C ALA I 18 24.59 -51.47 -27.09
N PHE I 19 24.88 -51.74 -28.36
CA PHE I 19 23.84 -51.84 -29.39
C PHE I 19 23.45 -53.31 -29.50
N PRO I 20 22.15 -53.60 -29.69
CA PRO I 20 21.75 -54.99 -29.79
C PRO I 20 22.17 -55.60 -31.14
N ASN I 21 22.60 -56.85 -31.09
CA ASN I 21 22.87 -57.63 -32.30
C ASN I 21 21.82 -58.74 -32.45
N ILE I 22 22.09 -59.68 -33.34
CA ILE I 22 21.14 -60.76 -33.62
C ILE I 22 21.10 -61.79 -32.48
N SER I 23 22.21 -61.94 -31.79
CA SER I 23 22.34 -62.91 -30.69
C SER I 23 22.13 -62.25 -29.32
N SER I 24 21.18 -61.34 -29.25
CA SER I 24 20.93 -60.58 -28.02
C SER I 24 19.74 -61.16 -27.27
N ASP I 25 19.98 -61.64 -26.05
CA ASP I 25 18.96 -62.35 -25.28
C ASP I 25 17.83 -61.44 -24.80
N GLU I 26 16.63 -61.71 -25.29
CA GLU I 26 15.46 -60.87 -25.04
C GLU I 26 14.45 -61.52 -24.08
N SER I 27 14.76 -62.72 -23.61
CA SER I 27 13.89 -63.45 -22.69
C SER I 27 13.75 -62.74 -21.35
N TYR I 28 12.60 -62.91 -20.71
CA TYR I 28 12.31 -62.31 -19.40
C TYR I 28 11.25 -63.11 -18.61
N THR I 29 11.33 -63.02 -17.28
CA THR I 29 10.28 -63.54 -16.41
C THR I 29 9.69 -62.40 -15.58
N LEU I 30 8.36 -62.34 -15.54
CA LEU I 30 7.65 -61.28 -14.85
C LEU I 30 6.68 -61.82 -13.79
N LEU I 31 6.96 -61.50 -12.53
CA LEU I 31 6.11 -61.88 -11.41
C LEU I 31 5.31 -60.68 -10.93
N VAL I 32 3.99 -60.86 -10.83
CA VAL I 32 3.10 -59.83 -10.29
C VAL I 32 2.43 -60.31 -9.01
N LYS I 33 2.76 -59.65 -7.90
CA LYS I 33 2.22 -59.96 -6.58
C LYS I 33 2.36 -58.73 -5.69
N GLU I 34 1.71 -58.75 -4.53
CA GLU I 34 1.87 -57.68 -3.57
C GLU I 34 2.94 -58.06 -2.54
N PRO I 35 3.61 -57.05 -1.93
CA PRO I 35 3.50 -55.62 -2.24
C PRO I 35 4.53 -55.14 -3.28
N VAL I 36 5.28 -56.07 -3.85
CA VAL I 36 6.39 -55.75 -4.74
C VAL I 36 6.44 -56.72 -5.91
N ALA I 37 6.13 -56.20 -7.10
CA ALA I 37 6.24 -56.96 -8.34
C ALA I 37 7.71 -57.06 -8.79
N VAL I 38 8.08 -58.16 -9.44
CA VAL I 38 9.48 -58.37 -9.85
C VAL I 38 9.62 -58.78 -11.33
N LEU I 39 10.30 -57.94 -12.10
CA LEU I 39 10.74 -58.31 -13.44
C LEU I 39 12.20 -58.77 -13.37
N LYS I 40 12.50 -59.86 -14.04
CA LYS I 40 13.84 -60.44 -14.03
C LYS I 40 14.19 -60.91 -15.43
N ALA I 41 15.36 -60.48 -15.92
CA ALA I 41 15.80 -60.84 -17.27
C ALA I 41 17.32 -60.86 -17.39
N ASN I 42 17.82 -61.84 -18.14
CA ASN I 42 19.26 -62.02 -18.34
C ASN I 42 19.97 -60.76 -18.80
N ARG I 43 19.42 -60.13 -19.82
CA ARG I 43 19.98 -58.92 -20.40
C ARG I 43 18.98 -57.79 -20.29
N VAL I 44 19.46 -56.59 -20.64
CA VAL I 44 18.66 -55.38 -20.64
C VAL I 44 17.47 -55.44 -21.60
N TRP I 45 17.69 -56.10 -22.74
CA TRP I 45 16.67 -56.22 -23.79
C TRP I 45 15.47 -57.07 -23.38
N GLY I 46 15.67 -57.90 -22.34
CA GLY I 46 14.58 -58.67 -21.76
C GLY I 46 13.72 -57.77 -20.90
N ALA I 47 14.37 -56.99 -20.03
CA ALA I 47 13.70 -56.00 -19.21
C ALA I 47 12.93 -55.03 -20.09
N LEU I 48 13.47 -54.74 -21.27
CA LEU I 48 12.80 -53.90 -22.27
C LEU I 48 11.50 -54.52 -22.77
N ARG I 49 11.56 -55.76 -23.24
CA ARG I 49 10.36 -56.45 -23.70
C ARG I 49 9.38 -56.66 -22.55
N GLY I 50 9.93 -56.91 -21.36
CA GLY I 50 9.14 -57.16 -20.16
C GLY I 50 8.30 -55.98 -19.75
N LEU I 51 8.93 -54.80 -19.73
CA LEU I 51 8.26 -53.55 -19.35
C LEU I 51 7.06 -53.26 -20.24
N GLU I 52 7.21 -53.54 -21.54
CA GLU I 52 6.13 -53.37 -22.51
C GLU I 52 4.96 -54.29 -22.17
N THR I 53 5.29 -55.54 -21.84
CA THR I 53 4.29 -56.53 -21.50
C THR I 53 3.67 -56.20 -20.16
N PHE I 54 4.42 -55.51 -19.30
CA PHE I 54 3.90 -55.12 -18.01
C PHE I 54 2.85 -54.03 -18.15
N SER I 55 3.13 -53.05 -19.01
CA SER I 55 2.17 -51.98 -19.28
C SER I 55 0.88 -52.59 -19.84
N GLN I 56 1.06 -53.63 -20.65
CA GLN I 56 -0.05 -54.35 -21.26
C GLN I 56 -0.90 -55.09 -20.24
N LEU I 57 -0.52 -55.03 -18.96
CA LEU I 57 -1.27 -55.73 -17.92
C LEU I 57 -2.11 -54.80 -17.07
N VAL I 58 -1.59 -53.62 -16.76
CA VAL I 58 -2.34 -52.62 -16.02
C VAL I 58 -3.52 -52.14 -16.85
N TYR I 59 -4.67 -51.95 -16.19
CA TYR I 59 -5.88 -51.39 -16.79
C TYR I 59 -6.63 -50.59 -15.74
N GLN I 60 -7.65 -49.85 -16.16
CA GLN I 60 -8.52 -49.17 -15.22
C GLN I 60 -9.83 -49.93 -15.19
N ASP I 61 -10.40 -50.13 -14.00
CA ASP I 61 -11.71 -50.76 -13.90
C ASP I 61 -12.80 -49.75 -14.25
N SER I 62 -14.05 -50.11 -13.97
CA SER I 62 -15.22 -49.25 -14.25
C SER I 62 -15.16 -47.89 -13.55
N TYR I 63 -14.34 -47.78 -12.50
CA TYR I 63 -14.26 -46.58 -11.68
C TYR I 63 -12.93 -45.86 -11.83
N GLY I 64 -12.16 -46.25 -12.85
CA GLY I 64 -10.89 -45.59 -13.16
C GLY I 64 -9.73 -46.13 -12.36
N THR I 65 -10.04 -46.97 -11.38
CA THR I 65 -9.04 -47.56 -10.49
C THR I 65 -8.02 -48.39 -11.27
N PHE I 66 -6.76 -47.92 -11.28
CA PHE I 66 -5.67 -48.63 -11.95
C PHE I 66 -5.51 -50.01 -11.31
N THR I 67 -5.69 -51.05 -12.11
CA THR I 67 -5.82 -52.41 -11.61
C THR I 67 -4.96 -53.40 -12.39
N ILE I 68 -4.63 -54.53 -11.77
CA ILE I 68 -3.85 -55.59 -12.40
C ILE I 68 -4.09 -56.93 -11.67
N ASN I 69 -4.53 -57.94 -12.41
CA ASN I 69 -4.67 -59.30 -11.87
C ASN I 69 -3.28 -59.91 -11.61
N GLU I 70 -3.00 -60.31 -10.38
CA GLU I 70 -1.71 -60.92 -10.02
C GLU I 70 -1.45 -62.17 -10.86
N SER I 71 -0.21 -62.34 -11.31
CA SER I 71 0.11 -63.37 -12.30
C SER I 71 1.58 -63.77 -12.32
N THR I 72 1.93 -64.53 -13.36
CA THR I 72 3.28 -65.02 -13.57
C THR I 72 3.52 -65.23 -15.05
N ILE I 73 4.53 -64.54 -15.59
CA ILE I 73 4.84 -64.58 -17.02
C ILE I 73 6.25 -65.11 -17.30
N ILE I 74 6.36 -66.17 -18.10
CA ILE I 74 7.63 -66.62 -18.67
C ILE I 74 7.57 -66.42 -20.19
N ASP I 75 8.42 -65.56 -20.71
CA ASP I 75 8.38 -65.19 -22.13
C ASP I 75 9.77 -65.09 -22.78
N SER I 76 9.83 -65.42 -24.07
CA SER I 76 11.01 -65.24 -24.91
C SER I 76 10.60 -65.40 -26.39
N PRO I 77 11.35 -64.76 -27.32
CA PRO I 77 10.96 -64.79 -28.73
C PRO I 77 11.15 -66.15 -29.38
N ARG I 78 10.22 -66.51 -30.25
CA ARG I 78 10.34 -67.73 -31.05
C ARG I 78 11.31 -67.49 -32.21
N PHE I 79 11.51 -66.23 -32.57
CA PHE I 79 12.52 -65.84 -33.55
C PHE I 79 13.29 -64.61 -33.11
N SER I 80 14.57 -64.55 -33.49
CA SER I 80 15.46 -63.45 -33.09
C SER I 80 15.48 -62.28 -34.09
N HIS I 81 15.04 -62.52 -35.32
CA HIS I 81 15.00 -61.47 -36.35
C HIS I 81 13.57 -61.05 -36.71
N ARG I 82 13.12 -59.97 -36.08
CA ARG I 82 11.77 -59.48 -36.27
C ARG I 82 11.81 -58.00 -36.69
N GLY I 83 11.56 -57.75 -37.97
CA GLY I 83 11.81 -56.43 -38.55
C GLY I 83 10.86 -55.90 -39.60
N ILE I 84 10.84 -54.58 -39.75
CA ILE I 84 9.98 -53.88 -40.70
C ILE I 84 10.88 -53.17 -41.71
N LEU I 85 10.43 -53.10 -42.96
CA LEU I 85 11.22 -52.50 -44.02
C LEU I 85 10.59 -51.20 -44.49
N ILE I 86 11.27 -50.08 -44.28
CA ILE I 86 10.79 -48.81 -44.82
C ILE I 86 11.60 -48.36 -46.04
N ASP I 87 10.90 -47.68 -46.95
CA ASP I 87 11.46 -47.24 -48.22
C ASP I 87 11.42 -45.72 -48.27
N THR I 88 12.56 -45.10 -48.01
CA THR I 88 12.64 -43.66 -47.89
C THR I 88 13.21 -43.04 -49.15
N SER I 89 13.23 -43.82 -50.23
CA SER I 89 13.78 -43.35 -51.50
C SER I 89 12.71 -43.17 -52.56
N ARG I 90 11.73 -44.06 -52.60
CA ARG I 90 10.60 -43.91 -53.51
C ARG I 90 9.79 -42.67 -53.11
N HIS I 91 9.68 -42.48 -51.79
CA HIS I 91 9.19 -41.25 -51.19
C HIS I 91 10.04 -41.00 -49.94
N TYR I 92 10.43 -39.75 -49.73
CA TYR I 92 11.20 -39.39 -48.56
C TYR I 92 10.29 -39.34 -47.32
N LEU I 93 10.72 -39.96 -46.21
CA LEU I 93 9.95 -39.92 -44.97
C LEU I 93 10.60 -39.00 -43.94
N PRO I 94 9.85 -38.02 -43.40
CA PRO I 94 10.33 -37.16 -42.33
C PRO I 94 10.80 -37.96 -41.12
N VAL I 95 11.84 -37.48 -40.45
CA VAL I 95 12.42 -38.20 -39.31
C VAL I 95 11.40 -38.44 -38.21
N LYS I 96 10.48 -37.49 -38.02
CA LYS I 96 9.38 -37.61 -37.05
C LYS I 96 8.62 -38.94 -37.14
N ILE I 97 8.25 -39.31 -38.36
CA ILE I 97 7.50 -40.54 -38.62
C ILE I 97 8.34 -41.84 -38.48
N ILE I 98 9.61 -41.80 -38.91
CA ILE I 98 10.51 -42.94 -38.72
C ILE I 98 10.66 -43.25 -37.24
N LEU I 99 10.76 -42.19 -36.43
CA LEU I 99 10.86 -42.34 -34.99
C LEU I 99 9.56 -42.87 -34.38
N LYS I 100 8.42 -42.39 -34.87
CA LYS I 100 7.14 -42.92 -34.41
C LYS I 100 6.99 -44.38 -34.76
N THR I 101 7.49 -44.77 -35.94
CA THR I 101 7.48 -46.15 -36.38
C THR I 101 8.34 -47.05 -35.48
N LEU I 102 9.31 -46.44 -34.80
CA LEU I 102 10.09 -47.18 -33.82
C LEU I 102 9.32 -47.35 -32.52
N ASP I 103 8.48 -46.39 -32.19
CA ASP I 103 7.63 -46.47 -31.00
C ASP I 103 6.59 -47.56 -31.15
N ALA I 104 5.94 -47.59 -32.32
CA ALA I 104 5.01 -48.65 -32.71
C ALA I 104 5.69 -50.01 -32.68
N MET I 105 6.93 -50.06 -33.17
CA MET I 105 7.71 -51.29 -33.26
C MET I 105 7.98 -51.85 -31.88
N ALA I 106 8.29 -50.95 -30.96
CA ALA I 106 8.57 -51.30 -29.57
C ALA I 106 7.34 -51.89 -28.87
N PHE I 107 6.16 -51.37 -29.18
CA PHE I 107 4.91 -51.88 -28.61
C PHE I 107 4.65 -53.31 -29.10
N ASN I 108 4.92 -53.55 -30.38
CA ASN I 108 4.73 -54.87 -31.00
C ASN I 108 5.93 -55.80 -30.90
N LYS I 109 6.97 -55.36 -30.20
CA LYS I 109 8.17 -56.16 -29.91
C LYS I 109 8.97 -56.59 -31.14
N PHE I 110 8.97 -55.76 -32.18
CA PHE I 110 9.92 -55.92 -33.26
C PHE I 110 11.29 -55.48 -32.75
N ASN I 111 12.36 -55.92 -33.42
CA ASN I 111 13.70 -55.56 -33.00
C ASN I 111 14.67 -55.23 -34.14
N VAL I 112 14.16 -55.16 -35.36
CA VAL I 112 14.99 -54.83 -36.52
C VAL I 112 14.33 -53.82 -37.44
N LEU I 113 15.04 -52.76 -37.78
CA LEU I 113 14.54 -51.78 -38.75
C LEU I 113 15.33 -51.83 -40.05
N HIS I 114 14.76 -52.53 -41.03
CA HIS I 114 15.32 -52.62 -42.36
C HIS I 114 15.11 -51.30 -43.10
N TRP I 115 16.11 -50.44 -43.04
CA TRP I 115 16.07 -49.15 -43.71
C TRP I 115 16.57 -49.26 -45.15
N HIS I 116 15.65 -49.47 -46.08
CA HIS I 116 15.95 -49.43 -47.50
C HIS I 116 16.13 -47.97 -47.85
N ILE I 117 17.29 -47.44 -47.47
CA ILE I 117 17.45 -46.00 -47.39
C ILE I 117 17.49 -45.31 -48.74
N VAL I 118 18.06 -45.99 -49.74
CA VAL I 118 18.20 -45.42 -51.10
C VAL I 118 17.69 -46.37 -52.20
N ASP I 119 17.25 -45.81 -53.32
CA ASP I 119 16.86 -46.59 -54.50
C ASP I 119 16.98 -45.81 -55.83
N ASP I 120 16.23 -46.24 -56.84
CA ASP I 120 16.27 -45.67 -58.19
C ASP I 120 15.83 -44.23 -58.25
N GLN I 121 14.79 -43.92 -57.47
CA GLN I 121 14.08 -42.66 -57.57
C GLN I 121 14.83 -41.49 -56.93
N SER I 122 15.39 -41.71 -55.74
CA SER I 122 16.10 -40.66 -55.02
C SER I 122 17.17 -41.21 -54.07
N PHE I 123 18.19 -40.40 -53.83
CA PHE I 123 19.25 -40.73 -52.90
C PHE I 123 19.22 -39.73 -51.74
N PRO I 124 18.48 -40.05 -50.67
CA PRO I 124 18.36 -39.13 -49.54
C PRO I 124 19.49 -39.20 -48.52
N TYR I 125 20.20 -40.32 -48.45
CA TYR I 125 21.27 -40.47 -47.47
C TYR I 125 22.44 -39.52 -47.73
N GLN I 126 22.80 -38.71 -46.73
CA GLN I 126 23.90 -37.75 -46.84
C GLN I 126 25.26 -38.36 -46.49
N SER I 127 26.22 -38.26 -47.42
CA SER I 127 27.53 -38.87 -47.26
C SER I 127 28.64 -37.87 -46.96
N ILE I 128 29.29 -38.07 -45.82
CA ILE I 128 30.46 -37.30 -45.45
C ILE I 128 31.48 -37.33 -46.58
N THR I 129 31.81 -38.55 -47.04
CA THR I 129 32.91 -38.76 -48.00
C THR I 129 32.57 -38.35 -49.43
N PHE I 130 31.40 -38.76 -49.93
CA PHE I 130 30.94 -38.36 -51.26
C PHE I 130 29.67 -37.53 -51.12
N PRO I 131 29.84 -36.21 -50.92
CA PRO I 131 28.70 -35.31 -50.68
C PRO I 131 27.70 -35.23 -51.84
N GLU I 132 28.19 -35.43 -53.06
CA GLU I 132 27.39 -35.27 -54.27
C GLU I 132 26.23 -36.24 -54.44
N LEU I 133 26.30 -37.39 -53.77
CA LEU I 133 25.31 -38.46 -53.92
C LEU I 133 23.89 -38.02 -53.56
N SER I 134 23.76 -37.24 -52.51
CA SER I 134 22.48 -36.69 -52.12
C SER I 134 22.33 -35.28 -52.65
N ASN I 135 23.43 -34.53 -52.66
CA ASN I 135 23.45 -33.17 -53.21
C ASN I 135 22.85 -33.04 -54.62
N LYS I 136 22.86 -34.13 -55.36
CA LYS I 136 22.55 -34.09 -56.79
C LYS I 136 21.50 -35.15 -57.12
N GLY I 137 21.34 -36.11 -56.21
CA GLY I 137 20.54 -37.28 -56.47
C GLY I 137 19.42 -37.53 -55.49
N SER I 138 19.16 -36.55 -54.62
CA SER I 138 17.98 -36.56 -53.75
C SER I 138 16.87 -35.83 -54.47
N TYR I 139 15.62 -36.06 -54.06
CA TYR I 139 14.47 -35.32 -54.58
C TYR I 139 14.69 -33.80 -54.49
N SER I 140 15.22 -33.35 -53.35
CA SER I 140 15.61 -31.96 -53.14
C SER I 140 16.46 -31.89 -51.88
N LEU I 141 17.08 -30.73 -51.65
CA LEU I 141 18.02 -30.56 -50.55
C LEU I 141 17.37 -30.65 -49.18
N SER I 142 16.06 -30.47 -49.15
CA SER I 142 15.28 -30.59 -47.93
C SER I 142 14.90 -32.04 -47.68
N HIS I 143 14.87 -32.84 -48.75
CA HIS I 143 14.52 -34.26 -48.70
C HIS I 143 15.76 -35.14 -48.54
N VAL I 144 16.37 -35.04 -47.36
CA VAL I 144 17.68 -35.63 -47.10
C VAL I 144 17.76 -36.09 -45.64
N TYR I 145 18.59 -37.08 -45.38
CA TYR I 145 18.84 -37.55 -44.02
C TYR I 145 20.27 -37.21 -43.63
N THR I 146 20.43 -36.21 -42.78
CA THR I 146 21.77 -35.75 -42.40
C THR I 146 22.43 -36.73 -41.42
N PRO I 147 23.78 -36.75 -41.37
CA PRO I 147 24.55 -37.45 -40.36
C PRO I 147 23.88 -37.48 -38.99
N ASN I 148 23.40 -36.33 -38.52
CA ASN I 148 22.69 -36.24 -37.24
C ASN I 148 21.33 -36.94 -37.27
N ASP I 149 20.59 -36.75 -38.37
CA ASP I 149 19.28 -37.38 -38.54
C ASP I 149 19.41 -38.90 -38.44
N VAL I 150 20.45 -39.44 -39.07
CA VAL I 150 20.78 -40.85 -39.02
C VAL I 150 21.13 -41.25 -37.58
N ARG I 151 22.05 -40.51 -36.97
CA ARG I 151 22.46 -40.73 -35.58
C ARG I 151 21.25 -40.76 -34.64
N MET I 152 20.29 -39.88 -34.90
CA MET I 152 19.11 -39.75 -34.08
C MET I 152 18.21 -40.99 -34.20
N VAL I 153 18.03 -41.50 -35.42
CA VAL I 153 17.20 -42.69 -35.65
C VAL I 153 17.82 -43.92 -34.99
N ILE I 154 19.14 -44.03 -35.10
CA ILE I 154 19.87 -45.15 -34.50
C ILE I 154 19.71 -45.14 -32.97
N GLU I 155 20.08 -44.01 -32.35
CA GLU I 155 20.05 -43.92 -30.89
C GLU I 155 18.67 -44.17 -30.35
N TYR I 156 17.69 -43.49 -30.93
CA TYR I 156 16.29 -43.67 -30.58
C TYR I 156 15.97 -45.16 -30.49
N ALA I 157 16.38 -45.91 -31.52
CA ALA I 157 16.13 -47.34 -31.62
C ALA I 157 16.83 -48.15 -30.55
N ARG I 158 18.09 -47.80 -30.28
CA ARG I 158 18.88 -48.47 -29.25
C ARG I 158 18.21 -48.41 -27.88
N LEU I 159 17.55 -47.28 -27.58
CA LEU I 159 16.86 -47.09 -26.30
C LEU I 159 15.60 -47.93 -26.18
N ARG I 160 15.32 -48.70 -27.23
CA ARG I 160 14.14 -49.54 -27.32
C ARG I 160 14.54 -50.95 -27.77
N GLY I 161 15.81 -51.12 -28.08
CA GLY I 161 16.35 -52.43 -28.42
C GLY I 161 16.08 -52.81 -29.85
N ILE I 162 15.87 -51.83 -30.71
CA ILE I 162 15.76 -52.09 -32.16
C ILE I 162 17.11 -51.86 -32.83
N ARG I 163 17.50 -52.82 -33.67
CA ARG I 163 18.72 -52.73 -34.49
C ARG I 163 18.39 -52.03 -35.80
N VAL I 164 19.22 -51.07 -36.20
CA VAL I 164 18.98 -50.40 -37.48
C VAL I 164 19.80 -51.05 -38.60
N LEU I 165 19.09 -51.68 -39.54
CA LEU I 165 19.72 -52.38 -40.65
C LEU I 165 19.67 -51.54 -41.93
N PRO I 166 20.83 -51.06 -42.38
CA PRO I 166 20.92 -50.24 -43.59
C PRO I 166 21.07 -51.09 -44.86
N GLU I 167 20.24 -50.80 -45.86
CA GLU I 167 20.37 -51.43 -47.17
C GLU I 167 20.64 -50.38 -48.24
N PHE I 168 21.77 -50.52 -48.91
CA PHE I 168 22.08 -49.65 -50.04
C PHE I 168 22.14 -50.51 -51.30
N ASP I 169 20.95 -50.90 -51.78
CA ASP I 169 20.80 -51.87 -52.88
C ASP I 169 21.78 -51.69 -54.04
N THR I 170 22.56 -52.75 -54.31
CA THR I 170 23.60 -52.77 -55.34
C THR I 170 23.68 -54.16 -55.97
N PRO I 171 23.98 -54.23 -57.29
CA PRO I 171 24.30 -53.14 -58.22
C PRO I 171 23.07 -52.55 -58.88
N GLY I 172 21.92 -53.20 -58.70
CA GLY I 172 20.66 -52.72 -59.26
C GLY I 172 19.97 -51.72 -58.33
N HIS I 173 18.89 -51.11 -58.82
CA HIS I 173 18.18 -50.06 -58.10
C HIS I 173 19.11 -48.87 -57.77
N THR I 174 19.89 -48.44 -58.77
CA THR I 174 20.99 -47.50 -58.54
C THR I 174 21.00 -46.27 -59.45
N LEU I 175 19.83 -45.84 -59.93
CA LEU I 175 19.76 -44.71 -60.86
C LEU I 175 20.29 -43.41 -60.24
N SER I 176 19.81 -43.12 -59.03
CA SER I 176 20.16 -41.90 -58.29
C SER I 176 21.65 -41.79 -57.98
N TRP I 177 22.31 -42.93 -57.82
CA TRP I 177 23.75 -42.99 -57.54
C TRP I 177 24.56 -42.30 -58.64
N GLY I 178 24.23 -42.58 -59.90
CA GLY I 178 24.95 -42.03 -61.04
C GLY I 178 24.65 -40.57 -61.35
N LYS I 179 24.41 -39.79 -60.32
CA LYS I 179 24.09 -38.38 -60.46
C LYS I 179 25.25 -37.56 -59.94
N GLY I 180 25.70 -37.93 -58.75
CA GLY I 180 26.80 -37.25 -58.10
C GLY I 180 28.06 -38.06 -58.19
N GLN I 181 27.97 -39.21 -58.85
CA GLN I 181 29.12 -40.06 -59.09
C GLN I 181 29.22 -40.47 -60.57
N LYS I 182 30.27 -39.96 -61.23
CA LYS I 182 30.54 -40.18 -62.65
C LYS I 182 31.09 -41.58 -62.91
N ASP I 183 30.75 -42.13 -64.08
CA ASP I 183 31.26 -43.44 -64.55
C ASP I 183 30.95 -44.64 -63.64
N LEU I 184 30.12 -44.45 -62.63
CA LEU I 184 29.79 -45.54 -61.70
C LEU I 184 28.81 -46.54 -62.33
N LEU I 185 27.78 -46.01 -62.98
CA LEU I 185 26.79 -46.85 -63.64
C LEU I 185 27.31 -47.35 -64.98
N THR I 186 26.66 -48.37 -65.52
CA THR I 186 26.94 -48.81 -66.86
C THR I 186 26.02 -48.07 -67.85
N PRO I 187 26.63 -47.31 -68.79
CA PRO I 187 26.04 -46.64 -70.00
C PRO I 187 25.28 -47.81 -70.67
N CYS I 188 23.94 -47.74 -70.83
CA CYS I 188 23.29 -47.66 -72.22
C CYS I 188 22.64 -46.51 -73.02
N TYR I 189 23.20 -46.31 -74.23
CA TYR I 189 22.58 -45.51 -75.30
C TYR I 189 22.92 -46.20 -76.65
N ASP J 2 18.12 -42.28 -73.76
CA ASP J 2 19.57 -42.17 -73.59
C ASP J 2 19.97 -42.57 -72.15
N SER J 3 19.65 -43.80 -71.77
CA SER J 3 19.65 -44.21 -70.37
C SER J 3 20.99 -44.78 -69.84
N PHE J 4 20.96 -45.21 -68.58
CA PHE J 4 22.06 -45.95 -67.95
C PHE J 4 21.44 -47.15 -67.22
N GLY J 5 22.25 -48.17 -66.96
CA GLY J 5 21.76 -49.38 -66.30
C GLY J 5 22.27 -49.55 -64.88
N PRO J 6 22.60 -50.80 -64.49
CA PRO J 6 23.18 -51.11 -63.18
C PRO J 6 24.56 -50.47 -62.95
N ILE J 7 25.15 -50.71 -61.79
CA ILE J 7 26.50 -50.23 -61.49
C ILE J 7 27.58 -51.04 -62.25
N ASN J 8 28.42 -50.33 -62.99
CA ASN J 8 29.47 -50.93 -63.80
C ASN J 8 30.47 -51.78 -63.00
N PRO J 9 30.46 -53.11 -63.20
CA PRO J 9 31.33 -53.99 -62.42
C PRO J 9 32.68 -54.30 -63.07
N THR J 10 33.03 -53.60 -64.15
CA THR J 10 34.30 -53.83 -64.87
C THR J 10 35.38 -52.82 -64.51
N LEU J 11 34.97 -51.64 -64.05
CA LEU J 11 35.90 -50.55 -63.71
C LEU J 11 36.36 -50.69 -62.27
N ASN J 12 37.67 -50.52 -62.07
CA ASN J 12 38.25 -50.57 -60.72
C ASN J 12 37.82 -49.35 -59.89
N THR J 13 37.69 -48.21 -60.55
CA THR J 13 37.22 -46.97 -59.91
C THR J 13 35.87 -47.17 -59.22
N THR J 14 35.14 -48.20 -59.63
CA THR J 14 33.87 -48.58 -59.01
C THR J 14 34.09 -49.16 -57.62
N TYR J 15 34.94 -50.19 -57.52
CA TYR J 15 35.15 -50.91 -56.27
C TYR J 15 36.00 -50.12 -55.27
N SER J 16 36.82 -49.21 -55.78
CA SER J 16 37.60 -48.28 -54.95
C SER J 16 36.65 -47.33 -54.27
N PHE J 17 35.66 -46.86 -55.04
CA PHE J 17 34.57 -46.01 -54.56
C PHE J 17 33.83 -46.76 -53.47
N LEU J 18 33.29 -47.93 -53.81
CA LEU J 18 32.50 -48.74 -52.89
C LEU J 18 33.23 -49.12 -51.60
N THR J 19 34.54 -49.28 -51.68
CA THR J 19 35.36 -49.57 -50.50
C THR J 19 35.31 -48.38 -49.54
N THR J 20 35.66 -47.20 -50.06
CA THR J 20 35.68 -45.99 -49.26
C THR J 20 34.28 -45.69 -48.74
N PHE J 21 33.29 -45.91 -49.59
CA PHE J 21 31.88 -45.70 -49.28
C PHE J 21 31.43 -46.63 -48.16
N PHE J 22 31.49 -47.94 -48.40
CA PHE J 22 31.04 -48.90 -47.39
C PHE J 22 31.84 -48.82 -46.07
N LYS J 23 33.06 -48.30 -46.16
CA LYS J 23 33.86 -48.03 -44.97
C LYS J 23 33.15 -47.02 -44.08
N GLU J 24 32.54 -46.01 -44.70
CA GLU J 24 31.77 -44.98 -44.00
C GLU J 24 30.56 -45.60 -43.29
N ILE J 25 29.79 -46.39 -44.03
CA ILE J 25 28.58 -47.01 -43.51
C ILE J 25 28.86 -47.92 -42.31
N SER J 26 30.07 -48.46 -42.24
CA SER J 26 30.52 -49.26 -41.10
C SER J 26 30.50 -48.47 -39.81
N GLU J 27 30.97 -47.22 -39.90
CA GLU J 27 31.16 -46.35 -38.74
C GLU J 27 29.88 -45.63 -38.33
N VAL J 28 29.03 -45.31 -39.30
CA VAL J 28 27.79 -44.61 -39.02
C VAL J 28 26.77 -45.60 -38.45
N PHE J 29 26.70 -46.79 -39.05
CA PHE J 29 25.76 -47.83 -38.63
C PHE J 29 26.42 -48.91 -37.78
N PRO J 30 26.10 -48.93 -36.47
CA PRO J 30 26.75 -49.75 -35.47
C PRO J 30 26.42 -51.24 -35.54
N ASP J 31 25.34 -51.59 -36.21
CA ASP J 31 24.90 -52.98 -36.26
C ASP J 31 25.86 -53.84 -37.07
N GLN J 32 25.86 -55.13 -36.77
CA GLN J 32 26.83 -56.08 -37.33
C GLN J 32 26.62 -56.37 -38.82
N PHE J 33 25.40 -56.15 -39.31
CA PHE J 33 25.06 -56.55 -40.68
C PHE J 33 24.69 -55.40 -41.59
N ILE J 34 25.11 -55.52 -42.86
CA ILE J 34 24.77 -54.56 -43.90
C ILE J 34 24.07 -55.27 -45.06
N HIS J 35 22.91 -54.77 -45.44
CA HIS J 35 22.16 -55.35 -46.56
C HIS J 35 22.65 -54.75 -47.87
N LEU J 36 23.10 -55.63 -48.78
CA LEU J 36 23.75 -55.20 -50.03
C LEU J 36 22.83 -55.23 -51.24
N GLY J 37 21.55 -55.51 -51.01
CA GLY J 37 20.53 -55.54 -52.06
C GLY J 37 20.72 -56.72 -52.99
N GLY J 38 21.04 -56.41 -54.25
CA GLY J 38 21.36 -57.42 -55.26
C GLY J 38 20.17 -58.05 -55.95
N ASP J 39 19.01 -57.43 -55.78
CA ASP J 39 17.77 -57.92 -56.39
C ASP J 39 17.52 -57.29 -57.77
N GLU J 40 16.46 -57.75 -58.46
CA GLU J 40 16.00 -57.19 -59.74
C GLU J 40 17.12 -56.59 -60.60
N VAL J 41 18.16 -57.38 -60.84
CA VAL J 41 19.34 -56.93 -61.59
C VAL J 41 19.13 -57.17 -63.08
N GLU J 42 19.04 -56.10 -63.88
CA GLU J 42 18.77 -56.27 -65.32
C GLU J 42 20.00 -56.22 -66.22
N PHE J 43 20.36 -57.40 -66.74
CA PHE J 43 21.54 -57.59 -67.58
C PHE J 43 21.39 -56.95 -68.94
N LYS J 44 20.14 -56.76 -69.39
CA LYS J 44 19.80 -56.13 -70.67
C LYS J 44 20.85 -55.07 -71.09
N CYS J 45 21.19 -54.21 -70.14
CA CYS J 45 22.13 -53.12 -70.33
C CYS J 45 23.59 -53.60 -70.53
N TRP J 46 24.05 -54.48 -69.64
CA TRP J 46 25.44 -54.96 -69.65
C TRP J 46 25.86 -55.57 -70.99
N GLU J 47 24.94 -56.35 -71.56
CA GLU J 47 25.15 -57.00 -72.86
C GLU J 47 25.41 -56.01 -73.98
N SER J 48 24.58 -54.95 -74.03
CA SER J 48 24.66 -53.93 -75.08
C SER J 48 25.96 -53.11 -75.07
N ASN J 49 26.73 -53.19 -73.98
CA ASN J 49 27.97 -52.43 -73.89
C ASN J 49 29.19 -53.20 -74.39
N PRO J 50 29.93 -52.60 -75.35
CA PRO J 50 31.04 -53.28 -76.01
C PRO J 50 32.18 -53.57 -75.04
N LYS J 51 32.58 -52.56 -74.27
CA LYS J 51 33.69 -52.69 -73.32
C LYS J 51 33.43 -53.85 -72.36
N ILE J 52 32.20 -53.95 -71.86
CA ILE J 52 31.81 -55.05 -70.97
C ILE J 52 32.02 -56.42 -71.63
N GLN J 53 31.65 -56.52 -72.91
CA GLN J 53 31.81 -57.76 -73.67
C GLN J 53 33.26 -58.29 -73.65
N ASP J 54 34.22 -57.37 -73.57
CA ASP J 54 35.65 -57.72 -73.48
C ASP J 54 35.98 -58.38 -72.14
N PHE J 55 35.40 -57.83 -71.07
CA PHE J 55 35.61 -58.30 -69.70
C PHE J 55 35.07 -59.72 -69.48
N MET J 56 34.02 -60.07 -70.23
CA MET J 56 33.50 -61.44 -70.24
C MET J 56 34.59 -62.39 -70.77
N ARG J 57 35.11 -62.09 -71.97
CA ARG J 57 36.15 -62.90 -72.60
C ARG J 57 37.34 -63.05 -71.67
N GLN J 58 37.88 -61.91 -71.23
CA GLN J 58 39.06 -61.89 -70.36
C GLN J 58 38.86 -62.62 -69.04
N LYS J 59 37.62 -63.04 -68.78
CA LYS J 59 37.28 -63.81 -67.60
C LYS J 59 36.81 -65.23 -67.97
N GLY J 60 36.13 -65.35 -69.10
CA GLY J 60 35.54 -66.62 -69.50
C GLY J 60 34.24 -66.88 -68.75
N PHE J 61 33.29 -65.96 -68.86
CA PHE J 61 31.93 -66.16 -68.35
C PHE J 61 31.00 -66.50 -69.51
N GLY J 62 31.56 -66.49 -70.72
CA GLY J 62 30.78 -66.61 -71.95
C GLY J 62 29.82 -65.44 -72.06
N THR J 63 28.54 -65.75 -72.22
CA THR J 63 27.49 -64.75 -72.25
C THR J 63 26.57 -64.94 -71.04
N ASP J 64 27.03 -65.75 -70.09
CA ASP J 64 26.33 -65.92 -68.82
C ASP J 64 26.60 -64.71 -67.93
N PHE J 65 25.61 -63.81 -67.87
CA PHE J 65 25.70 -62.61 -67.04
C PHE J 65 25.39 -62.90 -65.58
N LYS J 66 24.90 -64.12 -65.30
CA LYS J 66 24.68 -64.60 -63.94
C LYS J 66 26.01 -64.68 -63.18
N LYS J 67 27.09 -64.97 -63.90
CA LYS J 67 28.44 -65.06 -63.34
C LYS J 67 29.10 -63.69 -63.11
N LEU J 68 28.95 -62.77 -64.06
CA LEU J 68 29.41 -61.39 -63.89
C LEU J 68 28.79 -60.79 -62.63
N GLU J 69 27.48 -61.01 -62.48
CA GLU J 69 26.69 -60.57 -61.33
C GLU J 69 27.17 -61.23 -60.04
N SER J 70 27.57 -62.49 -60.14
CA SER J 70 28.18 -63.20 -59.02
C SER J 70 29.58 -62.66 -58.67
N PHE J 71 30.32 -62.25 -59.70
CA PHE J 71 31.68 -61.72 -59.52
C PHE J 71 31.66 -60.33 -58.87
N TYR J 72 30.67 -59.52 -59.25
CA TYR J 72 30.48 -58.20 -58.65
C TYR J 72 30.12 -58.31 -57.17
N ILE J 73 29.26 -59.25 -56.82
CA ILE J 73 28.77 -59.35 -55.45
C ILE J 73 29.83 -59.88 -54.50
N GLN J 74 30.59 -60.90 -54.94
CA GLN J 74 31.69 -61.46 -54.15
C GLN J 74 32.82 -60.44 -53.97
N LYS J 75 32.96 -59.54 -54.95
CA LYS J 75 33.86 -58.40 -54.85
C LYS J 75 33.41 -57.48 -53.72
N VAL J 76 32.10 -57.25 -53.63
CA VAL J 76 31.53 -56.43 -52.57
C VAL J 76 31.52 -57.20 -51.25
N LEU J 77 31.09 -58.46 -51.29
CA LEU J 77 30.91 -59.27 -50.09
C LEU J 77 32.15 -59.32 -49.22
N ASP J 78 33.32 -59.25 -49.86
CA ASP J 78 34.59 -59.30 -49.14
C ASP J 78 34.96 -57.92 -48.57
N ILE J 79 34.52 -56.84 -49.24
CA ILE J 79 34.69 -55.48 -48.71
C ILE J 79 33.99 -55.40 -47.36
N ILE J 80 32.89 -56.14 -47.22
CA ILE J 80 32.14 -56.23 -45.97
C ILE J 80 32.88 -57.11 -44.96
N ALA J 81 33.45 -58.20 -45.45
CA ALA J 81 34.27 -59.08 -44.61
C ALA J 81 35.55 -58.37 -44.20
N THR J 82 36.07 -57.52 -45.09
CA THR J 82 37.24 -56.68 -44.83
C THR J 82 37.01 -55.88 -43.56
N ILE J 83 35.89 -55.15 -43.55
CA ILE J 83 35.55 -54.23 -42.46
C ILE J 83 34.76 -54.90 -41.33
N ASN J 84 35.03 -56.19 -41.12
CA ASN J 84 34.49 -56.99 -40.02
C ASN J 84 32.98 -56.95 -39.78
N LYS J 85 32.20 -56.80 -40.85
CA LYS J 85 30.74 -56.78 -40.79
C LYS J 85 30.13 -57.94 -41.58
N GLY J 86 29.03 -58.50 -41.06
CA GLY J 86 28.29 -59.55 -41.77
C GLY J 86 27.46 -58.99 -42.92
N SER J 87 26.83 -59.88 -43.69
CA SER J 87 26.04 -59.46 -44.85
C SER J 87 24.67 -60.12 -44.93
N ILE J 88 23.66 -59.33 -45.27
CA ILE J 88 22.36 -59.87 -45.62
C ILE J 88 22.08 -59.46 -47.07
N VAL J 89 21.56 -60.39 -47.86
CA VAL J 89 21.47 -60.23 -49.30
C VAL J 89 20.16 -60.82 -49.86
N TRP J 90 19.58 -60.16 -50.86
CA TRP J 90 18.35 -60.66 -51.50
C TRP J 90 18.60 -61.98 -52.25
N GLN J 91 17.52 -62.68 -52.59
CA GLN J 91 17.62 -64.07 -53.05
C GLN J 91 18.26 -64.29 -54.42
N GLU J 92 17.99 -63.40 -55.37
CA GLU J 92 18.57 -63.52 -56.72
C GLU J 92 20.06 -63.85 -56.70
N VAL J 93 20.79 -63.19 -55.79
CA VAL J 93 22.22 -63.39 -55.59
C VAL J 93 22.56 -64.86 -55.29
N PHE J 94 21.80 -65.47 -54.38
CA PHE J 94 21.93 -66.89 -54.05
C PHE J 94 21.57 -67.74 -55.29
N ASP J 95 20.50 -67.33 -55.97
CA ASP J 95 19.96 -68.04 -57.14
C ASP J 95 20.77 -67.87 -58.42
N ASP J 96 21.72 -66.93 -58.41
CA ASP J 96 22.65 -66.77 -59.53
C ASP J 96 23.95 -67.52 -59.26
N LYS J 97 23.87 -68.44 -58.29
CA LYS J 97 24.95 -69.38 -57.96
C LYS J 97 26.27 -68.70 -57.59
N ALA J 98 26.19 -67.87 -56.57
CA ALA J 98 27.39 -67.12 -56.12
C ALA J 98 27.95 -67.70 -54.83
N LYS J 99 29.23 -67.46 -54.57
CA LYS J 99 29.89 -67.91 -53.35
C LYS J 99 29.56 -66.95 -52.20
N LEU J 100 29.19 -67.51 -51.05
CA LEU J 100 28.84 -66.73 -49.86
C LEU J 100 29.72 -67.11 -48.68
N ALA J 101 30.05 -66.12 -47.85
CA ALA J 101 30.76 -66.34 -46.59
C ALA J 101 29.97 -67.29 -45.68
N PRO J 102 30.66 -68.18 -44.94
CA PRO J 102 29.96 -69.02 -43.94
C PRO J 102 29.37 -68.19 -42.78
N GLY J 103 28.30 -67.45 -43.08
CA GLY J 103 27.66 -66.57 -42.12
C GLY J 103 26.67 -65.61 -42.75
N THR J 104 26.69 -65.53 -44.09
CA THR J 104 25.81 -64.64 -44.84
C THR J 104 24.34 -65.03 -44.71
N ILE J 105 23.51 -64.06 -44.32
CA ILE J 105 22.07 -64.26 -44.21
C ILE J 105 21.41 -63.98 -45.57
N VAL J 106 20.41 -64.81 -45.91
CA VAL J 106 19.68 -64.66 -47.16
C VAL J 106 18.23 -64.27 -46.89
N GLU J 107 17.78 -63.18 -47.49
CA GLU J 107 16.40 -62.80 -47.36
C GLU J 107 15.68 -63.17 -48.65
N VAL J 108 14.74 -64.10 -48.53
CA VAL J 108 13.89 -64.52 -49.63
C VAL J 108 12.65 -63.64 -49.61
N TRP J 109 12.13 -63.33 -50.80
CA TRP J 109 11.01 -62.40 -50.93
C TRP J 109 9.96 -62.76 -51.98
N LYS J 110 10.15 -63.87 -52.70
CA LYS J 110 9.23 -64.24 -53.78
C LYS J 110 8.14 -65.28 -53.40
N ASP J 111 7.03 -65.26 -54.14
CA ASP J 111 5.91 -66.19 -53.90
C ASP J 111 6.19 -67.59 -54.44
N SER J 112 6.42 -67.65 -55.74
CA SER J 112 6.57 -68.92 -56.47
C SER J 112 7.57 -69.89 -55.82
N ALA J 113 7.04 -70.77 -54.97
CA ALA J 113 7.79 -71.83 -54.27
C ALA J 113 8.89 -71.35 -53.33
N TYR J 114 8.55 -70.41 -52.45
CA TYR J 114 9.52 -69.92 -51.45
C TYR J 114 9.82 -70.92 -50.32
N PRO J 115 8.82 -71.73 -49.90
CA PRO J 115 9.21 -72.71 -48.88
C PRO J 115 10.25 -73.71 -49.43
N GLU J 116 10.31 -73.81 -50.77
CA GLU J 116 11.36 -74.57 -51.46
C GLU J 116 12.64 -73.74 -51.55
N GLU J 117 12.48 -72.42 -51.52
CA GLU J 117 13.59 -71.49 -51.39
C GLU J 117 14.28 -71.61 -50.02
N LEU J 118 13.47 -71.58 -48.96
CA LEU J 118 13.95 -71.79 -47.59
C LEU J 118 14.59 -73.17 -47.44
N SER J 119 14.11 -74.11 -48.24
CA SER J 119 14.61 -75.49 -48.25
C SER J 119 16.01 -75.58 -48.86
N ARG J 120 16.18 -74.98 -50.04
CA ARG J 120 17.48 -74.93 -50.71
C ARG J 120 18.52 -74.19 -49.89
N VAL J 121 18.14 -73.01 -49.38
CA VAL J 121 19.02 -72.13 -48.62
C VAL J 121 19.55 -72.79 -47.35
N THR J 122 18.66 -73.40 -46.55
CA THR J 122 19.07 -74.10 -45.33
C THR J 122 19.80 -75.41 -45.63
N ALA J 123 19.48 -76.00 -46.78
CA ALA J 123 20.19 -77.16 -47.30
C ALA J 123 21.63 -76.79 -47.67
N SER J 124 21.81 -75.57 -48.18
CA SER J 124 23.12 -75.01 -48.41
C SER J 124 23.72 -74.50 -47.09
N GLY J 125 22.94 -74.55 -46.02
CA GLY J 125 23.41 -74.28 -44.67
C GLY J 125 23.58 -72.82 -44.27
N PHE J 126 22.99 -71.92 -45.05
CA PHE J 126 23.05 -70.50 -44.75
C PHE J 126 21.85 -70.05 -43.92
N PRO J 127 22.08 -69.12 -42.97
CA PRO J 127 20.98 -68.53 -42.22
C PRO J 127 20.08 -67.71 -43.14
N VAL J 128 18.81 -67.59 -42.78
CA VAL J 128 17.81 -67.13 -43.70
C VAL J 128 16.77 -66.23 -43.02
N ILE J 129 16.23 -65.27 -43.77
CA ILE J 129 15.12 -64.44 -43.33
C ILE J 129 14.05 -64.40 -44.41
N LEU J 130 12.79 -64.48 -43.99
CA LEU J 130 11.69 -64.53 -44.93
C LEU J 130 10.81 -63.27 -44.92
N SER J 131 10.58 -62.74 -46.11
CA SER J 131 9.74 -61.56 -46.28
C SER J 131 8.72 -61.79 -47.37
N ALA J 132 8.78 -62.96 -47.98
CA ALA J 132 7.94 -63.34 -49.12
C ALA J 132 6.44 -63.08 -48.95
N PRO J 133 5.81 -63.64 -47.90
CA PRO J 133 4.35 -63.55 -47.84
C PRO J 133 3.82 -62.27 -47.17
N TRP J 134 4.73 -61.44 -46.64
CA TRP J 134 4.33 -60.28 -45.85
C TRP J 134 4.60 -58.95 -46.53
N TYR J 135 4.33 -58.88 -47.83
CA TYR J 135 4.46 -57.63 -48.55
C TYR J 135 3.27 -56.74 -48.25
N LEU J 136 3.40 -55.93 -47.19
CA LEU J 136 2.28 -55.10 -46.72
C LEU J 136 1.90 -54.00 -47.70
N ASP J 137 2.87 -53.49 -48.46
CA ASP J 137 2.58 -52.46 -49.46
C ASP J 137 1.52 -52.92 -50.48
N LEU J 138 1.58 -54.20 -50.87
CA LEU J 138 0.51 -54.83 -51.66
C LEU J 138 -0.79 -54.90 -50.86
N ILE J 139 -1.60 -53.84 -50.91
CA ILE J 139 -2.86 -53.81 -50.15
C ILE J 139 -3.93 -54.69 -50.78
N SER J 140 -5.09 -54.75 -50.14
CA SER J 140 -6.16 -55.67 -50.52
C SER J 140 -7.36 -55.45 -49.61
N TYR J 141 -8.54 -55.19 -50.19
CA TYR J 141 -9.75 -54.89 -49.42
C TYR J 141 -10.06 -55.94 -48.35
N GLY J 142 -10.24 -55.49 -47.10
CA GLY J 142 -10.66 -56.37 -46.03
C GLY J 142 -9.56 -56.88 -45.11
N GLN J 143 -9.96 -57.77 -44.19
CA GLN J 143 -9.08 -58.31 -43.15
C GLN J 143 -7.91 -59.13 -43.68
N ASP J 144 -6.97 -58.47 -44.38
CA ASP J 144 -5.81 -59.19 -44.92
C ASP J 144 -4.71 -59.47 -43.87
N TRP J 145 -4.92 -59.00 -42.65
CA TRP J 145 -4.05 -59.35 -41.53
C TRP J 145 -4.16 -60.83 -41.19
N ARG J 146 -5.25 -61.45 -41.63
CA ARG J 146 -5.45 -62.88 -41.52
C ARG J 146 -4.47 -63.63 -42.42
N LYS J 147 -4.40 -63.20 -43.69
CA LYS J 147 -3.46 -63.77 -44.66
C LYS J 147 -2.01 -63.70 -44.17
N TYR J 148 -1.75 -62.78 -43.25
CA TYR J 148 -0.44 -62.60 -42.66
C TYR J 148 -0.23 -63.46 -41.43
N TYR J 149 -1.15 -63.35 -40.47
CA TYR J 149 -1.13 -64.10 -39.23
C TYR J 149 -1.27 -65.61 -39.48
N LYS J 150 -1.93 -65.96 -40.59
CA LYS J 150 -2.11 -67.37 -41.04
C LYS J 150 -0.87 -68.07 -41.59
N VAL J 151 0.22 -67.32 -41.79
CA VAL J 151 1.47 -67.91 -42.27
C VAL J 151 2.13 -68.72 -41.16
N GLU J 152 2.66 -69.89 -41.54
CA GLU J 152 3.45 -70.73 -40.66
C GLU J 152 4.84 -70.91 -41.29
N PRO J 153 5.81 -70.08 -40.85
CA PRO J 153 7.17 -70.03 -41.40
C PRO J 153 7.90 -71.37 -41.42
N LEU J 154 7.74 -72.18 -40.36
CA LEU J 154 8.49 -73.45 -40.23
C LEU J 154 7.98 -74.59 -41.14
N ASP J 155 7.03 -74.27 -42.01
CA ASP J 155 6.52 -75.22 -43.00
C ASP J 155 7.34 -75.18 -44.30
N PHE J 156 8.39 -76.00 -44.33
CA PHE J 156 9.15 -76.32 -45.54
C PHE J 156 10.04 -77.54 -45.29
N GLY J 157 10.35 -78.28 -46.35
CA GLY J 157 11.14 -79.51 -46.26
C GLY J 157 12.56 -79.29 -45.78
N GLY J 158 12.85 -79.79 -44.58
CA GLY J 158 14.17 -79.63 -43.99
C GLY J 158 14.27 -80.22 -42.59
N THR J 159 15.46 -80.74 -42.27
CA THR J 159 15.70 -81.38 -40.98
C THR J 159 15.58 -80.38 -39.83
N GLN J 160 15.48 -80.90 -38.61
CA GLN J 160 15.45 -80.08 -37.40
C GLN J 160 16.72 -79.22 -37.29
N LYS J 161 17.82 -79.70 -37.87
CA LYS J 161 19.08 -78.98 -37.92
C LYS J 161 19.02 -77.75 -38.83
N GLN J 162 18.45 -77.93 -40.02
CA GLN J 162 18.19 -76.82 -40.94
C GLN J 162 17.30 -75.75 -40.30
N LYS J 163 16.30 -76.21 -39.55
CA LYS J 163 15.29 -75.33 -38.94
C LYS J 163 15.92 -74.24 -38.06
N GLN J 164 17.02 -74.57 -37.40
CA GLN J 164 17.73 -73.60 -36.59
C GLN J 164 18.34 -72.46 -37.40
N LEU J 165 18.59 -72.70 -38.69
CA LEU J 165 19.10 -71.64 -39.58
C LEU J 165 18.06 -70.58 -39.92
N PHE J 166 16.79 -70.90 -39.71
CA PHE J 166 15.71 -69.94 -39.84
C PHE J 166 15.70 -69.06 -38.59
N ILE J 167 15.93 -67.76 -38.79
CA ILE J 167 16.13 -66.83 -37.68
C ILE J 167 15.01 -65.79 -37.55
N GLY J 168 14.28 -65.57 -38.64
CA GLY J 168 13.11 -64.71 -38.59
C GLY J 168 12.56 -64.22 -39.92
N GLY J 169 11.62 -63.28 -39.83
CA GLY J 169 10.99 -62.69 -41.01
C GLY J 169 10.85 -61.18 -40.95
N GLU J 170 10.22 -60.62 -41.99
CA GLU J 170 10.02 -59.18 -42.13
C GLU J 170 8.76 -58.79 -42.93
N ALA J 171 7.90 -57.98 -42.33
CA ALA J 171 6.87 -57.29 -43.09
C ALA J 171 7.57 -56.22 -43.93
N CYS J 172 6.95 -55.81 -45.02
CA CYS J 172 7.56 -54.83 -45.91
C CYS J 172 6.56 -53.85 -46.46
N LEU J 173 6.86 -52.56 -46.26
CA LEU J 173 6.06 -51.48 -46.78
C LEU J 173 6.91 -50.70 -47.75
N TRP J 174 7.03 -51.21 -48.97
CA TRP J 174 7.70 -50.53 -50.06
C TRP J 174 6.92 -49.27 -50.42
N GLY J 175 7.65 -48.20 -50.74
CA GLY J 175 7.07 -46.86 -50.82
C GLY J 175 6.65 -46.35 -52.18
N GLU J 176 6.46 -47.26 -53.14
CA GLU J 176 5.96 -46.86 -54.46
C GLU J 176 4.69 -46.06 -54.29
N TYR J 177 3.87 -46.47 -53.32
CA TYR J 177 2.64 -45.77 -52.99
C TYR J 177 2.54 -45.49 -51.49
N VAL J 178 3.68 -45.17 -50.85
CA VAL J 178 3.69 -44.81 -49.45
C VAL J 178 4.66 -43.65 -49.15
N ASP J 179 4.09 -42.55 -48.66
CA ASP J 179 4.86 -41.48 -48.02
C ASP J 179 4.21 -41.19 -46.65
N ALA J 180 4.75 -40.18 -45.96
CA ALA J 180 4.32 -39.82 -44.61
C ALA J 180 2.80 -39.67 -44.35
N THR J 181 1.99 -39.73 -45.41
CA THR J 181 0.54 -39.49 -45.27
C THR J 181 -0.28 -40.76 -45.00
N ASN J 182 0.23 -41.90 -45.44
CA ASN J 182 -0.51 -43.16 -45.36
C ASN J 182 0.27 -44.30 -44.68
N LEU J 183 1.53 -44.06 -44.33
CA LEU J 183 2.38 -45.11 -43.74
C LEU J 183 1.78 -45.71 -42.47
N THR J 184 1.52 -44.87 -41.47
CA THR J 184 1.05 -45.34 -40.16
C THR J 184 -0.20 -46.26 -40.21
N PRO J 185 -1.32 -45.77 -40.80
CA PRO J 185 -2.50 -46.63 -40.84
C PRO J 185 -2.33 -47.89 -41.70
N ARG J 186 -1.55 -47.81 -42.78
CA ARG J 186 -1.31 -48.97 -43.63
C ARG J 186 -0.49 -50.04 -42.90
N LEU J 187 0.55 -49.60 -42.20
CA LEU J 187 1.44 -50.52 -41.51
C LEU J 187 0.76 -51.15 -40.30
N TRP J 188 0.17 -50.33 -39.46
CA TRP J 188 -0.44 -50.85 -38.23
C TRP J 188 -1.98 -50.85 -38.30
N PRO J 189 -2.63 -51.89 -37.72
CA PRO J 189 -2.05 -53.00 -36.95
C PRO J 189 -1.71 -54.22 -37.80
N ARG J 190 -1.77 -54.09 -39.12
CA ARG J 190 -1.52 -55.20 -40.04
C ARG J 190 -0.18 -55.91 -39.81
N ALA J 191 0.86 -55.14 -39.51
CA ALA J 191 2.18 -55.71 -39.22
C ALA J 191 2.29 -56.22 -37.79
N SER J 192 1.27 -55.92 -36.97
CA SER J 192 1.22 -56.46 -35.62
C SER J 192 0.91 -57.97 -35.67
N ALA J 193 0.23 -58.40 -36.74
CA ALA J 193 0.01 -59.81 -37.00
C ALA J 193 1.35 -60.54 -37.16
N VAL J 194 2.16 -60.07 -38.11
CA VAL J 194 3.52 -60.57 -38.28
C VAL J 194 4.23 -60.53 -36.93
N GLY J 195 3.99 -59.47 -36.17
CA GLY J 195 4.56 -59.32 -34.83
C GLY J 195 4.40 -60.55 -33.96
N GLU J 196 3.16 -61.02 -33.82
CA GLU J 196 2.83 -62.15 -32.96
C GLU J 196 3.38 -63.46 -33.46
N ARG J 197 3.26 -63.70 -34.76
CA ARG J 197 3.79 -64.89 -35.39
C ARG J 197 5.26 -65.07 -35.02
N LEU J 198 6.08 -64.06 -35.32
CA LEU J 198 7.51 -64.13 -35.08
C LEU J 198 7.89 -64.15 -33.59
N TRP J 199 7.00 -63.71 -32.72
CA TRP J 199 7.29 -63.74 -31.28
C TRP J 199 6.69 -64.93 -30.56
N SER J 200 5.37 -65.11 -30.72
CA SER J 200 4.63 -66.14 -29.98
C SER J 200 4.88 -67.53 -30.54
N SER J 201 4.47 -68.55 -29.78
CA SER J 201 4.63 -69.95 -30.14
C SER J 201 3.95 -70.33 -31.45
N LYS J 202 4.35 -71.46 -32.01
CA LYS J 202 3.76 -72.00 -33.23
C LYS J 202 2.26 -72.24 -33.06
N ASP J 203 1.89 -72.89 -31.96
CA ASP J 203 0.51 -73.30 -31.66
C ASP J 203 -0.51 -72.14 -31.63
N VAL J 204 -0.07 -70.96 -31.20
CA VAL J 204 -0.94 -69.78 -31.10
C VAL J 204 -1.47 -69.37 -32.47
N ARG J 205 -2.60 -69.95 -32.85
CA ARG J 205 -3.20 -69.73 -34.18
C ARG J 205 -4.72 -69.52 -34.10
N ASP J 206 -5.24 -69.42 -32.88
CA ASP J 206 -6.67 -69.23 -32.64
C ASP J 206 -7.10 -67.87 -33.17
N MET J 207 -7.96 -67.89 -34.18
CA MET J 207 -8.40 -66.67 -34.87
C MET J 207 -9.33 -65.79 -34.06
N ASP J 208 -10.33 -66.40 -33.42
CA ASP J 208 -11.28 -65.68 -32.58
C ASP J 208 -10.56 -64.91 -31.47
N ASP J 209 -9.50 -65.51 -30.93
CA ASP J 209 -8.69 -64.92 -29.88
C ASP J 209 -7.77 -63.83 -30.42
N ALA J 210 -7.15 -64.13 -31.57
CA ALA J 210 -6.26 -63.19 -32.25
C ALA J 210 -7.00 -61.92 -32.71
N TYR J 211 -8.26 -62.07 -33.12
CA TYR J 211 -9.13 -60.92 -33.38
C TYR J 211 -9.44 -60.18 -32.08
N ASP J 212 -9.82 -60.91 -31.05
CA ASP J 212 -10.17 -60.31 -29.77
C ASP J 212 -9.02 -59.55 -29.14
N ARG J 213 -7.83 -60.15 -29.17
CA ARG J 213 -6.65 -59.53 -28.56
C ARG J 213 -6.08 -58.38 -29.38
N LEU J 214 -6.15 -58.47 -30.71
CA LEU J 214 -5.62 -57.42 -31.56
C LEU J 214 -6.45 -56.15 -31.50
N THR J 215 -7.78 -56.26 -31.64
CA THR J 215 -8.68 -55.10 -31.63
C THR J 215 -8.49 -54.24 -30.39
N ARG J 216 -8.34 -54.88 -29.24
CA ARG J 216 -8.14 -54.17 -28.00
C ARG J 216 -6.75 -53.56 -27.92
N HIS J 217 -5.76 -54.23 -28.52
CA HIS J 217 -4.36 -53.74 -28.56
C HIS J 217 -4.20 -52.61 -29.57
N ARG J 218 -5.01 -52.66 -30.62
CA ARG J 218 -5.10 -51.60 -31.61
C ARG J 218 -5.67 -50.31 -31.02
N CYS J 219 -6.60 -50.42 -30.07
CA CYS J 219 -7.10 -49.24 -29.36
C CYS J 219 -6.01 -48.63 -28.47
N ARG J 220 -5.16 -49.50 -27.93
CA ARG J 220 -4.03 -49.09 -27.10
C ARG J 220 -2.95 -48.41 -27.95
N MET J 221 -2.70 -48.95 -29.13
CA MET J 221 -1.79 -48.35 -30.08
C MET J 221 -2.25 -46.93 -30.47
N VAL J 222 -3.54 -46.79 -30.75
CA VAL J 222 -4.15 -45.49 -31.03
C VAL J 222 -3.88 -44.49 -29.91
N GLU J 223 -4.03 -44.94 -28.68
CA GLU J 223 -3.83 -44.09 -27.50
C GLU J 223 -2.39 -43.64 -27.37
N ARG J 224 -1.46 -44.57 -27.50
CA ARG J 224 -0.03 -44.25 -27.40
C ARG J 224 0.46 -43.32 -28.52
N GLY J 225 -0.44 -42.95 -29.42
CA GLY J 225 -0.14 -42.00 -30.46
C GLY J 225 0.11 -42.62 -31.82
N ILE J 226 -0.29 -43.87 -31.99
CA ILE J 226 -0.13 -44.55 -33.27
C ILE J 226 -1.46 -44.78 -33.99
N ALA J 227 -1.64 -44.09 -35.10
CA ALA J 227 -2.87 -44.13 -35.87
C ALA J 227 -3.07 -45.46 -36.60
N ALA J 228 -3.19 -46.53 -35.83
CA ALA J 228 -3.48 -47.84 -36.39
C ALA J 228 -4.89 -47.84 -36.94
N GLN J 229 -5.06 -48.36 -38.15
CA GLN J 229 -6.38 -48.42 -38.78
C GLN J 229 -7.22 -49.58 -38.22
N PRO J 230 -8.56 -49.46 -38.29
CA PRO J 230 -9.39 -50.43 -37.59
C PRO J 230 -9.30 -51.80 -38.24
N LEU J 231 -9.63 -52.84 -37.49
CA LEU J 231 -9.70 -54.18 -38.04
C LEU J 231 -11.07 -54.49 -38.62
N TYR J 232 -12.10 -53.84 -38.05
CA TYR J 232 -13.50 -54.07 -38.41
C TYR J 232 -14.40 -53.17 -37.56
N ALA J 233 -15.63 -52.94 -38.03
CA ALA J 233 -16.59 -52.00 -37.40
C ALA J 233 -16.73 -52.11 -35.88
N GLY J 234 -16.34 -51.05 -35.19
CA GLY J 234 -16.38 -50.99 -33.72
C GLY J 234 -15.97 -49.61 -33.22
N TYR J 235 -15.31 -49.58 -32.07
CA TYR J 235 -14.86 -48.33 -31.46
C TYR J 235 -13.87 -48.52 -30.31
N CYS J 236 -13.26 -47.41 -29.88
CA CYS J 236 -12.28 -47.41 -28.80
C CYS J 236 -12.77 -46.60 -27.60
N ASN J 237 -11.99 -46.63 -26.52
CA ASN J 237 -12.28 -45.89 -25.28
C ASN J 237 -13.52 -46.39 -24.56
N LEU K 1 -27.69 39.80 27.08
CA LEU K 1 -28.04 38.78 28.10
C LEU K 1 -28.24 37.41 27.45
N TRP K 2 -27.84 36.35 28.15
CA TRP K 2 -28.00 34.98 27.66
C TRP K 2 -28.07 33.95 28.79
N PRO K 3 -29.06 33.03 28.73
CA PRO K 3 -30.19 33.03 27.79
C PRO K 3 -31.18 34.15 28.11
N TRP K 4 -32.03 34.47 27.14
CA TRP K 4 -32.96 35.60 27.29
C TRP K 4 -34.03 35.29 28.32
N PRO K 5 -34.24 36.21 29.27
CA PRO K 5 -35.21 36.00 30.33
C PRO K 5 -36.63 35.79 29.81
N GLN K 6 -37.51 35.29 30.67
CA GLN K 6 -38.91 35.05 30.32
C GLN K 6 -39.67 36.36 30.24
N ASN K 7 -39.48 37.20 31.25
CA ASN K 7 -40.08 38.53 31.29
C ASN K 7 -39.02 39.56 31.71
N PHE K 8 -38.47 40.27 30.74
CA PHE K 8 -37.43 41.25 31.05
C PHE K 8 -37.84 42.66 30.65
N GLN K 9 -38.12 43.49 31.65
CA GLN K 9 -38.47 44.87 31.42
C GLN K 9 -37.25 45.77 31.53
N THR K 10 -36.86 46.36 30.40
CA THR K 10 -35.64 47.15 30.29
C THR K 10 -35.87 48.64 30.57
N SER K 11 -34.78 49.40 30.63
CA SER K 11 -34.82 50.84 30.81
C SER K 11 -33.55 51.54 30.32
N ASP K 12 -33.62 52.87 30.24
CA ASP K 12 -32.48 53.72 29.92
C ASP K 12 -32.17 54.66 31.09
N GLN K 13 -32.21 54.12 32.29
CA GLN K 13 -31.82 54.86 33.49
C GLN K 13 -30.62 54.12 34.08
N ARG K 14 -29.54 54.84 34.39
CA ARG K 14 -28.32 54.20 34.90
C ARG K 14 -28.08 54.40 36.37
N TYR K 15 -27.26 53.52 36.92
CA TYR K 15 -26.74 53.64 38.27
C TYR K 15 -25.26 53.31 38.27
N VAL K 16 -24.51 53.99 39.12
CA VAL K 16 -23.07 53.81 39.18
C VAL K 16 -22.74 52.72 40.19
N LEU K 17 -21.82 51.82 39.81
CA LEU K 17 -21.38 50.73 40.68
C LEU K 17 -19.94 50.93 41.14
N TYR K 18 -19.64 50.46 42.34
CA TYR K 18 -18.32 50.64 42.95
C TYR K 18 -17.63 49.30 43.20
N PRO K 19 -16.81 48.83 42.23
CA PRO K 19 -16.11 47.55 42.23
C PRO K 19 -15.61 47.02 43.58
N ASN K 20 -15.14 47.91 44.45
CA ASN K 20 -14.60 47.50 45.75
C ASN K 20 -15.65 47.52 46.86
N ASN K 21 -16.35 48.64 46.98
CA ASN K 21 -17.39 48.82 48.00
C ASN K 21 -18.56 47.85 47.83
N PHE K 22 -18.76 47.39 46.59
CA PHE K 22 -19.90 46.53 46.24
C PHE K 22 -19.83 45.16 46.87
N GLN K 23 -20.95 44.75 47.44
CA GLN K 23 -21.09 43.44 48.08
C GLN K 23 -22.48 42.88 47.93
N PHE K 24 -22.62 41.61 48.26
CA PHE K 24 -23.91 40.94 48.28
C PHE K 24 -24.25 40.67 49.74
N GLN K 25 -25.50 40.91 50.12
CA GLN K 25 -25.94 40.69 51.50
C GLN K 25 -27.36 40.12 51.60
N TYR K 26 -27.58 39.31 52.63
CA TYR K 26 -28.86 38.63 52.82
C TYR K 26 -29.86 39.53 53.53
N ASP K 27 -31.11 39.51 53.06
CA ASP K 27 -32.20 40.22 53.73
C ASP K 27 -32.56 39.49 55.02
N VAL K 28 -32.94 40.25 56.05
CA VAL K 28 -33.32 39.67 57.35
C VAL K 28 -34.45 38.61 57.23
N SER K 29 -35.44 38.88 56.37
CA SER K 29 -36.53 37.93 56.12
C SER K 29 -36.26 36.98 54.94
N SER K 30 -35.02 36.48 54.89
CA SER K 30 -34.62 35.48 53.91
C SER K 30 -34.40 34.15 54.61
N ALA K 31 -34.72 33.06 53.94
CA ALA K 31 -34.44 31.72 54.47
C ALA K 31 -32.95 31.37 54.33
N ALA K 32 -32.39 31.63 53.15
CA ALA K 32 -30.97 31.50 52.92
C ALA K 32 -30.27 32.64 53.65
N GLN K 33 -29.31 32.29 54.51
CA GLN K 33 -28.65 33.26 55.40
C GLN K 33 -27.14 32.96 55.47
N PRO K 34 -26.32 33.88 56.05
CA PRO K 34 -24.89 33.60 56.18
C PRO K 34 -24.63 32.22 56.79
N GLY K 35 -23.77 31.44 56.13
CA GLY K 35 -23.60 30.03 56.47
C GLY K 35 -24.18 29.15 55.38
N CYS K 36 -24.69 29.79 54.33
CA CYS K 36 -25.16 29.11 53.14
C CYS K 36 -23.98 28.81 52.22
N SER K 37 -23.51 27.57 52.24
CA SER K 37 -22.34 27.14 51.48
C SER K 37 -22.38 27.46 49.98
N VAL K 38 -23.57 27.40 49.37
CA VAL K 38 -23.74 27.72 47.94
C VAL K 38 -23.57 29.22 47.64
N LEU K 39 -24.42 30.05 48.25
CA LEU K 39 -24.44 31.49 48.01
C LEU K 39 -23.15 32.18 48.45
N ASP K 40 -22.72 31.92 49.69
CA ASP K 40 -21.43 32.41 50.20
C ASP K 40 -20.34 32.32 49.14
N GLU K 41 -20.25 31.17 48.48
CA GLU K 41 -19.23 30.93 47.46
C GLU K 41 -19.50 31.72 46.21
N ALA K 42 -20.76 31.67 45.75
CA ALA K 42 -21.21 32.39 44.57
C ALA K 42 -20.89 33.88 44.69
N PHE K 43 -21.27 34.47 45.82
CA PHE K 43 -20.99 35.88 46.11
C PHE K 43 -19.54 36.23 45.85
N GLN K 44 -18.64 35.41 46.37
CA GLN K 44 -17.21 35.62 46.21
C GLN K 44 -16.69 35.21 44.81
N ARG K 45 -17.28 34.15 44.24
CA ARG K 45 -16.96 33.73 42.89
C ARG K 45 -17.32 34.81 41.89
N TYR K 46 -18.55 35.30 41.97
CA TYR K 46 -19.07 36.28 41.02
C TYR K 46 -18.47 37.69 41.18
N ARG K 47 -17.95 38.01 42.35
CA ARG K 47 -17.31 39.32 42.55
C ARG K 47 -15.99 39.38 41.79
N ASP K 48 -15.32 38.23 41.70
CA ASP K 48 -14.10 38.10 40.94
C ASP K 48 -14.37 38.23 39.45
N LEU K 49 -15.49 37.68 38.99
CA LEU K 49 -15.85 37.73 37.58
C LEU K 49 -16.14 39.14 37.10
N LEU K 50 -16.85 39.90 37.92
CA LEU K 50 -17.18 41.28 37.59
C LEU K 50 -15.99 42.21 37.75
N PHE K 51 -15.36 42.17 38.94
CA PHE K 51 -14.37 43.18 39.33
C PHE K 51 -12.94 42.67 39.50
N GLY K 52 -12.68 41.42 39.11
CA GLY K 52 -11.35 40.86 39.16
C GLY K 52 -10.74 40.82 37.78
N THR L 1 -28.41 57.62 39.98
CA THR L 1 -27.85 57.55 41.32
C THR L 1 -26.72 56.51 41.38
N LEU L 2 -26.41 56.04 42.59
CA LEU L 2 -25.38 55.03 42.82
C LEU L 2 -25.95 53.83 43.60
N GLU L 3 -25.44 52.64 43.31
CA GLU L 3 -25.86 51.42 44.02
C GLU L 3 -24.65 50.68 44.57
N LYS L 4 -24.71 50.34 45.86
CA LYS L 4 -23.62 49.63 46.54
C LYS L 4 -23.94 48.18 46.84
N ASN L 5 -25.23 47.85 46.89
CA ASN L 5 -25.67 46.54 47.37
C ASN L 5 -26.68 45.86 46.46
N VAL L 6 -26.55 44.55 46.31
CA VAL L 6 -27.62 43.74 45.74
C VAL L 6 -28.22 42.88 46.85
N LEU L 7 -29.53 42.97 47.02
CA LEU L 7 -30.23 42.22 48.05
C LEU L 7 -30.58 40.83 47.53
N VAL L 8 -30.33 39.81 48.35
CA VAL L 8 -30.69 38.43 48.02
C VAL L 8 -31.66 37.89 49.08
N VAL L 9 -32.78 37.35 48.61
CA VAL L 9 -33.77 36.71 49.47
C VAL L 9 -34.39 35.48 48.78
N SER L 10 -34.28 34.35 49.46
CA SER L 10 -34.81 33.08 48.98
C SER L 10 -35.92 32.63 49.93
N VAL L 11 -37.16 32.53 49.42
CA VAL L 11 -38.32 32.25 50.28
C VAL L 11 -38.37 30.81 50.81
N VAL L 12 -38.20 29.84 49.91
CA VAL L 12 -38.18 28.42 50.30
C VAL L 12 -36.86 28.12 51.04
N THR L 13 -36.98 27.62 52.27
CA THR L 13 -35.85 27.37 53.18
C THR L 13 -34.75 26.43 52.65
N PRO L 14 -35.11 25.30 52.00
CA PRO L 14 -34.18 24.25 51.60
C PRO L 14 -32.69 24.54 51.73
N GLY L 15 -32.24 24.62 52.98
CA GLY L 15 -30.85 24.88 53.37
C GLY L 15 -29.90 25.38 52.31
N CYS L 16 -28.82 24.63 52.12
CA CYS L 16 -27.72 25.05 51.28
C CYS L 16 -26.72 23.88 51.16
N ASN L 17 -27.14 22.71 51.60
CA ASN L 17 -26.26 21.55 51.67
C ASN L 17 -26.70 20.41 50.76
N GLN L 18 -28.00 20.39 50.46
CA GLN L 18 -28.61 19.37 49.59
C GLN L 18 -28.51 19.72 48.11
N LEU L 19 -28.19 18.73 47.28
CA LEU L 19 -28.02 18.93 45.83
C LEU L 19 -29.33 19.14 45.06
N PRO L 20 -29.26 19.62 43.81
CA PRO L 20 -30.45 19.88 43.00
C PRO L 20 -31.21 18.62 42.54
N THR L 21 -32.53 18.73 42.47
CA THR L 21 -33.39 17.66 41.94
C THR L 21 -34.23 18.18 40.76
N LEU L 22 -34.78 17.26 39.97
CA LEU L 22 -35.60 17.60 38.80
C LEU L 22 -36.84 18.46 39.12
N GLU L 23 -37.21 18.51 40.40
CA GLU L 23 -38.39 19.25 40.85
C GLU L 23 -37.99 20.60 41.48
N SER L 24 -36.69 20.89 41.49
CA SER L 24 -36.16 22.13 42.07
C SER L 24 -36.70 23.35 41.33
N VAL L 25 -37.12 24.35 42.10
CA VAL L 25 -37.69 25.56 41.53
C VAL L 25 -36.61 26.63 41.34
N GLU L 26 -36.47 27.10 40.10
CA GLU L 26 -35.43 28.06 39.74
C GLU L 26 -36.01 29.46 39.48
N ASN L 27 -37.23 29.70 39.96
CA ASN L 27 -37.87 31.00 39.84
C ASN L 27 -37.07 32.09 40.55
N TYR L 28 -36.94 33.25 39.90
CA TYR L 28 -36.27 34.40 40.49
C TYR L 28 -36.77 35.69 39.85
N THR L 29 -36.70 36.78 40.62
CA THR L 29 -37.07 38.11 40.15
C THR L 29 -35.98 39.10 40.50
N LEU L 30 -35.45 39.76 39.47
CA LEU L 30 -34.44 40.80 39.67
C LEU L 30 -35.08 42.18 39.50
N THR L 31 -35.04 42.98 40.57
CA THR L 31 -35.69 44.29 40.58
C THR L 31 -34.67 45.38 40.92
N ILE L 32 -34.35 46.20 39.92
CA ILE L 32 -33.37 47.27 40.07
C ILE L 32 -34.01 48.62 39.73
N ASN L 33 -34.12 49.48 40.75
CA ASN L 33 -34.63 50.84 40.56
C ASN L 33 -34.07 51.89 41.53
N ASP L 34 -34.71 53.07 41.54
CA ASP L 34 -34.27 54.22 42.32
C ASP L 34 -34.43 53.97 43.83
N ASP L 35 -35.39 53.13 44.18
CA ASP L 35 -35.66 52.81 45.57
C ASP L 35 -34.81 51.65 46.08
N GLN L 36 -34.66 50.60 45.29
CA GLN L 36 -34.01 49.39 45.76
C GLN L 36 -33.23 48.62 44.69
N CYS L 37 -32.63 47.50 45.13
CA CYS L 37 -31.99 46.53 44.26
C CYS L 37 -32.17 45.16 44.89
N LEU L 38 -33.00 44.34 44.26
CA LEU L 38 -33.46 43.10 44.89
C LEU L 38 -33.35 41.86 43.98
N LEU L 39 -32.86 40.76 44.56
CA LEU L 39 -32.88 39.45 43.91
C LEU L 39 -33.73 38.52 44.76
N LEU L 40 -35.04 38.56 44.56
CA LEU L 40 -35.95 37.65 45.25
C LEU L 40 -36.09 36.38 44.44
N SER L 41 -35.54 35.30 44.98
CA SER L 41 -35.64 33.97 44.37
C SER L 41 -36.60 33.12 45.18
N GLU L 42 -37.20 32.12 44.52
CA GLU L 42 -38.04 31.13 45.22
C GLU L 42 -37.14 30.24 46.06
N THR L 43 -36.20 29.55 45.42
CA THR L 43 -35.26 28.68 46.10
C THR L 43 -33.82 29.18 45.96
N VAL L 44 -32.92 28.56 46.74
CA VAL L 44 -31.49 28.83 46.72
C VAL L 44 -30.88 28.78 45.31
N TRP L 45 -31.44 27.93 44.45
CA TRP L 45 -30.95 27.73 43.09
C TRP L 45 -31.42 28.84 42.15
N GLY L 46 -32.62 29.33 42.38
CA GLY L 46 -33.15 30.46 41.62
C GLY L 46 -32.24 31.66 41.69
N ALA L 47 -31.58 31.82 42.84
CA ALA L 47 -30.68 32.94 43.10
C ALA L 47 -29.35 32.85 42.35
N LEU L 48 -28.88 31.62 42.12
CA LEU L 48 -27.69 31.38 41.30
C LEU L 48 -27.92 31.80 39.86
N ARG L 49 -29.15 31.57 39.39
CA ARG L 49 -29.59 31.98 38.07
C ARG L 49 -29.73 33.49 38.01
N GLY L 50 -30.24 34.08 39.09
CA GLY L 50 -30.40 35.52 39.22
C GLY L 50 -29.09 36.28 39.34
N LEU L 51 -28.09 35.64 39.94
CA LEU L 51 -26.75 36.22 40.05
C LEU L 51 -26.06 36.27 38.70
N GLU L 52 -26.23 35.20 37.91
CA GLU L 52 -25.66 35.13 36.57
C GLU L 52 -26.27 36.20 35.68
N THR L 53 -27.60 36.21 35.58
CA THR L 53 -28.32 37.26 34.89
C THR L 53 -27.72 38.62 35.25
N PHE L 54 -27.68 38.92 36.54
CA PHE L 54 -27.12 40.16 37.07
C PHE L 54 -25.68 40.40 36.63
N SER L 55 -24.88 39.33 36.59
CA SER L 55 -23.48 39.46 36.20
C SER L 55 -23.38 40.04 34.80
N GLN L 56 -24.21 39.52 33.90
CA GLN L 56 -24.21 39.95 32.51
C GLN L 56 -24.81 41.34 32.30
N LEU L 57 -25.61 41.81 33.25
CA LEU L 57 -26.27 43.11 33.13
C LEU L 57 -25.34 44.29 33.40
N VAL L 58 -24.41 44.08 34.33
CA VAL L 58 -23.41 45.11 34.65
C VAL L 58 -22.59 45.35 33.39
N TRP L 59 -22.30 46.62 33.12
CA TRP L 59 -21.62 47.03 31.89
C TRP L 59 -20.82 48.28 32.16
N LYS L 60 -19.70 48.42 31.45
CA LYS L 60 -18.90 49.63 31.55
C LYS L 60 -18.96 50.42 30.26
N SER L 61 -18.82 51.75 30.39
CA SER L 61 -18.88 52.66 29.26
C SER L 61 -17.52 52.83 28.56
N ALA L 62 -17.37 53.91 27.81
CA ALA L 62 -16.11 54.24 27.15
C ALA L 62 -15.14 54.87 28.14
N GLU L 63 -15.69 55.47 29.20
CA GLU L 63 -14.89 56.06 30.29
C GLU L 63 -14.49 55.01 31.32
N GLY L 64 -14.89 53.75 31.05
CA GLY L 64 -14.57 52.63 31.93
C GLY L 64 -15.38 52.62 33.21
N THR L 65 -16.49 53.36 33.21
CA THR L 65 -17.35 53.52 34.39
C THR L 65 -18.30 52.33 34.52
N PHE L 66 -18.33 51.73 35.71
CA PHE L 66 -19.21 50.60 35.97
C PHE L 66 -20.65 51.03 36.18
N PHE L 67 -21.56 50.50 35.36
CA PHE L 67 -22.96 50.89 35.37
C PHE L 67 -23.92 49.71 35.49
N ILE L 68 -25.13 49.99 35.95
CA ILE L 68 -26.23 49.05 35.91
C ILE L 68 -27.52 49.78 35.54
N ASN L 69 -28.33 49.18 34.67
CA ASN L 69 -29.56 49.80 34.19
C ASN L 69 -30.80 49.45 34.99
N LYS L 70 -31.64 50.45 35.23
CA LYS L 70 -32.93 50.26 35.89
C LYS L 70 -33.64 49.10 35.20
N THR L 71 -33.92 48.06 35.98
CA THR L 71 -34.50 46.86 35.40
C THR L 71 -35.50 46.13 36.30
N GLU L 72 -36.45 45.45 35.65
CA GLU L 72 -37.41 44.57 36.29
C GLU L 72 -37.43 43.25 35.51
N ILE L 73 -36.91 42.19 36.12
CA ILE L 73 -36.85 40.87 35.47
C ILE L 73 -37.53 39.78 36.29
N GLU L 74 -38.55 39.18 35.70
CA GLU L 74 -39.31 38.07 36.30
C GLU L 74 -39.05 36.85 35.42
N ASP L 75 -38.24 35.91 35.90
CA ASP L 75 -37.69 34.87 35.04
C ASP L 75 -37.82 33.46 35.60
N PHE L 76 -37.96 32.50 34.69
CA PHE L 76 -38.04 31.06 35.01
C PHE L 76 -37.67 30.21 33.80
N PRO L 77 -37.04 29.04 34.03
CA PRO L 77 -36.74 28.13 32.92
C PRO L 77 -37.99 27.50 32.32
N ARG L 78 -38.00 27.34 30.99
CA ARG L 78 -39.10 26.69 30.29
C ARG L 78 -39.05 25.16 30.49
N PHE L 79 -37.84 24.60 30.44
CA PHE L 79 -37.63 23.17 30.71
C PHE L 79 -36.79 22.98 31.98
N PRO L 80 -37.20 22.05 32.86
CA PRO L 80 -36.44 21.79 34.09
C PRO L 80 -35.37 20.68 33.98
N HIS L 81 -34.99 20.30 32.75
CA HIS L 81 -33.85 19.40 32.54
C HIS L 81 -33.01 19.82 31.33
N ARG L 82 -32.01 20.67 31.57
CA ARG L 82 -31.20 21.21 30.49
C ARG L 82 -29.75 20.77 30.65
N GLY L 83 -29.44 19.59 30.10
CA GLY L 83 -28.15 18.96 30.28
C GLY L 83 -27.13 19.09 29.16
N LEU L 84 -25.89 18.72 29.48
CA LEU L 84 -24.78 18.75 28.53
C LEU L 84 -24.00 17.45 28.65
N LEU L 85 -23.89 16.74 27.53
CA LEU L 85 -23.28 15.42 27.52
C LEU L 85 -21.82 15.46 27.17
N LEU L 86 -21.00 14.83 28.02
CA LEU L 86 -19.58 14.67 27.77
C LEU L 86 -19.18 13.19 27.74
N ASP L 87 -18.39 12.81 26.73
CA ASP L 87 -17.92 11.43 26.60
C ASP L 87 -16.47 11.32 27.07
N THR L 88 -16.28 10.65 28.20
CA THR L 88 -14.96 10.55 28.83
C THR L 88 -14.35 9.15 28.69
N SER L 89 -14.78 8.42 27.66
CA SER L 89 -14.27 7.08 27.39
C SER L 89 -13.46 7.00 26.09
N ARG L 90 -14.01 7.55 25.01
CA ARG L 90 -13.27 7.58 23.75
C ARG L 90 -12.04 8.46 23.90
N HIS L 91 -12.19 9.51 24.72
CA HIS L 91 -11.04 10.30 25.16
C HIS L 91 -11.21 10.74 26.61
N TYR L 92 -10.20 10.45 27.41
CA TYR L 92 -10.18 10.89 28.80
C TYR L 92 -10.06 12.42 28.90
N LEU L 93 -10.86 13.00 29.79
CA LEU L 93 -10.82 14.43 30.05
C LEU L 93 -10.19 14.71 31.43
N PRO L 94 -9.22 15.66 31.47
CA PRO L 94 -8.60 16.08 32.72
C PRO L 94 -9.62 16.65 33.68
N LEU L 95 -9.43 16.40 34.98
CA LEU L 95 -10.33 16.89 36.02
C LEU L 95 -10.62 18.39 35.84
N SER L 96 -9.57 19.16 35.58
CA SER L 96 -9.67 20.59 35.28
C SER L 96 -10.68 20.88 34.17
N SER L 97 -10.49 20.24 33.02
CA SER L 97 -11.32 20.47 31.83
C SER L 97 -12.82 20.35 32.11
N ILE L 98 -13.21 19.32 32.85
CA ILE L 98 -14.62 19.08 33.16
C ILE L 98 -15.16 20.13 34.14
N LEU L 99 -14.34 20.51 35.13
CA LEU L 99 -14.73 21.54 36.10
C LEU L 99 -14.93 22.89 35.40
N ASP L 100 -14.06 23.21 34.45
CA ASP L 100 -14.17 24.43 33.67
C ASP L 100 -15.44 24.43 32.82
N THR L 101 -15.78 23.29 32.25
CA THR L 101 -17.01 23.13 31.48
C THR L 101 -18.22 23.37 32.38
N LEU L 102 -18.18 22.79 33.58
CA LEU L 102 -19.22 23.02 34.58
C LEU L 102 -19.40 24.51 34.85
N ASP L 103 -18.28 25.24 34.91
CA ASP L 103 -18.30 26.68 35.09
C ASP L 103 -19.01 27.42 33.96
N VAL L 104 -18.75 26.99 32.73
CA VAL L 104 -19.35 27.62 31.56
C VAL L 104 -20.82 27.22 31.39
N MET L 105 -21.17 26.02 31.88
CA MET L 105 -22.56 25.59 31.94
C MET L 105 -23.40 26.52 32.82
N ALA L 106 -22.81 26.92 33.95
CA ALA L 106 -23.46 27.80 34.93
C ALA L 106 -23.72 29.20 34.38
N TYR L 107 -22.86 29.67 33.48
CA TYR L 107 -23.08 30.93 32.78
C TYR L 107 -24.30 30.81 31.86
N ASN L 108 -24.45 29.62 31.27
CA ASN L 108 -25.48 29.34 30.28
C ASN L 108 -26.77 28.80 30.90
N LYS L 109 -26.74 28.56 32.20
CA LYS L 109 -27.88 28.05 32.98
C LYS L 109 -28.26 26.60 32.63
N LEU L 110 -27.25 25.80 32.29
CA LEU L 110 -27.44 24.37 32.06
C LEU L 110 -27.30 23.62 33.37
N ASN L 111 -28.33 22.89 33.76
CA ASN L 111 -28.38 22.29 35.09
C ASN L 111 -28.29 20.76 35.19
N VAL L 112 -28.03 20.07 34.08
CA VAL L 112 -27.89 18.61 34.13
C VAL L 112 -26.60 18.12 33.44
N PHE L 113 -25.55 17.95 34.23
CA PHE L 113 -24.29 17.43 33.72
C PHE L 113 -24.41 15.95 33.38
N HIS L 114 -24.46 15.66 32.08
CA HIS L 114 -24.51 14.28 31.58
C HIS L 114 -23.09 13.75 31.38
N TRP L 115 -22.69 12.87 32.30
CA TRP L 115 -21.36 12.27 32.25
C TRP L 115 -21.47 10.88 31.64
N HIS L 116 -20.88 10.73 30.45
CA HIS L 116 -20.71 9.43 29.83
C HIS L 116 -19.29 8.96 30.16
N LEU L 117 -19.15 8.43 31.37
CA LEU L 117 -17.86 8.03 31.95
C LEU L 117 -17.18 6.94 31.14
N VAL L 118 -17.94 5.88 30.82
CA VAL L 118 -17.37 4.66 30.23
C VAL L 118 -17.95 4.34 28.86
N ASP L 119 -17.24 3.50 28.12
CA ASP L 119 -17.69 2.97 26.83
C ASP L 119 -16.70 1.90 26.36
N ASP L 120 -16.92 1.39 25.14
CA ASP L 120 -16.11 0.31 24.55
C ASP L 120 -14.57 0.48 24.60
N PRO L 121 -14.04 1.66 24.18
CA PRO L 121 -12.59 1.81 24.24
C PRO L 121 -12.04 1.91 25.67
N SER L 122 -12.64 2.77 26.51
CA SER L 122 -12.08 3.02 27.84
C SER L 122 -13.07 2.88 29.01
N PHE L 123 -12.54 2.52 30.16
CA PHE L 123 -13.28 2.51 31.40
C PHE L 123 -12.41 3.19 32.47
N PRO L 124 -12.55 4.52 32.61
CA PRO L 124 -11.66 5.31 33.47
C PRO L 124 -12.12 5.40 34.94
N TYR L 125 -13.43 5.24 35.16
CA TYR L 125 -14.02 5.25 36.49
C TYR L 125 -13.46 4.12 37.36
N GLU L 126 -12.78 4.51 38.43
CA GLU L 126 -12.17 3.55 39.33
C GLU L 126 -13.18 2.98 40.32
N SER L 127 -13.41 1.66 40.21
CA SER L 127 -14.32 0.96 41.11
C SER L 127 -13.60 0.48 42.37
N PHE L 128 -14.37 0.24 43.42
CA PHE L 128 -13.84 -0.41 44.62
C PHE L 128 -14.58 -1.72 44.94
N THR L 129 -15.73 -1.92 44.30
CA THR L 129 -16.42 -3.22 44.35
C THR L 129 -15.81 -4.19 43.35
N PHE L 130 -15.35 -3.67 42.21
CA PHE L 130 -14.65 -4.45 41.19
C PHE L 130 -13.46 -3.68 40.62
N PRO L 131 -12.41 -3.45 41.44
CA PRO L 131 -11.27 -2.60 41.08
C PRO L 131 -10.62 -2.95 39.74
N GLU L 132 -10.76 -4.21 39.33
CA GLU L 132 -10.11 -4.69 38.10
C GLU L 132 -10.77 -4.21 36.81
N LEU L 133 -11.99 -3.68 36.91
CA LEU L 133 -12.64 -2.99 35.78
C LEU L 133 -11.74 -1.87 35.27
N MET L 134 -11.34 -1.00 36.20
CA MET L 134 -10.46 0.14 35.93
C MET L 134 -9.07 -0.33 35.52
N ARG L 135 -8.46 -1.16 36.39
CA ARG L 135 -7.11 -1.69 36.19
C ARG L 135 -6.89 -2.24 34.79
N LYS L 136 -7.85 -3.03 34.30
CA LYS L 136 -7.70 -3.69 33.01
C LYS L 136 -8.49 -3.00 31.89
N GLY L 137 -9.27 -1.98 32.25
CA GLY L 137 -10.13 -1.29 31.29
C GLY L 137 -9.58 0.04 30.81
N SER L 138 -9.20 0.89 31.76
CA SER L 138 -8.72 2.24 31.47
C SER L 138 -7.56 2.28 30.48
N TYR L 139 -7.44 3.41 29.77
CA TYR L 139 -6.33 3.67 28.87
C TYR L 139 -5.01 3.56 29.62
N ASN L 140 -4.95 4.16 30.80
CA ASN L 140 -3.77 4.06 31.67
C ASN L 140 -4.17 4.05 33.16
N PRO L 141 -4.13 2.84 33.77
CA PRO L 141 -4.54 2.52 35.16
C PRO L 141 -4.08 3.47 36.28
N VAL L 142 -3.34 4.53 35.96
CA VAL L 142 -3.01 5.56 36.96
C VAL L 142 -3.25 7.00 36.44
N THR L 143 -2.75 7.30 35.24
CA THR L 143 -2.76 8.67 34.72
C THR L 143 -4.11 9.17 34.15
N HIS L 144 -4.86 8.28 33.51
CA HIS L 144 -6.18 8.63 32.96
C HIS L 144 -7.29 7.95 33.78
N ILE L 145 -7.46 8.39 35.03
CA ILE L 145 -8.35 7.73 36.01
C ILE L 145 -9.21 8.72 36.80
N TYR L 146 -10.41 8.28 37.17
CA TYR L 146 -11.27 9.02 38.10
C TYR L 146 -11.35 8.32 39.47
N THR L 147 -10.66 8.88 40.45
CA THR L 147 -10.72 8.40 41.84
C THR L 147 -12.01 8.84 42.48
N ALA L 148 -12.48 8.06 43.46
CA ALA L 148 -13.66 8.39 44.26
C ALA L 148 -13.64 9.84 44.73
N GLN L 149 -12.44 10.39 44.91
CA GLN L 149 -12.23 11.80 45.27
C GLN L 149 -12.64 12.73 44.12
N ASP L 150 -12.12 12.46 42.93
CA ASP L 150 -12.44 13.24 41.72
C ASP L 150 -13.94 13.25 41.44
N VAL L 151 -14.58 12.10 41.62
CA VAL L 151 -16.02 11.95 41.44
C VAL L 151 -16.79 12.86 42.41
N LYS L 152 -16.52 12.72 43.70
CA LYS L 152 -17.20 13.53 44.72
C LYS L 152 -16.78 15.01 44.69
N GLU L 153 -15.68 15.29 43.98
CA GLU L 153 -15.30 16.67 43.68
C GLU L 153 -16.27 17.23 42.63
N VAL L 154 -16.22 16.66 41.43
CA VAL L 154 -17.09 17.04 40.32
C VAL L 154 -18.54 17.26 40.80
N ILE L 155 -19.03 16.31 41.60
CA ILE L 155 -20.41 16.37 42.10
C ILE L 155 -20.63 17.55 43.03
N GLU L 156 -19.73 17.76 43.98
CA GLU L 156 -19.80 18.90 44.91
C GLU L 156 -19.66 20.22 44.15
N TYR L 157 -18.75 20.23 43.18
CA TYR L 157 -18.48 21.39 42.34
C TYR L 157 -19.64 21.71 41.41
N ALA L 158 -20.32 20.67 40.92
CA ALA L 158 -21.52 20.84 40.10
C ALA L 158 -22.71 21.23 40.98
N ARG L 159 -22.69 20.75 42.21
CA ARG L 159 -23.71 21.11 43.20
C ARG L 159 -23.60 22.59 43.55
N LEU L 160 -22.37 23.09 43.56
CA LEU L 160 -22.10 24.51 43.80
C LEU L 160 -22.65 25.41 42.68
N ARG L 161 -22.75 24.86 41.47
CA ARG L 161 -23.25 25.61 40.33
C ARG L 161 -24.72 25.31 40.00
N GLY L 162 -25.36 24.50 40.84
CA GLY L 162 -26.76 24.13 40.63
C GLY L 162 -26.97 23.09 39.55
N ILE L 163 -25.90 22.35 39.24
CA ILE L 163 -25.94 21.34 38.21
C ILE L 163 -25.97 19.95 38.87
N ARG L 164 -26.95 19.13 38.46
CA ARG L 164 -26.99 17.73 38.88
C ARG L 164 -26.02 16.94 38.02
N VAL L 165 -25.50 15.85 38.56
CA VAL L 165 -24.57 15.00 37.82
C VAL L 165 -25.31 13.72 37.41
N LEU L 166 -25.39 13.48 36.10
CA LEU L 166 -26.09 12.32 35.56
C LEU L 166 -25.09 11.30 35.01
N ALA L 167 -24.75 10.33 35.83
CA ALA L 167 -23.79 9.30 35.45
C ALA L 167 -24.45 8.24 34.59
N GLU L 168 -23.85 7.97 33.43
CA GLU L 168 -24.36 6.95 32.52
C GLU L 168 -23.31 5.88 32.27
N PHE L 169 -23.55 4.72 32.86
CA PHE L 169 -22.73 3.54 32.60
C PHE L 169 -23.51 2.63 31.65
N ASP L 170 -23.22 2.79 30.36
CA ASP L 170 -23.99 2.20 29.27
C ASP L 170 -23.90 0.67 29.19
N THR L 171 -25.05 0.03 29.37
CA THR L 171 -25.20 -1.43 29.25
C THR L 171 -26.52 -1.75 28.55
N PRO L 172 -26.63 -2.93 27.90
CA PRO L 172 -25.58 -3.93 27.70
C PRO L 172 -24.69 -3.66 26.50
N GLY L 173 -25.10 -2.73 25.64
CA GLY L 173 -24.26 -2.27 24.54
C GLY L 173 -23.15 -1.41 25.08
N HIS L 174 -22.19 -1.07 24.22
CA HIS L 174 -21.07 -0.18 24.58
C HIS L 174 -20.35 -0.63 25.86
N THR L 175 -19.86 -1.87 25.85
CA THR L 175 -19.23 -2.48 27.02
C THR L 175 -17.91 -3.22 26.75
N LEU L 176 -17.23 -2.92 25.64
CA LEU L 176 -16.00 -3.67 25.29
C LEU L 176 -14.91 -3.63 26.36
N SER L 177 -14.73 -2.46 26.98
CA SER L 177 -13.76 -2.27 28.07
C SER L 177 -14.01 -3.24 29.24
N TRP L 178 -15.28 -3.34 29.62
CA TRP L 178 -15.76 -4.18 30.73
C TRP L 178 -15.28 -5.64 30.67
N GLY L 179 -14.78 -6.06 29.51
CA GLY L 179 -14.28 -7.42 29.28
C GLY L 179 -13.13 -7.78 30.20
N PRO L 180 -11.91 -7.32 29.87
CA PRO L 180 -10.77 -7.48 30.78
C PRO L 180 -11.06 -6.85 32.15
N GLY L 181 -10.98 -7.67 33.20
CA GLY L 181 -11.30 -7.23 34.56
C GLY L 181 -12.29 -8.15 35.27
N ILE L 182 -13.53 -8.17 34.78
CA ILE L 182 -14.51 -9.18 35.19
C ILE L 182 -14.72 -10.20 34.06
N PRO L 183 -14.13 -11.41 34.21
CA PRO L 183 -14.05 -12.44 33.17
C PRO L 183 -15.40 -13.08 32.80
N GLY L 184 -15.66 -13.19 31.50
CA GLY L 184 -16.84 -13.89 30.99
C GLY L 184 -18.14 -13.10 31.06
N LEU L 185 -18.03 -11.79 31.32
CA LEU L 185 -19.19 -10.89 31.32
C LEU L 185 -19.65 -10.61 29.90
N LEU L 186 -18.70 -10.39 29.00
CA LEU L 186 -19.01 -10.23 27.60
C LEU L 186 -19.41 -11.57 26.97
N THR L 187 -20.20 -11.49 25.89
CA THR L 187 -20.57 -12.64 25.09
C THR L 187 -19.53 -12.83 23.97
N PRO L 188 -18.89 -14.03 23.91
CA PRO L 188 -17.91 -14.35 22.87
C PRO L 188 -18.59 -14.72 21.54
N CYS L 189 -18.38 -13.89 20.53
CA CYS L 189 -19.01 -14.08 19.22
C CYS L 189 -18.46 -15.32 18.50
N TYR L 190 -19.37 -16.06 17.86
CA TYR L 190 -19.02 -17.25 17.08
C TYR L 190 -19.01 -16.94 15.58
N SER L 191 -18.30 -17.77 14.80
CA SER L 191 -18.27 -17.63 13.34
C SER L 191 -18.89 -18.82 12.59
N GLY L 192 -19.02 -19.95 13.28
CA GLY L 192 -19.61 -21.15 12.69
C GLY L 192 -19.85 -22.26 13.70
N SER L 193 -18.75 -22.78 14.25
CA SER L 193 -18.82 -23.85 15.25
C SER L 193 -17.77 -23.64 16.36
N GLU L 194 -16.76 -22.80 16.07
CA GLU L 194 -15.75 -22.41 17.05
C GLU L 194 -15.68 -20.87 17.21
N PRO L 195 -15.75 -20.37 18.47
CA PRO L 195 -15.73 -18.92 18.76
C PRO L 195 -14.47 -18.21 18.20
N SER L 196 -14.68 -17.10 17.49
CA SER L 196 -13.59 -16.47 16.72
C SER L 196 -12.94 -15.21 17.32
N GLY L 197 -12.74 -15.20 18.65
CA GLY L 197 -11.98 -14.16 19.32
C GLY L 197 -12.76 -12.92 19.73
N THR L 198 -13.57 -12.39 18.79
CA THR L 198 -14.37 -11.18 19.00
C THR L 198 -15.39 -11.30 20.15
N PHE L 199 -15.55 -10.21 20.89
CA PHE L 199 -16.58 -10.10 21.93
C PHE L 199 -17.66 -9.07 21.54
N GLY L 200 -18.90 -9.34 21.93
CA GLY L 200 -20.01 -8.43 21.66
C GLY L 200 -20.44 -7.72 22.92
N PRO L 201 -21.76 -7.54 23.11
CA PRO L 201 -22.35 -6.89 24.29
C PRO L 201 -22.20 -7.74 25.57
N VAL L 202 -22.94 -7.37 26.61
CA VAL L 202 -23.00 -8.16 27.86
C VAL L 202 -23.65 -9.53 27.61
N ASN L 203 -23.41 -10.46 28.54
CA ASN L 203 -23.97 -11.81 28.52
C ASN L 203 -25.20 -11.88 29.43
N PRO L 204 -26.42 -11.73 28.86
CA PRO L 204 -27.61 -11.68 29.70
C PRO L 204 -28.22 -13.05 30.00
N SER L 205 -27.44 -14.11 29.80
CA SER L 205 -27.89 -15.49 30.07
C SER L 205 -27.34 -16.09 31.37
N LEU L 206 -26.08 -15.77 31.68
CA LEU L 206 -25.40 -16.29 32.88
C LEU L 206 -25.97 -15.70 34.17
N ASN L 207 -25.73 -16.38 35.29
CA ASN L 207 -26.10 -15.86 36.60
C ASN L 207 -25.05 -14.92 37.19
N ASN L 208 -23.79 -15.13 36.77
CA ASN L 208 -22.66 -14.26 37.13
C ASN L 208 -22.88 -12.79 36.75
N THR L 209 -23.53 -12.59 35.60
CA THR L 209 -23.87 -11.26 35.08
C THR L 209 -24.76 -10.48 36.06
N TYR L 210 -25.92 -11.04 36.38
CA TYR L 210 -26.91 -10.33 37.21
C TYR L 210 -26.55 -10.25 38.69
N GLU L 211 -25.51 -11.01 39.09
CA GLU L 211 -24.98 -10.94 40.44
C GLU L 211 -23.92 -9.83 40.52
N PHE L 212 -23.13 -9.72 39.47
CA PHE L 212 -22.19 -8.61 39.29
C PHE L 212 -22.94 -7.28 39.23
N MET L 213 -24.01 -7.24 38.43
CA MET L 213 -24.78 -6.01 38.19
C MET L 213 -25.44 -5.48 39.45
N SER L 214 -25.89 -6.38 40.33
CA SER L 214 -26.45 -6.00 41.61
C SER L 214 -25.39 -5.38 42.52
N THR L 215 -24.18 -5.93 42.45
CA THR L 215 -23.06 -5.48 43.30
C THR L 215 -22.44 -4.16 42.81
N PHE L 216 -22.38 -3.98 41.49
CA PHE L 216 -21.78 -2.79 40.92
C PHE L 216 -22.71 -1.57 40.98
N PHE L 217 -23.99 -1.78 40.70
CA PHE L 217 -24.99 -0.70 40.74
C PHE L 217 -25.46 -0.34 42.15
N LEU L 218 -24.98 -1.09 43.14
CA LEU L 218 -25.12 -0.70 44.55
C LEU L 218 -24.05 0.34 44.89
N GLU L 219 -22.97 0.36 44.11
CA GLU L 219 -21.91 1.35 44.28
C GLU L 219 -22.24 2.66 43.55
N VAL L 220 -22.57 2.56 42.26
CA VAL L 220 -22.94 3.73 41.46
C VAL L 220 -23.97 4.59 42.19
N SER L 221 -25.00 3.94 42.74
CA SER L 221 -26.07 4.60 43.48
C SER L 221 -25.61 5.14 44.85
N SER L 222 -24.60 4.50 45.42
CA SER L 222 -24.00 4.94 46.69
C SER L 222 -23.13 6.18 46.48
N VAL L 223 -22.50 6.26 45.31
CA VAL L 223 -21.58 7.36 44.99
C VAL L 223 -22.32 8.56 44.40
N PHE L 224 -23.15 8.31 43.38
CA PHE L 224 -23.88 9.38 42.70
C PHE L 224 -25.19 9.71 43.38
N PRO L 225 -25.29 10.92 43.95
CA PRO L 225 -26.41 11.29 44.82
C PRO L 225 -27.66 11.77 44.07
N ASP L 226 -27.66 11.70 42.75
CA ASP L 226 -28.83 12.08 41.95
C ASP L 226 -29.84 10.94 41.92
N PHE L 227 -31.12 11.28 42.08
CA PHE L 227 -32.22 10.32 42.03
C PHE L 227 -32.22 9.49 40.74
N TYR L 228 -31.87 10.13 39.63
CA TYR L 228 -31.84 9.47 38.32
C TYR L 228 -30.45 9.00 37.94
N LEU L 229 -30.41 7.86 37.25
CA LEU L 229 -29.17 7.31 36.67
C LEU L 229 -29.47 6.75 35.30
N HIS L 230 -28.80 7.29 34.30
CA HIS L 230 -29.02 6.89 32.91
C HIS L 230 -28.34 5.57 32.63
N LEU L 231 -29.13 4.56 32.26
CA LEU L 231 -28.66 3.19 32.20
C LEU L 231 -28.25 2.72 30.79
N GLY L 232 -28.45 3.58 29.80
CA GLY L 232 -27.93 3.36 28.45
C GLY L 232 -28.85 2.60 27.53
N GLY L 233 -28.31 1.54 26.92
CA GLY L 233 -29.09 0.66 26.04
C GLY L 233 -29.24 1.16 24.61
N ASP L 234 -28.20 1.78 24.08
CA ASP L 234 -28.22 2.25 22.70
C ASP L 234 -27.27 1.44 21.82
N GLU L 235 -27.61 1.34 20.52
CA GLU L 235 -26.83 0.60 19.54
C GLU L 235 -26.55 -0.85 19.97
N VAL L 236 -27.50 -1.45 20.69
CA VAL L 236 -27.37 -2.80 21.24
C VAL L 236 -27.44 -3.86 20.12
N ASP L 237 -26.27 -4.32 19.70
CA ASP L 237 -26.13 -5.30 18.61
C ASP L 237 -26.66 -6.68 18.99
N PHE L 238 -27.56 -7.24 18.16
CA PHE L 238 -28.06 -8.60 18.39
C PHE L 238 -27.14 -9.67 17.80
N THR L 239 -26.42 -9.31 16.72
CA THR L 239 -25.56 -10.22 15.95
C THR L 239 -24.78 -11.26 16.80
N CYS L 240 -23.97 -10.78 17.73
CA CYS L 240 -23.12 -11.62 18.59
C CYS L 240 -23.91 -12.61 19.46
N TRP L 241 -25.04 -12.15 19.99
CA TRP L 241 -25.92 -12.98 20.83
C TRP L 241 -26.51 -14.18 20.09
N LYS L 242 -26.74 -14.03 18.79
CA LYS L 242 -27.32 -15.09 17.95
C LYS L 242 -26.31 -16.18 17.62
N SER L 243 -25.15 -15.77 17.09
CA SER L 243 -24.06 -16.69 16.73
C SER L 243 -23.68 -17.58 17.92
N ASN L 244 -23.89 -17.06 19.12
CA ASN L 244 -23.70 -17.80 20.36
C ASN L 244 -24.73 -18.93 20.57
N PRO L 245 -24.27 -20.20 20.50
CA PRO L 245 -25.13 -21.39 20.60
C PRO L 245 -25.64 -21.67 22.02
N GLU L 246 -24.85 -21.31 23.02
CA GLU L 246 -25.23 -21.52 24.42
C GLU L 246 -26.37 -20.58 24.85
N ILE L 247 -26.39 -19.37 24.27
CA ILE L 247 -27.47 -18.40 24.50
C ILE L 247 -28.73 -18.75 23.70
N GLN L 248 -28.56 -19.17 22.45
CA GLN L 248 -29.66 -19.70 21.64
C GLN L 248 -30.51 -20.63 22.48
N ASP L 249 -29.82 -21.52 23.21
CA ASP L 249 -30.43 -22.41 24.18
C ASP L 249 -31.23 -21.65 25.24
N PHE L 250 -30.60 -20.68 25.89
CA PHE L 250 -31.22 -19.89 26.97
C PHE L 250 -32.62 -19.40 26.58
N MET L 251 -32.73 -18.88 25.35
CA MET L 251 -34.00 -18.33 24.85
C MET L 251 -35.11 -19.35 24.74
N ARG L 252 -34.79 -20.52 24.19
CA ARG L 252 -35.72 -21.66 24.15
C ARG L 252 -36.23 -21.99 25.54
N LYS L 253 -35.34 -21.91 26.53
CA LYS L 253 -35.63 -22.31 27.92
C LYS L 253 -36.51 -21.32 28.66
N LYS L 254 -36.57 -20.07 28.17
CA LYS L 254 -37.47 -19.07 28.72
C LYS L 254 -38.70 -18.92 27.81
N GLY L 255 -38.57 -19.41 26.58
CA GLY L 255 -39.66 -19.35 25.59
C GLY L 255 -39.68 -18.05 24.81
N PHE L 256 -38.51 -17.52 24.50
CA PHE L 256 -38.40 -16.28 23.74
C PHE L 256 -38.50 -16.53 22.22
N GLY L 257 -37.56 -17.30 21.67
CA GLY L 257 -37.61 -17.69 20.27
C GLY L 257 -36.58 -17.01 19.39
N GLU L 258 -37.05 -16.17 18.46
CA GLU L 258 -36.20 -15.60 17.41
C GLU L 258 -35.92 -14.10 17.54
N ASP L 259 -36.85 -13.37 18.15
CA ASP L 259 -36.70 -11.92 18.36
C ASP L 259 -35.97 -11.60 19.67
N PHE L 260 -34.69 -11.23 19.52
CA PHE L 260 -33.81 -10.92 20.65
C PHE L 260 -34.21 -9.61 21.32
N LYS L 261 -35.21 -8.95 20.75
CA LYS L 261 -35.81 -7.73 21.30
C LYS L 261 -36.40 -8.00 22.69
N GLN L 262 -36.93 -9.21 22.88
CA GLN L 262 -37.42 -9.62 24.20
C GLN L 262 -36.37 -10.39 25.02
N LEU L 263 -35.23 -10.69 24.39
CA LEU L 263 -34.05 -11.11 25.14
C LEU L 263 -33.47 -9.88 25.84
N GLU L 264 -33.39 -8.78 25.09
CA GLU L 264 -32.96 -7.48 25.62
C GLU L 264 -33.89 -7.04 26.76
N SER L 265 -35.20 -7.12 26.53
CA SER L 265 -36.22 -6.77 27.53
C SER L 265 -36.01 -7.51 28.85
N PHE L 266 -35.45 -8.71 28.77
CA PHE L 266 -35.13 -9.49 29.96
C PHE L 266 -34.00 -8.83 30.73
N TYR L 267 -32.91 -8.52 30.03
CA TYR L 267 -31.75 -7.89 30.63
C TYR L 267 -32.10 -6.57 31.33
N ILE L 268 -32.97 -5.78 30.71
CA ILE L 268 -33.31 -4.44 31.16
C ILE L 268 -34.24 -4.43 32.38
N GLN L 269 -35.33 -5.20 32.31
CA GLN L 269 -36.32 -5.32 33.41
C GLN L 269 -35.65 -5.71 34.73
N THR L 270 -34.74 -6.69 34.64
CA THR L 270 -33.97 -7.17 35.79
C THR L 270 -33.14 -6.01 36.35
N LEU L 271 -32.40 -5.35 35.46
CA LEU L 271 -31.55 -4.22 35.81
C LEU L 271 -32.35 -3.04 36.33
N LEU L 272 -33.56 -2.86 35.77
CA LEU L 272 -34.50 -1.84 36.26
C LEU L 272 -35.04 -2.16 37.65
N ASP L 273 -35.10 -3.45 37.98
CA ASP L 273 -35.48 -3.90 39.31
C ASP L 273 -34.31 -3.84 40.29
N ILE L 274 -33.09 -3.91 39.75
CA ILE L 274 -31.87 -3.75 40.54
C ILE L 274 -31.68 -2.28 40.95
N VAL L 275 -31.70 -1.39 39.95
CA VAL L 275 -31.55 0.04 40.16
C VAL L 275 -32.74 0.62 40.96
N SER L 276 -33.96 0.22 40.60
CA SER L 276 -35.17 0.69 41.28
C SER L 276 -35.14 0.46 42.78
N SER L 277 -34.66 -0.72 43.19
CA SER L 277 -34.63 -1.14 44.59
C SER L 277 -33.70 -0.28 45.48
N TYR L 278 -32.75 0.40 44.84
CA TYR L 278 -31.84 1.31 45.54
C TYR L 278 -32.36 2.75 45.57
N GLY L 279 -33.68 2.91 45.49
CA GLY L 279 -34.32 4.23 45.51
C GLY L 279 -33.89 5.13 44.36
N LYS L 280 -33.56 4.52 43.23
CA LYS L 280 -33.06 5.25 42.06
C LYS L 280 -34.06 5.23 40.92
N GLY L 281 -34.18 6.37 40.25
CA GLY L 281 -34.85 6.46 38.96
C GLY L 281 -33.84 6.16 37.86
N TYR L 282 -34.32 6.16 36.62
CA TYR L 282 -33.48 5.80 35.48
C TYR L 282 -33.92 6.49 34.19
N VAL L 283 -32.94 6.95 33.42
CA VAL L 283 -33.18 7.45 32.08
C VAL L 283 -32.53 6.47 31.12
N VAL L 284 -33.12 6.32 29.93
CA VAL L 284 -32.64 5.36 28.96
C VAL L 284 -32.65 5.94 27.54
N TRP L 285 -31.85 5.38 26.64
CA TRP L 285 -31.83 5.79 25.24
C TRP L 285 -33.11 5.37 24.50
N GLN L 286 -33.26 5.84 23.26
CA GLN L 286 -34.53 5.63 22.54
C GLN L 286 -34.74 4.19 22.03
N GLU L 287 -33.63 3.45 21.87
CA GLU L 287 -33.67 2.07 21.39
C GLU L 287 -34.56 1.14 22.21
N VAL L 288 -34.51 1.31 23.53
CA VAL L 288 -35.24 0.46 24.47
C VAL L 288 -36.76 0.61 24.34
N PHE L 289 -37.22 1.85 24.17
CA PHE L 289 -38.64 2.13 23.86
C PHE L 289 -39.00 1.65 22.46
N ASP L 290 -38.06 1.81 21.53
CA ASP L 290 -38.22 1.35 20.16
C ASP L 290 -38.38 -0.16 20.07
N ASN L 291 -37.67 -0.88 20.94
CA ASN L 291 -37.66 -2.34 20.94
C ASN L 291 -38.77 -2.98 21.80
N LYS L 292 -39.74 -2.17 22.20
CA LYS L 292 -40.94 -2.61 22.92
C LYS L 292 -40.67 -3.27 24.28
N VAL L 293 -39.48 -3.04 24.83
CA VAL L 293 -39.05 -3.56 26.13
C VAL L 293 -40.04 -3.18 27.23
N LYS L 294 -40.43 -4.17 28.05
CA LYS L 294 -41.29 -3.90 29.21
C LYS L 294 -40.64 -2.86 30.12
N ILE L 295 -41.31 -1.72 30.26
CA ILE L 295 -40.72 -0.50 30.80
C ILE L 295 -41.60 0.09 31.89
N GLN L 296 -40.98 0.55 32.99
CA GLN L 296 -41.69 1.22 34.08
C GLN L 296 -42.30 2.54 33.57
N PRO L 297 -43.54 2.85 33.99
CA PRO L 297 -44.18 4.12 33.59
C PRO L 297 -43.40 5.39 34.00
N ASP L 298 -42.46 5.23 34.93
CA ASP L 298 -41.69 6.35 35.48
C ASP L 298 -40.30 6.47 34.82
N THR L 299 -40.14 5.81 33.66
CA THR L 299 -38.87 5.81 32.94
C THR L 299 -38.83 6.89 31.85
N ILE L 300 -37.81 7.74 31.92
CA ILE L 300 -37.63 8.81 30.94
C ILE L 300 -36.85 8.35 29.72
N ILE L 301 -37.41 8.59 28.54
CA ILE L 301 -36.81 8.22 27.26
C ILE L 301 -36.02 9.41 26.71
N GLN L 302 -34.87 9.12 26.08
CA GLN L 302 -34.03 10.18 25.49
C GLN L 302 -33.83 9.95 23.99
N VAL L 303 -34.51 10.76 23.19
CA VAL L 303 -34.44 10.67 21.72
C VAL L 303 -33.12 11.26 21.20
N TRP L 304 -32.46 10.49 20.33
CA TRP L 304 -31.16 10.87 19.79
C TRP L 304 -31.05 10.60 18.28
N ARG L 305 -31.99 9.81 17.76
CA ARG L 305 -31.97 9.40 16.34
C ARG L 305 -32.80 10.34 15.47
N GLU L 306 -32.35 10.49 14.22
CA GLU L 306 -32.90 11.49 13.29
C GLU L 306 -34.06 11.01 12.42
N ASP L 307 -33.81 9.94 11.65
CA ASP L 307 -34.81 9.40 10.73
C ASP L 307 -35.20 7.98 11.11
N ILE L 308 -34.22 7.20 11.54
CA ILE L 308 -34.40 5.79 11.91
C ILE L 308 -34.62 5.64 13.43
N PRO L 309 -35.66 4.89 13.85
CA PRO L 309 -36.71 4.27 13.02
C PRO L 309 -37.70 5.28 12.44
N VAL L 310 -37.99 6.34 13.19
CA VAL L 310 -38.88 7.40 12.71
C VAL L 310 -38.21 8.77 12.92
N ASN L 311 -38.80 9.84 12.38
CA ASN L 311 -38.31 11.20 12.63
C ASN L 311 -38.34 11.55 14.10
N TYR L 312 -37.32 12.29 14.55
CA TYR L 312 -37.15 12.58 15.96
C TYR L 312 -38.33 13.37 16.55
N MET L 313 -39.09 14.07 15.71
CA MET L 313 -40.31 14.76 16.13
C MET L 313 -41.46 13.76 16.37
N LYS L 314 -41.62 12.86 15.40
CA LYS L 314 -42.61 11.79 15.46
C LYS L 314 -42.30 10.91 16.67
N GLU L 315 -41.02 10.60 16.88
CA GLU L 315 -40.53 9.88 18.06
C GLU L 315 -41.03 10.49 19.37
N LEU L 316 -40.93 11.82 19.46
CA LEU L 316 -41.37 12.56 20.64
C LEU L 316 -42.87 12.47 20.84
N GLU L 317 -43.60 12.28 19.74
CA GLU L 317 -45.04 12.06 19.78
C GLU L 317 -45.35 10.67 20.32
N LEU L 318 -44.70 9.67 19.75
CA LEU L 318 -44.85 8.27 20.16
C LEU L 318 -44.58 8.07 21.65
N VAL L 319 -43.44 8.60 22.12
CA VAL L 319 -43.04 8.48 23.52
C VAL L 319 -44.06 9.14 24.47
N THR L 320 -44.44 10.37 24.16
CA THR L 320 -45.40 11.12 24.98
C THR L 320 -46.80 10.51 24.97
N LYS L 321 -47.26 10.10 23.79
CA LYS L 321 -48.58 9.45 23.65
C LYS L 321 -48.65 8.17 24.48
N ALA L 322 -47.54 7.41 24.48
CA ALA L 322 -47.40 6.20 25.30
C ALA L 322 -47.54 6.49 26.81
N GLY L 323 -47.19 7.71 27.21
CA GLY L 323 -47.36 8.16 28.60
C GLY L 323 -46.08 8.29 29.38
N PHE L 324 -44.95 8.40 28.67
CA PHE L 324 -43.63 8.53 29.29
C PHE L 324 -43.11 9.95 29.17
N ARG L 325 -42.06 10.26 29.94
CA ARG L 325 -41.38 11.53 29.85
C ARG L 325 -40.19 11.43 28.89
N ALA L 326 -39.80 12.55 28.29
CA ALA L 326 -38.76 12.55 27.23
C ALA L 326 -37.69 13.63 27.38
N LEU L 327 -36.50 13.33 26.87
CA LEU L 327 -35.44 14.31 26.63
C LEU L 327 -35.04 14.31 25.14
N LEU L 328 -34.74 15.50 24.62
CA LEU L 328 -34.43 15.67 23.21
C LEU L 328 -32.93 15.94 22.98
N SER L 329 -32.31 15.15 22.11
CA SER L 329 -30.87 15.27 21.85
C SER L 329 -30.45 15.14 20.38
N ALA L 330 -31.34 14.59 19.56
CA ALA L 330 -31.07 14.33 18.14
C ALA L 330 -30.51 15.50 17.30
N PRO L 331 -31.17 16.67 17.33
CA PRO L 331 -30.64 17.76 16.51
C PRO L 331 -29.49 18.52 17.17
N TRP L 332 -29.27 18.26 18.46
CA TRP L 332 -28.25 18.97 19.24
C TRP L 332 -27.00 18.10 19.48
N TYR L 333 -26.68 17.30 18.48
CA TYR L 333 -25.42 16.57 18.44
C TYR L 333 -24.29 17.49 18.03
N LEU L 334 -23.42 17.81 18.98
CA LEU L 334 -22.36 18.80 18.78
C LEU L 334 -21.07 18.22 18.23
N ASN L 335 -20.80 16.97 18.59
CA ASN L 335 -19.67 16.23 18.03
C ASN L 335 -19.69 16.29 16.51
N ARG L 336 -20.89 16.42 15.96
CA ARG L 336 -21.12 16.63 14.54
C ARG L 336 -20.79 18.07 14.13
N ILE L 337 -19.58 18.29 13.64
CA ILE L 337 -19.16 19.63 13.19
C ILE L 337 -19.39 19.86 11.70
N SER L 338 -19.72 21.11 11.37
CA SER L 338 -19.96 21.51 10.00
C SER L 338 -19.48 22.94 9.81
N TYR L 339 -18.81 23.20 8.70
CA TYR L 339 -18.39 24.55 8.34
C TYR L 339 -19.57 25.52 8.45
N GLY L 340 -19.29 26.74 8.90
CA GLY L 340 -20.31 27.77 8.99
C GLY L 340 -20.92 27.91 10.38
N PRO L 341 -21.89 28.85 10.52
CA PRO L 341 -22.59 29.06 11.78
C PRO L 341 -23.72 28.04 11.96
N ASP L 342 -23.36 26.82 12.34
CA ASP L 342 -24.34 25.75 12.49
C ASP L 342 -25.11 25.87 13.80
N TRP L 343 -24.75 26.88 14.60
CA TRP L 343 -25.48 27.21 15.82
C TRP L 343 -26.90 27.66 15.49
N LYS L 344 -27.08 28.16 14.28
CA LYS L 344 -28.38 28.63 13.80
C LYS L 344 -29.36 27.47 13.60
N ASP L 345 -28.83 26.27 13.40
CA ASP L 345 -29.64 25.05 13.33
C ASP L 345 -30.13 24.58 14.70
N PHE L 346 -29.32 24.83 15.73
CA PHE L 346 -29.63 24.40 17.09
C PHE L 346 -30.65 25.32 17.76
N TYR L 347 -30.54 26.62 17.46
CA TYR L 347 -31.43 27.64 18.01
C TYR L 347 -32.84 27.58 17.44
N VAL L 348 -32.95 27.13 16.19
CA VAL L 348 -34.23 27.09 15.48
C VAL L 348 -35.12 25.88 15.85
N VAL L 349 -34.52 24.85 16.45
CA VAL L 349 -35.26 23.63 16.83
C VAL L 349 -36.36 23.90 17.87
N GLU L 350 -37.60 23.61 17.50
CA GLU L 350 -38.73 23.73 18.43
C GLU L 350 -39.14 22.34 18.91
N PRO L 351 -38.91 22.04 20.20
CA PRO L 351 -39.10 20.70 20.76
C PRO L 351 -40.54 20.19 20.68
N LEU L 352 -41.50 21.08 20.94
CA LEU L 352 -42.91 20.69 21.06
C LEU L 352 -43.70 20.80 19.75
N ALA L 353 -43.01 21.07 18.64
CA ALA L 353 -43.66 21.14 17.33
C ALA L 353 -43.93 19.74 16.78
N PHE L 354 -44.75 18.99 17.52
CA PHE L 354 -45.27 17.70 17.09
C PHE L 354 -46.75 17.59 17.47
N GLU L 355 -47.43 16.61 16.91
CA GLU L 355 -48.86 16.40 17.17
C GLU L 355 -49.08 15.81 18.57
N GLY L 356 -49.94 16.46 19.37
CA GLY L 356 -50.20 16.05 20.74
C GLY L 356 -50.89 17.08 21.63
N THR L 357 -51.48 16.60 22.73
CA THR L 357 -52.34 17.42 23.59
C THR L 357 -51.58 18.16 24.70
N PRO L 358 -52.17 19.26 25.25
CA PRO L 358 -51.59 20.06 26.33
C PRO L 358 -50.72 19.29 27.35
N GLU L 359 -51.32 18.34 28.05
CA GLU L 359 -50.62 17.55 29.08
C GLU L 359 -49.70 16.47 28.47
N GLN L 360 -49.92 16.14 27.21
CA GLN L 360 -49.08 15.17 26.50
C GLN L 360 -47.76 15.81 26.01
N LYS L 361 -47.82 17.09 25.66
CA LYS L 361 -46.62 17.86 25.37
C LYS L 361 -45.84 18.09 26.67
N ALA L 362 -46.58 18.17 27.79
CA ALA L 362 -46.00 18.46 29.11
C ALA L 362 -45.09 17.35 29.66
N LEU L 363 -45.09 16.19 29.02
CA LEU L 363 -44.21 15.09 29.41
C LEU L 363 -42.78 15.21 28.85
N VAL L 364 -42.57 16.17 27.95
CA VAL L 364 -41.22 16.56 27.52
C VAL L 364 -40.65 17.50 28.57
N ILE L 365 -39.58 17.05 29.23
CA ILE L 365 -39.01 17.75 30.40
C ILE L 365 -37.66 18.45 30.14
N GLY L 366 -37.15 18.35 28.91
CA GLY L 366 -35.94 19.06 28.53
C GLY L 366 -35.15 18.43 27.40
N GLY L 367 -33.83 18.52 27.51
CA GLY L 367 -32.93 17.93 26.52
C GLY L 367 -31.48 18.11 26.87
N GLU L 368 -30.61 17.54 26.04
CA GLU L 368 -29.16 17.65 26.24
C GLU L 368 -28.43 17.86 24.91
N ALA L 369 -27.45 18.77 24.93
CA ALA L 369 -26.51 18.90 23.83
C ALA L 369 -25.49 17.78 23.96
N CYS L 370 -24.96 17.32 22.83
CA CYS L 370 -24.20 16.08 22.79
C CYS L 370 -22.76 16.26 22.31
N MET L 371 -21.81 16.13 23.22
CA MET L 371 -20.39 16.13 22.85
C MET L 371 -19.76 14.75 23.01
N TRP L 372 -19.64 14.03 21.88
CA TRP L 372 -19.11 12.67 21.89
C TRP L 372 -17.62 12.65 21.66
N GLY L 373 -16.93 11.74 22.35
CA GLY L 373 -15.48 11.77 22.47
C GLY L 373 -14.63 11.22 21.32
N GLU L 374 -15.25 11.02 20.15
CA GLU L 374 -14.55 10.46 19.00
C GLU L 374 -13.36 11.28 18.56
N TYR L 375 -13.63 12.53 18.19
CA TYR L 375 -12.64 13.39 17.55
C TYR L 375 -12.38 14.62 18.42
N VAL L 376 -12.59 14.45 19.71
CA VAL L 376 -12.41 15.51 20.70
C VAL L 376 -11.75 15.02 21.99
N ASP L 377 -10.87 15.85 22.54
CA ASP L 377 -10.39 15.71 23.92
C ASP L 377 -9.91 17.06 24.51
N ASN L 378 -8.94 16.98 25.42
CA ASN L 378 -8.25 18.11 26.01
C ASN L 378 -7.91 19.26 25.04
N THR L 379 -7.69 18.89 23.79
CA THR L 379 -7.12 19.82 22.81
C THR L 379 -8.12 20.74 22.12
N ASN L 380 -9.36 20.29 21.96
CA ASN L 380 -10.35 21.01 21.11
C ASN L 380 -11.77 21.14 21.67
N LEU L 381 -12.02 20.53 22.81
CA LEU L 381 -13.36 20.49 23.40
C LEU L 381 -13.96 21.86 23.70
N VAL L 382 -13.17 22.69 24.40
CA VAL L 382 -13.61 24.03 24.83
C VAL L 382 -14.10 24.93 23.68
N PRO L 383 -13.27 25.14 22.62
CA PRO L 383 -13.72 25.96 21.49
C PRO L 383 -14.90 25.34 20.73
N ARG L 384 -14.80 24.03 20.44
CA ARG L 384 -15.87 23.29 19.77
C ARG L 384 -17.21 23.48 20.49
N LEU L 385 -17.18 23.33 21.81
CA LEU L 385 -18.37 23.48 22.65
C LEU L 385 -19.02 24.85 22.57
N TRP L 386 -18.27 25.88 22.97
CA TRP L 386 -18.83 27.21 23.16
C TRP L 386 -18.46 28.12 21.99
N PRO L 387 -19.38 29.04 21.60
CA PRO L 387 -20.71 29.25 22.14
C PRO L 387 -21.80 28.51 21.34
N ARG L 388 -21.50 27.31 20.87
CA ARG L 388 -22.44 26.54 20.06
C ARG L 388 -23.52 25.87 20.93
N ALA L 389 -23.12 25.40 22.11
CA ALA L 389 -24.04 24.78 23.07
C ALA L 389 -24.92 25.81 23.78
N GLY L 390 -24.48 27.07 23.76
CA GLY L 390 -25.25 28.18 24.32
C GLY L 390 -26.52 28.46 23.54
N ALA L 391 -26.55 28.03 22.27
CA ALA L 391 -27.74 28.13 21.45
C ALA L 391 -28.83 27.22 22.00
N VAL L 392 -28.40 26.03 22.43
CA VAL L 392 -29.29 25.02 23.06
C VAL L 392 -29.76 25.49 24.44
N ALA L 393 -28.89 26.23 25.14
CA ALA L 393 -29.14 26.77 26.47
C ALA L 393 -30.33 27.72 26.51
N GLU L 394 -30.45 28.54 25.47
CA GLU L 394 -31.55 29.50 25.37
C GLU L 394 -32.84 28.82 24.91
N ARG L 395 -32.72 27.87 23.98
CA ARG L 395 -33.88 27.09 23.51
C ARG L 395 -34.54 26.31 24.64
N LEU L 396 -33.72 25.85 25.60
CA LEU L 396 -34.19 25.07 26.74
C LEU L 396 -34.63 25.94 27.92
N TRP L 397 -34.04 27.13 28.06
CA TRP L 397 -34.45 28.04 29.13
C TRP L 397 -35.52 29.05 28.69
N SER L 398 -35.22 29.79 27.62
CA SER L 398 -36.09 30.88 27.17
C SER L 398 -37.43 30.41 26.63
N ASN L 399 -38.30 31.38 26.33
CA ASN L 399 -39.63 31.09 25.81
C ASN L 399 -39.65 30.53 24.40
N LYS L 400 -40.74 29.84 24.08
CA LYS L 400 -41.04 29.31 22.75
C LYS L 400 -40.95 30.39 21.67
N LEU L 401 -41.41 31.59 22.00
CA LEU L 401 -41.56 32.69 21.05
C LEU L 401 -40.24 33.42 20.78
N THR L 402 -39.36 33.43 21.78
CA THR L 402 -38.04 34.04 21.64
C THR L 402 -37.20 33.20 20.67
N SER L 403 -37.09 33.68 19.43
CA SER L 403 -36.57 32.88 18.34
C SER L 403 -35.92 33.68 17.20
N ASP L 404 -35.97 35.01 17.32
CA ASP L 404 -35.45 35.89 16.26
C ASP L 404 -33.96 35.70 16.06
N LEU L 405 -33.60 35.08 14.93
CA LEU L 405 -32.20 34.77 14.60
C LEU L 405 -31.29 35.97 14.79
N THR L 406 -31.70 37.12 14.26
CA THR L 406 -30.92 38.35 14.34
C THR L 406 -30.65 38.76 15.79
N PHE L 407 -31.70 38.75 16.61
CA PHE L 407 -31.62 39.11 18.03
C PHE L 407 -30.72 38.15 18.81
N ALA L 408 -30.79 36.87 18.46
CA ALA L 408 -29.94 35.86 19.06
C ALA L 408 -28.48 36.14 18.74
N TYR L 409 -28.19 36.38 17.45
CA TYR L 409 -26.83 36.65 16.98
C TYR L 409 -26.16 37.73 17.81
N GLU L 410 -26.81 38.89 17.88
CA GLU L 410 -26.29 40.07 18.58
C GLU L 410 -25.98 39.78 20.03
N ARG L 411 -26.86 39.03 20.70
CA ARG L 411 -26.66 38.65 22.08
C ARG L 411 -25.64 37.53 22.26
N LEU L 412 -25.72 36.48 21.44
CA LEU L 412 -24.80 35.35 21.55
C LEU L 412 -23.36 35.74 21.25
N SER L 413 -23.16 36.69 20.33
CA SER L 413 -21.82 37.18 20.00
C SER L 413 -21.29 38.04 21.13
N HIS L 414 -22.15 38.90 21.69
CA HIS L 414 -21.78 39.74 22.83
C HIS L 414 -21.43 38.89 24.05
N PHE L 415 -22.16 37.77 24.20
CA PHE L 415 -21.89 36.80 25.26
C PHE L 415 -20.58 36.05 24.98
N ARG L 416 -20.27 35.87 23.69
CA ARG L 416 -19.04 35.24 23.26
C ARG L 416 -17.82 36.05 23.72
N CYS L 417 -17.92 37.37 23.63
CA CYS L 417 -16.90 38.29 24.14
C CYS L 417 -16.78 38.22 25.65
N GLU L 418 -17.92 38.06 26.32
CA GLU L 418 -17.95 37.93 27.77
C GLU L 418 -17.29 36.64 28.25
N LEU L 419 -17.48 35.56 27.50
CA LEU L 419 -16.87 34.28 27.82
C LEU L 419 -15.36 34.38 27.69
N LEU L 420 -14.89 35.14 26.69
CA LEU L 420 -13.47 35.43 26.55
C LEU L 420 -12.93 36.10 27.80
N ARG L 421 -13.62 37.15 28.24
CA ARG L 421 -13.24 37.95 29.40
C ARG L 421 -13.24 37.12 30.68
N ARG L 422 -13.92 35.98 30.64
CA ARG L 422 -13.98 35.08 31.78
C ARG L 422 -13.01 33.90 31.60
N GLY L 423 -12.10 34.04 30.64
CA GLY L 423 -11.05 33.06 30.39
C GLY L 423 -11.49 31.80 29.64
N VAL L 424 -12.54 31.94 28.84
CA VAL L 424 -13.07 30.81 28.09
C VAL L 424 -12.61 30.92 26.64
N GLN L 425 -12.14 29.79 26.11
CA GLN L 425 -11.59 29.67 24.75
C GLN L 425 -12.70 29.40 23.71
N ALA L 426 -13.72 30.25 23.70
CA ALA L 426 -14.92 30.05 22.87
C ALA L 426 -14.78 30.62 21.47
N GLN L 427 -14.81 29.75 20.46
CA GLN L 427 -14.59 30.15 19.07
C GLN L 427 -15.73 31.01 18.52
N PRO L 428 -15.39 32.02 17.69
CA PRO L 428 -16.34 33.07 17.30
C PRO L 428 -17.50 32.60 16.42
N LEU L 429 -18.59 33.35 16.47
CA LEU L 429 -19.78 33.04 15.70
C LEU L 429 -19.58 33.34 14.23
N ASN L 430 -18.92 34.46 13.96
CA ASN L 430 -18.62 34.89 12.61
C ASN L 430 -17.42 35.85 12.61
N VAL L 431 -17.12 36.44 11.45
CA VAL L 431 -16.05 37.44 11.33
C VAL L 431 -16.27 38.62 12.29
N GLY L 432 -15.19 39.05 12.94
CA GLY L 432 -15.28 40.18 13.85
C GLY L 432 -14.14 40.22 14.85
N PHE L 433 -14.46 40.63 16.08
CA PHE L 433 -13.47 40.74 17.15
C PHE L 433 -14.09 40.98 18.52
N CYS L 434 -13.26 40.78 19.55
CA CYS L 434 -13.52 41.26 20.89
C CYS L 434 -12.31 42.10 21.28
N GLU L 435 -12.55 43.23 21.95
CA GLU L 435 -11.49 44.18 22.30
C GLU L 435 -10.37 43.56 23.14
N GLN L 436 -10.69 42.50 23.88
CA GLN L 436 -9.71 41.80 24.68
C GLN L 436 -9.52 40.37 24.14
N GLU L 437 -9.01 40.27 22.91
CA GLU L 437 -8.91 39.00 22.20
C GLU L 437 -8.13 37.94 22.98
N PHE L 438 -8.58 36.69 22.88
CA PHE L 438 -8.07 35.59 23.71
C PHE L 438 -6.61 35.24 23.44
N GLU L 439 -5.84 35.18 24.51
CA GLU L 439 -4.42 34.89 24.46
C GLU L 439 -4.00 34.21 25.76
N GLN L 440 -3.49 32.98 25.65
CA GLN L 440 -3.14 32.17 26.82
C GLN L 440 -2.13 31.09 26.46
N PRO M 5 8.62 2.98 13.10
CA PRO M 5 9.12 4.29 13.54
C PRO M 5 8.14 5.43 13.21
N ALA M 6 7.95 6.35 14.16
CA ALA M 6 6.97 7.43 14.02
C ALA M 6 7.50 8.61 13.18
N LEU M 7 8.15 8.29 12.06
CA LEU M 7 8.79 9.31 11.22
C LEU M 7 7.80 10.05 10.33
N TRP M 8 7.67 11.36 10.56
CA TRP M 8 6.77 12.20 9.77
C TRP M 8 7.39 13.57 9.46
N PRO M 9 7.37 13.97 8.18
CA PRO M 9 6.93 13.16 7.04
C PRO M 9 7.81 11.91 6.88
N LEU M 10 7.26 10.86 6.24
CA LEU M 10 7.99 9.62 6.02
C LEU M 10 9.07 9.83 4.96
N PRO M 11 10.35 9.61 5.35
CA PRO M 11 11.54 9.91 4.53
C PRO M 11 11.69 9.08 3.24
N LEU M 12 12.59 9.54 2.36
CA LEU M 12 12.78 8.98 1.02
C LEU M 12 13.44 7.60 1.02
N SER M 13 14.43 7.41 1.88
CA SER M 13 15.15 6.15 1.96
C SER M 13 15.51 5.80 3.40
N VAL M 14 14.76 4.86 3.99
CA VAL M 14 14.96 4.50 5.39
C VAL M 14 15.40 3.04 5.55
N LYS M 15 16.57 2.85 6.17
CA LYS M 15 17.13 1.52 6.40
C LYS M 15 17.24 1.19 7.90
N MET M 16 16.10 0.84 8.50
CA MET M 16 15.99 0.65 9.96
C MET M 16 16.53 -0.69 10.45
N THR M 17 17.74 -0.66 11.00
CA THR M 17 18.42 -1.88 11.44
C THR M 17 18.09 -2.24 12.90
N PRO M 18 17.75 -3.53 13.13
CA PRO M 18 17.60 -4.22 14.42
C PRO M 18 18.40 -3.67 15.62
N ASN M 19 19.68 -3.38 15.43
CA ASN M 19 20.55 -2.97 16.54
C ASN M 19 20.06 -1.70 17.23
N LEU M 20 20.15 -1.68 18.56
CA LEU M 20 19.71 -0.54 19.39
C LEU M 20 20.90 0.30 19.84
N LEU M 21 20.64 1.57 20.15
CA LEU M 21 21.68 2.48 20.63
C LEU M 21 21.17 3.48 21.68
N HIS M 22 21.93 3.63 22.76
CA HIS M 22 21.49 4.43 23.91
C HIS M 22 22.09 5.84 23.93
N LEU M 23 21.39 6.75 24.61
CA LEU M 23 21.79 8.16 24.67
C LEU M 23 21.91 8.66 26.11
N ALA M 24 22.86 9.54 26.34
CA ALA M 24 23.02 10.18 27.64
C ALA M 24 22.84 11.69 27.53
N PRO M 25 21.65 12.20 27.93
CA PRO M 25 21.30 13.63 28.00
C PRO M 25 22.46 14.58 28.38
N GLU M 26 22.92 14.53 29.63
CA GLU M 26 24.03 15.36 30.09
C GLU M 26 25.39 14.82 29.63
N ASN M 27 25.47 14.47 28.35
CA ASN M 27 26.69 13.91 27.74
C ASN M 27 26.59 13.87 26.21
N PHE M 28 25.39 14.10 25.68
CA PHE M 28 25.18 14.16 24.23
C PHE M 28 25.45 15.58 23.73
N TYR M 29 26.22 15.68 22.65
CA TYR M 29 26.52 16.98 22.04
C TYR M 29 26.15 16.97 20.56
N ILE M 30 25.90 18.16 20.02
CA ILE M 30 25.54 18.33 18.62
C ILE M 30 26.41 19.43 18.04
N SER M 31 27.48 19.05 17.37
CA SER M 31 28.43 20.04 16.84
C SER M 31 28.79 19.83 15.36
N HIS M 32 29.55 20.79 14.84
CA HIS M 32 29.95 20.80 13.44
C HIS M 32 31.13 19.86 13.20
N SER M 33 31.08 19.13 12.09
CA SER M 33 32.20 18.31 11.63
C SER M 33 33.38 19.21 11.23
N PRO M 34 34.63 18.77 11.50
CA PRO M 34 35.84 19.58 11.22
C PRO M 34 35.93 20.16 9.80
N ASN M 35 35.45 19.43 8.79
CA ASN M 35 35.50 19.90 7.40
C ASN M 35 34.13 20.37 6.86
N SER M 36 33.38 21.05 7.71
CA SER M 36 32.08 21.61 7.34
C SER M 36 32.23 23.08 6.92
N THR M 37 31.37 23.52 6.01
CA THR M 37 31.35 24.91 5.56
C THR M 37 30.79 25.84 6.64
N ALA M 38 30.05 25.27 7.57
CA ALA M 38 29.47 26.01 8.68
C ALA M 38 30.02 25.53 10.02
N GLY M 39 30.48 26.48 10.84
CA GLY M 39 31.01 26.19 12.16
C GLY M 39 30.26 26.96 13.23
N PRO M 40 30.94 27.27 14.36
CA PRO M 40 30.31 27.96 15.49
C PRO M 40 29.78 29.35 15.15
N SER M 41 30.39 29.99 14.16
CA SER M 41 29.97 31.32 13.70
C SER M 41 28.57 31.30 13.06
N CYS M 42 28.06 30.09 12.81
CA CYS M 42 26.72 29.89 12.27
C CYS M 42 25.65 30.01 13.36
N THR M 43 25.08 31.20 13.46
CA THR M 43 24.06 31.55 14.45
C THR M 43 22.78 30.73 14.32
N LEU M 44 22.35 30.50 13.07
CA LEU M 44 21.15 29.72 12.79
C LEU M 44 21.25 28.30 13.33
N LEU M 45 22.41 27.68 13.12
CA LEU M 45 22.66 26.30 13.53
C LEU M 45 22.76 26.17 15.05
N GLU M 46 23.56 27.05 15.66
CA GLU M 46 23.77 27.07 17.11
C GLU M 46 22.45 26.99 17.89
N GLU M 47 21.49 27.80 17.44
CA GLU M 47 20.14 27.82 17.99
C GLU M 47 19.43 26.48 17.78
N ALA M 48 19.44 26.01 16.54
CA ALA M 48 18.80 24.74 16.17
C ALA M 48 19.36 23.57 16.99
N PHE M 49 20.66 23.61 17.26
CA PHE M 49 21.33 22.62 18.13
C PHE M 49 20.76 22.65 19.54
N ARG M 50 20.72 23.86 20.13
CA ARG M 50 20.18 24.06 21.48
C ARG M 50 18.69 23.72 21.55
N ARG M 51 18.01 23.81 20.42
CA ARG M 51 16.56 23.61 20.36
C ARG M 51 16.15 22.13 20.31
N TYR M 52 16.88 21.33 19.53
CA TYR M 52 16.52 19.94 19.33
C TYR M 52 16.99 19.01 20.44
N HIS M 53 18.04 19.42 21.14
CA HIS M 53 18.46 18.73 22.36
C HIS M 53 17.35 18.77 23.40
N GLY M 54 16.65 19.91 23.47
CA GLY M 54 15.49 20.08 24.36
C GLY M 54 14.27 19.29 23.92
N TYR M 55 14.18 18.98 22.63
CA TYR M 55 13.11 18.13 22.12
C TYR M 55 13.40 16.64 22.35
N ILE M 56 14.59 16.20 21.91
CA ILE M 56 15.04 14.80 22.01
C ILE M 56 14.92 14.24 23.43
N PHE M 57 15.23 15.08 24.42
CA PHE M 57 15.23 14.65 25.81
C PHE M 57 14.11 15.27 26.66
N GLY M 58 13.77 16.52 26.36
CA GLY M 58 12.69 17.21 27.08
C GLY M 58 13.18 17.88 28.35
N THR N 1 27.74 0.68 23.05
CA THR N 1 26.29 0.78 22.86
C THR N 1 25.79 2.23 23.02
N GLN N 2 26.73 3.17 23.15
CA GLN N 2 26.39 4.58 23.36
C GLN N 2 26.58 5.46 22.11
N VAL N 3 25.57 6.27 21.82
CA VAL N 3 25.66 7.39 20.87
C VAL N 3 26.17 8.62 21.64
N GLN N 4 27.41 9.00 21.39
CA GLN N 4 28.07 10.08 22.14
C GLN N 4 28.01 11.43 21.43
N GLN N 5 27.87 11.41 20.10
CA GLN N 5 27.85 12.65 19.31
C GLN N 5 27.08 12.55 17.99
N LEU N 6 26.48 13.68 17.61
CA LEU N 6 25.93 13.89 16.27
C LEU N 6 26.71 15.02 15.59
N LEU N 7 27.32 14.72 14.45
CA LEU N 7 28.09 15.69 13.67
C LEU N 7 27.23 16.28 12.56
N VAL N 8 27.23 17.61 12.45
CA VAL N 8 26.51 18.28 11.37
C VAL N 8 27.46 18.91 10.35
N SER N 9 27.53 18.27 9.19
CA SER N 9 28.44 18.68 8.13
C SER N 9 27.65 19.20 6.92
N ILE N 10 27.96 20.44 6.54
CA ILE N 10 27.36 21.10 5.39
C ILE N 10 28.32 21.00 4.20
N THR N 11 27.91 20.26 3.17
CA THR N 11 28.74 20.02 1.99
C THR N 11 29.06 21.32 1.25
N LEU N 12 28.03 21.95 0.69
CA LEU N 12 28.18 23.17 -0.11
C LEU N 12 28.16 24.42 0.76
N GLN N 13 28.26 25.58 0.10
CA GLN N 13 28.12 26.86 0.75
C GLN N 13 26.81 26.89 1.53
N SER N 14 26.94 26.93 2.86
CA SER N 14 25.84 26.69 3.79
C SER N 14 24.57 27.54 3.62
N GLU N 15 24.74 28.81 3.28
CA GLU N 15 23.66 29.84 3.29
C GLU N 15 23.24 30.18 4.72
N CYS N 16 24.23 30.36 5.58
CA CYS N 16 24.03 30.49 7.02
C CYS N 16 23.34 31.80 7.43
N ASP N 17 23.68 32.89 6.74
CA ASP N 17 23.12 34.21 7.07
C ASP N 17 22.27 34.78 5.92
N ALA N 18 21.40 33.94 5.39
CA ALA N 18 20.50 34.32 4.30
C ALA N 18 19.09 33.76 4.51
N PHE N 19 18.09 34.39 3.90
CA PHE N 19 16.71 33.92 3.95
C PHE N 19 16.44 32.88 2.86
N PRO N 20 15.66 31.84 3.16
CA PRO N 20 15.42 30.80 2.17
C PRO N 20 14.53 31.27 1.02
N ASN N 21 14.79 30.73 -0.17
CA ASN N 21 13.98 31.01 -1.35
C ASN N 21 13.38 29.74 -1.98
N ILE N 22 12.74 29.90 -3.14
CA ILE N 22 12.11 28.79 -3.85
C ILE N 22 13.10 27.66 -4.20
N SER N 23 14.35 28.04 -4.47
CA SER N 23 15.36 27.13 -5.01
C SER N 23 16.32 26.53 -3.97
N SER N 24 16.00 26.68 -2.69
CA SER N 24 16.86 26.20 -1.60
C SER N 24 16.80 24.68 -1.45
N ASP N 25 17.98 24.05 -1.35
CA ASP N 25 18.09 22.60 -1.26
C ASP N 25 17.96 22.06 0.16
N GLU N 26 16.89 21.31 0.39
CA GLU N 26 16.56 20.78 1.72
C GLU N 26 16.91 19.31 1.86
N SER N 27 17.82 18.84 1.01
CA SER N 27 18.21 17.43 0.95
C SER N 27 19.24 17.09 2.02
N TYR N 28 19.06 15.92 2.64
CA TYR N 28 19.98 15.45 3.68
C TYR N 28 20.25 13.94 3.68
N THR N 29 21.32 13.57 4.39
CA THR N 29 21.72 12.18 4.62
C THR N 29 22.15 11.96 6.08
N LEU N 30 21.54 10.95 6.70
CA LEU N 30 21.73 10.68 8.14
C LEU N 30 22.24 9.27 8.40
N LEU N 31 23.31 9.18 9.20
CA LEU N 31 23.93 7.92 9.59
C LEU N 31 23.82 7.72 11.10
N VAL N 32 22.93 6.82 11.52
CA VAL N 32 22.75 6.52 12.94
C VAL N 32 23.60 5.30 13.33
N LYS N 33 24.75 5.56 13.96
CA LYS N 33 25.70 4.52 14.38
C LYS N 33 26.40 4.83 15.71
N GLU N 34 27.45 4.07 16.03
CA GLU N 34 28.22 4.22 17.26
C GLU N 34 29.71 4.46 16.99
N PRO N 35 30.37 5.32 17.80
CA PRO N 35 29.79 6.24 18.80
C PRO N 35 29.34 7.59 18.22
N VAL N 36 29.81 7.90 17.00
CA VAL N 36 29.55 9.19 16.37
C VAL N 36 28.61 9.03 15.19
N ALA N 37 27.39 9.55 15.34
CA ALA N 37 26.42 9.61 14.24
C ALA N 37 26.77 10.77 13.31
N VAL N 38 26.53 10.59 12.01
CA VAL N 38 26.88 11.64 11.02
C VAL N 38 25.67 12.11 10.20
N LEU N 39 25.47 13.43 10.21
CA LEU N 39 24.43 14.10 9.43
C LEU N 39 25.09 15.03 8.42
N LYS N 40 24.97 14.69 7.13
CA LYS N 40 25.53 15.53 6.08
C LYS N 40 24.43 16.09 5.19
N ALA N 41 24.50 17.39 4.94
CA ALA N 41 23.55 18.06 4.06
C ALA N 41 24.24 19.13 3.21
N ASN N 42 23.79 19.28 1.97
CA ASN N 42 24.33 20.27 1.05
C ASN N 42 24.18 21.69 1.59
N ARG N 43 22.98 22.00 2.08
CA ARG N 43 22.65 23.35 2.60
C ARG N 43 22.10 23.30 4.02
N VAL N 44 22.08 24.46 4.68
CA VAL N 44 21.55 24.61 6.05
C VAL N 44 20.13 24.09 6.18
N TRP N 45 19.31 24.41 5.17
CA TRP N 45 17.91 24.02 5.15
C TRP N 45 17.72 22.51 5.25
N GLY N 46 18.72 21.77 4.77
CA GLY N 46 18.74 20.32 4.91
C GLY N 46 18.87 19.91 6.36
N ALA N 47 19.80 20.55 7.07
CA ALA N 47 20.07 20.26 8.48
C ALA N 47 18.86 20.49 9.38
N LEU N 48 18.06 21.51 9.05
CA LEU N 48 16.82 21.79 9.75
C LEU N 48 15.87 20.58 9.67
N ARG N 49 15.67 20.07 8.46
CA ARG N 49 14.82 18.90 8.25
C ARG N 49 15.47 17.64 8.79
N GLY N 50 16.80 17.62 8.76
CA GLY N 50 17.58 16.49 9.23
C GLY N 50 17.46 16.31 10.73
N LEU N 51 17.62 17.41 11.46
CA LEU N 51 17.51 17.40 12.91
C LEU N 51 16.12 16.93 13.35
N GLU N 52 15.09 17.46 12.69
CA GLU N 52 13.70 17.12 13.00
C GLU N 52 13.38 15.63 12.87
N THR N 53 13.94 14.98 11.85
CA THR N 53 13.74 13.55 11.65
C THR N 53 14.49 12.74 12.70
N PHE N 54 15.69 13.23 13.07
CA PHE N 54 16.53 12.56 14.07
C PHE N 54 15.89 12.56 15.45
N SER N 55 15.27 13.67 15.81
CA SER N 55 14.56 13.76 17.07
C SER N 55 13.37 12.81 17.05
N GLN N 56 12.67 12.76 15.93
CA GLN N 56 11.56 11.82 15.72
C GLN N 56 12.01 10.35 15.76
N LEU N 57 13.31 10.14 15.90
CA LEU N 57 13.90 8.81 16.03
C LEU N 57 14.05 8.41 17.49
N VAL N 58 14.76 9.23 18.27
CA VAL N 58 15.06 8.92 19.66
C VAL N 58 13.78 8.88 20.50
N TYR N 59 13.58 7.77 21.19
CA TYR N 59 12.46 7.58 22.11
C TYR N 59 12.97 7.10 23.48
N GLN N 60 12.05 6.63 24.32
CA GLN N 60 12.41 6.00 25.59
C GLN N 60 11.75 4.64 25.69
N ASP N 61 12.50 3.65 26.14
CA ASP N 61 12.00 2.28 26.30
C ASP N 61 10.98 2.17 27.44
N SER N 62 10.74 0.94 27.91
CA SER N 62 9.91 0.69 29.10
C SER N 62 10.49 1.30 30.38
N TYR N 63 11.81 1.42 30.45
CA TYR N 63 12.51 1.76 31.70
C TYR N 63 12.97 3.20 31.78
N GLY N 64 12.70 3.96 30.71
CA GLY N 64 13.08 5.36 30.64
C GLY N 64 14.33 5.61 29.82
N THR N 65 15.05 4.54 29.49
CA THR N 65 16.29 4.63 28.73
C THR N 65 16.04 5.23 27.35
N PHE N 66 16.70 6.35 27.07
CA PHE N 66 16.64 6.98 25.75
C PHE N 66 17.28 6.06 24.75
N THR N 67 16.55 5.77 23.67
CA THR N 67 16.90 4.70 22.75
C THR N 67 16.73 5.13 21.28
N ILE N 68 17.48 4.48 20.38
CA ILE N 68 17.38 4.71 18.94
C ILE N 68 17.95 3.52 18.13
N ASN N 69 17.17 3.02 17.16
CA ASN N 69 17.64 1.99 16.23
C ASN N 69 18.72 2.56 15.30
N GLU N 70 19.82 1.82 15.16
CA GLU N 70 20.91 2.14 14.24
C GLU N 70 20.40 2.03 12.80
N SER N 71 20.59 3.09 12.02
CA SER N 71 19.99 3.18 10.66
C SER N 71 20.57 4.30 9.78
N THR N 72 20.49 4.11 8.46
CA THR N 72 20.91 5.13 7.50
C THR N 72 19.72 5.64 6.69
N ILE N 73 19.57 6.97 6.66
CA ILE N 73 18.50 7.61 5.89
C ILE N 73 19.07 8.55 4.81
N ILE N 74 18.42 8.56 3.65
CA ILE N 74 18.64 9.57 2.63
C ILE N 74 17.28 10.17 2.30
N ASP N 75 17.12 11.48 2.52
CA ASP N 75 15.84 12.12 2.31
C ASP N 75 15.92 13.42 1.52
N SER N 76 14.81 13.75 0.84
CA SER N 76 14.62 14.99 0.10
C SER N 76 13.11 15.23 -0.14
N PRO N 77 12.71 16.49 -0.39
CA PRO N 77 11.28 16.79 -0.61
C PRO N 77 10.83 16.56 -2.06
N ARG N 78 9.63 15.98 -2.23
CA ARG N 78 9.06 15.76 -3.57
C ARG N 78 8.73 17.09 -4.27
N PHE N 79 8.47 18.11 -3.47
CA PHE N 79 8.18 19.46 -3.98
C PHE N 79 8.96 20.50 -3.19
N SER N 80 9.10 21.70 -3.75
CA SER N 80 9.82 22.78 -3.08
C SER N 80 8.93 23.71 -2.25
N HIS N 81 7.72 24.00 -2.76
CA HIS N 81 6.78 24.91 -2.08
C HIS N 81 5.70 24.14 -1.31
N ARG N 82 5.83 24.13 0.03
CA ARG N 82 4.89 23.40 0.89
C ARG N 82 4.50 24.27 2.09
N GLY N 83 3.41 25.00 1.95
CA GLY N 83 3.03 26.05 2.90
C GLY N 83 1.72 25.97 3.64
N ILE N 84 1.43 27.03 4.39
CA ILE N 84 0.20 27.16 5.18
C ILE N 84 -0.33 28.59 5.06
N LEU N 85 -1.60 28.73 4.73
CA LEU N 85 -2.24 30.04 4.68
C LEU N 85 -2.80 30.42 6.06
N ILE N 86 -2.53 31.66 6.47
CA ILE N 86 -3.14 32.20 7.69
C ILE N 86 -3.92 33.49 7.43
N ASP N 87 -5.13 33.54 7.96
CA ASP N 87 -6.07 34.63 7.74
C ASP N 87 -6.11 35.51 8.98
N THR N 88 -5.37 36.62 8.93
CA THR N 88 -5.28 37.51 10.08
C THR N 88 -5.98 38.85 9.80
N SER N 89 -7.09 38.80 9.08
CA SER N 89 -7.87 39.99 8.81
C SER N 89 -9.32 39.83 9.26
N ARG N 90 -9.85 38.63 9.03
CA ARG N 90 -11.20 38.31 9.46
C ARG N 90 -11.24 38.23 10.98
N HIS N 91 -10.24 37.55 11.53
CA HIS N 91 -9.98 37.56 12.97
C HIS N 91 -8.49 37.79 13.21
N TYR N 92 -8.18 38.88 13.91
CA TYR N 92 -6.80 39.19 14.26
C TYR N 92 -6.23 38.08 15.13
N LEU N 93 -5.03 37.61 14.79
CA LEU N 93 -4.35 36.61 15.60
C LEU N 93 -3.15 37.21 16.36
N PRO N 94 -3.05 36.92 17.67
CA PRO N 94 -1.90 37.31 18.49
C PRO N 94 -0.59 36.74 17.93
N VAL N 95 0.48 37.52 18.04
CA VAL N 95 1.77 37.14 17.45
C VAL N 95 2.27 35.80 17.97
N LYS N 96 1.97 35.51 19.24
CA LYS N 96 2.40 34.29 19.90
C LYS N 96 1.88 33.00 19.25
N ILE N 97 0.66 33.05 18.72
CA ILE N 97 0.06 31.89 18.04
C ILE N 97 0.67 31.69 16.65
N ILE N 98 0.99 32.80 15.98
CA ILE N 98 1.69 32.80 14.69
C ILE N 98 3.03 32.09 14.80
N LEU N 99 3.80 32.42 15.84
CA LEU N 99 5.10 31.80 16.09
C LEU N 99 4.96 30.31 16.43
N LYS N 100 3.93 29.95 17.19
CA LYS N 100 3.64 28.55 17.50
C LYS N 100 3.22 27.77 16.25
N THR N 101 2.56 28.47 15.32
CA THR N 101 2.27 27.92 13.99
C THR N 101 3.57 27.55 13.29
N LEU N 102 4.56 28.44 13.38
CA LEU N 102 5.86 28.28 12.70
C LEU N 102 6.72 27.16 13.27
N ASP N 103 6.67 26.94 14.58
CA ASP N 103 7.32 25.81 15.22
C ASP N 103 6.71 24.50 14.75
N ALA N 104 5.38 24.49 14.68
CA ALA N 104 4.61 23.37 14.15
C ALA N 104 4.86 23.18 12.65
N MET N 105 5.16 24.27 11.96
CA MET N 105 5.52 24.23 10.54
C MET N 105 6.88 23.56 10.35
N ALA N 106 7.78 23.81 11.29
CA ALA N 106 9.08 23.17 11.30
C ALA N 106 8.97 21.67 11.58
N PHE N 107 8.12 21.30 12.54
CA PHE N 107 7.97 19.88 12.95
C PHE N 107 7.39 18.99 11.84
N ASN N 108 6.68 19.61 10.91
CA ASN N 108 6.05 18.88 9.82
C ASN N 108 6.74 19.11 8.47
N LYS N 109 7.85 19.85 8.51
CA LYS N 109 8.66 20.17 7.33
C LYS N 109 7.93 21.03 6.30
N PHE N 110 7.09 21.95 6.78
CA PHE N 110 6.49 22.99 5.95
C PHE N 110 7.53 24.08 5.77
N ASN N 111 7.40 24.87 4.70
CA ASN N 111 8.45 25.84 4.38
C ASN N 111 8.02 27.21 3.85
N VAL N 112 6.72 27.41 3.64
CA VAL N 112 6.22 28.76 3.33
C VAL N 112 4.98 29.07 4.13
N LEU N 113 4.97 30.23 4.77
CA LEU N 113 3.77 30.74 5.42
C LEU N 113 3.09 31.79 4.53
N HIS N 114 1.96 31.39 3.96
CA HIS N 114 1.12 32.27 3.19
C HIS N 114 0.43 33.23 4.15
N TRP N 115 1.03 34.40 4.36
CA TRP N 115 0.41 35.37 5.22
C TRP N 115 -0.58 36.24 4.46
N HIS N 116 -1.82 35.77 4.41
CA HIS N 116 -2.96 36.58 3.99
C HIS N 116 -3.22 37.55 5.14
N ILE N 117 -2.46 38.64 5.18
CA ILE N 117 -2.45 39.52 6.34
C ILE N 117 -3.61 40.53 6.39
N VAL N 118 -4.21 40.85 5.24
CA VAL N 118 -5.32 41.81 5.21
C VAL N 118 -6.46 41.43 4.26
N ASP N 119 -7.64 42.03 4.50
CA ASP N 119 -8.86 41.81 3.70
C ASP N 119 -9.96 42.81 4.09
N ASP N 120 -11.12 42.71 3.44
CA ASP N 120 -12.27 43.62 3.62
C ASP N 120 -12.59 43.97 5.07
N GLN N 121 -12.52 42.97 5.94
CA GLN N 121 -12.92 43.09 7.34
C GLN N 121 -12.04 44.08 8.11
N SER N 122 -10.76 43.77 8.22
CA SER N 122 -9.83 44.60 8.98
C SER N 122 -8.48 44.79 8.31
N PHE N 123 -7.80 45.87 8.67
CA PHE N 123 -6.43 46.13 8.23
C PHE N 123 -5.49 46.23 9.45
N PRO N 124 -5.00 45.08 9.94
CA PRO N 124 -4.10 45.04 11.09
C PRO N 124 -2.63 45.27 10.78
N TYR N 125 -2.26 45.41 9.50
CA TYR N 125 -0.87 45.70 9.14
C TYR N 125 -0.55 47.18 9.31
N GLN N 126 0.26 47.49 10.32
CA GLN N 126 0.80 48.83 10.51
C GLN N 126 1.77 49.14 9.38
N SER N 127 1.56 50.25 8.70
CA SER N 127 2.40 50.64 7.58
C SER N 127 3.08 51.97 7.87
N ILE N 128 4.37 52.02 7.56
CA ILE N 128 5.19 53.23 7.76
C ILE N 128 4.73 54.36 6.86
N THR N 129 4.69 54.09 5.55
CA THR N 129 4.38 55.08 4.50
C THR N 129 2.99 55.68 4.65
N PHE N 130 2.02 54.80 4.89
CA PHE N 130 0.64 55.20 5.10
C PHE N 130 0.18 54.65 6.45
N PRO N 131 0.39 55.43 7.52
CA PRO N 131 -0.01 55.05 8.87
C PRO N 131 -1.52 54.81 8.99
N GLU N 132 -2.30 55.59 8.24
CA GLU N 132 -3.75 55.60 8.33
C GLU N 132 -4.44 54.30 7.92
N LEU N 133 -3.78 53.50 7.09
CA LEU N 133 -4.33 52.21 6.64
C LEU N 133 -4.65 51.29 7.79
N SER N 134 -3.77 51.31 8.79
CA SER N 134 -3.95 50.53 10.01
C SER N 134 -4.75 51.32 11.05
N ASN N 135 -4.59 52.64 11.06
CA ASN N 135 -5.21 53.49 12.07
C ASN N 135 -6.73 53.49 12.10
N LYS N 136 -7.35 53.42 10.93
CA LYS N 136 -8.81 53.39 10.83
C LYS N 136 -9.28 52.08 10.20
N GLY N 137 -8.32 51.30 9.70
CA GLY N 137 -8.61 50.07 8.98
C GLY N 137 -8.61 48.82 9.83
N SER N 138 -8.08 48.92 11.05
CA SER N 138 -8.06 47.79 12.00
C SER N 138 -9.30 47.78 12.88
N TYR N 139 -9.64 46.59 13.39
CA TYR N 139 -10.75 46.44 14.34
C TYR N 139 -10.57 47.42 15.49
N SER N 140 -9.48 47.26 16.23
CA SER N 140 -9.12 48.23 17.28
C SER N 140 -7.62 48.47 17.34
N LEU N 141 -7.24 49.57 17.99
CA LEU N 141 -5.86 50.05 18.04
C LEU N 141 -4.86 49.07 18.65
N SER N 142 -5.37 47.98 19.22
CA SER N 142 -4.51 46.93 19.77
C SER N 142 -4.42 45.73 18.82
N HIS N 143 -5.30 45.70 17.81
CA HIS N 143 -5.32 44.60 16.85
C HIS N 143 -4.53 45.01 15.60
N VAL N 144 -3.25 45.29 15.78
CA VAL N 144 -2.38 45.77 14.71
C VAL N 144 -1.02 45.06 14.75
N TYR N 145 -0.43 44.84 13.57
CA TYR N 145 0.89 44.22 13.42
C TYR N 145 1.99 45.26 13.21
N THR N 146 2.66 45.63 14.30
CA THR N 146 3.71 46.66 14.28
C THR N 146 4.94 46.22 13.48
N PRO N 147 5.77 47.19 13.03
CA PRO N 147 6.99 46.91 12.27
C PRO N 147 7.88 45.82 12.87
N ASN N 148 8.02 45.81 14.20
CA ASN N 148 8.83 44.80 14.91
C ASN N 148 8.10 43.47 15.17
N ASP N 149 6.77 43.51 15.17
CA ASP N 149 5.98 42.29 15.20
C ASP N 149 6.25 41.53 13.92
N VAL N 150 6.19 42.25 12.80
CA VAL N 150 6.46 41.73 11.46
C VAL N 150 7.85 41.10 11.41
N ARG N 151 8.84 41.85 11.86
CA ARG N 151 10.24 41.41 11.88
C ARG N 151 10.41 40.14 12.74
N MET N 152 9.73 40.10 13.89
CA MET N 152 9.81 38.99 14.83
C MET N 152 9.36 37.68 14.20
N VAL N 153 8.34 37.75 13.34
CA VAL N 153 7.84 36.60 12.60
C VAL N 153 8.83 36.16 11.52
N ILE N 154 9.24 37.11 10.67
CA ILE N 154 10.17 36.85 9.56
C ILE N 154 11.45 36.13 10.02
N GLU N 155 12.06 36.66 11.08
CA GLU N 155 13.31 36.14 11.60
C GLU N 155 13.16 34.85 12.42
N TYR N 156 12.02 34.73 13.11
CA TYR N 156 11.67 33.51 13.85
C TYR N 156 11.34 32.38 12.87
N ALA N 157 10.90 32.77 11.67
CA ALA N 157 10.61 31.84 10.58
C ALA N 157 11.89 31.36 9.92
N ARG N 158 12.83 32.29 9.74
CA ARG N 158 14.13 31.99 9.16
C ARG N 158 14.91 30.96 9.99
N LEU N 159 14.86 31.10 11.32
CA LEU N 159 15.54 30.17 12.23
C LEU N 159 14.96 28.76 12.19
N ARG N 160 14.13 28.49 11.19
CA ARG N 160 13.44 27.21 11.05
C ARG N 160 13.39 26.72 9.61
N GLY N 161 13.71 27.61 8.68
CA GLY N 161 13.67 27.31 7.25
C GLY N 161 12.33 27.62 6.62
N ILE N 162 11.63 28.59 7.21
CA ILE N 162 10.35 29.04 6.67
C ILE N 162 10.50 30.39 5.94
N ARG N 163 9.91 30.47 4.75
CA ARG N 163 9.74 31.70 3.99
C ARG N 163 8.47 32.38 4.45
N VAL N 164 8.51 33.70 4.58
CA VAL N 164 7.28 34.45 4.86
C VAL N 164 6.75 35.08 3.56
N LEU N 165 5.66 34.52 3.05
CA LEU N 165 4.96 35.06 1.88
C LEU N 165 3.82 36.00 2.28
N PRO N 166 4.01 37.31 2.03
CA PRO N 166 2.99 38.33 2.28
C PRO N 166 1.93 38.36 1.19
N GLU N 167 0.66 38.43 1.60
CA GLU N 167 -0.41 38.63 0.64
C GLU N 167 -1.26 39.85 0.96
N PHE N 168 -1.30 40.76 0.00
CA PHE N 168 -2.16 41.91 0.09
C PHE N 168 -3.07 41.83 -1.11
N ASP N 169 -4.31 41.41 -0.85
CA ASP N 169 -5.28 41.14 -1.91
C ASP N 169 -5.75 42.40 -2.65
N THR N 170 -5.61 42.35 -3.98
CA THR N 170 -5.92 43.47 -4.88
C THR N 170 -6.50 42.92 -6.19
N PRO N 171 -7.51 43.59 -6.76
CA PRO N 171 -8.27 44.73 -6.25
C PRO N 171 -9.48 44.29 -5.45
N GLY N 172 -9.82 43.00 -5.55
CA GLY N 172 -10.89 42.41 -4.77
C GLY N 172 -10.45 42.29 -3.32
N HIS N 173 -11.41 42.14 -2.43
CA HIS N 173 -11.16 42.02 -0.99
C HIS N 173 -10.43 43.25 -0.45
N THR N 174 -11.04 44.43 -0.60
CA THR N 174 -10.33 45.68 -0.26
C THR N 174 -11.17 46.74 0.48
N LEU N 175 -12.21 46.30 1.19
CA LEU N 175 -13.13 47.23 1.88
C LEU N 175 -12.50 47.93 3.09
N SER N 176 -11.54 47.26 3.73
CA SER N 176 -10.80 47.84 4.85
C SER N 176 -9.79 48.91 4.41
N TRP N 177 -9.35 48.84 3.15
CA TRP N 177 -8.35 49.76 2.60
C TRP N 177 -8.86 51.19 2.46
N GLY N 178 -10.09 51.34 1.95
CA GLY N 178 -10.69 52.65 1.72
C GLY N 178 -11.08 53.41 2.97
N LYS N 179 -10.75 52.84 4.12
CA LYS N 179 -10.95 53.50 5.40
C LYS N 179 -9.87 54.57 5.63
N GLY N 180 -8.62 54.21 5.33
CA GLY N 180 -7.47 55.11 5.48
C GLY N 180 -6.71 55.36 4.20
N GLN N 181 -7.45 55.56 3.10
CA GLN N 181 -6.88 55.95 1.81
C GLN N 181 -7.98 56.58 0.96
N LYS N 182 -8.13 57.90 1.07
CA LYS N 182 -9.19 58.62 0.38
C LYS N 182 -9.28 58.26 -1.10
N ASP N 183 -10.51 57.93 -1.53
CA ASP N 183 -10.83 57.68 -2.95
C ASP N 183 -10.07 56.51 -3.59
N LEU N 184 -9.64 55.55 -2.78
CA LEU N 184 -8.99 54.35 -3.30
C LEU N 184 -10.02 53.38 -3.88
N LEU N 185 -11.12 53.21 -3.15
CA LEU N 185 -12.18 52.28 -3.54
C LEU N 185 -13.20 52.94 -4.45
N THR N 186 -13.63 52.21 -5.48
CA THR N 186 -14.65 52.66 -6.41
C THR N 186 -15.97 52.90 -5.67
N PRO N 187 -16.52 54.13 -5.77
CA PRO N 187 -17.80 54.42 -5.14
C PRO N 187 -18.95 53.79 -5.93
N CYS N 188 -19.81 53.06 -5.24
CA CYS N 188 -20.97 52.43 -5.87
C CYS N 188 -22.10 53.43 -6.08
N TYR N 189 -22.50 53.59 -7.34
CA TYR N 189 -23.64 54.43 -7.71
C TYR N 189 -24.78 53.59 -8.24
N SER N 190 -26.00 53.93 -7.81
CA SER N 190 -27.25 53.33 -8.30
C SER N 190 -28.39 53.60 -7.32
N ASP O 2 -25.10 53.72 -0.28
CA ASP O 2 -23.90 54.18 -0.96
C ASP O 2 -22.65 53.40 -0.55
N SER O 3 -22.56 52.17 -1.03
CA SER O 3 -21.42 51.29 -0.72
C SER O 3 -20.19 51.58 -1.57
N PHE O 4 -19.14 50.81 -1.36
CA PHE O 4 -17.89 50.88 -2.12
C PHE O 4 -17.56 49.51 -2.68
N GLY O 5 -16.94 49.49 -3.87
CA GLY O 5 -16.57 48.25 -4.52
C GLY O 5 -15.11 47.88 -4.27
N PRO O 6 -14.42 47.40 -5.31
CA PRO O 6 -12.99 47.10 -5.21
C PRO O 6 -12.13 48.32 -5.57
N ILE O 7 -10.85 48.08 -5.84
CA ILE O 7 -9.90 49.15 -6.16
C ILE O 7 -10.15 49.77 -7.54
N ASN O 8 -10.38 51.08 -7.57
CA ASN O 8 -10.52 51.84 -8.81
C ASN O 8 -9.24 51.72 -9.65
N PRO O 9 -9.35 51.18 -10.89
CA PRO O 9 -8.18 51.06 -11.76
C PRO O 9 -8.01 52.20 -12.76
N THR O 10 -8.86 53.22 -12.70
CA THR O 10 -8.78 54.36 -13.62
C THR O 10 -7.74 55.39 -13.19
N LEU O 11 -7.56 55.52 -11.88
CA LEU O 11 -6.82 56.64 -11.28
C LEU O 11 -5.32 56.43 -11.18
N ASN O 12 -4.57 57.51 -11.42
CA ASN O 12 -3.13 57.53 -11.23
C ASN O 12 -2.78 57.65 -9.75
N THR O 13 -3.64 58.33 -9.00
CA THR O 13 -3.51 58.43 -7.55
C THR O 13 -3.44 57.05 -6.92
N THR O 14 -4.12 56.09 -7.54
CA THR O 14 -4.16 54.71 -7.06
C THR O 14 -2.85 53.96 -7.33
N TYR O 15 -2.34 54.05 -8.56
CA TYR O 15 -1.12 53.34 -8.96
C TYR O 15 0.16 53.97 -8.44
N SER O 16 0.10 55.28 -8.14
CA SER O 16 1.19 55.96 -7.47
C SER O 16 1.20 55.60 -5.98
N PHE O 17 0.02 55.28 -5.44
CA PHE O 17 -0.11 54.83 -4.06
C PHE O 17 0.45 53.42 -3.85
N LEU O 18 0.10 52.51 -4.75
CA LEU O 18 0.51 51.12 -4.64
C LEU O 18 2.00 50.92 -4.87
N THR O 19 2.62 51.82 -5.64
CA THR O 19 4.06 51.77 -5.90
C THR O 19 4.85 52.13 -4.63
N THR O 20 4.53 53.27 -4.01
CA THR O 20 5.15 53.66 -2.74
C THR O 20 4.80 52.70 -1.59
N PHE O 21 3.70 51.97 -1.74
CA PHE O 21 3.29 50.97 -0.75
C PHE O 21 4.09 49.70 -0.90
N PHE O 22 4.09 49.14 -2.12
CA PHE O 22 4.79 47.89 -2.39
C PHE O 22 6.30 47.98 -2.22
N LYS O 23 6.85 49.19 -2.43
CA LYS O 23 8.27 49.44 -2.21
C LYS O 23 8.63 49.19 -0.75
N GLU O 24 7.73 49.60 0.15
CA GLU O 24 7.88 49.32 1.58
C GLU O 24 7.85 47.81 1.84
N ILE O 25 6.88 47.13 1.23
CA ILE O 25 6.69 45.67 1.41
C ILE O 25 7.91 44.88 0.93
N SER O 26 8.54 45.36 -0.15
CA SER O 26 9.79 44.79 -0.67
C SER O 26 10.89 44.82 0.38
N GLU O 27 11.10 46.00 0.96
CA GLU O 27 12.09 46.20 2.01
C GLU O 27 11.70 45.45 3.29
N VAL O 28 10.41 45.47 3.62
CA VAL O 28 9.86 44.82 4.82
C VAL O 28 9.94 43.29 4.74
N PHE O 29 9.46 42.71 3.64
CA PHE O 29 9.54 41.26 3.42
C PHE O 29 10.76 40.92 2.57
N PRO O 30 11.70 40.11 3.11
CA PRO O 30 12.96 39.80 2.46
C PRO O 30 12.85 38.58 1.55
N ASP O 31 11.61 38.26 1.21
CA ASP O 31 11.36 37.15 0.33
C ASP O 31 11.29 37.66 -1.09
N GLN O 32 11.49 36.75 -2.05
CA GLN O 32 11.44 37.07 -3.47
C GLN O 32 10.04 37.39 -3.97
N PHE O 33 9.06 36.61 -3.50
CA PHE O 33 7.74 36.63 -4.12
C PHE O 33 6.75 37.48 -3.32
N ILE O 34 5.66 37.90 -3.97
CA ILE O 34 4.65 38.75 -3.36
C ILE O 34 3.28 38.39 -3.94
N HIS O 35 2.35 37.92 -3.11
CA HIS O 35 1.01 37.58 -3.59
C HIS O 35 0.09 38.78 -3.59
N LEU O 36 -0.55 39.02 -4.75
CA LEU O 36 -1.32 40.24 -4.92
C LEU O 36 -2.80 39.99 -4.74
N GLY O 37 -3.16 38.73 -4.48
CA GLY O 37 -4.55 38.35 -4.41
C GLY O 37 -5.09 38.16 -5.82
N GLY O 38 -6.02 39.01 -6.22
CA GLY O 38 -6.62 38.93 -7.57
C GLY O 38 -7.64 37.81 -7.67
N ASP O 39 -8.74 37.98 -6.93
CA ASP O 39 -9.78 36.95 -6.80
C ASP O 39 -11.07 37.58 -6.29
N GLU O 40 -12.19 36.91 -6.56
CA GLU O 40 -13.53 37.32 -6.09
C GLU O 40 -13.77 38.82 -6.30
N VAL O 41 -13.27 39.34 -7.42
CA VAL O 41 -13.45 40.74 -7.74
C VAL O 41 -14.82 40.96 -8.37
N GLU O 42 -15.65 41.77 -7.70
CA GLU O 42 -17.03 41.99 -8.12
C GLU O 42 -17.20 43.20 -9.06
N PHE O 43 -17.32 42.90 -10.36
CA PHE O 43 -17.49 43.93 -11.41
C PHE O 43 -18.79 44.71 -11.26
N LYS O 44 -19.62 44.27 -10.32
CA LYS O 44 -20.89 44.89 -9.98
C LYS O 44 -20.79 46.41 -9.81
N CYS O 45 -19.76 46.86 -9.10
CA CYS O 45 -19.64 48.26 -8.72
C CYS O 45 -18.99 49.14 -9.80
N TRP O 46 -18.01 48.59 -10.51
CA TRP O 46 -17.37 49.30 -11.62
C TRP O 46 -18.40 49.69 -12.69
N GLU O 47 -19.09 48.68 -13.23
CA GLU O 47 -20.12 48.84 -14.26
C GLU O 47 -21.07 50.02 -13.99
N SER O 48 -21.44 50.18 -12.72
CA SER O 48 -22.37 51.22 -12.28
C SER O 48 -21.69 52.56 -11.98
N ASN O 49 -20.52 52.79 -12.59
CA ASN O 49 -19.82 54.07 -12.50
C ASN O 49 -19.64 54.71 -13.89
N PRO O 50 -20.25 55.89 -14.10
CA PRO O 50 -20.23 56.55 -15.43
C PRO O 50 -18.81 56.90 -15.87
N LYS O 51 -17.99 57.35 -14.92
CA LYS O 51 -16.61 57.76 -15.18
C LYS O 51 -15.72 56.58 -15.61
N ILE O 52 -15.91 55.42 -14.98
CA ILE O 52 -15.17 54.21 -15.35
C ILE O 52 -15.56 53.71 -16.74
N GLN O 53 -16.81 53.97 -17.14
CA GLN O 53 -17.29 53.60 -18.47
C GLN O 53 -16.68 54.47 -19.57
N ASP O 54 -16.36 55.71 -19.22
CA ASP O 54 -15.62 56.63 -20.11
C ASP O 54 -14.21 56.10 -20.35
N PHE O 55 -13.57 55.63 -19.29
CA PHE O 55 -12.29 54.95 -19.36
C PHE O 55 -12.35 53.77 -20.34
N MET O 56 -13.42 52.99 -20.26
CA MET O 56 -13.61 51.80 -21.10
C MET O 56 -13.66 52.10 -22.59
N ARG O 57 -14.23 53.24 -22.97
CA ARG O 57 -14.25 53.69 -24.36
C ARG O 57 -12.85 54.11 -24.79
N GLN O 58 -12.26 55.04 -24.02
CA GLN O 58 -10.91 55.57 -24.25
C GLN O 58 -9.82 54.49 -24.37
N LYS O 59 -10.15 53.28 -23.93
CA LYS O 59 -9.23 52.15 -23.99
C LYS O 59 -9.75 51.08 -24.96
N GLY O 60 -11.02 51.19 -25.33
CA GLY O 60 -11.68 50.25 -26.24
C GLY O 60 -11.80 48.85 -25.68
N PHE O 61 -12.48 48.71 -24.54
CA PHE O 61 -12.75 47.41 -23.92
C PHE O 61 -14.24 47.04 -23.97
N GLY O 62 -15.05 47.95 -24.52
CA GLY O 62 -16.50 47.75 -24.61
C GLY O 62 -17.18 47.83 -23.25
N THR O 63 -17.72 46.69 -22.81
CA THR O 63 -18.24 46.53 -21.44
C THR O 63 -17.71 45.22 -20.86
N ASP O 64 -16.72 44.65 -21.53
CA ASP O 64 -16.00 43.49 -21.03
C ASP O 64 -15.05 43.97 -19.94
N PHE O 65 -15.34 43.60 -18.68
CA PHE O 65 -14.55 44.05 -17.53
C PHE O 65 -13.40 43.10 -17.16
N LYS O 66 -13.31 41.95 -17.82
CA LYS O 66 -12.17 41.05 -17.69
C LYS O 66 -10.92 41.65 -18.35
N LYS O 67 -11.10 42.78 -19.04
CA LYS O 67 -10.02 43.59 -19.61
C LYS O 67 -9.60 44.71 -18.65
N LEU O 68 -10.58 45.34 -18.00
CA LEU O 68 -10.35 46.35 -16.96
C LEU O 68 -9.69 45.73 -15.73
N GLU O 69 -9.84 44.41 -15.62
CA GLU O 69 -9.19 43.60 -14.58
C GLU O 69 -7.83 43.11 -15.07
N SER O 70 -7.72 42.86 -16.39
CA SER O 70 -6.43 42.57 -17.07
C SER O 70 -5.47 43.76 -16.97
N PHE O 71 -6.02 44.95 -17.17
CA PHE O 71 -5.25 46.20 -17.16
C PHE O 71 -4.78 46.62 -15.77
N TYR O 72 -5.53 46.21 -14.75
CA TYR O 72 -5.15 46.50 -13.37
C TYR O 72 -4.00 45.60 -12.92
N ILE O 73 -4.24 44.29 -12.95
CA ILE O 73 -3.26 43.30 -12.48
C ILE O 73 -1.90 43.38 -13.19
N GLN O 74 -1.91 43.74 -14.48
CA GLN O 74 -0.68 43.94 -15.24
C GLN O 74 0.06 45.20 -14.79
N LYS O 75 -0.69 46.26 -14.48
CA LYS O 75 -0.13 47.46 -13.87
C LYS O 75 0.61 47.11 -12.58
N VAL O 76 0.00 46.23 -11.79
CA VAL O 76 0.57 45.79 -10.51
C VAL O 76 1.79 44.87 -10.72
N LEU O 77 1.59 43.75 -11.44
CA LEU O 77 2.68 42.81 -11.76
C LEU O 77 3.91 43.51 -12.35
N ASP O 78 3.68 44.72 -12.89
CA ASP O 78 4.78 45.59 -13.33
C ASP O 78 5.48 46.19 -12.11
N ILE O 79 4.72 46.94 -11.30
CA ILE O 79 5.24 47.48 -10.05
C ILE O 79 6.11 46.43 -9.31
N ILE O 80 5.70 45.17 -9.34
CA ILE O 80 6.46 44.06 -8.72
C ILE O 80 7.75 43.74 -9.46
N ALA O 81 7.68 43.69 -10.79
CA ALA O 81 8.86 43.39 -11.62
C ALA O 81 9.87 44.53 -11.56
N THR O 82 9.35 45.76 -11.46
CA THR O 82 10.15 46.99 -11.35
C THR O 82 10.98 47.02 -10.06
N ILE O 83 10.52 46.33 -9.03
CA ILE O 83 11.21 46.28 -7.73
C ILE O 83 11.92 44.94 -7.49
N ASN O 84 12.31 44.28 -8.59
CA ASN O 84 12.99 42.97 -8.57
C ASN O 84 12.39 41.95 -7.61
N LYS O 85 11.09 41.71 -7.77
CA LYS O 85 10.35 40.73 -6.96
C LYS O 85 9.47 39.85 -7.86
N GLY O 86 9.29 38.60 -7.43
CA GLY O 86 8.41 37.66 -8.12
C GLY O 86 6.95 37.88 -7.75
N SER O 87 6.06 37.24 -8.49
CA SER O 87 4.62 37.42 -8.28
C SER O 87 3.82 36.12 -8.23
N ILE O 88 3.13 35.94 -7.11
CA ILE O 88 2.13 34.88 -6.95
C ILE O 88 0.74 35.47 -7.18
N VAL O 89 -0.15 34.65 -7.74
CA VAL O 89 -1.47 35.09 -8.17
C VAL O 89 -2.51 33.97 -7.98
N TRP O 90 -3.77 34.34 -7.73
CA TRP O 90 -4.88 33.38 -7.67
C TRP O 90 -5.35 33.05 -9.05
N GLN O 91 -5.92 31.87 -9.26
CA GLN O 91 -6.34 31.45 -10.60
C GLN O 91 -7.28 32.40 -11.38
N GLU O 92 -8.05 33.26 -10.68
CA GLU O 92 -8.97 34.20 -11.34
C GLU O 92 -8.30 35.03 -12.43
N VAL O 93 -7.17 35.63 -12.07
CA VAL O 93 -6.39 36.51 -12.94
C VAL O 93 -6.00 35.85 -14.28
N PHE O 94 -5.42 34.65 -14.22
CA PHE O 94 -5.09 33.85 -15.41
C PHE O 94 -6.34 33.52 -16.23
N ASP O 95 -7.40 33.12 -15.52
CA ASP O 95 -8.71 32.84 -16.11
C ASP O 95 -9.47 34.10 -16.53
N ASP O 96 -8.78 35.25 -16.47
CA ASP O 96 -9.31 36.51 -17.01
C ASP O 96 -8.47 36.94 -18.21
N LYS O 97 -7.59 36.03 -18.64
CA LYS O 97 -6.78 36.18 -19.86
C LYS O 97 -5.84 37.39 -19.83
N ALA O 98 -4.94 37.42 -18.81
CA ALA O 98 -3.98 38.55 -18.65
C ALA O 98 -2.57 38.11 -19.01
N LYS O 99 -1.73 39.11 -19.35
CA LYS O 99 -0.33 38.86 -19.70
C LYS O 99 0.51 38.77 -18.43
N LEU O 100 0.98 37.56 -18.14
CA LEU O 100 1.80 37.33 -16.95
C LEU O 100 3.29 37.18 -17.29
N ALA O 101 4.13 37.86 -16.52
CA ALA O 101 5.59 37.82 -16.71
C ALA O 101 6.15 36.40 -16.72
N PRO O 102 7.23 36.15 -17.50
CA PRO O 102 7.88 34.84 -17.47
C PRO O 102 8.40 34.48 -16.07
N GLY O 103 7.63 33.64 -15.37
CA GLY O 103 7.96 33.23 -14.02
C GLY O 103 6.88 33.51 -12.99
N THR O 104 5.81 34.18 -13.41
CA THR O 104 4.66 34.49 -12.55
C THR O 104 3.96 33.20 -12.14
N ILE O 105 3.99 32.91 -10.84
CA ILE O 105 3.37 31.69 -10.30
C ILE O 105 1.86 31.87 -10.17
N VAL O 106 1.12 30.83 -10.56
CA VAL O 106 -0.33 30.81 -10.43
C VAL O 106 -0.67 29.81 -9.33
N GLU O 107 -1.54 30.22 -8.41
CA GLU O 107 -2.08 29.29 -7.42
C GLU O 107 -3.53 28.91 -7.73
N VAL O 108 -3.81 27.60 -7.69
CA VAL O 108 -5.13 27.06 -8.01
C VAL O 108 -5.92 26.85 -6.73
N TRP O 109 -7.22 27.13 -6.76
CA TRP O 109 -8.03 27.06 -5.54
C TRP O 109 -9.50 26.60 -5.63
N LYS O 110 -10.01 26.39 -6.84
CA LYS O 110 -11.41 25.94 -7.05
C LYS O 110 -11.54 24.44 -7.32
N ASP O 111 -12.66 23.82 -6.93
CA ASP O 111 -12.92 22.39 -7.17
C ASP O 111 -13.32 22.10 -8.63
N SER O 112 -14.15 22.99 -9.18
CA SER O 112 -14.68 22.86 -10.54
C SER O 112 -13.57 22.74 -11.58
N ALA O 113 -13.21 21.49 -11.88
CA ALA O 113 -12.11 21.14 -12.80
C ALA O 113 -10.83 21.91 -12.48
N TYR O 114 -10.25 21.61 -11.32
CA TYR O 114 -8.94 22.13 -11.00
C TYR O 114 -7.79 21.36 -11.68
N PRO O 115 -7.91 20.02 -11.86
CA PRO O 115 -6.83 19.35 -12.62
C PRO O 115 -6.73 19.81 -14.07
N GLU O 116 -7.80 20.42 -14.60
CA GLU O 116 -7.78 21.04 -15.93
C GLU O 116 -7.21 22.43 -15.83
N GLU O 117 -7.39 23.08 -14.68
CA GLU O 117 -6.68 24.33 -14.40
C GLU O 117 -5.17 24.10 -14.29
N LEU O 118 -4.78 23.00 -13.65
CA LEU O 118 -3.38 22.55 -13.55
C LEU O 118 -2.82 22.26 -14.93
N SER O 119 -3.68 21.74 -15.80
CA SER O 119 -3.35 21.53 -17.20
C SER O 119 -3.21 22.86 -17.95
N ARG O 120 -4.21 23.73 -17.79
CA ARG O 120 -4.24 25.05 -18.45
C ARG O 120 -3.01 25.92 -18.18
N VAL O 121 -2.65 26.02 -16.90
CA VAL O 121 -1.56 26.87 -16.45
C VAL O 121 -0.20 26.36 -16.95
N THR O 122 0.07 25.06 -16.76
CA THR O 122 1.33 24.45 -17.23
C THR O 122 1.46 24.44 -18.77
N ALA O 123 0.32 24.23 -19.44
CA ALA O 123 0.24 24.36 -20.90
C ALA O 123 0.69 25.76 -21.30
N SER O 124 0.20 26.77 -20.58
CA SER O 124 0.60 28.15 -20.79
C SER O 124 2.05 28.42 -20.37
N GLY O 125 2.68 27.44 -19.73
CA GLY O 125 4.09 27.53 -19.36
C GLY O 125 4.36 28.30 -18.08
N PHE O 126 3.37 28.34 -17.18
CA PHE O 126 3.53 28.96 -15.87
C PHE O 126 3.62 27.88 -14.78
N PRO O 127 4.49 28.08 -13.77
CA PRO O 127 4.50 27.17 -12.63
C PRO O 127 3.19 27.21 -11.84
N VAL O 128 2.95 26.20 -11.02
CA VAL O 128 1.65 26.09 -10.34
C VAL O 128 1.71 25.73 -8.86
N ILE O 129 0.86 26.39 -8.07
CA ILE O 129 0.62 26.03 -6.67
C ILE O 129 -0.85 25.63 -6.47
N LEU O 130 -1.07 24.48 -5.83
CA LEU O 130 -2.43 23.93 -5.64
C LEU O 130 -2.92 23.94 -4.18
N SER O 131 -4.03 24.65 -3.96
CA SER O 131 -4.68 24.72 -2.63
C SER O 131 -6.08 24.10 -2.62
N ALA O 132 -6.72 24.07 -3.80
CA ALA O 132 -8.13 23.67 -3.98
C ALA O 132 -8.70 22.51 -3.12
N PRO O 133 -8.00 21.35 -3.07
CA PRO O 133 -8.57 20.24 -2.32
C PRO O 133 -8.20 20.24 -0.82
N TRP O 134 -7.55 21.30 -0.35
CA TRP O 134 -7.08 21.32 1.03
C TRP O 134 -7.55 22.55 1.79
N TYR O 135 -8.85 22.85 1.70
CA TYR O 135 -9.40 23.97 2.43
C TYR O 135 -9.73 23.57 3.85
N LEU O 136 -8.73 23.75 4.73
CA LEU O 136 -8.83 23.29 6.12
C LEU O 136 -9.84 24.07 6.95
N ASP O 137 -10.27 25.22 6.45
CA ASP O 137 -11.33 25.98 7.11
C ASP O 137 -12.70 25.31 6.91
N LEU O 138 -12.92 24.71 5.75
CA LEU O 138 -14.13 23.93 5.48
C LEU O 138 -14.08 22.61 6.26
N ILE O 139 -14.81 22.57 7.38
CA ILE O 139 -14.70 21.47 8.35
C ILE O 139 -15.86 20.48 8.30
N SER O 140 -15.53 19.20 8.47
CA SER O 140 -16.52 18.13 8.42
C SER O 140 -16.33 17.13 9.55
N TYR O 141 -17.41 16.41 9.88
CA TYR O 141 -17.39 15.34 10.87
C TYR O 141 -16.42 14.24 10.46
N GLY O 142 -15.73 13.65 11.44
CA GLY O 142 -14.88 12.49 11.23
C GLY O 142 -13.59 12.70 10.46
N GLN O 143 -12.76 11.66 10.46
CA GLN O 143 -11.40 11.70 9.89
C GLN O 143 -11.31 12.20 8.45
N ASP O 144 -11.38 13.52 8.25
CA ASP O 144 -11.30 14.06 6.90
C ASP O 144 -9.84 14.30 6.47
N TRP O 145 -8.89 13.96 7.35
CA TRP O 145 -7.46 14.08 7.05
C TRP O 145 -7.04 13.16 5.90
N ARG O 146 -7.77 12.05 5.76
CA ARG O 146 -7.58 11.11 4.66
C ARG O 146 -8.00 11.76 3.35
N LYS O 147 -9.10 12.52 3.39
CA LYS O 147 -9.58 13.25 2.21
C LYS O 147 -8.53 14.24 1.73
N TYR O 148 -7.62 14.63 2.62
CA TYR O 148 -6.50 15.49 2.26
C TYR O 148 -5.27 14.66 1.89
N TYR O 149 -5.06 13.59 2.65
CA TYR O 149 -3.93 12.68 2.48
C TYR O 149 -3.99 11.90 1.17
N LYS O 150 -5.21 11.55 0.74
CA LYS O 150 -5.42 10.78 -0.48
C LYS O 150 -5.14 11.58 -1.76
N VAL O 151 -5.48 12.87 -1.76
CA VAL O 151 -5.24 13.73 -2.92
C VAL O 151 -3.86 13.46 -3.53
N GLU O 152 -3.85 13.12 -4.82
CA GLU O 152 -2.60 13.01 -5.57
C GLU O 152 -2.51 14.18 -6.56
N PRO O 153 -1.69 15.20 -6.22
CA PRO O 153 -1.71 16.45 -6.97
C PRO O 153 -1.29 16.31 -8.44
N LEU O 154 -0.35 15.41 -8.72
CA LEU O 154 0.17 15.23 -10.08
C LEU O 154 -0.70 14.37 -11.01
N ASP O 155 -1.99 14.26 -10.70
CA ASP O 155 -2.95 13.57 -11.58
C ASP O 155 -3.69 14.55 -12.49
N PHE O 156 -3.12 14.80 -13.67
CA PHE O 156 -3.79 15.63 -14.70
C PHE O 156 -3.19 15.46 -16.10
N GLY O 157 -3.61 16.34 -17.02
CA GLY O 157 -3.21 16.26 -18.43
C GLY O 157 -2.04 17.14 -18.84
N GLY O 158 -0.85 16.56 -18.90
CA GLY O 158 0.34 17.27 -19.33
C GLY O 158 1.57 16.38 -19.52
N THR O 159 2.54 16.89 -20.29
CA THR O 159 3.79 16.17 -20.55
C THR O 159 4.69 16.13 -19.31
N GLN O 160 5.69 15.26 -19.34
CA GLN O 160 6.69 15.15 -18.28
C GLN O 160 7.45 16.47 -18.08
N LYS O 161 7.34 17.36 -19.05
CA LYS O 161 7.91 18.71 -18.96
C LYS O 161 6.96 19.64 -18.19
N GLN O 162 5.66 19.48 -18.43
CA GLN O 162 4.63 20.24 -17.71
C GLN O 162 4.55 19.85 -16.23
N LYS O 163 5.01 18.62 -15.93
CA LYS O 163 5.06 18.12 -14.56
C LYS O 163 6.21 18.74 -13.74
N GLN O 164 7.16 19.36 -14.44
CA GLN O 164 8.22 20.14 -13.80
C GLN O 164 7.70 21.48 -13.26
N LEU O 165 6.70 22.05 -13.95
CA LEU O 165 6.12 23.35 -13.58
C LEU O 165 5.30 23.33 -12.29
N PHE O 166 4.84 22.16 -11.89
CA PHE O 166 4.15 21.98 -10.61
C PHE O 166 5.17 22.02 -9.48
N ILE O 167 5.05 23.02 -8.60
CA ILE O 167 6.04 23.23 -7.53
C ILE O 167 5.53 22.96 -6.11
N GLY O 168 4.25 22.61 -5.99
CA GLY O 168 3.68 22.18 -4.71
C GLY O 168 2.34 22.78 -4.31
N GLY O 169 1.91 22.43 -3.09
CA GLY O 169 0.64 22.91 -2.56
C GLY O 169 0.70 23.63 -1.22
N GLU O 170 -0.45 24.14 -0.79
CA GLU O 170 -0.62 24.83 0.49
C GLU O 170 -1.88 24.31 1.20
N ALA O 171 -1.82 24.18 2.52
CA ALA O 171 -3.04 24.04 3.31
C ALA O 171 -3.60 25.45 3.53
N CYS O 172 -4.92 25.55 3.70
CA CYS O 172 -5.54 26.85 3.91
C CYS O 172 -6.61 26.86 5.00
N LEU O 173 -6.41 27.76 5.98
CA LEU O 173 -7.30 27.88 7.12
C LEU O 173 -7.83 29.32 7.22
N TRP O 174 -8.66 29.68 6.25
CA TRP O 174 -9.28 31.00 6.18
C TRP O 174 -10.10 31.24 7.44
N GLY O 175 -10.12 32.49 7.89
CA GLY O 175 -10.45 32.81 9.28
C GLY O 175 -11.88 33.10 9.68
N GLU O 176 -12.80 33.15 8.73
CA GLU O 176 -14.19 33.54 9.00
C GLU O 176 -14.76 32.98 10.31
N TYR O 177 -14.37 31.75 10.62
CA TYR O 177 -14.79 31.08 11.85
C TYR O 177 -13.57 30.54 12.60
N VAL O 178 -12.43 31.21 12.40
CA VAL O 178 -11.18 30.87 13.06
C VAL O 178 -10.47 32.12 13.62
N ASP O 179 -10.25 32.10 14.93
CA ASP O 179 -9.37 33.06 15.60
C ASP O 179 -8.37 32.28 16.45
N ALA O 180 -7.84 32.92 17.49
CA ALA O 180 -6.87 32.29 18.38
C ALA O 180 -7.39 31.05 19.11
N THR O 181 -8.71 31.01 19.34
CA THR O 181 -9.32 30.01 20.21
C THR O 181 -9.42 28.61 19.62
N ASN O 182 -9.41 28.51 18.29
CA ASN O 182 -9.63 27.23 17.64
C ASN O 182 -8.59 26.82 16.59
N LEU O 183 -7.71 27.75 16.22
CA LEU O 183 -6.76 27.54 15.12
C LEU O 183 -5.87 26.31 15.29
N THR O 184 -5.08 26.27 16.36
CA THR O 184 -4.14 25.18 16.61
C THR O 184 -4.78 23.79 16.43
N PRO O 185 -5.88 23.49 17.16
CA PRO O 185 -6.54 22.20 17.03
C PRO O 185 -7.15 21.94 15.64
N ARG O 186 -7.82 22.94 15.06
CA ARG O 186 -8.40 22.82 13.73
C ARG O 186 -7.32 22.58 12.68
N LEU O 187 -6.18 23.26 12.82
CA LEU O 187 -5.08 23.17 11.87
C LEU O 187 -4.34 21.82 11.96
N TRP O 188 -3.99 21.42 13.17
CA TRP O 188 -3.19 20.22 13.38
C TRP O 188 -4.01 19.15 14.09
N PRO O 189 -3.85 17.87 13.69
CA PRO O 189 -2.88 17.36 12.72
C PRO O 189 -3.46 17.19 11.31
N ARG O 190 -4.37 18.07 10.92
CA ARG O 190 -5.03 17.94 9.63
C ARG O 190 -4.15 18.39 8.48
N ALA O 191 -3.32 19.42 8.72
CA ALA O 191 -2.34 19.85 7.72
C ALA O 191 -1.10 18.93 7.66
N SER O 192 -0.94 18.08 8.66
CA SER O 192 0.16 17.11 8.71
C SER O 192 0.15 16.16 7.52
N ALA O 193 -1.06 15.76 7.13
CA ALA O 193 -1.26 14.91 5.95
C ALA O 193 -0.82 15.63 4.68
N VAL O 194 -1.15 16.92 4.57
CA VAL O 194 -0.72 17.76 3.45
C VAL O 194 0.81 17.93 3.47
N GLY O 195 1.38 17.79 4.68
CA GLY O 195 2.83 17.83 4.88
C GLY O 195 3.52 16.60 4.33
N GLU O 196 2.99 15.41 4.66
CA GLU O 196 3.52 14.16 4.11
C GLU O 196 3.24 14.07 2.60
N ARG O 197 2.06 14.52 2.18
CA ARG O 197 1.65 14.48 0.77
C ARG O 197 2.47 15.42 -0.13
N LEU O 198 3.21 16.35 0.45
CA LEU O 198 4.06 17.25 -0.34
C LEU O 198 5.57 17.03 -0.17
N TRP O 199 5.93 16.33 0.91
CA TRP O 199 7.33 15.94 1.14
C TRP O 199 7.58 14.51 0.66
N SER O 200 6.92 13.56 1.33
CA SER O 200 7.12 12.13 1.10
C SER O 200 6.80 11.69 -0.33
N SER O 201 7.27 10.49 -0.70
CA SER O 201 7.18 9.97 -2.05
C SER O 201 5.74 9.85 -2.56
N LYS O 202 5.62 9.84 -3.90
CA LYS O 202 4.33 9.70 -4.57
C LYS O 202 3.60 8.44 -4.11
N ASP O 203 4.37 7.38 -3.86
CA ASP O 203 3.83 6.05 -3.55
C ASP O 203 3.57 5.80 -2.06
N VAL O 204 4.05 6.70 -1.20
CA VAL O 204 3.75 6.60 0.23
C VAL O 204 2.28 6.99 0.43
N ARG O 205 1.43 5.98 0.60
CA ARG O 205 -0.01 6.16 0.52
C ARG O 205 -0.82 5.22 1.42
N ASP O 206 -0.17 4.22 2.03
CA ASP O 206 -0.87 3.23 2.86
C ASP O 206 -1.47 3.85 4.12
N MET O 207 -2.78 3.72 4.27
CA MET O 207 -3.51 4.33 5.37
C MET O 207 -3.20 3.74 6.75
N ASP O 208 -3.26 2.41 6.85
CA ASP O 208 -2.98 1.71 8.12
C ASP O 208 -1.55 1.94 8.63
N ASP O 209 -0.70 2.49 7.77
CA ASP O 209 0.66 2.88 8.15
C ASP O 209 0.69 4.37 8.54
N ALA O 210 0.02 5.20 7.75
CA ALA O 210 -0.07 6.65 7.99
C ALA O 210 -0.78 6.98 9.31
N TYR O 211 -1.98 6.42 9.49
CA TYR O 211 -2.74 6.54 10.74
C TYR O 211 -1.92 6.05 11.93
N ASP O 212 -1.30 4.88 11.81
CA ASP O 212 -0.43 4.31 12.85
C ASP O 212 0.76 5.25 13.18
N ARG O 213 1.24 5.98 12.18
CA ARG O 213 2.31 6.96 12.41
C ARG O 213 1.81 8.32 12.86
N LEU O 214 0.77 8.83 12.20
CA LEU O 214 0.25 10.18 12.47
C LEU O 214 -0.20 10.34 13.91
N THR O 215 -0.95 9.35 14.41
CA THR O 215 -1.38 9.31 15.82
C THR O 215 -0.20 9.33 16.79
N ARG O 216 0.92 8.71 16.40
CA ARG O 216 2.15 8.75 17.19
C ARG O 216 3.00 9.99 16.91
N HIS O 217 2.63 10.76 15.89
CA HIS O 217 3.27 12.06 15.62
C HIS O 217 2.45 13.21 16.21
N ARG O 218 1.12 13.06 16.18
CA ARG O 218 0.22 14.03 16.79
C ARG O 218 0.39 14.09 18.32
N CYS O 219 0.64 12.93 18.93
CA CYS O 219 0.97 12.85 20.36
C CYS O 219 2.32 13.49 20.68
N ARG O 220 3.22 13.52 19.70
CA ARG O 220 4.54 14.13 19.88
C ARG O 220 4.42 15.66 19.92
N MET O 221 3.65 16.22 18.99
CA MET O 221 3.43 17.65 18.93
C MET O 221 2.67 18.17 20.15
N VAL O 222 1.81 17.31 20.72
CA VAL O 222 1.14 17.58 22.01
C VAL O 222 2.16 17.80 23.12
N GLU O 223 3.21 16.96 23.13
CA GLU O 223 4.30 17.06 24.09
C GLU O 223 5.27 18.22 23.78
N ARG O 224 5.37 18.60 22.51
CA ARG O 224 6.21 19.75 22.12
C ARG O 224 5.38 21.04 22.08
N GLY O 225 4.24 21.03 22.77
CA GLY O 225 3.43 22.24 22.95
C GLY O 225 2.19 22.31 22.09
N ILE O 226 2.31 21.92 20.83
CA ILE O 226 1.24 22.08 19.83
C ILE O 226 0.04 21.19 20.13
N ALA O 227 -1.07 21.82 20.50
CA ALA O 227 -2.32 21.11 20.79
C ALA O 227 -3.03 20.68 19.49
N ALA O 228 -2.57 19.56 18.93
CA ALA O 228 -3.19 18.95 17.77
C ALA O 228 -4.38 18.10 18.21
N GLN O 229 -5.45 18.12 17.42
CA GLN O 229 -6.66 17.35 17.77
C GLN O 229 -6.51 15.86 17.46
N PRO O 230 -7.28 15.00 18.17
CA PRO O 230 -7.08 13.57 17.96
C PRO O 230 -7.82 13.07 16.72
N LEU O 231 -7.21 12.12 16.02
CA LEU O 231 -7.78 11.56 14.80
C LEU O 231 -8.95 10.66 15.12
N TYR O 232 -8.80 9.88 16.18
CA TYR O 232 -9.82 8.94 16.63
C TYR O 232 -9.57 8.65 18.12
N ALA O 233 -10.45 7.84 18.73
CA ALA O 233 -10.36 7.43 20.14
C ALA O 233 -9.01 6.83 20.58
N GLY O 234 -8.67 7.03 21.85
CA GLY O 234 -7.41 6.55 22.41
C GLY O 234 -6.87 7.51 23.44
N TYR O 235 -5.54 7.73 23.42
CA TYR O 235 -4.86 8.64 24.36
C TYR O 235 -3.37 8.88 24.04
N CYS O 236 -2.78 9.86 24.74
CA CYS O 236 -1.33 10.12 24.72
C CYS O 236 -0.71 9.71 26.05
N ASN O 237 0.63 9.61 26.08
CA ASN O 237 1.42 9.25 27.28
C ASN O 237 1.40 7.75 27.60
N LEU P 1 3.85 58.89 41.05
CA LEU P 1 4.86 59.23 40.03
C LEU P 1 6.28 58.95 40.53
N TRP P 2 6.92 57.94 39.93
CA TRP P 2 8.27 57.53 40.32
C TRP P 2 9.10 57.29 39.06
N PRO P 3 10.30 57.91 38.99
CA PRO P 3 10.86 58.80 39.98
C PRO P 3 10.21 60.17 39.92
N TRP P 4 10.42 60.98 40.95
CA TRP P 4 9.79 62.29 41.02
C TRP P 4 10.49 63.29 40.11
N PRO P 5 9.71 63.97 39.25
CA PRO P 5 10.19 64.96 38.30
C PRO P 5 10.86 66.16 38.97
N GLN P 6 11.86 66.74 38.28
CA GLN P 6 12.57 67.90 38.79
C GLN P 6 11.59 69.02 39.12
N ASN P 7 10.79 69.40 38.13
CA ASN P 7 9.76 70.42 38.29
C ASN P 7 8.42 69.85 37.89
N PHE P 8 7.58 69.52 38.87
CA PHE P 8 6.23 69.01 38.62
C PHE P 8 5.15 69.89 39.24
N GLN P 9 4.56 70.76 38.43
CA GLN P 9 3.45 71.59 38.86
C GLN P 9 2.14 70.81 38.70
N THR P 10 1.33 70.82 39.76
CA THR P 10 0.13 69.97 39.85
C THR P 10 -1.16 70.76 40.07
N SER P 11 -2.30 70.09 39.89
CA SER P 11 -3.62 70.63 40.24
C SER P 11 -4.74 69.57 40.26
N ASP P 12 -5.91 69.96 40.75
CA ASP P 12 -7.05 69.04 40.91
C ASP P 12 -8.01 68.98 39.71
N GLN P 13 -7.88 69.95 38.81
CA GLN P 13 -8.65 69.99 37.57
C GLN P 13 -8.30 68.75 36.74
N ARG P 14 -9.33 68.03 36.31
CA ARG P 14 -9.18 66.72 35.66
C ARG P 14 -9.79 66.63 34.25
N TYR P 15 -9.38 65.62 33.50
CA TYR P 15 -9.96 65.34 32.18
C TYR P 15 -10.29 63.85 32.08
N VAL P 16 -11.28 63.53 31.26
CA VAL P 16 -11.76 62.16 31.09
C VAL P 16 -11.10 61.44 29.90
N LEU P 17 -10.77 60.17 30.07
CA LEU P 17 -10.06 59.41 29.05
C LEU P 17 -10.93 58.33 28.39
N TYR P 18 -10.48 57.84 27.24
CA TYR P 18 -11.25 56.86 26.46
C TYR P 18 -10.39 55.69 25.97
N PRO P 19 -10.21 54.65 26.83
CA PRO P 19 -9.46 53.41 26.62
C PRO P 19 -9.35 52.90 25.17
N ASN P 20 -10.40 53.04 24.37
CA ASN P 20 -10.38 52.55 22.99
C ASN P 20 -10.20 53.65 21.93
N ASN P 21 -10.66 54.86 22.26
CA ASN P 21 -10.54 56.02 21.39
C ASN P 21 -9.33 56.89 21.76
N PHE P 22 -8.28 56.26 22.26
CA PHE P 22 -7.07 56.97 22.67
C PHE P 22 -5.88 56.56 21.82
N GLN P 23 -5.20 57.54 21.24
CA GLN P 23 -4.01 57.29 20.43
C GLN P 23 -2.86 58.28 20.71
N PHE P 24 -1.64 57.78 20.56
CA PHE P 24 -0.42 58.58 20.57
C PHE P 24 -0.09 58.91 19.14
N GLN P 25 0.01 60.20 18.83
CA GLN P 25 0.36 60.61 17.48
C GLN P 25 1.51 61.60 17.50
N TYR P 26 2.31 61.59 16.44
CA TYR P 26 3.41 62.54 16.31
C TYR P 26 2.88 63.92 15.90
N ASP P 27 3.77 64.89 15.82
CA ASP P 27 3.41 66.19 15.27
C ASP P 27 4.05 66.43 13.90
N VAL P 28 3.52 67.42 13.18
CA VAL P 28 4.02 67.81 11.87
C VAL P 28 5.43 68.45 11.98
N SER P 29 5.71 68.99 13.17
CA SER P 29 7.01 69.60 13.49
C SER P 29 7.90 68.70 14.36
N SER P 30 7.57 67.41 14.40
CA SER P 30 8.37 66.42 15.12
C SER P 30 9.52 65.92 14.25
N ALA P 31 10.64 65.60 14.89
CA ALA P 31 11.84 65.15 14.18
C ALA P 31 11.76 63.68 13.81
N ALA P 32 11.47 62.84 14.80
CA ALA P 32 11.17 61.43 14.57
C ALA P 32 9.67 61.30 14.30
N GLN P 33 9.33 60.53 13.27
CA GLN P 33 7.97 60.49 12.74
C GLN P 33 7.58 59.01 12.55
N PRO P 34 6.37 58.72 12.01
CA PRO P 34 6.06 57.31 11.79
C PRO P 34 7.19 56.62 11.06
N GLY P 35 7.65 55.51 11.62
CA GLY P 35 8.88 54.87 11.18
C GLY P 35 9.96 55.06 12.22
N CYS P 36 9.57 55.64 13.36
CA CYS P 36 10.44 55.76 14.51
C CYS P 36 10.36 54.49 15.35
N SER P 37 11.15 53.50 14.99
CA SER P 37 11.12 52.16 15.60
C SER P 37 10.89 52.17 17.11
N VAL P 38 11.70 52.95 17.83
CA VAL P 38 11.57 53.09 19.28
C VAL P 38 10.13 53.48 19.66
N LEU P 39 9.71 54.69 19.27
CA LEU P 39 8.36 55.20 19.54
C LEU P 39 7.26 54.30 18.99
N ASP P 40 7.49 53.73 17.80
CA ASP P 40 6.52 52.83 17.18
C ASP P 40 6.06 51.83 18.20
N GLU P 41 6.99 50.95 18.58
CA GLU P 41 6.72 49.86 19.48
C GLU P 41 6.30 50.38 20.86
N ALA P 42 6.87 51.51 21.27
CA ALA P 42 6.59 52.09 22.58
C ALA P 42 5.13 52.53 22.73
N PHE P 43 4.59 53.22 21.73
CA PHE P 43 3.18 53.62 21.74
C PHE P 43 2.27 52.39 21.96
N GLN P 44 2.62 51.30 21.27
CA GLN P 44 1.89 50.03 21.37
C GLN P 44 2.12 49.34 22.70
N ARG P 45 3.34 49.43 23.21
CA ARG P 45 3.71 48.84 24.49
C ARG P 45 2.93 49.53 25.61
N TYR P 46 2.86 50.86 25.56
CA TYR P 46 2.26 51.67 26.64
C TYR P 46 0.75 51.80 26.57
N ARG P 47 0.19 51.59 25.38
CA ARG P 47 -1.27 51.65 25.24
C ARG P 47 -1.88 50.42 25.90
N ASP P 48 -1.21 49.29 25.75
CA ASP P 48 -1.60 48.03 26.39
C ASP P 48 -1.31 48.08 27.89
N LEU P 49 -0.36 48.92 28.29
CA LEU P 49 -0.07 49.14 29.70
C LEU P 49 -1.23 49.85 30.39
N LEU P 50 -1.78 50.87 29.75
CA LEU P 50 -2.91 51.58 30.33
C LEU P 50 -4.24 50.86 30.20
N PHE P 51 -4.50 50.29 29.02
CA PHE P 51 -5.84 49.78 28.70
C PHE P 51 -5.83 48.35 28.14
N GLY P 52 -5.25 47.42 28.92
CA GLY P 52 -5.12 46.03 28.49
C GLY P 52 -6.06 45.07 29.21
N THR Q 1 -12.68 68.49 30.62
CA THR Q 1 -13.57 68.06 29.55
C THR Q 1 -13.27 66.60 29.19
N LEU Q 2 -12.45 66.40 28.16
CA LEU Q 2 -12.08 65.06 27.67
C LEU Q 2 -10.86 65.14 26.78
N GLU Q 3 -9.98 64.13 26.90
CA GLU Q 3 -8.75 64.08 26.11
C GLU Q 3 -8.64 62.72 25.41
N LYS Q 4 -8.50 62.75 24.08
CA LYS Q 4 -8.39 61.53 23.27
C LYS Q 4 -7.00 61.30 22.69
N ASN Q 5 -6.19 62.36 22.63
CA ASN Q 5 -4.87 62.32 21.99
C ASN Q 5 -3.72 62.76 22.88
N VAL Q 6 -2.54 62.23 22.60
CA VAL Q 6 -1.30 62.72 23.20
C VAL Q 6 -0.29 63.06 22.10
N LEU Q 7 -0.03 64.36 21.95
CA LEU Q 7 0.80 64.90 20.89
C LEU Q 7 2.25 64.89 21.34
N VAL Q 8 3.13 64.37 20.51
CA VAL Q 8 4.53 64.19 20.89
C VAL Q 8 5.48 64.71 19.80
N VAL Q 9 6.25 65.74 20.14
CA VAL Q 9 7.27 66.27 19.24
C VAL Q 9 8.67 66.19 19.85
N SER Q 10 9.50 65.38 19.21
CA SER Q 10 10.91 65.26 19.56
C SER Q 10 11.66 66.27 18.70
N VAL Q 11 12.61 67.02 19.29
CA VAL Q 11 13.29 68.09 18.53
C VAL Q 11 14.55 67.63 17.79
N VAL Q 12 15.52 67.11 18.54
CA VAL Q 12 16.73 66.52 17.97
C VAL Q 12 16.34 65.22 17.30
N THR Q 13 17.00 64.89 16.20
CA THR Q 13 16.52 63.87 15.27
C THR Q 13 17.22 62.50 15.33
N PRO Q 14 18.59 62.46 15.40
CA PRO Q 14 19.43 61.29 15.08
C PRO Q 14 18.74 59.92 15.14
N GLY Q 15 17.97 59.61 14.11
CA GLY Q 15 17.25 58.34 13.95
C GLY Q 15 16.43 57.84 15.12
N CYS Q 16 15.91 56.62 14.96
CA CYS Q 16 15.36 55.86 16.06
C CYS Q 16 16.00 54.48 15.96
N ASN Q 17 17.12 54.45 15.22
CA ASN Q 17 17.84 53.23 14.86
C ASN Q 17 19.14 53.08 15.64
N GLN Q 18 19.79 54.20 15.93
CA GLN Q 18 21.08 54.21 16.64
C GLN Q 18 20.93 53.96 18.14
N LEU Q 19 21.91 53.26 18.71
CA LEU Q 19 21.91 52.88 20.13
C LEU Q 19 22.18 54.06 21.09
N PRO Q 20 21.60 54.03 22.30
CA PRO Q 20 21.84 55.12 23.24
C PRO Q 20 23.28 55.13 23.78
N THR Q 21 23.77 56.33 24.11
CA THR Q 21 25.09 56.50 24.73
C THR Q 21 24.99 57.46 25.93
N LEU Q 22 26.03 57.47 26.76
CA LEU Q 22 26.12 58.37 27.91
C LEU Q 22 25.91 59.84 27.49
N GLU Q 23 26.33 60.17 26.27
CA GLU Q 23 26.22 61.52 25.72
C GLU Q 23 24.78 61.90 25.37
N SER Q 24 23.94 60.90 25.14
CA SER Q 24 22.52 61.12 24.79
C SER Q 24 21.79 61.95 25.84
N VAL Q 25 20.87 62.80 25.37
CA VAL Q 25 20.07 63.66 26.24
C VAL Q 25 18.75 62.98 26.59
N GLU Q 26 18.21 63.26 27.77
CA GLU Q 26 16.92 62.70 28.22
C GLU Q 26 15.91 63.76 28.67
N ASN Q 27 16.13 65.00 28.26
CA ASN Q 27 15.31 66.13 28.68
C ASN Q 27 13.95 66.15 28.01
N TYR Q 28 12.89 66.25 28.81
CA TYR Q 28 11.53 66.33 28.29
C TYR Q 28 10.67 67.33 29.05
N THR Q 29 9.48 67.59 28.52
CA THR Q 29 8.43 68.32 29.21
C THR Q 29 7.09 67.65 28.92
N LEU Q 30 6.26 67.52 29.95
CA LEU Q 30 4.90 66.99 29.78
C LEU Q 30 3.87 68.02 30.24
N THR Q 31 3.12 68.55 29.27
CA THR Q 31 2.14 69.59 29.54
C THR Q 31 0.75 69.06 29.24
N ILE Q 32 -0.16 69.22 30.21
CA ILE Q 32 -1.56 68.85 30.03
C ILE Q 32 -2.48 69.92 30.61
N ASN Q 33 -3.27 70.52 29.73
CA ASN Q 33 -4.28 71.50 30.07
C ASN Q 33 -5.44 71.45 29.07
N ASP Q 34 -6.37 72.39 29.17
CA ASP Q 34 -7.50 72.48 28.24
C ASP Q 34 -7.00 72.71 26.81
N ASP Q 35 -6.03 73.61 26.66
CA ASP Q 35 -5.49 74.01 25.36
C ASP Q 35 -4.72 72.90 24.65
N GLN Q 36 -4.02 72.07 25.42
CA GLN Q 36 -3.10 71.12 24.80
C GLN Q 36 -2.83 69.85 25.61
N CYS Q 37 -2.16 68.92 24.94
CA CYS Q 37 -1.60 67.73 25.54
C CYS Q 37 -0.30 67.45 24.79
N LEU Q 38 0.81 67.98 25.30
CA LEU Q 38 2.06 67.94 24.56
C LEU Q 38 3.22 67.35 25.36
N LEU Q 39 3.67 66.18 24.93
CA LEU Q 39 4.89 65.60 25.46
C LEU Q 39 6.04 66.06 24.59
N LEU Q 40 6.63 67.20 24.96
CA LEU Q 40 7.71 67.80 24.18
C LEU Q 40 9.07 67.37 24.74
N SER Q 41 9.76 66.52 23.98
CA SER Q 41 11.05 65.99 24.40
C SER Q 41 12.17 66.41 23.46
N GLU Q 42 13.38 66.52 24.01
CA GLU Q 42 14.54 66.81 23.20
C GLU Q 42 14.82 65.65 22.26
N THR Q 43 15.38 64.56 22.79
CA THR Q 43 15.75 63.39 21.99
C THR Q 43 14.66 62.30 22.04
N VAL Q 44 14.88 61.25 21.25
CA VAL Q 44 14.02 60.07 21.21
C VAL Q 44 14.05 59.33 22.55
N TRP Q 45 15.17 59.44 23.26
CA TRP Q 45 15.28 58.88 24.61
C TRP Q 45 14.59 59.77 25.65
N GLY Q 46 14.19 60.97 25.24
CA GLY Q 46 13.43 61.88 26.08
C GLY Q 46 11.97 61.51 26.12
N ALA Q 47 11.40 61.20 24.97
CA ALA Q 47 9.97 60.88 24.85
C ALA Q 47 9.63 59.62 25.62
N LEU Q 48 10.40 58.55 25.40
CA LEU Q 48 10.28 57.30 26.16
C LEU Q 48 10.03 57.57 27.64
N ARG Q 49 10.86 58.43 28.24
CA ARG Q 49 10.73 58.82 29.63
C ARG Q 49 9.36 59.44 29.87
N GLY Q 50 9.02 60.44 29.07
CA GLY Q 50 7.74 61.14 29.17
C GLY Q 50 6.53 60.22 29.09
N LEU Q 51 6.67 59.14 28.31
CA LEU Q 51 5.62 58.13 28.22
C LEU Q 51 5.43 57.47 29.57
N GLU Q 52 6.51 56.95 30.14
CA GLU Q 52 6.48 56.32 31.46
C GLU Q 52 5.82 57.23 32.50
N THR Q 53 6.21 58.50 32.49
CA THR Q 53 5.64 59.50 33.39
C THR Q 53 4.15 59.63 33.15
N PHE Q 54 3.75 59.72 31.88
CA PHE Q 54 2.34 59.88 31.54
C PHE Q 54 1.50 58.72 32.08
N SER Q 55 1.98 57.50 31.85
CA SER Q 55 1.27 56.29 32.27
C SER Q 55 0.99 56.32 33.76
N GLN Q 56 1.95 56.82 34.52
CA GLN Q 56 1.86 56.91 35.97
C GLN Q 56 0.94 58.05 36.45
N LEU Q 57 0.52 58.90 35.52
CA LEU Q 57 -0.43 59.96 35.87
C LEU Q 57 -1.87 59.61 35.50
N VAL Q 58 -2.03 58.58 34.68
CA VAL Q 58 -3.34 58.05 34.35
C VAL Q 58 -3.87 57.32 35.58
N TRP Q 59 -5.17 57.48 35.87
CA TRP Q 59 -5.76 56.91 37.08
C TRP Q 59 -7.27 56.76 36.98
N LYS Q 60 -7.79 55.68 37.56
CA LYS Q 60 -9.22 55.39 37.51
C LYS Q 60 -9.90 55.54 38.87
N SER Q 61 -10.95 56.36 38.91
CA SER Q 61 -11.65 56.69 40.16
C SER Q 61 -12.47 55.53 40.71
N ALA Q 62 -13.06 55.74 41.89
CA ALA Q 62 -13.85 54.71 42.60
C ALA Q 62 -14.88 54.03 41.70
N GLU Q 63 -15.41 54.78 40.74
CA GLU Q 63 -16.41 54.29 39.80
C GLU Q 63 -15.77 53.56 38.61
N GLY Q 64 -14.49 53.81 38.39
CA GLY Q 64 -13.75 53.19 37.29
C GLY Q 64 -13.46 54.14 36.13
N THR Q 65 -13.79 55.41 36.33
CA THR Q 65 -13.61 56.43 35.30
C THR Q 65 -12.13 56.75 35.11
N PHE Q 66 -11.62 56.51 33.90
CA PHE Q 66 -10.23 56.80 33.58
C PHE Q 66 -9.97 58.30 33.48
N PHE Q 67 -9.02 58.78 34.27
CA PHE Q 67 -8.75 60.22 34.42
C PHE Q 67 -7.30 60.65 34.17
N ILE Q 68 -7.09 61.97 34.14
CA ILE Q 68 -5.79 62.59 34.02
C ILE Q 68 -5.92 64.04 34.49
N ASN Q 69 -4.97 64.51 35.30
CA ASN Q 69 -5.08 65.84 35.88
C ASN Q 69 -4.16 66.88 35.23
N LYS Q 70 -4.69 68.11 35.17
CA LYS Q 70 -3.94 69.29 34.74
C LYS Q 70 -2.50 69.19 35.21
N THR Q 71 -1.59 68.96 34.28
CA THR Q 71 -0.17 68.76 34.62
C THR Q 71 0.80 69.56 33.76
N GLU Q 72 1.73 70.25 34.43
CA GLU Q 72 2.88 70.87 33.80
C GLU Q 72 4.13 70.30 34.44
N ILE Q 73 5.01 69.73 33.62
CA ILE Q 73 6.25 69.13 34.11
C ILE Q 73 7.42 69.52 33.22
N GLU Q 74 8.58 69.76 33.85
CA GLU Q 74 9.84 69.93 33.13
C GLU Q 74 10.93 69.08 33.77
N ASP Q 75 11.05 67.84 33.31
CA ASP Q 75 11.90 66.84 33.96
C ASP Q 75 13.19 66.55 33.17
N PHE Q 76 14.16 65.91 33.85
CA PHE Q 76 15.47 65.53 33.29
C PHE Q 76 16.29 64.81 34.36
N PRO Q 77 17.29 63.99 33.95
CA PRO Q 77 18.07 63.26 34.96
C PRO Q 77 19.25 64.06 35.52
N ARG Q 78 19.47 63.95 36.83
CA ARG Q 78 20.63 64.53 37.49
C ARG Q 78 21.90 63.78 37.08
N PHE Q 79 21.74 62.51 36.72
CA PHE Q 79 22.85 61.67 36.27
C PHE Q 79 22.53 60.91 34.97
N PRO Q 80 23.46 60.95 34.00
CA PRO Q 80 23.31 60.21 32.74
C PRO Q 80 23.44 58.69 32.90
N HIS Q 81 24.28 58.25 33.83
CA HIS Q 81 24.50 56.81 34.02
C HIS Q 81 23.70 56.25 35.18
N ARG Q 82 22.58 55.60 34.85
CA ARG Q 82 21.68 55.01 35.83
C ARG Q 82 21.51 53.51 35.57
N GLY Q 83 22.42 52.71 36.12
CA GLY Q 83 22.55 51.31 35.75
C GLY Q 83 22.14 50.28 36.80
N LEU Q 84 22.09 49.02 36.36
CA LEU Q 84 21.68 47.90 37.22
C LEU Q 84 22.53 46.66 36.90
N LEU Q 85 23.15 46.08 37.92
CA LEU Q 85 24.04 44.93 37.73
C LEU Q 85 23.34 43.59 37.91
N LEU Q 86 23.40 42.75 36.88
CA LEU Q 86 22.96 41.36 36.97
C LEU Q 86 24.14 40.42 36.90
N ASP Q 87 24.02 39.29 37.61
CA ASP Q 87 25.09 38.30 37.75
C ASP Q 87 24.63 36.92 37.28
N THR Q 88 24.70 36.72 35.97
CA THR Q 88 24.23 35.50 35.32
C THR Q 88 25.24 34.37 35.45
N SER Q 89 26.24 34.56 36.31
CA SER Q 89 27.37 33.65 36.42
C SER Q 89 27.32 32.69 37.61
N ARG Q 90 27.10 33.22 38.81
CA ARG Q 90 26.94 32.39 40.01
C ARG Q 90 25.64 31.59 39.92
N HIS Q 91 24.69 32.13 39.16
CA HIS Q 91 23.49 31.42 38.76
C HIS Q 91 23.07 31.84 37.35
N TYR Q 92 22.66 30.88 36.54
CA TYR Q 92 22.20 31.16 35.18
C TYR Q 92 20.80 31.79 35.19
N LEU Q 93 20.67 32.94 34.52
CA LEU Q 93 19.38 33.62 34.41
C LEU Q 93 18.83 33.54 32.98
N PRO Q 94 17.77 32.73 32.77
CA PRO Q 94 17.13 32.61 31.47
C PRO Q 94 16.93 33.96 30.79
N LEU Q 95 16.99 33.96 29.45
CA LEU Q 95 16.91 35.19 28.68
C LEU Q 95 15.64 35.98 29.00
N SER Q 96 14.51 35.27 29.09
CA SER Q 96 13.22 35.88 29.44
C SER Q 96 13.27 36.66 30.77
N SER Q 97 14.00 36.11 31.75
CA SER Q 97 14.19 36.77 33.04
C SER Q 97 14.96 38.07 32.88
N ILE Q 98 15.86 38.11 31.89
CA ILE Q 98 16.70 39.29 31.60
C ILE Q 98 15.89 40.39 30.92
N LEU Q 99 15.04 39.99 29.97
CA LEU Q 99 14.19 40.91 29.23
C LEU Q 99 13.16 41.59 30.16
N ASP Q 100 12.61 40.82 31.10
CA ASP Q 100 11.69 41.34 32.11
C ASP Q 100 12.30 42.47 32.94
N THR Q 101 13.53 42.25 33.42
CA THR Q 101 14.26 43.25 34.21
C THR Q 101 14.52 44.51 33.38
N LEU Q 102 14.77 44.32 32.09
CA LEU Q 102 14.94 45.44 31.16
C LEU Q 102 13.65 46.25 31.03
N ASP Q 103 12.53 45.54 31.03
CA ASP Q 103 11.21 46.19 31.06
C ASP Q 103 11.07 47.09 32.27
N VAL Q 104 11.25 46.50 33.46
CA VAL Q 104 11.10 47.20 34.73
C VAL Q 104 12.09 48.37 34.84
N MET Q 105 13.27 48.20 34.25
CA MET Q 105 14.31 49.23 34.19
C MET Q 105 13.84 50.46 33.43
N ALA Q 106 12.99 50.25 32.43
CA ALA Q 106 12.39 51.34 31.67
C ALA Q 106 11.41 52.12 32.55
N TYR Q 107 10.73 51.41 33.45
CA TYR Q 107 9.72 52.01 34.31
C TYR Q 107 10.33 52.94 35.36
N ASN Q 108 11.47 52.53 35.90
CA ASN Q 108 12.20 53.31 36.90
C ASN Q 108 13.13 54.35 36.29
N LYS Q 109 13.07 54.49 34.96
CA LYS Q 109 13.94 55.38 34.16
C LYS Q 109 15.44 55.04 34.29
N LEU Q 110 15.74 53.76 34.23
CA LEU Q 110 17.12 53.28 34.32
C LEU Q 110 17.66 52.89 32.93
N ASN Q 111 18.82 53.45 32.59
CA ASN Q 111 19.34 53.40 31.22
C ASN Q 111 20.67 52.65 30.97
N VAL Q 112 21.20 51.94 31.96
CA VAL Q 112 22.40 51.11 31.75
C VAL Q 112 22.23 49.71 32.32
N PHE Q 113 22.35 48.70 31.46
CA PHE Q 113 22.32 47.32 31.90
C PHE Q 113 23.74 46.81 32.13
N HIS Q 114 24.06 46.51 33.39
CA HIS Q 114 25.38 45.97 33.74
C HIS Q 114 25.35 44.44 33.72
N TRP Q 115 25.95 43.87 32.68
CA TRP Q 115 25.98 42.43 32.50
C TRP Q 115 27.29 41.85 33.02
N HIS Q 116 27.19 41.03 34.06
CA HIS Q 116 28.34 40.33 34.62
C HIS Q 116 28.31 38.88 34.16
N LEU Q 117 28.35 38.70 32.83
CA LEU Q 117 28.13 37.41 32.18
C LEU Q 117 28.86 36.24 32.86
N VAL Q 118 30.18 36.37 32.96
CA VAL Q 118 31.05 35.28 33.40
C VAL Q 118 31.82 35.61 34.68
N ASP Q 119 32.10 34.59 35.47
CA ASP Q 119 32.85 34.68 36.71
C ASP Q 119 33.36 33.27 37.04
N ASP Q 120 33.90 33.08 38.24
CA ASP Q 120 34.45 31.79 38.69
C ASP Q 120 33.60 30.53 38.40
N PRO Q 121 32.33 30.50 38.86
CA PRO Q 121 31.59 29.24 38.76
C PRO Q 121 31.04 28.86 37.38
N SER Q 122 30.95 29.83 36.48
CA SER Q 122 30.32 29.58 35.17
C SER Q 122 30.85 30.46 34.04
N PHE Q 123 30.77 29.91 32.82
CA PHE Q 123 31.01 30.64 31.57
C PHE Q 123 29.82 30.36 30.63
N PRO Q 124 28.67 31.03 30.88
CA PRO Q 124 27.48 30.78 30.08
C PRO Q 124 27.52 31.45 28.70
N TYR Q 125 28.43 32.39 28.50
CA TYR Q 125 28.59 33.06 27.22
C TYR Q 125 29.23 32.13 26.19
N GLU Q 126 28.64 32.07 25.00
CA GLU Q 126 29.14 31.22 23.90
C GLU Q 126 30.04 32.02 22.96
N SER Q 127 31.32 32.06 23.28
CA SER Q 127 32.33 32.76 22.49
C SER Q 127 32.56 32.02 21.19
N PHE Q 128 32.45 32.71 20.06
CA PHE Q 128 32.61 32.06 18.75
C PHE Q 128 34.07 31.92 18.30
N THR Q 129 34.90 32.94 18.54
CA THR Q 129 36.33 32.81 18.27
C THR Q 129 36.93 31.76 19.19
N PHE Q 130 36.37 31.62 20.40
CA PHE Q 130 36.81 30.62 21.37
C PHE Q 130 35.64 29.81 21.94
N PRO Q 131 35.14 28.82 21.17
CA PRO Q 131 33.97 28.04 21.54
C PRO Q 131 34.16 27.17 22.80
N GLU Q 132 35.34 26.58 22.95
CA GLU Q 132 35.67 25.71 24.09
C GLU Q 132 35.50 26.39 25.46
N LEU Q 133 35.36 27.71 25.44
CA LEU Q 133 35.02 28.49 26.62
C LEU Q 133 33.63 28.13 27.11
N MET Q 134 32.68 28.06 26.17
CA MET Q 134 31.29 27.72 26.46
C MET Q 134 31.13 26.24 26.86
N ARG Q 135 31.78 25.37 26.10
CA ARG Q 135 31.68 23.91 26.26
C ARG Q 135 32.18 23.36 27.61
N LYS Q 136 33.33 23.84 28.07
CA LYS Q 136 33.94 23.33 29.29
C LYS Q 136 33.99 24.36 30.43
N GLY Q 137 33.21 25.43 30.29
CA GLY Q 137 33.16 26.50 31.29
C GLY Q 137 31.78 26.77 31.88
N SER Q 138 30.74 26.41 31.13
CA SER Q 138 29.35 26.60 31.58
C SER Q 138 28.89 25.47 32.51
N TYR Q 139 27.83 25.73 33.26
CA TYR Q 139 27.22 24.72 34.13
C TYR Q 139 26.78 23.52 33.31
N ASN Q 140 26.09 23.80 32.21
CA ASN Q 140 25.71 22.82 31.19
C ASN Q 140 25.87 23.50 29.82
N PRO Q 141 26.40 22.79 28.81
CA PRO Q 141 26.63 23.48 27.54
C PRO Q 141 25.36 23.71 26.72
N VAL Q 142 24.23 23.20 27.18
CA VAL Q 142 22.95 23.25 26.42
C VAL Q 142 21.92 24.23 27.03
N THR Q 143 21.38 23.90 28.21
CA THR Q 143 20.34 24.73 28.81
C THR Q 143 20.91 26.08 29.27
N HIS Q 144 21.91 26.03 30.14
CA HIS Q 144 22.45 27.21 30.81
C HIS Q 144 23.45 28.03 29.96
N ILE Q 145 23.00 28.51 28.79
CA ILE Q 145 23.90 29.14 27.79
C ILE Q 145 23.37 30.42 27.14
N TYR Q 146 24.28 31.33 26.79
CA TYR Q 146 23.95 32.58 26.06
C TYR Q 146 24.51 32.65 24.63
N THR Q 147 23.66 32.33 23.67
CA THR Q 147 23.99 32.39 22.24
C THR Q 147 24.18 33.83 21.76
N ALA Q 148 24.83 33.99 20.61
CA ALA Q 148 24.97 35.29 19.93
C ALA Q 148 23.62 35.83 19.46
N GLN Q 149 22.69 34.90 19.27
CA GLN Q 149 21.30 35.24 18.96
C GLN Q 149 20.59 35.82 20.19
N ASP Q 150 20.78 35.16 21.33
CA ASP Q 150 20.28 35.66 22.61
C ASP Q 150 20.86 37.04 22.86
N VAL Q 151 22.18 37.15 22.66
CA VAL Q 151 22.92 38.38 22.91
C VAL Q 151 22.47 39.58 22.04
N LYS Q 152 22.34 39.37 20.73
CA LYS Q 152 21.91 40.47 19.86
C LYS Q 152 20.50 40.94 20.21
N GLU Q 153 19.65 40.00 20.63
CA GLU Q 153 18.29 40.33 21.06
C GLU Q 153 18.25 41.14 22.35
N VAL Q 154 19.12 40.81 23.31
CA VAL Q 154 19.27 41.57 24.57
C VAL Q 154 19.52 43.06 24.29
N ILE Q 155 20.50 43.33 23.45
CA ILE Q 155 20.88 44.68 23.06
C ILE Q 155 19.68 45.42 22.47
N GLU Q 156 19.04 44.80 21.47
CA GLU Q 156 17.94 45.45 20.76
C GLU Q 156 16.70 45.63 21.62
N TYR Q 157 16.40 44.65 22.46
CA TYR Q 157 15.34 44.76 23.46
C TYR Q 157 15.60 46.00 24.32
N ALA Q 158 16.83 46.11 24.82
CA ALA Q 158 17.27 47.21 25.67
C ALA Q 158 17.32 48.57 24.95
N ARG Q 159 17.92 48.58 23.76
CA ARG Q 159 17.95 49.79 22.92
C ARG Q 159 16.55 50.38 22.79
N LEU Q 160 15.57 49.50 22.56
CA LEU Q 160 14.17 49.88 22.40
C LEU Q 160 13.63 50.70 23.59
N ARG Q 161 14.14 50.40 24.78
CA ARG Q 161 13.73 51.11 26.01
C ARG Q 161 14.76 52.19 26.42
N GLY Q 162 15.76 52.41 25.58
CA GLY Q 162 16.77 53.43 25.84
C GLY Q 162 17.82 52.99 26.85
N ILE Q 163 18.04 51.68 26.93
CA ILE Q 163 19.04 51.09 27.81
C ILE Q 163 20.30 50.69 27.04
N ARG Q 164 21.43 51.25 27.45
CA ARG Q 164 22.72 50.79 26.94
C ARG Q 164 23.06 49.48 27.64
N VAL Q 165 23.73 48.57 26.93
CA VAL Q 165 24.23 47.33 27.53
C VAL Q 165 25.71 47.47 27.89
N LEU Q 166 26.03 47.28 29.17
CA LEU Q 166 27.40 47.31 29.67
C LEU Q 166 27.86 45.87 29.86
N ALA Q 167 28.87 45.47 29.10
CA ALA Q 167 29.32 44.08 29.10
C ALA Q 167 30.61 43.90 29.89
N GLU Q 168 30.55 43.01 30.89
CA GLU Q 168 31.71 42.67 31.71
C GLU Q 168 32.13 41.20 31.61
N PHE Q 169 33.41 41.03 31.29
CA PHE Q 169 34.07 39.74 31.35
C PHE Q 169 35.28 39.96 32.24
N ASP Q 170 35.11 39.65 33.53
CA ASP Q 170 36.10 40.02 34.54
C ASP Q 170 37.44 39.29 34.43
N THR Q 171 38.50 40.08 34.26
CA THR Q 171 39.87 39.59 34.17
C THR Q 171 40.80 40.59 34.87
N PRO Q 172 41.88 40.11 35.52
CA PRO Q 172 42.38 38.73 35.61
C PRO Q 172 41.70 37.84 36.65
N GLY Q 173 41.16 38.43 37.72
CA GLY Q 173 40.43 37.68 38.74
C GLY Q 173 39.07 37.21 38.24
N HIS Q 174 38.40 36.37 39.02
CA HIS Q 174 37.08 35.84 38.69
C HIS Q 174 37.05 35.14 37.33
N THR Q 175 38.02 34.26 37.11
CA THR Q 175 38.21 33.57 35.82
C THR Q 175 38.40 32.04 35.91
N LEU Q 176 37.96 31.43 37.01
CA LEU Q 176 38.08 29.98 37.20
C LEU Q 176 37.41 29.18 36.09
N SER Q 177 36.28 29.69 35.59
CA SER Q 177 35.51 29.04 34.53
C SER Q 177 36.18 29.14 33.16
N TRP Q 178 37.12 30.08 33.02
CA TRP Q 178 37.92 30.22 31.80
C TRP Q 178 38.96 29.11 31.72
N GLY Q 179 39.45 28.68 32.88
CA GLY Q 179 40.49 27.65 33.00
C GLY Q 179 40.45 26.53 31.97
N PRO Q 180 39.53 25.56 32.16
CA PRO Q 180 39.33 24.55 31.12
C PRO Q 180 38.67 25.16 29.89
N GLY Q 181 39.15 24.79 28.71
CA GLY Q 181 38.66 25.37 27.47
C GLY Q 181 39.76 26.14 26.75
N ILE Q 182 40.43 27.01 27.49
CA ILE Q 182 41.69 27.61 27.03
C ILE Q 182 42.80 27.26 28.02
N PRO Q 183 43.48 26.12 27.80
CA PRO Q 183 44.51 25.58 28.70
C PRO Q 183 45.69 26.51 28.89
N GLY Q 184 46.28 26.49 30.07
CA GLY Q 184 47.44 27.32 30.40
C GLY Q 184 47.16 28.81 30.39
N LEU Q 185 45.92 29.19 30.68
CA LEU Q 185 45.55 30.60 30.82
C LEU Q 185 45.57 31.02 32.28
N LEU Q 186 44.99 30.18 33.15
CA LEU Q 186 45.02 30.42 34.59
C LEU Q 186 46.36 30.00 35.17
N THR Q 187 46.77 30.65 36.25
CA THR Q 187 48.02 30.32 36.92
C THR Q 187 47.87 29.11 37.85
N PRO Q 188 48.63 28.02 37.58
CA PRO Q 188 48.76 26.94 38.56
C PRO Q 188 49.47 27.42 39.84
N CYS Q 189 48.84 27.19 40.98
CA CYS Q 189 49.40 27.58 42.28
C CYS Q 189 50.31 26.50 42.86
N TYR Q 190 51.29 26.92 43.67
CA TYR Q 190 52.33 26.03 44.19
C TYR Q 190 52.36 25.99 45.71
N SER Q 191 52.61 24.80 46.26
CA SER Q 191 52.75 24.63 47.72
C SER Q 191 54.12 25.11 48.19
N GLY Q 192 55.14 24.91 47.35
CA GLY Q 192 56.51 25.31 47.68
C GLY Q 192 57.53 24.88 46.64
N SER Q 193 57.20 23.84 45.88
CA SER Q 193 58.09 23.30 44.85
C SER Q 193 57.27 22.75 43.68
N GLU Q 194 56.25 21.97 43.99
CA GLU Q 194 55.42 21.29 42.98
C GLU Q 194 54.01 21.90 42.88
N PRO Q 195 53.39 21.83 41.67
CA PRO Q 195 52.05 22.39 41.46
C PRO Q 195 51.00 21.77 42.36
N SER Q 196 50.04 22.58 42.80
CA SER Q 196 49.06 22.14 43.81
C SER Q 196 47.66 21.86 43.23
N GLY Q 197 47.60 21.66 41.91
CA GLY Q 197 46.33 21.36 41.23
C GLY Q 197 45.40 22.56 41.14
N THR Q 198 45.30 23.29 42.24
CA THR Q 198 44.44 24.48 42.33
C THR Q 198 44.99 25.66 41.53
N PHE Q 199 44.13 26.28 40.71
CA PHE Q 199 44.50 27.44 39.89
C PHE Q 199 44.08 28.78 40.50
N GLY Q 200 44.79 29.84 40.11
CA GLY Q 200 44.45 31.19 40.52
C GLY Q 200 44.11 32.10 39.34
N PRO Q 201 44.38 33.41 39.48
CA PRO Q 201 44.07 34.42 38.46
C PRO Q 201 44.88 34.27 37.15
N VAL Q 202 44.39 34.92 36.10
CA VAL Q 202 44.97 34.89 34.75
C VAL Q 202 46.49 35.08 34.78
N ASN Q 203 47.20 34.18 34.10
CA ASN Q 203 48.65 34.22 34.00
C ASN Q 203 49.12 35.38 33.12
N PRO Q 204 49.72 36.42 33.72
CA PRO Q 204 50.12 37.60 32.97
C PRO Q 204 51.53 37.50 32.37
N SER Q 205 52.18 36.35 32.58
CA SER Q 205 53.58 36.15 32.17
C SER Q 205 53.72 35.57 30.75
N LEU Q 206 52.80 34.69 30.37
CA LEU Q 206 52.80 34.08 29.03
C LEU Q 206 52.35 35.05 27.92
N ASN Q 207 52.89 34.85 26.72
CA ASN Q 207 52.44 35.54 25.51
C ASN Q 207 51.01 35.08 25.10
N ASN Q 208 50.81 33.76 25.04
CA ASN Q 208 49.53 33.14 24.67
C ASN Q 208 48.31 33.83 25.27
N THR Q 209 48.48 34.30 26.51
CA THR Q 209 47.45 35.05 27.22
C THR Q 209 47.09 36.34 26.47
N TYR Q 210 48.10 37.14 26.14
CA TYR Q 210 47.90 38.46 25.49
C TYR Q 210 47.50 38.38 24.01
N GLU Q 211 47.63 37.21 23.41
CA GLU Q 211 47.06 36.96 22.09
C GLU Q 211 45.57 36.56 22.22
N PHE Q 212 45.29 35.67 23.17
CA PHE Q 212 43.94 35.21 23.48
C PHE Q 212 43.01 36.39 23.76
N MET Q 213 43.49 37.33 24.59
CA MET Q 213 42.73 38.53 24.96
C MET Q 213 42.47 39.46 23.79
N SER Q 214 43.44 39.55 22.89
CA SER Q 214 43.34 40.38 21.69
C SER Q 214 42.30 39.84 20.71
N THR Q 215 42.13 38.52 20.71
CA THR Q 215 41.22 37.85 19.79
C THR Q 215 39.82 37.67 20.41
N PHE Q 216 39.76 37.69 21.74
CA PHE Q 216 38.48 37.53 22.47
C PHE Q 216 37.71 38.83 22.60
N PHE Q 217 38.41 39.90 22.98
CA PHE Q 217 37.80 41.22 23.14
C PHE Q 217 37.60 41.95 21.81
N LEU Q 218 38.16 41.40 20.73
CA LEU Q 218 37.90 41.88 19.37
C LEU Q 218 36.48 41.49 18.97
N GLU Q 219 36.09 40.27 19.35
CA GLU Q 219 34.72 39.80 19.18
C GLU Q 219 33.79 40.59 20.10
N VAL Q 220 34.17 40.72 21.38
CA VAL Q 220 33.36 41.44 22.38
C VAL Q 220 33.12 42.91 21.98
N SER Q 221 34.14 43.57 21.44
CA SER Q 221 33.99 44.96 20.95
C SER Q 221 33.28 45.02 19.59
N SER Q 222 32.71 43.89 19.17
CA SER Q 222 31.95 43.81 17.93
C SER Q 222 30.48 43.41 18.18
N VAL Q 223 30.25 42.46 19.08
CA VAL Q 223 28.89 42.04 19.46
C VAL Q 223 28.13 43.11 20.27
N PHE Q 224 28.85 43.85 21.13
CA PHE Q 224 28.26 44.92 21.95
C PHE Q 224 28.60 46.31 21.38
N PRO Q 225 27.59 47.04 20.87
CA PRO Q 225 27.85 48.28 20.13
C PRO Q 225 27.87 49.54 21.01
N ASP Q 226 27.97 49.35 22.33
CA ASP Q 226 28.15 50.45 23.28
C ASP Q 226 29.59 50.97 23.22
N PHE Q 227 29.80 52.26 23.48
CA PHE Q 227 31.15 52.84 23.49
C PHE Q 227 32.00 52.19 24.59
N TYR Q 228 31.36 51.87 25.71
CA TYR Q 228 32.08 51.36 26.88
C TYR Q 228 31.85 49.88 27.17
N LEU Q 229 32.92 49.24 27.64
CA LEU Q 229 32.86 47.90 28.20
C LEU Q 229 33.28 47.98 29.67
N HIS Q 230 32.95 46.95 30.43
CA HIS Q 230 33.54 46.79 31.76
C HIS Q 230 34.60 45.70 31.67
N LEU Q 231 35.75 45.93 32.29
CA LEU Q 231 36.87 45.00 32.19
C LEU Q 231 37.19 44.31 33.52
N GLY Q 232 36.61 44.81 34.60
CA GLY Q 232 36.71 44.16 35.91
C GLY Q 232 37.85 44.63 36.78
N GLY Q 233 38.86 43.77 36.93
CA GLY Q 233 40.07 44.08 37.70
C GLY Q 233 39.86 44.28 39.19
N ASP Q 234 39.00 43.46 39.78
CA ASP Q 234 38.71 43.51 41.22
C ASP Q 234 39.10 42.22 41.92
N GLU Q 235 39.29 42.30 43.24
CA GLU Q 235 39.63 41.15 44.09
C GLU Q 235 40.66 40.20 43.46
N VAL Q 236 41.66 40.79 42.79
CA VAL Q 236 42.73 40.02 42.19
C VAL Q 236 43.64 39.54 43.32
N ASP Q 237 43.79 38.22 43.43
CA ASP Q 237 44.57 37.60 44.49
C ASP Q 237 46.01 37.35 44.04
N PHE Q 238 46.94 38.12 44.60
CA PHE Q 238 48.36 38.04 44.23
C PHE Q 238 49.10 36.82 44.79
N THR Q 239 48.44 36.08 45.69
CA THR Q 239 49.09 34.97 46.43
C THR Q 239 49.38 33.73 45.57
N CYS Q 240 48.55 33.47 44.57
CA CYS Q 240 48.81 32.37 43.62
C CYS Q 240 49.93 32.73 42.65
N TRP Q 241 50.03 34.01 42.28
CA TRP Q 241 51.14 34.52 41.48
C TRP Q 241 52.49 34.39 42.22
N LYS Q 242 52.46 34.68 43.52
CA LYS Q 242 53.67 34.68 44.36
C LYS Q 242 54.28 33.29 44.53
N SER Q 243 53.44 32.28 44.72
CA SER Q 243 53.90 30.91 44.94
C SER Q 243 54.54 30.30 43.68
N ASN Q 244 53.98 30.64 42.51
CA ASN Q 244 54.46 30.14 41.22
C ASN Q 244 55.85 30.68 40.89
N PRO Q 245 56.85 29.77 40.74
CA PRO Q 245 58.25 30.12 40.49
C PRO Q 245 58.50 30.68 39.08
N GLU Q 246 57.74 30.20 38.10
CA GLU Q 246 57.82 30.68 36.72
C GLU Q 246 57.48 32.17 36.60
N ILE Q 247 56.39 32.59 37.26
CA ILE Q 247 55.99 34.01 37.33
C ILE Q 247 57.00 34.83 38.13
N GLN Q 248 57.51 34.23 39.21
CA GLN Q 248 58.56 34.84 40.04
C GLN Q 248 59.80 35.23 39.23
N ASP Q 249 60.09 34.42 38.21
CA ASP Q 249 61.19 34.67 37.27
C ASP Q 249 60.90 35.85 36.35
N PHE Q 250 59.70 35.86 35.76
CA PHE Q 250 59.31 36.87 34.77
C PHE Q 250 59.25 38.30 35.31
N MET Q 251 58.94 38.44 36.59
CA MET Q 251 58.93 39.75 37.23
C MET Q 251 60.34 40.28 37.45
N ARG Q 252 61.31 39.38 37.50
CA ARG Q 252 62.72 39.77 37.59
C ARG Q 252 63.28 40.21 36.22
N LYS Q 253 62.63 39.75 35.15
CA LYS Q 253 63.02 40.12 33.77
C LYS Q 253 62.64 41.54 33.41
N LYS Q 254 61.40 41.92 33.75
CA LYS Q 254 60.87 43.24 33.44
C LYS Q 254 61.22 44.24 34.55
N GLY Q 255 61.81 43.70 35.63
CA GLY Q 255 62.31 44.51 36.74
C GLY Q 255 61.21 45.08 37.62
N PHE Q 256 60.37 44.20 38.17
CA PHE Q 256 59.30 44.65 39.06
C PHE Q 256 59.69 44.51 40.53
N GLY Q 257 60.22 43.34 40.90
CA GLY Q 257 60.76 43.12 42.24
C GLY Q 257 59.91 42.23 43.12
N GLU Q 258 59.11 42.86 43.99
CA GLU Q 258 58.32 42.13 44.99
C GLU Q 258 56.81 42.46 45.01
N ASP Q 259 56.43 43.59 44.39
CA ASP Q 259 55.04 44.04 44.44
C ASP Q 259 54.27 43.60 43.20
N PHE Q 260 53.11 42.99 43.41
CA PHE Q 260 52.29 42.43 42.33
C PHE Q 260 51.20 43.40 41.88
N LYS Q 261 51.22 44.60 42.47
CA LYS Q 261 50.33 45.67 42.05
C LYS Q 261 50.72 46.17 40.66
N GLN Q 262 52.02 46.29 40.41
CA GLN Q 262 52.52 46.70 39.09
C GLN Q 262 52.75 45.53 38.11
N LEU Q 263 52.65 44.30 38.62
CA LEU Q 263 52.52 43.11 37.77
C LEU Q 263 51.09 43.04 37.23
N GLU Q 264 50.13 43.42 38.08
CA GLU Q 264 48.73 43.58 37.67
C GLU Q 264 48.64 44.72 36.64
N SER Q 265 49.29 45.84 36.95
CA SER Q 265 49.34 47.03 36.07
C SER Q 265 49.80 46.71 34.65
N PHE Q 266 50.83 45.87 34.53
CA PHE Q 266 51.33 45.42 33.23
C PHE Q 266 50.22 44.68 32.46
N TYR Q 267 49.49 43.82 33.17
CA TYR Q 267 48.40 43.05 32.57
C TYR Q 267 47.27 43.94 32.03
N ILE Q 268 46.86 44.94 32.81
CA ILE Q 268 45.74 45.82 32.42
C ILE Q 268 46.14 46.85 31.35
N GLN Q 269 47.28 47.52 31.56
CA GLN Q 269 47.83 48.48 30.58
C GLN Q 269 47.82 47.90 29.18
N THR Q 270 48.29 46.66 29.06
CA THR Q 270 48.27 45.94 27.80
C THR Q 270 46.83 45.76 27.32
N LEU Q 271 45.98 45.19 28.18
CA LEU Q 271 44.54 44.99 27.88
C LEU Q 271 43.83 46.29 27.51
N LEU Q 272 44.22 47.39 28.16
CA LEU Q 272 43.67 48.72 27.89
C LEU Q 272 43.91 49.16 26.44
N ASP Q 273 45.13 48.94 25.95
CA ASP Q 273 45.52 49.32 24.58
C ASP Q 273 44.95 48.39 23.52
N ILE Q 274 44.75 47.11 23.89
CA ILE Q 274 44.04 46.15 23.05
C ILE Q 274 42.60 46.62 22.80
N VAL Q 275 41.94 47.06 23.88
CA VAL Q 275 40.57 47.55 23.80
C VAL Q 275 40.51 48.98 23.26
N SER Q 276 41.50 49.80 23.61
CA SER Q 276 41.57 51.20 23.13
C SER Q 276 41.74 51.27 21.62
N SER Q 277 42.46 50.30 21.06
CA SER Q 277 42.67 50.21 19.62
C SER Q 277 41.38 49.86 18.86
N TYR Q 278 40.47 49.14 19.49
CA TYR Q 278 39.17 48.83 18.88
C TYR Q 278 38.18 50.00 18.99
N GLY Q 279 38.70 51.18 19.33
CA GLY Q 279 37.90 52.41 19.44
C GLY Q 279 36.88 52.40 20.57
N LYS Q 280 37.24 51.73 21.66
CA LYS Q 280 36.35 51.57 22.81
C LYS Q 280 36.85 52.32 24.04
N GLY Q 281 35.90 52.77 24.85
CA GLY Q 281 36.17 53.25 26.21
C GLY Q 281 35.91 52.11 27.19
N TYR Q 282 36.23 52.34 28.46
CA TYR Q 282 36.18 51.29 29.47
C TYR Q 282 35.83 51.75 30.88
N VAL Q 283 35.03 50.91 31.55
CA VAL Q 283 34.71 51.06 32.97
C VAL Q 283 35.50 49.99 33.74
N VAL Q 284 35.99 50.35 34.93
CA VAL Q 284 36.77 49.41 35.73
C VAL Q 284 36.49 49.61 37.23
N TRP Q 285 36.54 48.51 37.99
CA TRP Q 285 36.31 48.56 39.44
C TRP Q 285 37.41 49.32 40.17
N GLN Q 286 37.18 49.65 41.44
CA GLN Q 286 38.06 50.57 42.16
C GLN Q 286 39.44 50.03 42.51
N GLU Q 287 39.65 48.72 42.40
CA GLU Q 287 40.96 48.10 42.72
C GLU Q 287 42.09 48.54 41.80
N VAL Q 288 41.76 48.82 40.54
CA VAL Q 288 42.72 49.30 39.54
C VAL Q 288 43.28 50.67 39.93
N PHE Q 289 42.40 51.62 40.21
CA PHE Q 289 42.79 52.95 40.68
C PHE Q 289 43.49 52.92 42.04
N ASP Q 290 42.98 52.09 42.96
CA ASP Q 290 43.54 51.93 44.31
C ASP Q 290 44.98 51.39 44.28
N ASN Q 291 45.20 50.33 43.49
CA ASN Q 291 46.54 49.78 43.26
C ASN Q 291 47.30 50.63 42.24
N LYS Q 292 47.22 51.96 42.39
CA LYS Q 292 47.52 52.91 41.30
C LYS Q 292 48.23 52.31 40.08
N VAL Q 293 47.39 51.76 39.21
CA VAL Q 293 47.81 51.16 37.95
C VAL Q 293 47.89 52.29 36.92
N LYS Q 294 48.81 52.17 35.96
CA LYS Q 294 48.90 53.14 34.87
C LYS Q 294 47.64 53.08 34.05
N ILE Q 295 46.95 54.22 34.00
CA ILE Q 295 45.57 54.31 33.58
C ILE Q 295 45.35 55.49 32.64
N GLN Q 296 44.53 55.29 31.60
CA GLN Q 296 44.20 56.34 30.65
C GLN Q 296 43.33 57.42 31.30
N PRO Q 297 43.52 58.71 30.93
CA PRO Q 297 42.74 59.80 31.53
C PRO Q 297 41.22 59.70 31.33
N ASP Q 298 40.78 58.93 30.33
CA ASP Q 298 39.37 58.82 30.00
C ASP Q 298 38.61 57.71 30.74
N THR Q 299 39.35 56.85 31.44
CA THR Q 299 38.80 55.68 32.14
C THR Q 299 37.74 56.04 33.19
N ILE Q 300 36.91 55.06 33.54
CA ILE Q 300 35.88 55.25 34.57
C ILE Q 300 36.08 54.28 35.74
N ILE Q 301 36.04 54.84 36.95
CA ILE Q 301 36.26 54.08 38.19
C ILE Q 301 34.94 53.81 38.90
N GLN Q 302 34.64 52.54 39.11
CA GLN Q 302 33.42 52.12 39.78
C GLN Q 302 33.70 51.81 41.25
N VAL Q 303 33.31 52.74 42.13
CA VAL Q 303 33.55 52.61 43.55
C VAL Q 303 32.54 51.65 44.17
N TRP Q 304 33.04 50.60 44.82
CA TRP Q 304 32.18 49.53 45.33
C TRP Q 304 32.44 49.10 46.77
N ARG Q 305 33.60 49.48 47.31
CA ARG Q 305 33.97 49.09 48.67
C ARG Q 305 33.56 50.15 49.69
N GLU Q 306 32.83 49.71 50.72
CA GLU Q 306 32.27 50.60 51.75
C GLU Q 306 33.32 51.15 52.72
N ASP Q 307 34.19 50.27 53.23
CA ASP Q 307 35.16 50.65 54.24
C ASP Q 307 36.62 50.57 53.78
N ILE Q 308 37.07 49.38 53.40
CA ILE Q 308 38.46 49.15 52.97
C ILE Q 308 38.57 49.37 51.45
N PRO Q 309 39.62 50.07 50.97
CA PRO Q 309 40.78 50.65 51.67
C PRO Q 309 40.46 51.96 52.35
N VAL Q 310 39.56 52.74 51.76
CA VAL Q 310 39.05 53.95 52.40
C VAL Q 310 37.55 54.06 52.12
N ASN Q 311 36.84 54.79 52.99
CA ASN Q 311 35.40 54.97 52.90
C ASN Q 311 34.95 55.40 51.50
N TYR Q 312 33.79 54.88 51.06
CA TYR Q 312 33.33 55.03 49.68
C TYR Q 312 33.07 56.46 49.20
N MET Q 313 32.67 57.35 50.11
CA MET Q 313 32.51 58.77 49.81
C MET Q 313 33.87 59.47 49.73
N LYS Q 314 34.84 58.93 50.46
CA LYS Q 314 36.22 59.44 50.44
C LYS Q 314 36.97 58.92 49.21
N GLU Q 315 36.66 57.69 48.80
CA GLU Q 315 37.15 57.15 47.53
C GLU Q 315 36.72 58.06 46.38
N LEU Q 316 35.44 58.45 46.37
CA LEU Q 316 34.90 59.36 45.37
C LEU Q 316 35.68 60.66 45.31
N GLU Q 317 35.98 61.23 46.48
CA GLU Q 317 36.80 62.43 46.59
C GLU Q 317 38.19 62.21 46.00
N LEU Q 318 38.80 61.08 46.35
CA LEU Q 318 40.12 60.70 45.85
C LEU Q 318 40.16 60.47 44.34
N VAL Q 319 39.11 59.85 43.80
CA VAL Q 319 39.01 59.55 42.36
C VAL Q 319 38.68 60.81 41.54
N THR Q 320 37.74 61.61 42.04
CA THR Q 320 37.30 62.84 41.35
C THR Q 320 38.39 63.90 41.35
N LYS Q 321 39.09 64.02 42.48
CA LYS Q 321 40.23 64.93 42.61
C LYS Q 321 41.31 64.57 41.60
N ALA Q 322 41.58 63.27 41.47
CA ALA Q 322 42.55 62.76 40.49
C ALA Q 322 42.19 63.16 39.06
N GLY Q 323 40.90 63.22 38.75
CA GLY Q 323 40.43 63.68 37.44
C GLY Q 323 39.63 62.70 36.61
N PHE Q 324 39.50 61.47 37.10
CA PHE Q 324 38.73 60.43 36.41
C PHE Q 324 37.22 60.60 36.69
N ARG Q 325 36.40 59.81 35.99
CA ARG Q 325 34.96 59.81 36.20
C ARG Q 325 34.54 58.62 37.07
N ALA Q 326 33.47 58.79 37.86
CA ALA Q 326 33.13 57.81 38.89
C ALA Q 326 31.67 57.34 38.90
N LEU Q 327 31.49 56.05 39.22
CA LEU Q 327 30.18 55.48 39.53
C LEU Q 327 30.18 54.98 40.97
N LEU Q 328 29.08 55.19 41.67
CA LEU Q 328 28.95 54.68 43.02
C LEU Q 328 28.19 53.36 43.03
N SER Q 329 28.80 52.32 43.62
CA SER Q 329 28.17 51.02 43.75
C SER Q 329 28.22 50.49 45.19
N ALA Q 330 28.92 51.19 46.06
CA ALA Q 330 29.19 50.71 47.42
C ALA Q 330 27.97 50.53 48.34
N PRO Q 331 27.14 51.57 48.48
CA PRO Q 331 26.03 51.41 49.42
C PRO Q 331 24.81 50.76 48.77
N TRP Q 332 24.86 50.54 47.46
CA TRP Q 332 23.73 50.04 46.70
C TRP Q 332 23.88 48.58 46.29
N TYR Q 333 24.34 47.77 47.26
CA TYR Q 333 24.52 46.34 47.06
C TYR Q 333 23.26 45.57 47.41
N LEU Q 334 22.45 45.33 46.38
CA LEU Q 334 21.11 44.77 46.51
C LEU Q 334 21.07 43.31 46.98
N ASN Q 335 22.11 42.57 46.63
CA ASN Q 335 22.24 41.16 47.02
C ASN Q 335 22.35 40.95 48.54
N ARG Q 336 22.83 41.98 49.24
CA ARG Q 336 22.99 41.92 50.69
C ARG Q 336 21.70 42.27 51.44
N ILE Q 337 20.90 41.24 51.71
CA ILE Q 337 19.61 41.36 52.38
C ILE Q 337 19.70 41.54 53.88
N SER Q 338 18.72 42.25 54.43
CA SER Q 338 18.61 42.48 55.86
C SER Q 338 17.15 42.76 56.16
N TYR Q 339 16.71 42.40 57.37
CA TYR Q 339 15.31 42.51 57.76
C TYR Q 339 14.77 43.93 57.58
N GLY Q 340 13.51 44.00 57.18
CA GLY Q 340 12.79 45.27 57.14
C GLY Q 340 13.20 46.19 56.01
N PRO Q 341 12.73 47.44 56.07
CA PRO Q 341 12.84 48.37 54.94
C PRO Q 341 14.23 48.99 54.82
N ASP Q 342 15.18 48.23 54.26
CA ASP Q 342 16.52 48.76 54.01
C ASP Q 342 16.60 49.63 52.74
N TRP Q 343 15.48 49.75 52.03
CA TRP Q 343 15.39 50.58 50.82
C TRP Q 343 15.61 52.06 51.13
N LYS Q 344 15.32 52.45 52.37
CA LYS Q 344 15.43 53.83 52.82
C LYS Q 344 16.88 54.27 52.97
N ASP Q 345 17.78 53.31 53.13
CA ASP Q 345 19.22 53.58 53.17
C ASP Q 345 19.74 53.86 51.77
N PHE Q 346 19.32 53.03 50.81
CA PHE Q 346 19.71 53.19 49.42
C PHE Q 346 19.17 54.52 48.90
N TYR Q 347 17.99 54.90 49.39
CA TYR Q 347 17.35 56.15 49.00
C TYR Q 347 18.07 57.37 49.55
N VAL Q 348 18.44 57.30 50.84
CA VAL Q 348 19.01 58.45 51.56
C VAL Q 348 20.45 58.78 51.15
N VAL Q 349 21.22 57.77 50.74
CA VAL Q 349 22.57 57.95 50.23
C VAL Q 349 22.66 59.18 49.34
N GLU Q 350 23.62 60.06 49.63
CA GLU Q 350 23.85 61.23 48.79
C GLU Q 350 25.19 61.13 48.06
N PRO Q 351 25.14 60.98 46.71
CA PRO Q 351 26.33 60.81 45.85
C PRO Q 351 27.36 61.93 45.98
N LEU Q 352 26.92 63.18 46.03
CA LEU Q 352 27.82 64.33 46.08
C LEU Q 352 28.11 64.80 47.51
N ALA Q 353 27.98 63.89 48.47
CA ALA Q 353 28.28 64.18 49.87
C ALA Q 353 29.74 63.88 50.17
N PHE Q 354 30.62 64.67 49.58
CA PHE Q 354 32.05 64.61 49.85
C PHE Q 354 32.73 65.97 49.62
N GLU Q 355 33.99 66.08 50.03
CA GLU Q 355 34.77 67.31 49.90
C GLU Q 355 35.29 67.50 48.47
N GLY Q 356 35.10 68.71 47.94
CA GLY Q 356 35.57 69.03 46.60
C GLY Q 356 34.84 70.18 45.96
N THR Q 357 35.29 70.57 44.77
CA THR Q 357 34.74 71.71 44.02
C THR Q 357 33.54 71.30 43.15
N PRO Q 358 32.81 72.30 42.58
CA PRO Q 358 31.65 72.04 41.70
C PRO Q 358 31.98 71.26 40.41
N GLU Q 359 33.19 71.43 39.89
CA GLU Q 359 33.62 70.80 38.64
C GLU Q 359 34.33 69.46 38.88
N GLN Q 360 34.94 69.31 40.06
CA GLN Q 360 35.47 68.03 40.51
C GLN Q 360 34.32 67.07 40.80
N LYS Q 361 33.20 67.61 41.27
CA LYS Q 361 31.98 66.85 41.55
C LYS Q 361 31.19 66.51 40.28
N ALA Q 362 31.41 67.30 39.22
CA ALA Q 362 30.71 67.13 37.94
C ALA Q 362 31.04 65.82 37.22
N LEU Q 363 32.23 65.29 37.49
CA LEU Q 363 32.73 64.05 36.86
C LEU Q 363 31.95 62.81 37.28
N VAL Q 364 31.20 62.90 38.40
CA VAL Q 364 30.35 61.79 38.85
C VAL Q 364 29.15 61.66 37.92
N ILE Q 365 29.14 60.56 37.15
CA ILE Q 365 28.11 60.35 36.12
C ILE Q 365 26.94 59.49 36.58
N GLY Q 366 26.98 59.04 37.83
CA GLY Q 366 25.86 58.32 38.41
C GLY Q 366 26.28 57.14 39.26
N GLY Q 367 25.66 56.00 38.98
CA GLY Q 367 25.91 54.79 39.74
C GLY Q 367 25.05 53.62 39.32
N GLU Q 368 25.28 52.50 39.97
CA GLU Q 368 24.62 51.24 39.64
C GLU Q 368 24.29 50.46 40.90
N ALA Q 369 23.08 49.92 40.95
CA ALA Q 369 22.74 48.94 41.97
C ALA Q 369 23.35 47.60 41.53
N CYS Q 370 23.67 46.76 42.49
CA CYS Q 370 24.30 45.48 42.15
C CYS Q 370 23.55 44.28 42.72
N MET Q 371 23.08 43.43 41.81
CA MET Q 371 22.51 42.14 42.16
C MET Q 371 23.51 41.03 41.86
N TRP Q 372 24.16 40.53 42.91
CA TRP Q 372 25.16 39.48 42.79
C TRP Q 372 24.56 38.08 42.97
N GLY Q 373 24.95 37.17 42.09
CA GLY Q 373 24.27 35.90 41.86
C GLY Q 373 24.26 34.90 43.01
N GLU Q 374 25.40 34.78 43.70
CA GLU Q 374 25.58 33.89 44.85
C GLU Q 374 24.40 32.97 45.25
N TYR Q 375 23.36 33.54 45.84
CA TYR Q 375 22.19 32.78 46.31
C TYR Q 375 20.91 33.07 45.51
N VAL Q 376 21.01 33.96 44.54
CA VAL Q 376 19.85 34.42 43.77
C VAL Q 376 19.78 33.70 42.43
N ASP Q 377 18.61 33.77 41.78
CA ASP Q 377 18.42 33.29 40.41
C ASP Q 377 16.99 33.54 39.94
N ASN Q 378 16.60 32.81 38.89
CA ASN Q 378 15.28 32.90 38.30
C ASN Q 378 14.16 32.44 39.24
N THR Q 379 14.49 32.27 40.51
CA THR Q 379 13.51 31.83 41.49
C THR Q 379 13.13 32.97 42.44
N ASN Q 380 14.08 33.88 42.70
CA ASN Q 380 13.88 34.97 43.66
C ASN Q 380 14.48 36.33 43.26
N LEU Q 381 14.87 36.47 42.01
CA LEU Q 381 15.48 37.72 41.52
C LEU Q 381 14.53 38.92 41.58
N VAL Q 382 13.43 38.82 40.85
CA VAL Q 382 12.44 39.93 40.72
C VAL Q 382 11.98 40.54 42.05
N PRO Q 383 11.51 39.70 43.00
CA PRO Q 383 11.11 40.24 44.31
C PRO Q 383 12.27 40.92 45.06
N ARG Q 384 13.45 40.30 45.02
CA ARG Q 384 14.63 40.83 45.71
C ARG Q 384 15.06 42.18 45.11
N LEU Q 385 14.96 42.28 43.79
CA LEU Q 385 15.26 43.51 43.07
C LEU Q 385 14.26 44.61 43.38
N TRP Q 386 13.00 44.38 43.04
CA TRP Q 386 11.99 45.42 43.05
C TRP Q 386 11.06 45.32 44.27
N PRO Q 387 10.60 46.48 44.78
CA PRO Q 387 10.91 47.82 44.28
C PRO Q 387 12.10 48.48 44.97
N ARG Q 388 13.02 47.65 45.50
CA ARG Q 388 14.19 48.16 46.21
C ARG Q 388 15.18 48.88 45.30
N ALA Q 389 15.38 48.36 44.10
CA ALA Q 389 16.24 49.01 43.10
C ALA Q 389 15.63 50.33 42.69
N GLY Q 390 14.33 50.48 42.94
CA GLY Q 390 13.59 51.70 42.64
C GLY Q 390 14.04 52.87 43.47
N ALA Q 391 14.47 52.60 44.70
CA ALA Q 391 14.98 53.63 45.61
C ALA Q 391 16.23 54.27 45.02
N VAL Q 392 17.14 53.42 44.55
CA VAL Q 392 18.34 53.83 43.83
C VAL Q 392 17.93 54.60 42.56
N ALA Q 393 16.88 54.12 41.91
CA ALA Q 393 16.36 54.68 40.67
C ALA Q 393 15.97 56.15 40.79
N GLU Q 394 15.28 56.50 41.88
CA GLU Q 394 14.89 57.87 42.12
C GLU Q 394 16.10 58.72 42.48
N ARG Q 395 16.95 58.20 43.37
CA ARG Q 395 18.14 58.90 43.85
C ARG Q 395 19.02 59.41 42.71
N LEU Q 396 19.09 58.62 41.63
CA LEU Q 396 19.94 58.95 40.49
C LEU Q 396 19.24 59.86 39.50
N TRP Q 397 17.92 59.81 39.47
CA TRP Q 397 17.13 60.66 38.57
C TRP Q 397 16.70 61.96 39.23
N SER Q 398 15.94 61.83 40.33
CA SER Q 398 15.31 62.98 40.99
C SER Q 398 16.30 63.93 41.65
N ASN Q 399 15.81 65.14 41.92
CA ASN Q 399 16.61 66.24 42.46
C ASN Q 399 17.30 65.95 43.79
N LYS Q 400 18.36 66.71 44.06
CA LYS Q 400 19.17 66.60 45.28
C LYS Q 400 18.35 66.85 46.55
N LEU Q 401 17.30 67.67 46.41
CA LEU Q 401 16.43 68.02 47.53
C LEU Q 401 15.38 66.95 47.83
N THR Q 402 14.87 66.30 46.78
CA THR Q 402 13.88 65.23 46.89
C THR Q 402 14.42 64.09 47.74
N SER Q 403 14.09 64.11 49.03
CA SER Q 403 14.64 63.14 49.97
C SER Q 403 13.73 62.84 51.16
N ASP Q 404 12.54 63.46 51.20
CA ASP Q 404 11.60 63.22 52.30
C ASP Q 404 11.11 61.78 52.29
N LEU Q 405 11.50 61.03 53.32
CA LEU Q 405 11.23 59.59 53.40
C LEU Q 405 9.74 59.24 53.49
N THR Q 406 8.95 60.14 54.06
CA THR Q 406 7.50 59.92 54.14
C THR Q 406 6.89 60.06 52.75
N PHE Q 407 7.38 61.06 52.01
CA PHE Q 407 6.95 61.29 50.64
C PHE Q 407 7.46 60.22 49.69
N ALA Q 408 8.61 59.62 50.03
CA ALA Q 408 9.18 58.52 49.25
C ALA Q 408 8.36 57.25 49.39
N TYR Q 409 8.02 56.88 50.63
CA TYR Q 409 7.22 55.69 50.88
C TYR Q 409 5.85 55.76 50.21
N GLU Q 410 5.16 56.88 50.40
CA GLU Q 410 3.83 57.11 49.83
C GLU Q 410 3.79 56.81 48.33
N ARG Q 411 4.82 57.26 47.61
CA ARG Q 411 4.89 57.10 46.16
C ARG Q 411 5.42 55.74 45.73
N LEU Q 412 6.40 55.21 46.46
CA LEU Q 412 7.00 53.93 46.08
C LEU Q 412 6.06 52.75 46.32
N SER Q 413 5.31 52.81 47.41
CA SER Q 413 4.32 51.78 47.74
C SER Q 413 3.12 51.87 46.79
N HIS Q 414 2.86 53.07 46.30
CA HIS Q 414 1.86 53.29 45.26
C HIS Q 414 2.36 52.74 43.92
N PHE Q 415 3.64 52.98 43.63
CA PHE Q 415 4.27 52.48 42.42
C PHE Q 415 4.43 50.97 42.45
N ARG Q 416 4.73 50.43 43.63
CA ARG Q 416 4.84 48.98 43.82
C ARG Q 416 3.59 48.24 43.33
N CYS Q 417 2.42 48.78 43.64
CA CYS Q 417 1.16 48.18 43.21
C CYS Q 417 0.94 48.32 41.71
N GLU Q 418 1.46 49.39 41.13
CA GLU Q 418 1.38 49.59 39.69
C GLU Q 418 2.29 48.57 39.01
N LEU Q 419 3.44 48.30 39.61
CA LEU Q 419 4.32 47.26 39.09
C LEU Q 419 3.65 45.89 39.09
N LEU Q 420 2.94 45.58 40.17
CA LEU Q 420 2.20 44.33 40.27
C LEU Q 420 1.10 44.24 39.20
N ARG Q 421 0.42 45.36 38.95
CA ARG Q 421 -0.60 45.43 37.90
C ARG Q 421 0.04 45.21 36.54
N ARG Q 422 1.32 45.59 36.43
CA ARG Q 422 2.06 45.46 35.18
C ARG Q 422 2.72 44.08 35.02
N GLY Q 423 2.51 43.20 36.00
CA GLY Q 423 3.03 41.84 35.93
C GLY Q 423 4.19 41.55 36.85
N VAL Q 424 4.94 42.61 37.20
CA VAL Q 424 6.14 42.49 38.05
C VAL Q 424 5.86 41.78 39.37
N GLN Q 425 6.87 41.07 39.87
CA GLN Q 425 6.73 40.26 41.07
C GLN Q 425 7.35 40.94 42.31
N ALA Q 426 7.39 42.28 42.28
CA ALA Q 426 7.96 43.07 43.39
C ALA Q 426 7.33 42.74 44.74
N GLN Q 427 8.14 42.84 45.81
CA GLN Q 427 7.67 42.54 47.17
C GLN Q 427 7.11 43.81 47.84
N PRO Q 428 6.48 43.67 49.04
CA PRO Q 428 5.92 44.85 49.67
C PRO Q 428 6.98 45.72 50.31
N LEU Q 429 6.64 46.96 50.60
CA LEU Q 429 7.53 47.83 51.36
C LEU Q 429 7.30 47.66 52.85
N ASN Q 430 6.08 47.28 53.21
CA ASN Q 430 5.66 47.11 54.59
C ASN Q 430 4.29 46.45 54.62
N VAL Q 431 3.68 46.41 55.79
CA VAL Q 431 2.30 45.98 55.94
C VAL Q 431 1.43 46.71 54.93
N GLY Q 432 0.44 46.01 54.40
CA GLY Q 432 -0.48 46.61 53.44
C GLY Q 432 -1.00 45.64 52.40
N PHE Q 433 -1.37 46.19 51.25
CA PHE Q 433 -1.99 45.42 50.18
C PHE Q 433 -2.09 46.22 48.88
N CYS Q 434 -2.22 45.49 47.77
CA CYS Q 434 -2.62 46.08 46.50
C CYS Q 434 -3.98 45.50 46.16
N GLU Q 435 -4.91 46.34 45.70
CA GLU Q 435 -6.27 45.89 45.40
C GLU Q 435 -6.27 44.69 44.45
N GLN Q 436 -5.30 44.66 43.55
CA GLN Q 436 -5.05 43.50 42.70
C GLN Q 436 -3.81 42.76 43.21
N GLU Q 437 -4.02 41.91 44.22
CA GLU Q 437 -2.91 41.20 44.86
C GLU Q 437 -2.30 40.19 43.91
N PHE Q 438 -0.97 40.07 43.95
CA PHE Q 438 -0.23 39.25 42.99
C PHE Q 438 -0.64 37.78 42.99
N GLU Q 439 -0.88 37.27 41.79
CA GLU Q 439 -1.22 35.87 41.58
C GLU Q 439 -0.85 35.49 40.15
N GLN Q 440 -0.17 34.36 39.99
CA GLN Q 440 0.27 33.89 38.68
C GLN Q 440 0.27 32.37 38.58
N PRO R 5 22.82 9.33 48.67
CA PRO R 5 21.39 9.62 48.54
C PRO R 5 21.07 11.09 48.83
N ALA R 6 20.01 11.60 48.20
CA ALA R 6 19.57 12.99 48.37
C ALA R 6 18.41 13.10 49.37
N LEU R 7 18.37 12.16 50.33
CA LEU R 7 17.26 12.03 51.27
C LEU R 7 17.09 13.23 52.18
N TRP R 8 15.87 13.76 52.23
CA TRP R 8 15.55 14.86 53.14
C TRP R 8 14.11 14.76 53.66
N PRO R 9 13.94 14.68 55.00
CA PRO R 9 14.98 14.54 56.01
C PRO R 9 15.58 13.12 56.02
N LEU R 10 16.88 13.01 56.29
CA LEU R 10 17.56 11.72 56.34
C LEU R 10 16.96 10.82 57.42
N PRO R 11 16.45 9.64 57.02
CA PRO R 11 15.80 8.69 57.91
C PRO R 11 16.70 8.21 59.04
N LEU R 12 16.08 7.66 60.09
CA LEU R 12 16.78 7.11 61.25
C LEU R 12 17.74 5.98 60.88
N SER R 13 17.29 5.08 60.00
CA SER R 13 18.07 3.90 59.61
C SER R 13 18.03 3.68 58.09
N VAL R 14 19.20 3.78 57.45
CA VAL R 14 19.32 3.57 56.00
C VAL R 14 20.35 2.49 55.69
N LYS R 15 19.91 1.43 55.01
CA LYS R 15 20.81 0.36 54.59
C LYS R 15 20.93 0.30 53.05
N MET R 16 21.85 1.10 52.51
CA MET R 16 22.03 1.21 51.07
C MET R 16 23.07 0.21 50.55
N THR R 17 22.71 -0.51 49.49
CA THR R 17 23.59 -1.49 48.87
C THR R 17 23.73 -1.24 47.36
N PRO R 18 24.96 -1.39 46.80
CA PRO R 18 25.29 -1.00 45.42
C PRO R 18 24.43 -1.63 44.32
N ASN R 19 23.63 -2.63 44.65
CA ASN R 19 22.80 -3.34 43.66
C ASN R 19 21.65 -2.51 43.08
N LEU R 20 21.66 -2.36 41.75
CA LEU R 20 20.69 -1.53 41.03
C LEU R 20 19.40 -2.28 40.65
N LEU R 21 18.32 -1.50 40.50
CA LEU R 21 17.02 -2.00 40.06
C LEU R 21 16.40 -0.98 39.09
N HIS R 22 15.41 -1.41 38.33
CA HIS R 22 14.77 -0.53 37.35
C HIS R 22 13.24 -0.67 37.34
N LEU R 23 12.57 0.47 37.15
CA LEU R 23 11.11 0.53 37.06
C LEU R 23 10.67 0.75 35.62
N ALA R 24 9.43 0.37 35.32
CA ALA R 24 8.81 0.70 34.05
C ALA R 24 7.57 1.57 34.26
N PRO R 25 7.61 2.84 33.80
CA PRO R 25 6.51 3.80 33.82
C PRO R 25 5.12 3.17 33.70
N GLU R 26 4.76 2.75 32.48
CA GLU R 26 3.45 2.18 32.23
C GLU R 26 3.38 0.70 32.62
N ASN R 27 3.98 0.37 33.76
CA ASN R 27 4.01 -1.02 34.25
C ASN R 27 4.06 -1.15 35.77
N PHE R 28 4.65 -0.16 36.45
CA PHE R 28 4.79 -0.17 37.91
C PHE R 28 3.46 0.09 38.62
N TYR R 29 3.23 -0.63 39.74
CA TYR R 29 1.97 -0.51 40.50
C TYR R 29 2.18 -0.29 42.00
N ILE R 30 1.40 0.61 42.57
CA ILE R 30 1.46 0.88 44.01
C ILE R 30 0.09 0.56 44.62
N SER R 31 -0.04 -0.64 45.20
CA SER R 31 -1.32 -1.08 45.74
C SER R 31 -1.20 -1.68 47.14
N HIS R 32 -2.36 -1.87 47.78
CA HIS R 32 -2.43 -2.42 49.14
C HIS R 32 -1.96 -3.87 49.17
N SER R 33 -1.33 -4.25 50.28
CA SER R 33 -0.98 -5.64 50.55
C SER R 33 -2.28 -6.36 50.91
N PRO R 34 -2.48 -7.57 50.37
CA PRO R 34 -3.70 -8.36 50.62
C PRO R 34 -3.97 -8.68 52.11
N ASN R 35 -3.10 -8.22 53.00
CA ASN R 35 -3.31 -8.37 54.44
C ASN R 35 -3.21 -7.05 55.22
N SER R 36 -3.49 -5.94 54.53
CA SER R 36 -3.50 -4.60 55.12
C SER R 36 -4.88 -4.24 55.66
N THR R 37 -4.92 -3.46 56.76
CA THR R 37 -6.20 -2.99 57.32
C THR R 37 -6.86 -1.91 56.46
N ALA R 38 -6.28 -1.68 55.28
CA ALA R 38 -6.86 -0.81 54.28
C ALA R 38 -6.88 -1.50 52.91
N GLY R 39 -7.98 -1.34 52.18
CA GLY R 39 -8.11 -1.84 50.82
C GLY R 39 -8.25 -0.67 49.85
N PRO R 40 -8.73 -0.94 48.61
CA PRO R 40 -8.98 0.10 47.62
C PRO R 40 -10.04 1.12 48.04
N SER R 41 -10.87 0.75 49.02
CA SER R 41 -11.90 1.65 49.59
C SER R 41 -11.29 2.63 50.62
N CYS R 42 -10.20 3.29 50.21
CA CYS R 42 -9.49 4.26 51.04
C CYS R 42 -8.92 5.37 50.17
N THR R 43 -9.68 6.45 50.03
CA THR R 43 -9.37 7.53 49.09
C THR R 43 -8.05 8.23 49.40
N LEU R 44 -7.78 8.47 50.68
CA LEU R 44 -6.52 9.09 51.13
C LEU R 44 -5.31 8.41 50.50
N LEU R 45 -5.25 7.09 50.61
CA LEU R 45 -4.14 6.32 50.06
C LEU R 45 -4.27 6.12 48.55
N GLU R 46 -5.50 6.02 48.05
CA GLU R 46 -5.74 5.89 46.61
C GLU R 46 -5.36 7.16 45.84
N GLU R 47 -5.52 8.31 46.49
CA GLU R 47 -5.07 9.59 45.94
C GLU R 47 -3.56 9.74 46.07
N ALA R 48 -3.02 9.17 47.15
CA ALA R 48 -1.58 9.16 47.38
C ALA R 48 -0.86 8.36 46.30
N PHE R 49 -1.44 7.22 45.93
CA PHE R 49 -0.88 6.33 44.91
C PHE R 49 -0.74 7.00 43.53
N ARG R 50 -1.79 7.72 43.12
CA ARG R 50 -1.78 8.42 41.84
C ARG R 50 -0.86 9.62 41.87
N ARG R 51 -0.98 10.43 42.93
CA ARG R 51 -0.20 11.64 43.07
C ARG R 51 1.30 11.34 43.00
N TYR R 52 1.76 10.39 43.81
CA TYR R 52 3.17 10.03 43.85
C TYR R 52 3.68 9.37 42.58
N HIS R 53 2.82 8.64 41.89
CA HIS R 53 3.17 8.06 40.59
C HIS R 53 3.59 9.16 39.60
N GLY R 54 2.97 10.33 39.74
CA GLY R 54 3.34 11.51 38.96
C GLY R 54 4.69 12.05 39.38
N TYR R 55 4.97 12.01 40.68
CA TYR R 55 6.22 12.53 41.23
C TYR R 55 7.43 11.67 40.87
N ILE R 56 7.32 10.37 41.13
CA ILE R 56 8.36 9.38 40.83
C ILE R 56 8.89 9.48 39.40
N PHE R 57 7.98 9.49 38.43
CA PHE R 57 8.34 9.61 37.01
C PHE R 57 8.23 11.06 36.52
N GLY R 58 7.06 11.44 36.01
CA GLY R 58 6.82 12.78 35.49
C GLY R 58 6.43 12.80 34.03
N THR S 1 16.20 -7.81 37.55
CA THR S 1 16.67 -6.46 37.86
C THR S 1 15.53 -5.43 37.90
N GLN S 2 14.29 -5.93 37.93
CA GLN S 2 13.11 -5.07 37.83
C GLN S 2 12.33 -4.97 39.15
N VAL S 3 11.84 -3.78 39.45
CA VAL S 3 10.85 -3.57 40.52
C VAL S 3 9.49 -3.26 39.89
N GLN S 4 8.53 -4.14 40.14
CA GLN S 4 7.25 -4.14 39.43
C GLN S 4 6.10 -3.58 40.27
N GLN S 5 6.28 -3.55 41.59
CA GLN S 5 5.19 -3.23 42.52
C GLN S 5 5.68 -2.72 43.88
N LEU S 6 4.98 -1.72 44.42
CA LEU S 6 5.20 -1.29 45.79
C LEU S 6 3.98 -1.59 46.67
N LEU S 7 4.03 -2.74 47.36
CA LEU S 7 2.96 -3.16 48.25
C LEU S 7 2.90 -2.28 49.49
N VAL S 8 1.70 -1.80 49.80
CA VAL S 8 1.50 -0.87 50.91
C VAL S 8 0.71 -1.55 52.04
N SER S 9 1.44 -1.96 53.07
CA SER S 9 0.86 -2.71 54.17
C SER S 9 0.61 -1.83 55.39
N ILE S 10 -0.67 -1.58 55.68
CA ILE S 10 -1.04 -0.91 56.91
C ILE S 10 -1.21 -1.97 57.99
N THR S 11 -0.48 -1.80 59.09
CA THR S 11 -0.45 -2.78 60.18
C THR S 11 -1.67 -2.66 61.11
N LEU S 12 -1.72 -1.58 61.89
CA LEU S 12 -2.82 -1.35 62.82
C LEU S 12 -3.97 -0.60 62.15
N GLN S 13 -5.01 -0.28 62.93
CA GLN S 13 -6.22 0.39 62.41
C GLN S 13 -5.85 1.63 61.58
N SER S 14 -6.08 1.55 60.28
CA SER S 14 -5.56 2.54 59.30
C SER S 14 -5.82 4.01 59.64
N GLU S 15 -7.05 4.30 60.08
CA GLU S 15 -7.53 5.68 60.30
C GLU S 15 -7.59 6.45 58.98
N CYS S 16 -7.96 5.75 57.90
CA CYS S 16 -7.98 6.32 56.55
C CYS S 16 -8.90 7.54 56.41
N ASP S 17 -9.96 7.57 57.23
CA ASP S 17 -10.99 8.62 57.15
C ASP S 17 -10.94 9.61 58.32
N ALA S 18 -9.87 9.58 59.10
CA ALA S 18 -9.72 10.46 60.26
C ALA S 18 -8.80 11.65 59.98
N PHE S 19 -8.88 12.67 60.85
CA PHE S 19 -8.00 13.83 60.79
C PHE S 19 -6.75 13.61 61.64
N PRO S 20 -5.57 14.08 61.16
CA PRO S 20 -4.34 13.89 61.93
C PRO S 20 -4.33 14.70 63.24
N ASN S 21 -3.99 14.06 64.35
CA ASN S 21 -3.74 14.78 65.61
C ASN S 21 -2.30 14.62 66.10
N ILE S 22 -2.01 15.12 67.29
CA ILE S 22 -0.64 15.12 67.84
C ILE S 22 -0.08 13.72 68.03
N SER S 23 -0.82 12.86 68.73
CA SER S 23 -0.37 11.52 69.07
C SER S 23 -0.47 10.54 67.89
N SER S 24 -0.44 11.06 66.67
CA SER S 24 -0.47 10.24 65.45
C SER S 24 0.85 9.50 65.26
N ASP S 25 0.75 8.28 64.74
CA ASP S 25 1.92 7.46 64.45
C ASP S 25 2.31 7.61 62.98
N GLU S 26 3.49 8.19 62.76
CA GLU S 26 3.98 8.50 61.41
C GLU S 26 5.18 7.63 61.01
N SER S 27 5.51 6.67 61.87
CA SER S 27 6.62 5.74 61.63
C SER S 27 6.30 4.69 60.56
N TYR S 28 7.34 4.17 59.91
CA TYR S 28 7.18 3.25 58.79
C TYR S 28 8.42 2.38 58.57
N THR S 29 8.29 1.42 57.65
CA THR S 29 9.39 0.58 57.19
C THR S 29 9.30 0.37 55.66
N LEU S 30 10.45 0.44 55.00
CA LEU S 30 10.49 0.28 53.55
C LEU S 30 11.57 -0.71 53.11
N LEU S 31 11.16 -1.68 52.30
CA LEU S 31 12.07 -2.64 51.68
C LEU S 31 12.07 -2.45 50.16
N VAL S 32 13.23 -2.19 49.59
CA VAL S 32 13.35 -2.12 48.13
C VAL S 32 14.10 -3.36 47.65
N LYS S 33 13.40 -4.20 46.89
CA LYS S 33 13.99 -5.42 46.31
C LYS S 33 13.19 -5.86 45.06
N GLU S 34 13.48 -7.06 44.57
CA GLU S 34 12.82 -7.59 43.36
C GLU S 34 12.06 -8.90 43.65
N PRO S 35 10.88 -9.08 43.01
CA PRO S 35 10.25 -8.14 42.07
C PRO S 35 9.30 -7.14 42.72
N VAL S 36 9.12 -7.24 44.05
CA VAL S 36 8.11 -6.43 44.76
C VAL S 36 8.71 -5.72 45.99
N ALA S 37 8.62 -4.39 45.99
CA ALA S 37 9.10 -3.55 47.09
C ALA S 37 8.03 -3.39 48.18
N VAL S 38 8.45 -3.56 49.44
CA VAL S 38 7.52 -3.58 50.57
C VAL S 38 7.50 -2.25 51.32
N LEU S 39 6.32 -1.63 51.40
CA LEU S 39 6.13 -0.43 52.21
C LEU S 39 5.09 -0.67 53.31
N LYS S 40 5.57 -0.97 54.52
CA LYS S 40 4.70 -1.24 55.66
C LYS S 40 4.68 -0.05 56.62
N ALA S 41 3.57 0.09 57.36
CA ALA S 41 3.43 1.10 58.42
C ALA S 41 2.18 0.84 59.25
N ASN S 42 2.25 1.12 60.54
CA ASN S 42 1.12 0.97 61.45
C ASN S 42 -0.12 1.76 61.05
N ARG S 43 0.05 3.07 60.86
CA ARG S 43 -1.06 3.95 60.49
C ARG S 43 -0.87 4.53 59.08
N VAL S 44 -1.98 5.02 58.51
CA VAL S 44 -2.00 5.61 57.18
C VAL S 44 -0.90 6.66 56.94
N TRP S 45 -0.64 7.46 57.97
CA TRP S 45 0.34 8.56 57.89
C TRP S 45 1.75 8.05 57.63
N GLY S 46 2.10 6.93 58.27
CA GLY S 46 3.39 6.27 58.05
C GLY S 46 3.60 5.93 56.59
N ALA S 47 2.51 5.56 55.91
CA ALA S 47 2.54 5.29 54.48
C ALA S 47 2.78 6.56 53.68
N LEU S 48 2.23 7.68 54.15
CA LEU S 48 2.42 8.98 53.48
C LEU S 48 3.86 9.49 53.63
N ARG S 49 4.39 9.37 54.85
CA ARG S 49 5.78 9.72 55.14
C ARG S 49 6.72 8.82 54.35
N GLY S 50 6.37 7.53 54.29
CA GLY S 50 7.13 6.53 53.54
C GLY S 50 7.10 6.75 52.04
N LEU S 51 5.90 6.97 51.49
CA LEU S 51 5.71 7.22 50.05
C LEU S 51 6.55 8.40 49.55
N GLU S 52 6.81 9.35 50.45
CA GLU S 52 7.70 10.48 50.15
C GLU S 52 9.15 10.02 50.12
N THR S 53 9.54 9.24 51.13
CA THR S 53 10.89 8.69 51.23
C THR S 53 11.21 7.78 50.03
N PHE S 54 10.18 7.10 49.52
CA PHE S 54 10.33 6.24 48.34
C PHE S 54 10.49 7.07 47.06
N SER S 55 9.80 8.21 47.00
CA SER S 55 9.86 9.10 45.84
C SER S 55 11.20 9.83 45.76
N GLN S 56 11.99 9.69 46.82
CA GLN S 56 13.30 10.34 46.92
C GLN S 56 14.46 9.39 46.68
N LEU S 57 14.13 8.11 46.42
CA LEU S 57 15.14 7.10 46.09
C LEU S 57 15.22 6.86 44.59
N VAL S 58 14.07 6.98 43.92
CA VAL S 58 13.99 6.74 42.48
C VAL S 58 14.54 7.93 41.70
N TYR S 59 15.66 7.70 41.02
CA TYR S 59 16.31 8.72 40.19
C TYR S 59 16.44 8.25 38.74
N GLN S 60 17.15 9.03 37.94
CA GLN S 60 17.50 8.61 36.59
C GLN S 60 19.02 8.53 36.46
N ASP S 61 19.49 7.52 35.72
CA ASP S 61 20.92 7.39 35.44
C ASP S 61 21.33 8.27 34.24
N SER S 62 22.43 7.91 33.58
CA SER S 62 22.94 8.68 32.45
C SER S 62 22.04 8.58 31.22
N TYR S 63 21.41 7.43 31.04
CA TYR S 63 20.63 7.16 29.82
C TYR S 63 19.13 7.36 29.98
N GLY S 64 18.71 7.85 31.15
CA GLY S 64 17.31 8.13 31.44
C GLY S 64 16.57 6.98 32.11
N THR S 65 17.26 5.86 32.30
CA THR S 65 16.69 4.68 32.98
C THR S 65 16.31 5.05 34.41
N PHE S 66 15.06 4.78 34.78
CA PHE S 66 14.61 5.00 36.14
C PHE S 66 15.25 3.93 37.04
N THR S 67 16.09 4.37 37.97
CA THR S 67 16.91 3.48 38.79
C THR S 67 16.66 3.68 40.28
N ILE S 68 16.59 2.58 41.03
CA ILE S 68 16.51 2.63 42.49
C ILE S 68 17.43 1.59 43.16
N ASN S 69 18.31 2.06 44.03
CA ASN S 69 19.21 1.15 44.76
C ASN S 69 18.47 0.39 45.85
N GLU S 70 18.54 -0.93 45.77
CA GLU S 70 17.88 -1.81 46.75
C GLU S 70 18.38 -1.48 48.17
N SER S 71 17.43 -1.39 49.10
CA SER S 71 17.75 -0.93 50.46
C SER S 71 16.75 -1.38 51.51
N THR S 72 17.03 -0.99 52.76
CA THR S 72 16.16 -1.23 53.90
C THR S 72 16.17 0.02 54.79
N ILE S 73 14.99 0.61 55.02
CA ILE S 73 14.89 1.81 55.83
C ILE S 73 13.83 1.67 56.92
N ILE S 74 14.23 1.88 58.18
CA ILE S 74 13.31 1.94 59.32
C ILE S 74 13.31 3.37 59.87
N ASP S 75 12.20 4.08 59.66
CA ASP S 75 12.16 5.52 59.98
C ASP S 75 10.94 5.95 60.81
N SER S 76 11.17 6.92 61.69
CA SER S 76 10.14 7.51 62.54
C SER S 76 10.48 8.96 62.87
N PRO S 77 9.47 9.80 63.17
CA PRO S 77 9.75 11.19 63.56
C PRO S 77 10.36 11.30 64.96
N ARG S 78 11.37 12.15 65.11
CA ARG S 78 11.93 12.45 66.43
C ARG S 78 10.94 13.32 67.21
N PHE S 79 10.28 14.23 66.50
CA PHE S 79 9.21 15.05 67.08
C PHE S 79 7.93 14.93 66.26
N SER S 80 6.80 14.79 66.97
CA SER S 80 5.51 14.60 66.32
C SER S 80 4.75 15.92 66.06
N HIS S 81 5.38 17.04 66.40
CA HIS S 81 4.85 18.36 66.03
C HIS S 81 5.88 19.17 65.24
N ARG S 82 5.82 19.03 63.92
CA ARG S 82 6.69 19.76 63.02
C ARG S 82 5.83 20.62 62.11
N GLY S 83 5.78 21.92 62.41
CA GLY S 83 4.87 22.83 61.71
C GLY S 83 5.48 24.05 61.06
N ILE S 84 4.63 24.85 60.42
CA ILE S 84 5.01 26.12 59.82
C ILE S 84 3.94 27.18 60.12
N LEU S 85 4.37 28.40 60.39
CA LEU S 85 3.44 29.51 60.63
C LEU S 85 3.36 30.46 59.45
N ILE S 86 2.16 30.59 58.88
CA ILE S 86 1.89 31.56 57.81
C ILE S 86 1.08 32.73 58.36
N ASP S 87 1.34 33.92 57.83
CA ASP S 87 0.69 35.14 58.28
C ASP S 87 -0.16 35.73 57.17
N THR S 88 -1.47 35.53 57.28
CA THR S 88 -2.41 35.94 56.23
C THR S 88 -3.19 37.23 56.56
N SER S 89 -2.77 37.92 57.61
CA SER S 89 -3.42 39.18 57.97
C SER S 89 -2.55 40.40 57.70
N ARG S 90 -1.26 40.29 57.98
CA ARG S 90 -0.32 41.35 57.67
C ARG S 90 -0.18 41.49 56.15
N HIS S 91 -0.40 40.38 55.44
CA HIS S 91 -0.56 40.36 53.99
C HIS S 91 -1.47 39.21 53.59
N TYR S 92 -2.26 39.42 52.55
CA TYR S 92 -3.18 38.39 52.06
C TYR S 92 -2.48 37.45 51.09
N LEU S 93 -2.77 36.17 51.24
CA LEU S 93 -2.21 35.14 50.37
C LEU S 93 -3.32 34.40 49.64
N PRO S 94 -3.24 34.34 48.31
CA PRO S 94 -4.23 33.63 47.48
C PRO S 94 -4.20 32.14 47.80
N VAL S 95 -5.37 31.54 47.94
CA VAL S 95 -5.51 30.15 48.39
C VAL S 95 -4.53 29.20 47.69
N LYS S 96 -4.15 29.56 46.47
CA LYS S 96 -3.20 28.78 45.66
C LYS S 96 -1.82 28.60 46.29
N ILE S 97 -1.27 29.69 46.85
CA ILE S 97 0.07 29.65 47.43
C ILE S 97 0.09 28.99 48.83
N ILE S 98 -1.07 28.91 49.48
CA ILE S 98 -1.20 28.17 50.72
C ILE S 98 -1.12 26.67 50.42
N LEU S 99 -1.88 26.23 49.42
CA LEU S 99 -1.85 24.83 48.99
C LEU S 99 -0.49 24.42 48.43
N LYS S 100 0.15 25.32 47.68
CA LYS S 100 1.52 25.11 47.20
C LYS S 100 2.49 24.85 48.35
N THR S 101 2.34 25.63 49.42
CA THR S 101 3.17 25.49 50.62
C THR S 101 2.81 24.21 51.38
N LEU S 102 1.54 23.80 51.30
CA LEU S 102 1.10 22.50 51.83
C LEU S 102 1.72 21.34 51.04
N ASP S 103 1.92 21.55 49.75
CA ASP S 103 2.63 20.60 48.89
C ASP S 103 4.12 20.53 49.23
N ALA S 104 4.70 21.68 49.55
CA ALA S 104 6.09 21.76 49.94
C ALA S 104 6.34 21.27 51.38
N MET S 105 5.31 21.38 52.22
CA MET S 105 5.37 20.90 53.60
C MET S 105 5.19 19.39 53.71
N ALA S 106 4.62 18.78 52.66
CA ALA S 106 4.56 17.33 52.52
C ALA S 106 5.94 16.79 52.13
N PHE S 107 6.59 17.49 51.20
CA PHE S 107 7.94 17.13 50.74
C PHE S 107 8.95 17.14 51.90
N ASN S 108 8.86 18.15 52.75
CA ASN S 108 9.81 18.32 53.85
C ASN S 108 9.34 17.73 55.18
N LYS S 109 8.43 16.76 55.10
CA LYS S 109 7.88 16.07 56.28
C LYS S 109 7.54 17.01 57.44
N PHE S 110 6.67 17.99 57.16
CA PHE S 110 6.03 18.78 58.19
C PHE S 110 4.61 18.27 58.33
N ASN S 111 4.07 18.29 59.54
CA ASN S 111 2.77 17.69 59.81
C ASN S 111 1.73 18.63 60.46
N VAL S 112 2.12 19.87 60.68
CA VAL S 112 1.19 20.86 61.23
C VAL S 112 1.36 22.19 60.49
N LEU S 113 0.24 22.85 60.23
CA LEU S 113 0.26 24.21 59.72
C LEU S 113 -0.32 25.14 60.78
N HIS S 114 0.55 26.00 61.34
CA HIS S 114 0.10 27.05 62.23
C HIS S 114 -0.40 28.23 61.39
N TRP S 115 -1.72 28.27 61.20
CA TRP S 115 -2.34 29.35 60.45
C TRP S 115 -2.58 30.52 61.38
N HIS S 116 -1.82 31.59 61.16
CA HIS S 116 -2.05 32.85 61.85
C HIS S 116 -2.95 33.70 60.97
N ILE S 117 -4.24 33.39 61.00
CA ILE S 117 -5.20 33.92 60.04
C ILE S 117 -5.54 35.40 60.22
N VAL S 118 -5.75 35.83 61.46
CA VAL S 118 -6.13 37.21 61.75
C VAL S 118 -5.09 37.96 62.59
N ASP S 119 -5.07 39.29 62.44
CA ASP S 119 -4.18 40.18 63.18
C ASP S 119 -4.70 41.62 63.11
N ASP S 120 -3.89 42.57 63.59
CA ASP S 120 -4.23 44.00 63.64
C ASP S 120 -4.53 44.64 62.29
N GLN S 121 -3.82 44.18 61.25
CA GLN S 121 -3.87 44.80 59.94
C GLN S 121 -5.14 44.46 59.17
N SER S 122 -5.57 43.20 59.22
CA SER S 122 -6.78 42.77 58.52
C SER S 122 -7.40 41.50 59.10
N PHE S 123 -8.69 41.33 58.86
CA PHE S 123 -9.45 40.17 59.33
C PHE S 123 -10.06 39.45 58.12
N PRO S 124 -9.27 38.59 57.45
CA PRO S 124 -9.71 37.93 56.21
C PRO S 124 -10.66 36.75 56.41
N TYR S 125 -10.66 36.15 57.59
CA TYR S 125 -11.54 35.01 57.88
C TYR S 125 -13.01 35.41 57.89
N GLN S 126 -13.81 34.64 57.15
CA GLN S 126 -15.25 34.88 57.10
C GLN S 126 -15.97 34.06 58.16
N SER S 127 -16.56 34.76 59.12
CA SER S 127 -17.35 34.11 60.16
C SER S 127 -18.79 33.98 59.71
N ILE S 128 -19.42 32.86 60.06
CA ILE S 128 -20.81 32.60 59.73
C ILE S 128 -21.75 33.27 60.76
N THR S 129 -21.47 33.06 62.05
CA THR S 129 -22.25 33.65 63.13
C THR S 129 -22.08 35.17 63.14
N PHE S 130 -20.87 35.62 62.79
CA PHE S 130 -20.56 37.04 62.75
C PHE S 130 -19.90 37.41 61.42
N PRO S 131 -20.72 37.60 60.36
CA PRO S 131 -20.19 37.97 59.05
C PRO S 131 -19.43 39.29 59.07
N GLU S 132 -19.90 40.24 59.88
CA GLU S 132 -19.33 41.59 59.96
C GLU S 132 -17.88 41.64 60.44
N LEU S 133 -17.36 40.49 60.87
CA LEU S 133 -15.96 40.41 61.30
C LEU S 133 -14.99 40.47 60.13
N SER S 134 -15.41 39.93 58.98
CA SER S 134 -14.63 40.06 57.76
C SER S 134 -15.09 41.29 56.97
N ASN S 135 -16.41 41.51 56.98
CA ASN S 135 -17.05 42.57 56.17
C ASN S 135 -16.59 43.99 56.48
N LYS S 136 -16.02 44.19 57.66
CA LYS S 136 -15.47 45.49 58.03
C LYS S 136 -13.97 45.40 58.28
N GLY S 137 -13.51 44.22 58.68
CA GLY S 137 -12.12 44.02 59.11
C GLY S 137 -11.12 43.71 58.01
N SER S 138 -11.56 43.01 56.98
CA SER S 138 -10.68 42.58 55.88
C SER S 138 -10.14 43.76 55.09
N TYR S 139 -8.97 43.56 54.47
CA TYR S 139 -8.38 44.55 53.57
C TYR S 139 -9.42 45.02 52.57
N SER S 140 -9.94 44.07 51.80
CA SER S 140 -11.09 44.33 50.93
C SER S 140 -11.98 43.08 50.89
N LEU S 141 -13.12 43.22 50.21
CA LEU S 141 -14.14 42.18 50.14
C LEU S 141 -13.69 40.99 49.30
N SER S 142 -12.62 41.17 48.54
CA SER S 142 -11.99 40.09 47.80
C SER S 142 -10.97 39.37 48.69
N HIS S 143 -10.24 40.13 49.49
CA HIS S 143 -9.23 39.61 50.41
C HIS S 143 -9.87 38.91 51.62
N VAL S 144 -10.57 37.81 51.35
CA VAL S 144 -11.33 37.06 52.36
C VAL S 144 -11.12 35.56 52.16
N TYR S 145 -11.26 34.78 53.24
CA TYR S 145 -11.29 33.32 53.15
C TYR S 145 -12.68 32.78 53.54
N THR S 146 -13.41 32.33 52.53
CA THR S 146 -14.78 31.84 52.70
C THR S 146 -14.79 30.49 53.41
N PRO S 147 -15.94 30.12 54.01
CA PRO S 147 -16.11 28.78 54.57
C PRO S 147 -15.45 27.70 53.69
N ASN S 148 -15.73 27.74 52.39
CA ASN S 148 -15.18 26.75 51.46
C ASN S 148 -13.66 26.85 51.29
N ASP S 149 -13.12 28.06 51.32
CA ASP S 149 -11.67 28.28 51.27
C ASP S 149 -11.00 27.55 52.42
N VAL S 150 -11.54 27.79 53.62
CA VAL S 150 -11.08 27.14 54.84
C VAL S 150 -11.16 25.62 54.73
N ARG S 151 -12.34 25.11 54.35
CA ARG S 151 -12.58 23.67 54.16
C ARG S 151 -11.60 23.06 53.15
N MET S 152 -11.36 23.78 52.05
CA MET S 152 -10.45 23.34 51.00
C MET S 152 -9.03 23.13 51.52
N VAL S 153 -8.53 24.11 52.26
CA VAL S 153 -7.20 24.02 52.88
C VAL S 153 -7.13 22.81 53.83
N ILE S 154 -8.19 22.63 54.63
CA ILE S 154 -8.30 21.53 55.60
C ILE S 154 -8.25 20.14 54.93
N GLU S 155 -9.05 19.96 53.88
CA GLU S 155 -9.10 18.68 53.18
C GLU S 155 -7.88 18.43 52.30
N TYR S 156 -7.19 19.50 51.91
CA TYR S 156 -5.97 19.41 51.11
C TYR S 156 -4.78 19.08 51.99
N ALA S 157 -4.81 19.56 53.22
CA ALA S 157 -3.77 19.24 54.18
C ALA S 157 -3.94 17.80 54.68
N ARG S 158 -5.20 17.38 54.87
CA ARG S 158 -5.53 16.04 55.35
C ARG S 158 -5.01 14.95 54.43
N LEU S 159 -5.11 15.18 53.12
CA LEU S 159 -4.61 14.24 52.13
C LEU S 159 -3.08 14.37 51.95
N ARG S 160 -2.43 14.89 52.99
CA ARG S 160 -0.97 14.95 53.07
C ARG S 160 -0.49 14.79 54.52
N GLY S 161 -1.43 14.50 55.42
CA GLY S 161 -1.12 14.25 56.83
C GLY S 161 -0.92 15.50 57.67
N ILE S 162 -0.97 16.66 57.03
CA ILE S 162 -0.77 17.95 57.67
C ILE S 162 -1.99 18.40 58.49
N ARG S 163 -1.74 18.83 59.72
CA ARG S 163 -2.77 19.37 60.60
C ARG S 163 -2.96 20.86 60.32
N VAL S 164 -4.19 21.34 60.45
CA VAL S 164 -4.46 22.77 60.32
C VAL S 164 -4.73 23.36 61.69
N LEU S 165 -3.76 24.09 62.22
CA LEU S 165 -3.84 24.70 63.54
C LEU S 165 -4.18 26.19 63.42
N PRO S 166 -5.44 26.54 63.75
CA PRO S 166 -5.88 27.93 63.66
C PRO S 166 -5.38 28.80 64.81
N GLU S 167 -4.99 30.02 64.50
CA GLU S 167 -4.70 31.01 65.53
C GLU S 167 -5.62 32.21 65.39
N PHE S 168 -6.21 32.62 66.51
CA PHE S 168 -7.04 33.80 66.56
C PHE S 168 -6.60 34.64 67.76
N ASP S 169 -5.46 35.31 67.59
CA ASP S 169 -4.76 36.03 68.66
C ASP S 169 -5.66 36.90 69.53
N THR S 170 -5.70 36.59 70.83
CA THR S 170 -6.43 37.39 71.84
C THR S 170 -5.57 37.50 73.10
N PRO S 171 -5.64 38.64 73.82
CA PRO S 171 -6.42 39.85 73.55
C PRO S 171 -5.68 40.91 72.73
N GLY S 172 -4.37 40.74 72.59
CA GLY S 172 -3.57 41.63 71.73
C GLY S 172 -3.78 41.30 70.26
N HIS S 173 -3.18 42.11 69.38
CA HIS S 173 -3.30 41.93 67.92
C HIS S 173 -4.74 41.75 67.49
N THR S 174 -5.56 42.75 67.78
CA THR S 174 -7.01 42.66 67.57
C THR S 174 -7.62 43.92 66.97
N LEU S 175 -6.79 44.78 66.39
CA LEU S 175 -7.27 46.03 65.80
C LEU S 175 -8.33 45.82 64.71
N SER S 176 -8.22 44.72 63.96
CA SER S 176 -9.17 44.43 62.90
C SER S 176 -10.50 43.89 63.42
N TRP S 177 -10.44 43.20 64.56
CA TRP S 177 -11.62 42.59 65.17
C TRP S 177 -12.67 43.64 65.55
N GLY S 178 -12.19 44.80 65.99
CA GLY S 178 -13.05 45.85 66.52
C GLY S 178 -13.82 46.65 65.48
N LYS S 179 -13.62 46.33 64.22
CA LYS S 179 -14.29 47.01 63.12
C LYS S 179 -15.75 46.59 62.99
N GLY S 180 -16.00 45.28 63.06
CA GLY S 180 -17.35 44.73 62.95
C GLY S 180 -17.87 44.14 64.24
N GLN S 181 -17.47 44.74 65.36
CA GLN S 181 -17.89 44.30 66.68
C GLN S 181 -17.80 45.48 67.65
N LYS S 182 -18.95 46.09 67.93
CA LYS S 182 -19.03 47.26 68.83
C LYS S 182 -18.50 46.94 70.22
N ASP S 183 -17.86 47.93 70.84
CA ASP S 183 -17.40 47.87 72.23
C ASP S 183 -16.47 46.69 72.56
N LEU S 184 -16.06 45.94 71.54
CA LEU S 184 -15.24 44.74 71.72
C LEU S 184 -13.86 45.08 72.25
N LEU S 185 -13.24 46.12 71.68
CA LEU S 185 -11.91 46.55 72.08
C LEU S 185 -11.95 47.56 73.22
N THR S 186 -10.81 47.71 73.89
CA THR S 186 -10.64 48.72 74.94
C THR S 186 -10.41 50.08 74.30
N PRO S 187 -11.27 51.06 74.59
CA PRO S 187 -11.04 52.40 74.07
C PRO S 187 -9.84 53.02 74.76
N CYS S 188 -8.97 53.66 73.99
CA CYS S 188 -7.81 54.33 74.55
C CYS S 188 -8.07 55.77 74.91
N TYR S 189 -8.43 55.97 76.17
CA TYR S 189 -8.41 57.30 76.76
C TYR S 189 -6.96 57.70 76.94
N SER S 190 -6.52 58.66 76.13
CA SER S 190 -5.17 59.19 76.24
C SER S 190 -5.08 60.64 75.73
N ASP T 2 -7.89 59.78 69.03
CA ASP T 2 -8.54 58.69 69.76
C ASP T 2 -8.28 57.32 69.11
N SER T 3 -7.68 56.43 69.91
CA SER T 3 -7.32 55.09 69.44
C SER T 3 -7.96 54.01 70.30
N PHE T 4 -7.70 52.75 69.95
CA PHE T 4 -8.17 51.60 70.71
C PHE T 4 -6.98 50.71 71.10
N GLY T 5 -7.23 49.68 71.89
CA GLY T 5 -6.17 48.76 72.33
C GLY T 5 -6.55 47.29 72.22
N PRO T 6 -6.11 46.48 73.19
CA PRO T 6 -6.49 45.06 73.27
C PRO T 6 -7.96 44.86 73.63
N ILE T 7 -8.44 43.63 73.55
CA ILE T 7 -9.83 43.31 73.86
C ILE T 7 -10.14 43.64 75.32
N ASN T 8 -11.30 44.28 75.52
CA ASN T 8 -11.81 44.59 76.85
C ASN T 8 -12.16 43.29 77.58
N PRO T 9 -11.44 42.99 78.68
CA PRO T 9 -11.72 41.80 79.48
C PRO T 9 -12.62 42.04 80.70
N THR T 10 -13.41 43.11 80.67
CA THR T 10 -14.25 43.47 81.81
C THR T 10 -15.74 43.21 81.58
N LEU T 11 -16.20 43.39 80.34
CA LEU T 11 -17.62 43.23 80.02
C LEU T 11 -18.01 41.77 79.85
N ASN T 12 -19.30 41.48 79.99
CA ASN T 12 -19.85 40.15 79.75
C ASN T 12 -20.02 39.92 78.25
N THR T 13 -20.18 41.03 77.54
CA THR T 13 -20.38 41.03 76.08
C THR T 13 -19.18 40.50 75.30
N THR T 14 -17.98 40.63 75.87
CA THR T 14 -16.77 40.08 75.27
C THR T 14 -16.73 38.55 75.32
N TYR T 15 -17.20 37.97 76.43
CA TYR T 15 -17.09 36.53 76.65
C TYR T 15 -18.22 35.73 76.00
N SER T 16 -19.44 36.26 76.08
CA SER T 16 -20.58 35.68 75.37
C SER T 16 -20.32 35.67 73.86
N PHE T 17 -19.58 36.67 73.39
CA PHE T 17 -19.09 36.75 72.02
C PHE T 17 -18.07 35.64 71.73
N LEU T 18 -17.04 35.56 72.56
CA LEU T 18 -15.96 34.57 72.36
C LEU T 18 -16.47 33.14 72.44
N THR T 19 -17.54 32.92 73.20
CA THR T 19 -18.18 31.61 73.30
C THR T 19 -18.78 31.17 71.96
N THR T 20 -19.71 31.97 71.43
CA THR T 20 -20.38 31.64 70.16
C THR T 20 -19.46 31.81 68.95
N PHE T 21 -18.25 32.34 69.18
CA PHE T 21 -17.24 32.49 68.14
C PHE T 21 -16.32 31.27 68.06
N PHE T 22 -15.78 30.86 69.20
CA PHE T 22 -14.90 29.70 69.25
C PHE T 22 -15.65 28.39 68.99
N LYS T 23 -16.92 28.35 69.38
CA LYS T 23 -17.79 27.19 69.12
C LYS T 23 -18.02 27.02 67.63
N GLU T 24 -17.84 28.12 66.88
CA GLU T 24 -17.86 28.08 65.42
C GLU T 24 -16.53 27.52 64.89
N ILE T 25 -15.43 27.96 65.50
CA ILE T 25 -14.07 27.52 65.13
C ILE T 25 -13.86 26.03 65.44
N SER T 26 -14.55 25.56 66.48
CA SER T 26 -14.53 24.15 66.86
C SER T 26 -15.09 23.27 65.74
N GLU T 27 -16.21 23.71 65.14
CA GLU T 27 -16.91 22.96 64.10
C GLU T 27 -16.39 23.25 62.69
N VAL T 28 -15.56 24.28 62.57
CA VAL T 28 -14.90 24.59 61.29
C VAL T 28 -13.53 23.90 61.25
N PHE T 29 -12.76 24.03 62.33
CA PHE T 29 -11.42 23.44 62.43
C PHE T 29 -11.41 22.15 63.24
N PRO T 30 -11.19 21.01 62.56
CA PRO T 30 -11.33 19.66 63.13
C PRO T 30 -10.24 19.30 64.14
N ASP T 31 -9.09 19.97 64.05
CA ASP T 31 -7.98 19.72 64.95
C ASP T 31 -8.35 20.06 66.38
N GLN T 32 -7.89 19.23 67.31
CA GLN T 32 -8.22 19.36 68.73
C GLN T 32 -7.69 20.64 69.36
N PHE T 33 -6.53 21.10 68.87
CA PHE T 33 -5.90 22.30 69.40
C PHE T 33 -6.22 23.54 68.58
N ILE T 34 -6.53 24.63 69.29
CA ILE T 34 -6.77 25.94 68.68
C ILE T 34 -5.87 26.94 69.39
N HIS T 35 -4.98 27.57 68.64
CA HIS T 35 -4.04 28.55 69.21
C HIS T 35 -4.76 29.84 69.60
N LEU T 36 -4.61 30.23 70.87
CA LEU T 36 -5.28 31.41 71.39
C LEU T 36 -4.46 32.68 71.21
N GLY T 37 -3.14 32.55 71.24
CA GLY T 37 -2.25 33.69 71.06
C GLY T 37 -1.80 34.31 72.36
N GLY T 38 -2.22 35.55 72.59
CA GLY T 38 -1.88 36.28 73.80
C GLY T 38 -0.41 36.61 73.91
N ASP T 39 0.09 37.40 72.97
CA ASP T 39 1.48 37.82 72.98
C ASP T 39 1.63 39.31 72.68
N GLU T 40 2.69 39.91 73.23
CA GLU T 40 3.02 41.34 73.07
C GLU T 40 1.93 42.27 73.61
N VAL T 41 1.06 41.74 74.47
CA VAL T 41 -0.12 42.46 74.94
C VAL T 41 0.27 43.78 75.64
N GLU T 42 -0.35 44.87 75.21
CA GLU T 42 -0.06 46.19 75.76
C GLU T 42 -1.07 46.61 76.81
N PHE T 43 -0.57 46.94 78.00
CA PHE T 43 -1.43 47.31 79.13
C PHE T 43 -1.58 48.82 79.26
N LYS T 44 -0.93 49.56 78.37
CA LYS T 44 -0.96 51.02 78.40
C LYS T 44 -2.36 51.57 78.15
N CYS T 45 -3.18 50.80 77.44
CA CYS T 45 -4.57 51.20 77.17
C CYS T 45 -5.50 50.90 78.35
N TRP T 46 -5.39 49.68 78.90
CA TRP T 46 -6.18 49.28 80.08
C TRP T 46 -5.87 50.17 81.28
N GLU T 47 -4.61 50.60 81.35
CA GLU T 47 -4.10 51.41 82.45
C GLU T 47 -4.83 52.74 82.60
N SER T 48 -5.05 53.44 81.49
CA SER T 48 -5.74 54.73 81.52
C SER T 48 -7.22 54.58 81.16
N ASN T 49 -7.90 53.70 81.90
CA ASN T 49 -9.32 53.42 81.70
C ASN T 49 -9.96 53.08 83.05
N PRO T 50 -10.65 54.06 83.67
CA PRO T 50 -11.24 53.85 85.00
C PRO T 50 -12.40 52.86 85.05
N LYS T 51 -13.13 52.72 83.94
CA LYS T 51 -14.17 51.69 83.85
C LYS T 51 -13.54 50.31 84.04
N ILE T 52 -12.26 50.21 83.69
CA ILE T 52 -11.45 49.02 83.93
C ILE T 52 -10.76 49.11 85.30
N GLN T 53 -10.29 50.31 85.67
CA GLN T 53 -9.65 50.51 86.97
C GLN T 53 -10.59 50.20 88.14
N ASP T 54 -11.90 50.32 87.88
CA ASP T 54 -12.93 49.92 88.82
C ASP T 54 -12.99 48.40 88.96
N PHE T 55 -12.88 47.71 87.82
CA PHE T 55 -12.83 46.25 87.80
C PHE T 55 -11.62 45.75 88.59
N MET T 56 -10.56 46.56 88.61
CA MET T 56 -9.36 46.26 89.40
C MET T 56 -9.63 46.23 90.89
N ARG T 57 -10.60 47.05 91.32
CA ARG T 57 -10.96 47.16 92.73
C ARG T 57 -11.87 46.01 93.16
N GLN T 58 -12.94 45.80 92.40
CA GLN T 58 -13.94 44.76 92.70
C GLN T 58 -13.38 43.35 92.56
N LYS T 59 -12.19 43.23 91.97
CA LYS T 59 -11.50 41.94 91.86
C LYS T 59 -10.15 41.95 92.60
N GLY T 60 -9.79 43.12 93.14
CA GLY T 60 -8.63 43.27 94.01
C GLY T 60 -7.26 43.04 93.39
N PHE T 61 -7.19 43.21 92.07
CA PHE T 61 -5.93 42.97 91.34
C PHE T 61 -4.91 44.09 91.52
N GLY T 62 -5.36 45.21 92.08
CA GLY T 62 -4.48 46.33 92.43
C GLY T 62 -3.99 47.12 91.25
N THR T 63 -2.69 47.02 90.98
CA THR T 63 -2.07 47.68 89.83
C THR T 63 -1.17 46.75 89.03
N ASP T 64 -1.37 45.45 89.19
CA ASP T 64 -0.66 44.48 88.35
C ASP T 64 -1.61 43.84 87.33
N PHE T 65 -1.52 44.34 86.09
CA PHE T 65 -2.43 43.99 85.00
C PHE T 65 -2.16 42.60 84.41
N LYS T 66 -1.09 41.96 84.86
CA LYS T 66 -0.77 40.59 84.46
C LYS T 66 -1.81 39.61 85.01
N LYS T 67 -2.40 39.97 86.15
CA LYS T 67 -3.51 39.22 86.74
C LYS T 67 -4.80 39.40 85.92
N LEU T 68 -5.00 40.62 85.42
CA LEU T 68 -6.13 40.92 84.52
C LEU T 68 -5.93 40.21 83.18
N GLU T 69 -4.69 40.08 82.76
CA GLU T 69 -4.32 39.31 81.58
C GLU T 69 -4.58 37.83 81.85
N SER T 70 -4.27 37.41 83.08
CA SER T 70 -4.52 36.05 83.53
C SER T 70 -6.01 35.74 83.68
N PHE T 71 -6.78 36.73 84.15
CA PHE T 71 -8.23 36.61 84.29
C PHE T 71 -8.89 36.34 82.94
N TYR T 72 -8.45 37.05 81.91
CA TYR T 72 -9.01 36.93 80.57
C TYR T 72 -8.68 35.60 79.91
N ILE T 73 -7.41 35.23 79.91
CA ILE T 73 -6.94 34.01 79.22
C ILE T 73 -7.50 32.72 79.82
N GLN T 74 -7.63 32.68 81.15
CA GLN T 74 -8.25 31.55 81.85
C GLN T 74 -9.70 31.35 81.44
N LYS T 75 -10.48 32.43 81.47
CA LYS T 75 -11.88 32.43 81.04
C LYS T 75 -12.05 31.91 79.62
N VAL T 76 -11.07 32.21 78.76
CA VAL T 76 -11.07 31.74 77.38
C VAL T 76 -10.58 30.29 77.27
N LEU T 77 -9.59 29.93 78.10
CA LEU T 77 -9.14 28.55 78.21
C LEU T 77 -10.29 27.65 78.63
N ASP T 78 -11.15 28.17 79.53
CA ASP T 78 -12.38 27.51 79.95
C ASP T 78 -13.32 27.22 78.78
N ILE T 79 -13.44 28.19 77.85
CA ILE T 79 -14.26 28.03 76.64
C ILE T 79 -13.77 26.87 75.79
N ILE T 80 -12.45 26.79 75.61
CA ILE T 80 -11.82 25.73 74.82
C ILE T 80 -11.97 24.37 75.49
N ALA T 81 -11.84 24.35 76.81
CA ALA T 81 -11.99 23.13 77.60
C ALA T 81 -13.43 22.61 77.62
N THR T 82 -14.40 23.53 77.61
CA THR T 82 -15.82 23.19 77.67
C THR T 82 -16.34 22.61 76.33
N ILE T 83 -15.63 22.91 75.25
CA ILE T 83 -15.99 22.38 73.92
C ILE T 83 -15.11 21.19 73.49
N ASN T 84 -14.48 20.53 74.47
CA ASN T 84 -13.64 19.35 74.26
C ASN T 84 -12.52 19.53 73.23
N LYS T 85 -11.69 20.53 73.46
CA LYS T 85 -10.60 20.89 72.55
C LYS T 85 -9.35 21.29 73.33
N GLY T 86 -8.18 21.16 72.69
CA GLY T 86 -6.91 21.55 73.30
C GLY T 86 -6.53 23.00 73.03
N SER T 87 -5.54 23.50 73.77
CA SER T 87 -5.12 24.91 73.69
C SER T 87 -3.59 25.09 73.62
N ILE T 88 -3.12 25.74 72.56
CA ILE T 88 -1.70 26.11 72.44
C ILE T 88 -1.54 27.61 72.57
N VAL T 89 -0.58 28.04 73.38
CA VAL T 89 -0.45 29.46 73.76
C VAL T 89 1.01 29.97 73.69
N TRP T 90 1.18 31.26 73.40
CA TRP T 90 2.51 31.90 73.41
C TRP T 90 3.06 32.00 74.84
N GLN T 91 4.35 32.32 74.96
CA GLN T 91 5.05 32.28 76.25
C GLN T 91 4.65 33.36 77.27
N GLU T 92 4.07 34.46 76.77
CA GLU T 92 3.69 35.59 77.63
C GLU T 92 2.64 35.21 78.68
N VAL T 93 1.71 34.34 78.30
CA VAL T 93 0.63 33.91 79.19
C VAL T 93 1.16 33.18 80.43
N PHE T 94 2.06 32.21 80.21
CA PHE T 94 2.68 31.45 81.29
C PHE T 94 3.54 32.32 82.22
N ASP T 95 4.24 33.29 81.62
CA ASP T 95 5.10 34.23 82.37
C ASP T 95 4.27 35.24 83.15
N ASP T 96 3.03 35.48 82.71
CA ASP T 96 2.06 36.31 83.44
C ASP T 96 1.52 35.57 84.67
N LYS T 97 1.93 34.30 84.81
CA LYS T 97 1.58 33.43 85.94
C LYS T 97 0.10 33.08 86.03
N ALA T 98 -0.47 32.84 84.89
CA ALA T 98 -1.88 32.34 84.81
C ALA T 98 -1.92 30.82 84.96
N LYS T 99 -3.04 30.26 85.32
CA LYS T 99 -3.14 28.81 85.50
C LYS T 99 -3.79 28.11 84.30
N LEU T 100 -3.07 27.14 83.77
CA LEU T 100 -3.43 26.48 82.52
C LEU T 100 -3.90 25.05 82.77
N ALA T 101 -4.85 24.60 81.95
CA ALA T 101 -5.43 23.27 82.07
C ALA T 101 -4.41 22.16 81.81
N PRO T 102 -4.49 21.06 82.58
CA PRO T 102 -3.58 19.91 82.40
C PRO T 102 -3.54 19.43 80.95
N GLY T 103 -2.50 19.86 80.24
CA GLY T 103 -2.34 19.53 78.82
C GLY T 103 -2.33 20.75 77.90
N THR T 104 -2.16 21.93 78.49
CA THR T 104 -2.06 23.17 77.73
C THR T 104 -0.65 23.33 77.15
N ILE T 105 -0.58 23.39 75.83
CA ILE T 105 0.70 23.50 75.11
C ILE T 105 1.20 24.94 75.13
N VAL T 106 2.51 25.10 75.37
CA VAL T 106 3.13 26.41 75.48
C VAL T 106 4.17 26.64 74.36
N GLU T 107 4.03 27.74 73.64
CA GLU T 107 4.93 28.07 72.53
C GLU T 107 5.95 29.15 72.92
N VAL T 108 7.24 28.79 72.81
CA VAL T 108 8.35 29.67 73.16
C VAL T 108 8.93 30.33 71.92
N TRP T 109 9.09 31.65 71.96
CA TRP T 109 9.49 32.41 70.77
C TRP T 109 10.55 33.51 70.99
N LYS T 110 10.88 33.81 72.25
CA LYS T 110 11.82 34.88 72.57
C LYS T 110 13.28 34.41 72.55
N ASP T 111 14.19 35.31 72.21
CA ASP T 111 15.62 35.00 72.13
C ASP T 111 16.34 34.98 73.47
N SER T 112 15.96 35.91 74.36
CA SER T 112 16.62 36.06 75.65
C SER T 112 16.39 34.84 76.55
N ALA T 113 17.40 33.98 76.61
CA ALA T 113 17.42 32.80 77.48
C ALA T 113 16.19 31.90 77.34
N TYR T 114 15.97 31.39 76.14
CA TYR T 114 14.88 30.45 75.89
C TYR T 114 15.15 29.03 76.41
N PRO T 115 16.42 28.62 76.51
CA PRO T 115 16.72 27.35 77.19
C PRO T 115 16.17 27.34 78.61
N GLU T 116 16.18 28.50 79.26
CA GLU T 116 15.66 28.63 80.61
C GLU T 116 14.13 28.49 80.62
N GLU T 117 13.48 29.08 79.62
CA GLU T 117 12.02 29.01 79.49
C GLU T 117 11.55 27.59 79.25
N LEU T 118 12.24 26.88 78.35
CA LEU T 118 11.96 25.48 78.07
C LEU T 118 12.10 24.64 79.34
N SER T 119 13.03 25.03 80.20
CA SER T 119 13.24 24.37 81.49
C SER T 119 12.15 24.72 82.49
N ARG T 120 11.65 25.96 82.42
CA ARG T 120 10.61 26.46 83.33
C ARG T 120 9.25 25.82 83.10
N VAL T 121 8.82 25.81 81.83
CA VAL T 121 7.54 25.24 81.43
C VAL T 121 7.47 23.75 81.79
N THR T 122 8.51 23.01 81.41
CA THR T 122 8.60 21.56 81.69
C THR T 122 8.70 21.26 83.18
N ALA T 123 9.25 22.20 83.95
CA ALA T 123 9.32 22.10 85.41
C ALA T 123 7.95 22.28 86.07
N SER T 124 6.99 22.81 85.30
CA SER T 124 5.63 23.01 85.78
C SER T 124 4.67 21.92 85.28
N GLY T 125 5.16 21.05 84.39
CA GLY T 125 4.39 19.90 83.93
C GLY T 125 3.49 20.13 82.74
N PHE T 126 3.81 21.15 81.94
CA PHE T 126 3.08 21.45 80.72
C PHE T 126 3.88 21.01 79.49
N PRO T 127 3.19 20.56 78.42
CA PRO T 127 3.87 20.36 77.14
C PRO T 127 4.35 21.69 76.54
N VAL T 128 5.46 21.65 75.81
CA VAL T 128 6.10 22.87 75.31
C VAL T 128 6.47 22.80 73.81
N ILE T 129 6.38 23.94 73.13
CA ILE T 129 6.83 24.06 71.74
C ILE T 129 7.99 25.05 71.65
N LEU T 130 8.87 24.84 70.68
CA LEU T 130 9.95 25.80 70.38
C LEU T 130 9.76 26.45 69.02
N SER T 131 9.98 27.76 68.97
CA SER T 131 9.97 28.52 67.72
C SER T 131 10.98 29.66 67.79
N ALA T 132 11.50 29.91 69.00
CA ALA T 132 12.43 31.00 69.31
C ALA T 132 13.58 31.25 68.33
N PRO T 133 14.31 30.19 67.91
CA PRO T 133 15.41 30.46 66.99
C PRO T 133 15.01 30.48 65.52
N TRP T 134 13.87 29.89 65.19
CA TRP T 134 13.47 29.68 63.79
C TRP T 134 12.45 30.71 63.27
N TYR T 135 12.77 31.98 63.47
CA TYR T 135 11.99 33.08 62.91
C TYR T 135 12.50 33.38 61.50
N LEU T 136 11.87 32.73 60.52
CA LEU T 136 12.35 32.73 59.14
C LEU T 136 12.23 34.07 58.43
N ASP T 137 11.15 34.79 58.72
CA ASP T 137 10.95 36.13 58.14
C ASP T 137 12.09 37.11 58.46
N LEU T 138 12.76 36.91 59.60
CA LEU T 138 14.00 37.64 59.92
C LEU T 138 15.11 37.22 58.97
N ILE T 139 15.34 38.04 57.94
CA ILE T 139 16.26 37.70 56.86
C ILE T 139 17.68 38.24 57.07
N SER T 140 18.65 37.48 56.58
CA SER T 140 20.07 37.87 56.63
C SER T 140 20.85 37.35 55.42
N TYR T 141 21.83 38.13 55.00
CA TYR T 141 22.74 37.80 53.91
C TYR T 141 23.60 36.58 54.26
N GLY T 142 23.67 35.62 53.34
CA GLY T 142 24.46 34.40 53.54
C GLY T 142 23.64 33.22 53.97
N GLN T 143 24.24 32.03 53.90
CA GLN T 143 23.58 30.79 54.28
C GLN T 143 23.22 30.80 55.76
N ASP T 144 22.03 31.31 56.07
CA ASP T 144 21.55 31.36 57.46
C ASP T 144 20.77 30.11 57.84
N TRP T 145 20.57 29.21 56.88
CA TRP T 145 19.98 27.90 57.12
C TRP T 145 20.85 27.09 58.08
N ARG T 146 22.14 27.45 58.12
CA ARG T 146 23.13 26.85 59.02
C ARG T 146 22.94 27.32 60.46
N LYS T 147 22.34 28.49 60.64
CA LYS T 147 21.99 28.93 61.99
C LYS T 147 20.84 28.09 62.54
N TYR T 148 19.81 27.90 61.71
CA TYR T 148 18.63 27.13 62.10
C TYR T 148 18.91 25.64 62.26
N TYR T 149 19.73 25.09 61.36
CA TYR T 149 20.07 23.65 61.35
C TYR T 149 20.93 23.22 62.54
N LYS T 150 21.80 24.11 63.01
CA LYS T 150 22.71 23.80 64.10
C LYS T 150 22.05 23.78 65.48
N VAL T 151 20.85 24.35 65.57
CA VAL T 151 20.14 24.44 66.85
C VAL T 151 19.80 23.04 67.37
N GLU T 152 20.09 22.81 68.64
CA GLU T 152 19.71 21.56 69.31
C GLU T 152 18.59 21.82 70.32
N PRO T 153 17.36 21.39 69.98
CA PRO T 153 16.15 21.64 70.77
C PRO T 153 16.19 21.14 72.22
N LEU T 154 16.85 20.01 72.45
CA LEU T 154 16.94 19.45 73.81
C LEU T 154 18.23 19.85 74.54
N ASP T 155 18.57 21.13 74.47
CA ASP T 155 19.77 21.67 75.13
C ASP T 155 19.41 22.58 76.30
N PHE T 156 18.68 22.03 77.27
CA PHE T 156 18.25 22.79 78.44
C PHE T 156 18.23 21.94 79.71
N GLY T 157 18.29 22.60 80.86
CA GLY T 157 18.30 21.93 82.17
C GLY T 157 16.98 21.25 82.51
N GLY T 158 17.05 19.96 82.82
CA GLY T 158 15.87 19.17 83.18
C GLY T 158 16.10 17.68 83.09
N THR T 159 15.28 16.92 83.81
CA THR T 159 15.36 15.45 83.80
C THR T 159 14.80 14.85 82.50
N GLN T 160 15.04 13.55 82.31
CA GLN T 160 14.55 12.80 81.13
C GLN T 160 13.02 12.79 81.07
N LYS T 161 12.39 13.00 82.22
CA LYS T 161 10.94 13.11 82.35
C LYS T 161 10.44 14.43 81.73
N GLN T 162 11.25 15.48 81.86
CA GLN T 162 10.94 16.80 81.31
C GLN T 162 11.09 16.87 79.79
N LYS T 163 12.02 16.08 79.24
CA LYS T 163 12.31 16.09 77.80
C LYS T 163 11.23 15.39 76.97
N GLN T 164 10.43 14.54 77.63
CA GLN T 164 9.27 13.91 77.02
C GLN T 164 8.14 14.91 76.76
N LEU T 165 8.14 16.01 77.52
CA LEU T 165 7.12 17.04 77.39
C LEU T 165 7.44 18.05 76.28
N PHE T 166 8.65 17.96 75.73
CA PHE T 166 9.01 18.71 74.53
C PHE T 166 8.49 17.94 73.33
N ILE T 167 7.52 18.53 72.62
CA ILE T 167 6.82 17.82 71.55
C ILE T 167 7.34 18.10 70.13
N GLY T 168 7.99 19.25 69.95
CA GLY T 168 8.56 19.60 68.64
C GLY T 168 8.77 21.08 68.42
N GLY T 169 8.62 21.51 67.16
CA GLY T 169 8.90 22.90 66.79
C GLY T 169 8.22 23.41 65.53
N GLU T 170 8.35 24.71 65.31
CA GLU T 170 7.77 25.41 64.16
C GLU T 170 8.73 26.45 63.60
N ALA T 171 8.70 26.63 62.29
CA ALA T 171 9.48 27.65 61.61
C ALA T 171 8.53 28.70 61.05
N CYS T 172 8.54 29.88 61.67
CA CYS T 172 7.52 30.89 61.43
C CYS T 172 7.91 31.91 60.37
N LEU T 173 6.92 32.30 59.55
CA LEU T 173 7.10 33.31 58.52
C LEU T 173 6.05 34.40 58.64
N TRP T 174 6.36 35.42 59.45
CA TRP T 174 5.47 36.55 59.68
C TRP T 174 5.43 37.45 58.46
N GLY T 175 4.22 37.90 58.11
CA GLY T 175 3.98 38.56 56.83
C GLY T 175 4.03 40.07 56.81
N GLU T 176 4.93 40.65 57.61
CA GLU T 176 5.15 42.10 57.58
C GLU T 176 5.71 42.52 56.22
N TYR T 177 6.62 41.71 55.69
CA TYR T 177 7.23 41.97 54.40
C TYR T 177 7.12 40.75 53.50
N VAL T 178 6.13 39.91 53.80
CA VAL T 178 5.95 38.65 53.09
C VAL T 178 4.53 38.50 52.56
N ASP T 179 4.40 38.56 51.23
CA ASP T 179 3.15 38.25 50.55
C ASP T 179 3.41 37.26 49.41
N ALA T 180 2.40 37.03 48.56
CA ALA T 180 2.46 36.03 47.48
C ALA T 180 3.71 36.10 46.58
N THR T 181 4.29 37.30 46.47
CA THR T 181 5.39 37.56 45.56
C THR T 181 6.74 36.97 45.99
N ASN T 182 6.95 36.86 47.30
CA ASN T 182 8.27 36.48 47.83
C ASN T 182 8.25 35.40 48.92
N LEU T 183 7.08 34.80 49.13
CA LEU T 183 6.90 33.80 50.18
C LEU T 183 7.63 32.48 49.87
N THR T 184 7.21 31.81 48.80
CA THR T 184 7.73 30.48 48.45
C THR T 184 9.27 30.42 48.39
N PRO T 185 9.92 31.36 47.66
CA PRO T 185 11.38 31.42 47.65
C PRO T 185 12.00 31.64 49.03
N ARG T 186 11.47 32.58 49.81
CA ARG T 186 12.01 32.87 51.13
C ARG T 186 11.88 31.68 52.10
N LEU T 187 10.72 31.03 52.08
CA LEU T 187 10.44 29.91 52.98
C LEU T 187 11.36 28.73 52.74
N TRP T 188 11.36 28.23 51.50
CA TRP T 188 12.13 27.05 51.14
C TRP T 188 13.43 27.44 50.42
N PRO T 189 14.53 26.70 50.66
CA PRO T 189 14.70 25.51 51.49
C PRO T 189 15.31 25.82 52.85
N ARG T 190 15.08 27.03 53.34
CA ARG T 190 15.57 27.42 54.66
C ARG T 190 14.78 26.70 55.76
N ALA T 191 13.51 26.42 55.49
CA ALA T 191 12.65 25.70 56.42
C ALA T 191 12.92 24.19 56.41
N SER T 192 13.58 23.71 55.36
CA SER T 192 14.04 22.32 55.26
C SER T 192 15.08 21.99 56.32
N ALA T 193 15.89 22.98 56.67
CA ALA T 193 16.91 22.86 57.73
C ALA T 193 16.28 22.67 59.10
N VAL T 194 15.00 23.01 59.22
CA VAL T 194 14.23 22.80 60.44
C VAL T 194 13.52 21.45 60.39
N GLY T 195 13.02 21.10 59.20
CA GLY T 195 12.33 19.83 58.97
C GLY T 195 13.17 18.61 59.29
N GLU T 196 14.45 18.66 58.91
CA GLU T 196 15.41 17.62 59.26
C GLU T 196 15.71 17.64 60.75
N ARG T 197 15.80 18.84 61.33
CA ARG T 197 16.07 19.00 62.75
C ARG T 197 14.93 18.50 63.62
N LEU T 198 13.72 18.51 63.08
CA LEU T 198 12.53 18.07 63.82
C LEU T 198 12.16 16.60 63.58
N TRP T 199 12.66 16.03 62.47
CA TRP T 199 12.38 14.62 62.14
C TRP T 199 13.57 13.68 62.40
N SER T 200 14.70 13.97 61.76
CA SER T 200 15.89 13.12 61.86
C SER T 200 16.41 13.04 63.28
N SER T 201 17.31 12.09 63.52
CA SER T 201 17.91 11.89 64.84
C SER T 201 18.76 13.07 65.28
N LYS T 202 19.15 13.05 66.56
CA LYS T 202 19.96 14.11 67.17
C LYS T 202 21.35 14.19 66.53
N ASP T 203 21.92 13.02 66.24
CA ASP T 203 23.31 12.89 65.79
C ASP T 203 23.58 13.27 64.32
N VAL T 204 22.52 13.47 63.55
CA VAL T 204 22.65 13.92 62.16
C VAL T 204 23.09 15.40 62.16
N ARG T 205 24.40 15.63 62.24
CA ARG T 205 24.95 16.98 62.42
C ARG T 205 26.16 17.28 61.53
N ASP T 206 26.33 16.50 60.46
CA ASP T 206 27.44 16.69 59.54
C ASP T 206 27.05 17.71 58.47
N MET T 207 27.82 18.81 58.39
CA MET T 207 27.49 19.93 57.52
C MET T 207 27.72 19.71 56.01
N ASP T 208 28.85 19.11 55.66
CA ASP T 208 29.21 18.86 54.26
C ASP T 208 28.23 17.91 53.58
N ASP T 209 27.67 17.00 54.37
CA ASP T 209 26.62 16.09 53.92
C ASP T 209 25.29 16.82 53.84
N ALA T 210 25.03 17.68 54.83
CA ALA T 210 23.80 18.47 54.89
C ALA T 210 23.66 19.40 53.70
N TYR T 211 24.78 20.00 53.29
CA TYR T 211 24.82 20.86 52.10
C TYR T 211 24.57 20.03 50.83
N ASP T 212 25.28 18.90 50.73
CA ASP T 212 25.16 18.00 49.58
C ASP T 212 23.71 17.57 49.36
N ARG T 213 23.08 17.06 50.42
CA ARG T 213 21.70 16.55 50.36
C ARG T 213 20.64 17.63 50.17
N LEU T 214 20.88 18.82 50.69
CA LEU T 214 19.93 19.92 50.58
C LEU T 214 19.91 20.54 49.17
N THR T 215 21.08 20.81 48.62
CA THR T 215 21.22 21.37 47.26
C THR T 215 20.51 20.54 46.19
N ARG T 216 20.52 19.22 46.37
CA ARG T 216 19.85 18.31 45.43
C ARG T 216 18.37 18.09 45.76
N HIS T 217 18.00 18.22 47.04
CA HIS T 217 16.59 18.19 47.44
C HIS T 217 15.88 19.48 47.02
N ARG T 218 16.59 20.60 47.12
CA ARG T 218 16.09 21.89 46.66
C ARG T 218 15.82 21.88 45.15
N CYS T 219 16.72 21.23 44.40
CA CYS T 219 16.53 21.05 42.96
C CYS T 219 15.27 20.25 42.64
N ARG T 220 14.99 19.24 43.47
CA ARG T 220 13.81 18.39 43.33
C ARG T 220 12.53 19.17 43.59
N MET T 221 12.55 20.05 44.60
CA MET T 221 11.45 20.95 44.89
C MET T 221 11.18 21.87 43.69
N VAL T 222 12.25 22.39 43.08
CA VAL T 222 12.16 23.24 41.88
C VAL T 222 11.47 22.51 40.72
N GLU T 223 11.78 21.24 40.55
CA GLU T 223 11.12 20.42 39.53
C GLU T 223 9.69 20.08 39.92
N ARG T 224 9.42 19.97 41.22
CA ARG T 224 8.09 19.67 41.73
C ARG T 224 7.20 20.90 41.93
N GLY T 225 7.46 21.96 41.16
CA GLY T 225 6.66 23.18 41.20
C GLY T 225 7.12 24.24 42.17
N ILE T 226 7.52 23.81 43.37
CA ILE T 226 7.93 24.71 44.48
C ILE T 226 9.22 25.48 44.14
N ALA T 227 9.08 26.78 43.89
CA ALA T 227 10.21 27.63 43.52
C ALA T 227 11.04 28.05 44.75
N ALA T 228 11.87 27.11 45.23
CA ALA T 228 12.74 27.34 46.39
C ALA T 228 14.02 28.10 46.03
N GLN T 229 14.55 28.88 46.97
CA GLN T 229 15.73 29.72 46.70
C GLN T 229 17.05 28.99 46.93
N PRO T 230 18.01 29.15 46.00
CA PRO T 230 19.26 28.38 46.06
C PRO T 230 20.10 28.69 47.28
N LEU T 231 20.87 27.71 47.73
CA LEU T 231 21.72 27.84 48.92
C LEU T 231 23.00 28.62 48.61
N TYR T 232 23.53 28.42 47.40
CA TYR T 232 24.79 29.03 46.96
C TYR T 232 24.85 28.94 45.43
N ALA T 233 25.98 29.32 44.84
CA ALA T 233 26.17 29.26 43.39
C ALA T 233 26.09 27.83 42.83
N GLY T 234 25.21 27.63 41.85
CA GLY T 234 25.02 26.31 41.24
C GLY T 234 23.94 26.29 40.18
N TYR T 235 23.36 25.11 39.94
CA TYR T 235 22.30 24.93 38.94
C TYR T 235 21.46 23.68 39.20
N CYS T 236 20.41 23.50 38.41
CA CYS T 236 19.61 22.26 38.41
C CYS T 236 19.60 21.59 37.04
N ASN T 237 18.84 20.49 36.93
CA ASN T 237 18.75 19.67 35.71
C ASN T 237 20.03 18.92 35.37
C1 NAG U . 38.57 -10.62 -34.45
C2 NAG U . 39.96 -10.47 -34.98
C3 NAG U . 40.79 -9.63 -34.07
C4 NAG U . 40.11 -8.32 -33.79
C5 NAG U . 38.67 -8.53 -33.33
C6 NAG U . 37.96 -7.21 -33.15
C7 NAG U . 41.25 -12.09 -36.25
C8 NAG U . 42.33 -13.12 -36.12
N2 NAG U . 40.58 -11.76 -35.14
O3 NAG U . 42.04 -9.40 -34.66
O4 NAG U . 40.83 -7.63 -32.79
O5 NAG U . 37.98 -9.33 -34.29
O6 NAG U . 38.01 -6.48 -34.36
O7 NAG U . 41.02 -11.57 -37.36
C1 NAG U . 41.48 -6.49 -32.97
C2 NAG U . 41.98 -6.14 -31.56
C3 NAG U . 42.62 -4.75 -31.55
C4 NAG U . 43.60 -4.60 -32.72
C5 NAG U . 42.94 -5.02 -34.04
C6 NAG U . 43.83 -4.85 -35.28
C7 NAG U . 39.72 -5.72 -30.50
C8 NAG U . 38.79 -6.27 -29.45
N2 NAG U . 40.94 -6.29 -30.53
O3 NAG U . 43.30 -4.54 -30.33
O4 NAG U . 44.02 -3.26 -32.81
O5 NAG U . 42.53 -6.37 -33.91
O6 NAG U . 45.18 -5.13 -34.99
O7 NAG U . 39.33 -4.82 -31.25
C1 BMA U . 45.43 -3.13 -32.53
C2 BMA U . 45.98 -2.02 -33.43
C3 BMA U . 47.28 -1.42 -32.92
C4 BMA U . 47.24 -1.18 -31.41
C5 BMA U . 46.94 -2.53 -30.73
C6 BMA U . 47.03 -2.48 -29.20
O2 BMA U . 44.98 -1.03 -33.60
O3 BMA U . 47.57 -0.21 -33.62
O4 BMA U . 48.45 -0.65 -30.93
O5 BMA U . 45.64 -2.94 -31.13
O6 BMA U . 46.22 -3.50 -28.60
C1 NAG V . 17.78 -3.36 -50.29
C2 NAG V . 17.31 -2.55 -49.10
C3 NAG V . 15.84 -2.39 -49.10
C4 NAG V . 15.36 -1.85 -50.43
C5 NAG V . 15.92 -2.67 -51.60
C6 NAG V . 15.52 -2.05 -52.93
C7 NAG V . 18.32 -2.52 -46.88
C8 NAG V . 18.29 -3.14 -45.51
N2 NAG V . 17.73 -3.20 -47.87
O3 NAG V . 15.45 -1.52 -48.06
O4 NAG V . 13.95 -1.89 -50.47
O5 NAG V . 17.35 -2.72 -51.50
O6 NAG V . 16.08 -0.75 -53.04
O7 NAG V . 18.90 -1.43 -47.05
C1 NAG V . 13.14 -0.92 -50.04
C2 NAG V . 11.80 -0.67 -50.74
C3 NAG V . 11.33 0.78 -50.59
C4 NAG V . 11.69 1.45 -49.27
C5 NAG V . 13.08 1.02 -48.76
C6 NAG V . 13.43 1.59 -47.38
C7 NAG V . 12.44 -0.30 -53.12
C8 NAG V . 11.99 -0.62 -54.52
N2 NAG V . 11.92 -1.07 -52.14
O3 NAG V . 9.93 0.85 -50.78
O4 NAG V . 11.72 2.83 -49.52
O5 NAG V . 13.11 -0.39 -48.73
O6 NAG V . 12.61 1.04 -46.37
O7 NAG V . 13.25 0.62 -52.92
C1 BMA V . 10.75 3.61 -48.77
C2 BMA V . 9.40 3.85 -49.48
C3 BMA V . 9.09 5.29 -49.07
C4 BMA V . 9.04 5.40 -47.52
C5 BMA V . 10.27 4.72 -46.84
C6 BMA V . 10.23 4.71 -45.29
O2 BMA V . 8.43 2.91 -49.01
O3 BMA V . 7.96 5.82 -49.73
O4 BMA V . 9.00 6.77 -47.20
O5 BMA V . 10.54 3.42 -47.37
O6 BMA V . 8.96 4.38 -44.76
C1 NAG W . -13.90 -35.74 1.98
C2 NAG W . -13.54 -34.68 3.01
C3 NAG W . -12.12 -34.81 3.44
C4 NAG W . -11.82 -36.23 3.88
C5 NAG W . -12.28 -37.25 2.82
C6 NAG W . -12.09 -38.68 3.32
C7 NAG W . -14.40 -32.41 3.18
C8 NAG W . -14.07 -30.99 2.82
N2 NAG W . -13.77 -33.36 2.46
O3 NAG W . -11.86 -33.92 4.49
O4 NAG W . -10.43 -36.36 4.10
O5 NAG W . -13.68 -37.04 2.52
O6 NAG W . -12.81 -38.86 4.53
O7 NAG W . -15.20 -32.67 4.09
C1 NAG W . -9.54 -36.49 5.08
C2 NAG W . -8.06 -36.69 4.73
C3 NAG W . -7.34 -37.39 5.89
C4 NAG W . -7.64 -36.75 7.26
C5 NAG W . -9.13 -36.43 7.41
C6 NAG W . -9.48 -35.70 8.72
C7 NAG W . -7.91 -38.67 3.19
C8 NAG W . -6.61 -39.33 2.83
N2 NAG W . -7.87 -37.35 3.42
O3 NAG W . -5.94 -37.42 5.67
O4 NAG W . -7.34 -37.71 8.24
O5 NAG W . -9.64 -35.73 6.28
O6 NAG W . -8.47 -34.78 9.09
O7 NAG W . -8.95 -39.32 3.23
C1 BMA W . -6.31 -37.40 9.22
C2 BMA W . -5.01 -38.20 8.97
C3 BMA W . -3.89 -38.18 10.06
C4 BMA W . -3.92 -36.76 10.71
C5 BMA W . -5.39 -36.32 10.99
C6 BMA W . -5.51 -35.22 12.04
O2 BMA W . -4.63 -38.61 7.51
O3 BMA W . -2.62 -38.52 9.54
O4 BMA W . -3.10 -36.73 11.87
O5 BMA W . -6.05 -36.07 9.73
O6 BMA W . -5.56 -33.95 11.42
C1 NAG X . -25.21 -22.92 -68.28
C2 NAG X . -26.64 -22.49 -68.62
C3 NAG X . -27.41 -23.63 -69.28
C4 NAG X . -26.62 -24.25 -70.46
C5 NAG X . -25.15 -24.53 -70.07
C6 NAG X . -24.24 -24.97 -71.24
C7 NAG X . -28.01 -20.94 -67.33
C8 NAG X . -29.23 -21.00 -66.44
N2 NAG X . -27.31 -22.06 -67.40
O3 NAG X . -28.69 -23.20 -69.72
O4 NAG X . -27.31 -25.42 -70.85
O5 NAG X . -24.53 -23.40 -69.45
O6 NAG X . -24.36 -24.14 -72.39
O7 NAG X . -27.72 -19.90 -67.95
C1 NAG X . -27.08 -25.76 -72.23
C2 NAG X . -28.14 -26.80 -72.62
C3 NAG X . -28.05 -27.18 -74.11
C4 NAG X . -27.85 -25.96 -75.02
C5 NAG X . -26.74 -25.05 -74.48
C6 NAG X . -26.52 -23.80 -75.33
C7 NAG X . -27.07 -28.88 -71.76
C8 NAG X . -27.46 -30.28 -71.40
N2 NAG X . -28.06 -27.96 -71.75
O3 NAG X . -29.22 -27.89 -74.47
O4 NAG X . -27.58 -26.38 -76.36
O5 NAG X . -27.04 -24.67 -73.15
O6 NAG X . -27.07 -22.64 -74.68
O7 NAG X . -25.89 -28.61 -72.06
C1 NAG Y . 2.10 -18.98 -66.81
C2 NAG Y . 1.87 -20.45 -67.25
C3 NAG Y . 3.13 -21.24 -67.17
C4 NAG Y . 4.27 -20.52 -67.85
C5 NAG Y . 4.38 -19.07 -67.36
C6 NAG Y . 5.50 -18.33 -68.09
C7 NAG Y . 0.01 -22.07 -66.88
C8 NAG Y . -0.95 -21.68 -67.94
N2 NAG Y . 0.80 -21.07 -66.40
O3 NAG Y . 2.93 -22.50 -67.78
O4 NAG Y . 5.48 -21.20 -67.59
O5 NAG Y . 3.15 -18.41 -67.58
O6 NAG Y . 5.21 -18.30 -69.47
O7 NAG Y . -0.07 -23.18 -66.35
C1 NAG Y . 6.39 -21.75 -68.38
C2 NAG Y . 7.77 -21.39 -67.84
C3 NAG Y . 8.84 -22.39 -68.26
C4 NAG Y . 8.35 -23.80 -68.61
C5 NAG Y . 6.84 -23.99 -68.84
C6 NAG Y . 6.39 -25.43 -68.51
C7 NAG Y . 8.55 -19.61 -69.45
C8 NAG Y . 9.43 -18.39 -69.47
N2 NAG Y . 8.17 -20.03 -68.23
O3 NAG Y . 9.81 -22.47 -67.24
O4 NAG Y . 9.09 -24.25 -69.73
O5 NAG Y . 6.04 -22.89 -69.09
O6 NAG Y . 5.48 -25.40 -67.43
O7 NAG Y . 8.24 -20.15 -70.53
C1 BMA Y . 10.11 -25.13 -69.19
C2 BMA Y . 10.17 -26.47 -69.94
C3 BMA Y . 11.06 -27.41 -69.12
C4 BMA Y . 12.39 -26.73 -68.73
C5 BMA Y . 12.07 -25.39 -68.03
C6 BMA Y . 13.27 -24.76 -67.28
O2 BMA Y . 10.64 -26.26 -71.26
O3 BMA Y . 11.30 -28.63 -69.80
O4 BMA Y . 13.10 -27.59 -67.87
O5 BMA Y . 11.40 -24.57 -68.99
O6 BMA Y . 13.56 -23.43 -67.67
C1 NAG Z . -8.97 -61.41 -13.23
C2 NAG Z . -9.57 -62.13 -14.43
C3 NAG Z . -11.04 -61.81 -14.56
C4 NAG Z . -11.77 -62.08 -13.27
C5 NAG Z . -11.07 -61.38 -12.08
C6 NAG Z . -11.74 -61.75 -10.77
C7 NAG Z . -8.52 -62.65 -16.56
C8 NAG Z . -8.46 -62.17 -17.98
N2 NAG Z . -8.87 -61.74 -15.64
O3 NAG Z . -11.61 -62.60 -15.60
O4 NAG Z . -13.10 -61.59 -13.37
O5 NAG Z . -9.68 -61.81 -12.04
O6 NAG Z . -11.85 -63.15 -10.66
O7 NAG Z . -8.26 -63.83 -16.28
C1 NAG Z . -14.19 -62.36 -13.20
C2 NAG Z . -15.60 -61.75 -13.04
C3 NAG Z . -16.43 -62.45 -11.95
C4 NAG Z . -16.22 -63.97 -11.88
C5 NAG Z . -14.75 -64.36 -12.05
C6 NAG Z . -14.54 -65.88 -12.10
C7 NAG Z . -15.56 -59.68 -11.65
C8 NAG Z . -16.58 -58.57 -11.55
N2 NAG Z . -15.50 -60.31 -12.83
O3 NAG Z . -17.80 -62.21 -12.18
O4 NAG Z . -16.72 -64.46 -10.65
O5 NAG Z . -14.24 -63.78 -13.24
O6 NAG Z . -15.32 -66.49 -13.09
O7 NAG Z . -14.86 -59.96 -10.68
C1 NAG AA . -28.76 50.91 29.56
C2 NAG AA . -28.42 52.44 29.26
C3 NAG AA . -28.39 52.69 27.77
C4 NAG AA . -27.66 51.58 27.05
C5 NAG AA . -28.14 50.30 27.45
C6 NAG AA . -27.43 49.18 26.68
C7 NAG AA . -29.06 54.42 30.41
C8 NAG AA . -28.61 54.39 31.82
N2 NAG AA . -29.39 53.27 29.87
O3 NAG AA . -27.74 53.94 27.52
O4 NAG AA . -27.81 51.72 25.80
O5 NAG AA . -27.93 50.13 28.83
O6 NAG AA . -26.01 49.30 26.87
O7 NAG AA . -29.36 55.51 29.91
C1 NAG AA . -27.31 52.33 24.66
C2 NAG AA . -27.23 51.61 23.27
C3 NAG AA . -26.71 52.39 22.03
C4 NAG AA . -26.89 53.91 22.14
C5 NAG AA . -26.33 54.32 23.51
C6 NAG AA . -26.18 55.84 23.69
C7 NAG AA . -25.19 50.17 23.66
C8 NAG AA . -24.61 48.82 23.34
N2 NAG AA . -26.50 50.34 23.37
O3 NAG AA . -27.35 51.93 20.85
O4 NAG AA . -26.28 54.55 21.03
O5 NAG AA . -27.15 53.77 24.55
O6 NAG AA . -27.44 56.47 23.77
O7 NAG AA . -24.47 51.05 24.15
C1 NAG BA . 14.31 -1.68 15.04
C2 NAG BA . 13.33 -2.30 14.07
C3 NAG BA . 12.53 -3.39 14.73
C4 NAG BA . 13.44 -4.40 15.37
C5 NAG BA . 14.47 -3.71 16.30
C6 NAG BA . 15.44 -4.71 16.87
C7 NAG BA . 11.63 -0.54 14.36
C8 NAG BA . 11.70 0.95 14.20
N2 NAG BA . 12.42 -1.26 13.54
O3 NAG BA . 11.72 -4.03 13.78
O4 NAG BA . 12.66 -5.32 16.13
O5 NAG BA . 15.19 -2.70 15.55
O6 NAG BA . 15.69 -5.72 15.91
O7 NAG BA . 10.84 -1.05 15.18
C1 NAG BA . 11.68 -6.11 16.56
C2 NAG BA . 11.68 -7.04 17.80
C3 NAG BA . 11.55 -8.54 17.46
C4 NAG BA . 10.76 -8.84 16.18
C5 NAG BA . 11.10 -7.84 15.08
C6 NAG BA . 10.43 -8.10 13.72
C7 NAG BA . 14.08 -7.32 18.46
C8 NAG BA . 15.05 -7.10 19.59
N2 NAG BA . 12.86 -6.76 18.62
O3 NAG BA . 11.01 -9.22 18.57
O4 NAG BA . 11.01 -10.17 15.77
O5 NAG BA . 10.78 -6.56 15.56
O6 NAG BA . 9.09 -8.52 13.88
O7 NAG BA . 14.44 -7.97 17.47
C1 NAG CA . 18.59 69.63 29.81
C2 NAG CA . 18.85 70.40 28.58
C3 NAG CA . 20.06 71.32 28.75
C4 NAG CA . 19.90 72.20 29.97
C5 NAG CA . 19.48 71.36 31.22
C6 NAG CA . 19.15 72.27 32.42
C7 NAG CA . 19.02 69.86 26.13
C8 NAG CA . 19.01 68.81 25.07
N2 NAG CA . 19.06 69.42 27.38
O3 NAG CA . 20.21 72.13 27.60
O4 NAG CA . 21.11 72.87 30.23
O5 NAG CA . 18.32 70.54 30.90
O6 NAG CA . 18.02 73.06 32.09
O7 NAG CA . 19.10 71.07 25.82
C1 NAG CA . 21.19 74.20 30.41
C2 NAG CA . 22.42 74.85 31.08
C3 NAG CA . 22.21 76.24 31.73
C4 NAG CA . 21.02 77.04 31.19
C5 NAG CA . 19.85 76.13 30.89
C6 NAG CA . 18.64 76.90 30.36
C7 NAG CA . 22.63 73.84 33.37
C8 NAG CA . 23.70 73.39 34.31
N2 NAG CA . 22.96 73.91 32.07
O3 NAG CA . 23.40 77.00 31.62
O4 NAG CA . 20.66 78.03 32.13
O5 NAG CA . 20.28 75.18 29.92
O6 NAG CA . 17.49 76.08 30.32
O7 NAG CA . 21.51 74.12 33.82
C1 NAG DA . -6.63 64.62 40.34
C2 NAG DA . -5.50 64.74 41.35
C3 NAG DA . -5.73 63.86 42.54
C4 NAG DA . -7.09 64.10 43.13
C5 NAG DA . -8.18 64.02 42.06
C6 NAG DA . -9.55 64.35 42.64
C7 NAG DA . -3.14 65.13 40.93
C8 NAG DA . -1.84 64.39 40.88
N2 NAG DA . -4.24 64.40 40.73
O3 NAG DA . -4.74 64.09 43.52
O4 NAG DA . -7.34 63.15 44.13
O5 NAG DA . -7.88 64.94 40.99
O6 NAG DA . -9.46 65.54 43.40
O7 NAG DA . -3.17 66.33 41.19
C1 NAG DA . -7.66 62.95 45.40
C2 NAG DA . -8.31 61.56 45.58
C3 NAG DA . -9.28 61.46 46.76
C4 NAG DA . -8.95 62.38 47.95
C5 NAG DA . -8.58 63.77 47.41
C6 NAG DA . -8.39 64.84 48.48
C7 NAG DA . -10.31 61.23 44.12
C8 NAG DA . -10.95 59.96 43.64
N2 NAG DA . -8.98 61.17 44.34
O3 NAG DA . -9.37 60.12 47.19
O4 NAG DA . -10.11 62.44 48.77
O5 NAG DA . -7.40 63.62 46.63
O6 NAG DA . -7.03 64.98 48.85
O7 NAG DA . -10.99 62.24 44.29
C1 BMA DA . -9.94 61.93 50.13
C2 BMA DA . -10.21 60.41 50.29
C3 BMA DA . -10.34 60.09 51.78
C4 BMA DA . -9.20 60.73 52.58
C5 BMA DA . -9.01 62.22 52.23
C6 BMA DA . -7.91 62.92 53.04
O2 BMA DA . -9.15 59.63 49.76
O3 BMA DA . -10.38 58.70 51.99
O4 BMA DA . -9.47 60.60 53.96
O5 BMA DA . -8.77 62.34 50.83
O6 BMA DA . -6.64 62.32 52.82
C1 NAG EA . 23.60 2.67 44.15
C2 NAG EA . 24.53 2.67 45.32
C3 NAG EA . 25.67 3.61 45.10
C4 NAG EA . 26.38 3.30 43.78
C5 NAG EA . 25.37 3.18 42.61
C6 NAG EA . 26.06 2.70 41.33
C7 NAG EA . 23.51 4.36 46.86
C8 NAG EA . 23.66 4.77 48.29
N2 NAG EA . 23.78 3.06 46.56
O3 NAG EA . 26.59 3.50 46.17
O4 NAG EA . 27.32 4.32 43.50
O5 NAG EA . 24.31 2.24 42.97
O6 NAG EA . 26.81 1.53 41.61
O7 NAG EA . 23.17 5.19 46.01
C1 NAG EA . 28.65 4.23 43.55
C2 NAG EA . 29.58 5.34 43.03
C3 NAG EA . 30.77 4.80 42.19
C4 NAG EA . 31.32 3.47 42.72
C5 NAG EA . 30.17 2.50 43.01
C6 NAG EA . 30.67 1.12 43.44
C7 NAG EA . 28.16 6.20 41.13
C8 NAG EA . 27.77 7.46 40.41
N2 NAG EA . 28.83 6.36 42.28
O3 NAG EA . 31.82 5.74 42.16
O4 NAG EA . 32.20 2.90 41.77
O5 NAG EA . 29.37 3.10 44.01
O6 NAG EA . 31.10 1.14 44.79
O7 NAG EA . 27.84 5.10 40.64
C1 NGT FA . 18.19 -14.01 -6.33
C2 NGT FA . 18.45 -15.47 -5.79
C3 NGT FA . 17.46 -16.52 -6.45
C4 NGT FA . 16.06 -15.96 -6.67
C5 NGT FA . 16.13 -14.67 -7.45
C6 NGT FA . 14.78 -14.07 -7.77
C7 NGT FA . 20.34 -15.12 -7.06
C8 NGT FA . 21.74 -15.22 -7.58
N2 NGT FA . 19.83 -15.83 -6.13
S1 NGT FA . 19.30 -13.88 -7.80
O3 NGT FA . 17.40 -17.69 -5.63
O4 NGT FA . 15.29 -16.91 -7.38
O5 NGT FA . 16.89 -13.67 -6.69
O6 NGT FA . 14.92 -12.77 -8.38
C1 NGT GA . -7.51 3.76 -20.77
C2 NGT GA . -8.31 3.98 -22.08
C3 NGT GA . -7.88 2.95 -23.21
C4 NGT GA . -6.38 2.66 -23.21
C5 NGT GA . -5.93 2.25 -21.81
C6 NGT GA . -4.41 1.91 -21.72
C7 NGT GA . -9.94 3.09 -20.76
C8 NGT GA . -11.29 2.74 -20.19
N2 NGT GA . -9.71 3.81 -21.79
S1 NGT GA . -8.52 2.53 -19.85
O3 NGT GA . -8.29 3.43 -24.49
O4 NGT GA . -6.11 1.63 -24.15
O5 NGT GA . -6.19 3.31 -20.86
O6 NGT GA . -4.22 0.69 -20.99
C1 NGT HA . -22.39 -52.47 -49.52
C2 NGT HA . -23.79 -51.97 -49.01
C3 NGT HA . -23.67 -51.15 -47.66
C4 NGT HA . -22.61 -51.72 -46.71
C5 NGT HA . -21.28 -51.87 -47.44
C6 NGT HA . -20.15 -52.40 -46.56
C7 NGT HA . -23.46 -50.60 -50.82
C8 NGT HA . -23.73 -49.63 -51.94
N2 NGT HA . -24.34 -51.11 -50.05
S1 NGT HA . -21.77 -51.10 -50.56
O3 NGT HA . -24.93 -51.09 -47.01
O4 NGT HA . -22.45 -50.85 -45.62
O5 NGT HA . -21.43 -52.80 -48.55
O6 NGT HA . -18.98 -52.70 -47.35
C1 NGT IA . 10.28 -56.26 -54.50
C2 NGT IA . 11.67 -55.67 -54.97
C3 NGT IA . 11.66 -54.10 -55.01
C4 NGT IA . 10.31 -53.52 -55.50
C5 NGT IA . 9.18 -54.10 -54.66
C6 NGT IA . 7.80 -53.55 -55.03
C7 NGT IA . 12.20 -56.46 -52.89
C8 NGT IA . 13.00 -57.01 -51.73
N2 NGT IA . 12.67 -56.11 -54.02
S1 NGT IA . 10.44 -56.34 -52.68
O3 NGT IA . 12.71 -53.64 -55.85
O4 NGT IA . 10.34 -52.10 -55.36
O5 NGT IA . 9.12 -55.54 -54.83
O6 NGT IA . 6.79 -54.09 -54.15
C1 NGT JA . -23.03 7.14 19.37
C2 NGT JA . -22.49 6.14 20.46
C3 NGT JA . -21.09 6.61 21.03
C4 NGT JA . -20.20 7.23 19.97
C5 NGT JA . -20.94 8.34 19.24
C6 NGT JA . -20.10 9.06 18.20
C7 NGT JA . -24.23 7.11 21.59
C8 NGT JA . -25.37 7.31 22.59
N2 NGT JA . -23.45 6.09 21.54
S1 NGT JA . -24.01 8.35 20.33
O3 NGT JA . -20.43 5.52 21.67
O4 NGT JA . -19.03 7.76 20.59
O5 NGT JA . -22.10 7.81 18.57
O6 NGT JA . -20.68 10.33 17.86
C1 NGT KA . -12.40 31.79 -0.87
C2 NGT KA . -11.74 33.21 -0.70
C3 NGT KA . -11.16 33.40 0.76
C4 NGT KA . -12.04 32.77 1.84
C5 NGT KA . -12.31 31.31 1.50
C6 NGT KA . -13.16 30.58 2.56
C7 NGT KA . -10.20 32.19 -2.05
C8 NGT KA . -9.06 31.99 -3.03
N2 NGT KA . -10.66 33.31 -1.66
S1 NGT KA . -11.01 30.74 -1.43
O3 NGT KA . -10.97 34.79 1.02
O4 NGT KA . -11.39 32.87 3.09
O5 NGT KA . -13.02 31.21 0.24
O6 NGT KA . -13.47 29.24 2.12
C1 NGT LA . 32.83 42.35 44.58
C2 NGT LA . 33.03 41.31 43.43
C3 NGT LA . 31.75 40.39 43.24
C4 NGT LA . 31.07 40.04 44.55
C5 NGT LA . 30.78 41.29 45.34
C6 NGT LA . 30.04 41.03 46.66
C7 NGT LA . 32.85 43.25 42.21
C8 NGT LA . 32.97 44.22 41.11
N2 NGT LA . 33.29 42.04 42.21
S1 NGT LA . 32.08 43.81 43.72
O3 NGT LA . 32.11 39.21 42.53
O4 NGT LA . 29.88 39.33 44.28
O5 NGT LA . 32.02 41.99 45.65
O6 NGT LA . 29.97 42.23 47.45
C1 NGT MA . 8.32 38.99 66.22
C2 NGT MA . 7.07 39.94 66.04
C3 NGT MA . 6.59 39.98 64.55
C4 NGT MA . 7.73 39.96 63.55
C5 NGT MA . 8.65 38.78 63.84
C6 NGT MA . 9.81 38.64 62.86
C7 NGT MA . 6.13 38.18 67.16
C8 NGT MA . 5.17 37.35 68.01
N2 NGT MA . 6.01 39.42 66.88
S1 NGT MA . 7.59 37.35 66.56
O3 NGT MA . 5.78 41.13 64.34
O4 NGT MA . 7.21 39.86 62.24
O5 NGT MA . 9.22 38.90 65.17
O6 NGT MA . 10.67 37.56 63.22
#